data_1XDY
#
_entry.id   1XDY
#
_cell.length_a   84.842
_cell.length_b   177.513
_cell.length_c   104.214
_cell.angle_alpha   90.00
_cell.angle_beta   109.73
_cell.angle_gamma   90.00
#
_symmetry.space_group_name_H-M   'P 1 21 1'
#
loop_
_entity.id
_entity.type
_entity.pdbx_description
1 polymer 'Bacterial Sulfite Oxidase'
2 non-polymer 'TUNGSTEN ION'
3 non-polymer 'PHOSPHONIC ACIDMONO-(2-AMINO-5,6-DIMERCAPTO-4-OXO-3,7,8A,9,10,10A-HEXAHYDRO-4H-8-OXA-1,3,9,10-TETRAAZA-ANTHRACEN-7-YLMETHYL)ESTER'
4 water water
#
_entity_poly.entity_id   1
_entity_poly.type   'polypeptide(L)'
_entity_poly.pdbx_seq_one_letter_code
;DLLSWFKGNDRPPAPAGKALEFSKPAAWQNNLPLTPADKVSGYNNFYEFGLDKADPAANAGSLKTDPWTLKISGEVAKPL
TLDHDDLTRRFPLEERIYRMRCVEAWSMVVPWIGFPLHKLLALAEPTSNAKYVAFETIYAPEQMPGQQDRFIGGGLKYPY
VEGLRLDEAMHPLTLMTVGVYGKALPPQNGAPVRLIVPWKYGFKGIKSIVSIKLTRERPPTTWNLAAPDEYGFYANVNPY
VDHPRWSQATERFIGSGGILDVQRQPTLLFNGYADQVASLYRGLDLRENFLEHHHHHH
;
_entity_poly.pdbx_strand_id   A,B,C,D,E,F,G,H,I,J
#
loop_
_chem_comp.id
_chem_comp.type
_chem_comp.name
_chem_comp.formula
MTE non-polymer 'PHOSPHONIC ACIDMONO-(2-AMINO-5,6-DIMERCAPTO-4-OXO-3,7,8A,9,10,10A-HEXAHYDRO-4H-8-OXA-1,3,9,10-TETRAAZA-ANTHRACEN-7-YLMETHYL)ESTER' 'C10 H14 N5 O6 P S2'
W non-polymer 'TUNGSTEN ION' 'W 6'
#
# COMPACT_ATOMS: atom_id res chain seq x y z
N LYS A 18 26.58 3.15 3.36
CA LYS A 18 26.80 1.70 3.02
C LYS A 18 27.88 1.51 1.96
N ALA A 19 28.97 0.83 2.31
CA ALA A 19 30.07 0.61 1.36
C ALA A 19 29.59 -0.18 0.16
N LEU A 20 30.28 -0.03 -0.97
CA LEU A 20 29.92 -0.76 -2.19
C LEU A 20 31.11 -1.00 -3.12
N GLU A 21 30.96 -1.95 -4.03
CA GLU A 21 32.04 -2.30 -4.95
C GLU A 21 32.03 -1.47 -6.24
N PHE A 22 33.21 -1.01 -6.65
CA PHE A 22 33.35 -0.20 -7.85
C PHE A 22 34.79 -0.20 -8.34
N SER A 23 34.97 0.07 -9.62
CA SER A 23 36.30 0.12 -10.21
C SER A 23 36.77 1.57 -10.20
N LYS A 24 38.00 1.80 -10.65
CA LYS A 24 38.54 3.15 -10.68
C LYS A 24 39.20 3.48 -12.00
N PRO A 25 38.41 3.61 -13.08
CA PRO A 25 38.95 3.93 -14.40
C PRO A 25 39.96 5.08 -14.35
N ALA A 26 41.13 4.86 -14.95
CA ALA A 26 42.19 5.86 -14.95
C ALA A 26 41.76 7.17 -15.62
N ALA A 27 40.82 7.09 -16.56
CA ALA A 27 40.36 8.27 -17.25
C ALA A 27 39.71 9.27 -16.31
N TRP A 28 39.14 8.77 -15.21
CA TRP A 28 38.46 9.62 -14.24
C TRP A 28 39.17 9.74 -12.90
N GLN A 29 40.42 9.30 -12.85
CA GLN A 29 41.22 9.37 -11.63
C GLN A 29 42.18 10.51 -11.88
N ASN A 30 42.47 11.30 -10.85
CA ASN A 30 43.39 12.42 -11.04
C ASN A 30 43.93 12.99 -9.74
N ASN A 31 44.69 14.08 -9.87
CA ASN A 31 45.33 14.74 -8.73
C ASN A 31 44.64 16.01 -8.26
N LEU A 32 43.35 16.13 -8.53
CA LEU A 32 42.63 17.31 -8.08
C LEU A 32 42.43 17.19 -6.58
N PRO A 33 42.75 18.24 -5.82
CA PRO A 33 42.56 18.18 -4.37
C PRO A 33 41.06 18.00 -4.11
N LEU A 34 40.71 17.00 -3.30
CA LEU A 34 39.32 16.68 -2.98
C LEU A 34 38.63 17.54 -1.92
N THR A 35 37.32 17.68 -2.08
CA THR A 35 36.49 18.41 -1.14
C THR A 35 36.22 17.39 -0.04
N PRO A 36 36.49 17.74 1.23
CA PRO A 36 36.26 16.79 2.34
C PRO A 36 34.87 16.20 2.32
N ALA A 37 34.77 14.93 2.67
CA ALA A 37 33.50 14.24 2.69
C ALA A 37 32.44 14.91 3.57
N ASP A 38 32.85 15.51 4.67
CA ASP A 38 31.88 16.13 5.56
C ASP A 38 31.29 17.40 4.99
N LYS A 39 31.97 17.97 3.99
CA LYS A 39 31.45 19.17 3.34
C LYS A 39 30.66 18.76 2.10
N VAL A 40 31.05 17.64 1.50
CA VAL A 40 30.31 17.16 0.34
C VAL A 40 28.89 16.84 0.82
N SER A 41 28.77 16.35 2.06
CA SER A 41 27.48 16.02 2.60
C SER A 41 26.99 16.91 3.74
N GLY A 42 27.57 18.10 3.85
CA GLY A 42 27.14 19.04 4.89
C GLY A 42 26.79 20.43 4.34
N TYR A 43 27.17 20.66 3.09
CA TYR A 43 26.95 21.94 2.38
C TYR A 43 26.19 21.51 1.11
N ASN A 44 24.88 21.63 1.14
CA ASN A 44 24.10 21.12 0.05
C ASN A 44 22.99 22.01 -0.44
N ASN A 45 22.52 21.80 -1.64
CA ASN A 45 21.40 22.58 -2.11
C ASN A 45 20.41 21.47 -2.40
N PHE A 46 19.28 21.46 -1.69
CA PHE A 46 18.26 20.41 -1.89
C PHE A 46 17.04 21.09 -1.28
N TYR A 47 16.43 21.95 -2.08
CA TYR A 47 15.30 22.78 -1.66
C TYR A 47 14.10 22.06 -1.08
N GLU A 48 13.91 20.81 -1.47
CA GLU A 48 12.80 20.03 -0.94
C GLU A 48 12.96 19.88 0.59
N PHE A 49 14.17 20.14 1.09
CA PHE A 49 14.42 20.04 2.52
C PHE A 49 14.82 21.38 3.10
N GLY A 50 14.62 22.48 2.36
CA GLY A 50 15.00 23.79 2.86
C GLY A 50 16.13 24.47 2.08
N LEU A 51 16.04 25.79 1.98
CA LEU A 51 17.00 26.65 1.30
C LEU A 51 18.41 26.76 1.87
N ASP A 52 18.56 26.60 3.18
CA ASP A 52 19.88 26.75 3.76
C ASP A 52 20.81 25.59 3.45
N LYS A 53 22.10 25.88 3.32
CA LYS A 53 23.11 24.88 3.03
C LYS A 53 23.14 23.76 4.06
N ALA A 54 22.72 24.02 5.30
CA ALA A 54 22.76 22.95 6.31
C ALA A 54 21.42 22.22 6.42
N ASP A 55 20.36 22.82 5.89
CA ASP A 55 19.06 22.17 6.01
C ASP A 55 19.00 20.74 5.50
N PRO A 56 19.57 20.45 4.31
CA PRO A 56 19.49 19.06 3.85
C PRO A 56 20.11 17.98 4.75
N ALA A 57 21.28 18.27 5.34
CA ALA A 57 21.90 17.26 6.18
C ALA A 57 21.09 17.11 7.42
N ALA A 58 20.40 18.17 7.82
CA ALA A 58 19.62 18.08 9.04
C ALA A 58 18.23 17.48 8.86
N ASN A 59 17.64 17.61 7.68
CA ASN A 59 16.28 17.10 7.47
C ASN A 59 16.09 15.96 6.47
N ALA A 60 17.09 15.66 5.66
CA ALA A 60 16.92 14.63 4.63
C ALA A 60 16.78 13.22 5.15
N GLY A 61 17.07 13.01 6.43
CA GLY A 61 16.95 11.69 7.00
C GLY A 61 15.53 11.15 6.99
N SER A 62 14.54 12.02 6.91
CA SER A 62 13.13 11.63 6.91
C SER A 62 12.61 11.10 5.57
N LEU A 63 13.49 11.01 4.59
CA LEU A 63 13.14 10.52 3.26
C LEU A 63 13.52 9.04 3.18
N LYS A 64 12.55 8.20 2.82
CA LYS A 64 12.81 6.76 2.70
C LYS A 64 13.38 6.45 1.32
N THR A 65 14.65 6.05 1.28
CA THR A 65 15.31 5.77 0.02
C THR A 65 15.29 4.31 -0.45
N ASP A 66 14.79 3.42 0.39
CA ASP A 66 14.77 1.99 0.05
C ASP A 66 13.48 1.50 0.66
N PRO A 67 12.56 0.92 -0.11
CA PRO A 67 12.45 0.61 -1.54
C PRO A 67 12.43 1.84 -2.43
N TRP A 68 12.82 1.66 -3.69
CA TRP A 68 12.84 2.75 -4.66
C TRP A 68 12.44 2.27 -6.06
N THR A 69 11.70 3.10 -6.78
CA THR A 69 11.27 2.79 -8.13
C THR A 69 11.75 3.85 -9.12
N LEU A 70 12.56 3.46 -10.10
CA LEU A 70 13.06 4.40 -11.11
C LEU A 70 12.45 3.93 -12.43
N LYS A 71 11.60 4.75 -13.03
CA LYS A 71 10.93 4.36 -14.26
C LYS A 71 11.38 5.01 -15.57
N ILE A 72 11.92 4.20 -16.49
CA ILE A 72 12.37 4.67 -17.80
C ILE A 72 11.24 4.48 -18.80
N SER A 73 10.84 5.55 -19.47
CA SER A 73 9.73 5.43 -20.42
C SER A 73 9.71 6.49 -21.53
N GLY A 74 8.59 6.58 -22.23
CA GLY A 74 8.44 7.55 -23.30
C GLY A 74 8.90 6.99 -24.62
N GLU A 75 9.48 7.85 -25.47
CA GLU A 75 9.95 7.42 -26.77
C GLU A 75 11.12 6.43 -26.66
N VAL A 76 10.80 5.26 -26.12
CA VAL A 76 11.75 4.19 -25.92
C VAL A 76 11.10 2.90 -26.44
N ALA A 77 11.91 1.92 -26.84
CA ALA A 77 11.37 0.67 -27.38
C ALA A 77 11.18 -0.43 -26.35
N LYS A 78 11.91 -0.34 -25.24
CA LYS A 78 11.80 -1.33 -24.15
C LYS A 78 11.73 -0.67 -22.78
N PRO A 79 10.66 0.11 -22.52
CA PRO A 79 10.52 0.78 -21.22
C PRO A 79 10.68 -0.19 -20.06
N LEU A 80 11.52 0.16 -19.10
CA LEU A 80 11.75 -0.70 -17.96
C LEU A 80 11.70 0.09 -16.66
N THR A 81 11.78 -0.61 -15.55
CA THR A 81 11.75 0.03 -14.26
C THR A 81 12.77 -0.68 -13.36
N LEU A 82 13.51 0.09 -12.58
CA LEU A 82 14.53 -0.47 -11.70
C LEU A 82 14.16 -0.29 -10.24
N ASP A 83 14.51 -1.27 -9.42
CA ASP A 83 14.25 -1.21 -8.00
C ASP A 83 15.54 -0.75 -7.32
N HIS A 84 15.50 -0.55 -6.01
CA HIS A 84 16.68 -0.10 -5.26
C HIS A 84 17.93 -0.94 -5.45
N ASP A 85 17.78 -2.27 -5.52
CA ASP A 85 18.95 -3.13 -5.69
C ASP A 85 19.56 -2.94 -7.07
N ASP A 86 18.70 -2.68 -8.06
CA ASP A 86 19.15 -2.49 -9.42
C ASP A 86 20.15 -1.33 -9.50
N LEU A 87 19.85 -0.23 -8.82
CA LEU A 87 20.72 0.94 -8.85
C LEU A 87 22.19 0.64 -8.62
N THR A 88 22.50 -0.38 -7.82
CA THR A 88 23.90 -0.70 -7.54
C THR A 88 24.43 -2.02 -8.10
N ARG A 89 23.57 -2.80 -8.74
CA ARG A 89 24.00 -4.09 -9.29
C ARG A 89 23.79 -4.31 -10.79
N ARG A 90 22.75 -3.68 -11.34
CA ARG A 90 22.44 -3.83 -12.76
C ARG A 90 23.61 -3.46 -13.66
N PHE A 91 24.34 -2.41 -13.29
CA PHE A 91 25.48 -1.96 -14.08
C PHE A 91 26.71 -1.87 -13.21
N PRO A 92 27.89 -2.09 -13.80
CA PRO A 92 29.12 -2.00 -13.02
C PRO A 92 29.38 -0.56 -12.58
N LEU A 93 29.68 -0.38 -11.29
CA LEU A 93 29.95 0.94 -10.75
C LEU A 93 31.38 1.40 -10.96
N GLU A 94 31.55 2.71 -11.10
CA GLU A 94 32.86 3.31 -11.30
C GLU A 94 32.97 4.54 -10.43
N GLU A 95 34.20 4.84 -9.98
CA GLU A 95 34.46 6.03 -9.19
C GLU A 95 35.00 7.03 -10.22
N ARG A 96 34.50 8.25 -10.17
CA ARG A 96 34.97 9.29 -11.06
C ARG A 96 35.14 10.54 -10.23
N ILE A 97 36.34 11.13 -10.28
CA ILE A 97 36.62 12.36 -9.56
C ILE A 97 36.34 13.56 -10.50
N TYR A 98 35.18 14.16 -10.29
CA TYR A 98 34.73 15.30 -11.08
C TYR A 98 34.73 16.58 -10.26
N ARG A 99 34.68 17.70 -10.95
CA ARG A 99 34.54 18.94 -10.21
C ARG A 99 33.05 19.22 -10.37
N MET A 100 32.48 19.89 -9.37
CA MET A 100 31.06 20.20 -9.35
C MET A 100 30.98 21.70 -9.13
N ARG A 101 30.44 22.42 -10.12
CA ARG A 101 30.33 23.86 -10.04
C ARG A 101 28.87 24.31 -9.92
N CYS A 102 28.52 24.81 -8.75
CA CYS A 102 27.16 25.29 -8.57
C CYS A 102 27.06 26.69 -9.21
N VAL A 103 25.88 27.04 -9.71
CA VAL A 103 25.72 28.35 -10.36
C VAL A 103 26.00 29.54 -9.42
N GLU A 104 26.04 29.31 -8.11
CA GLU A 104 26.23 30.38 -7.13
C GLU A 104 27.71 30.68 -6.93
N ALA A 105 28.55 30.15 -7.83
CA ALA A 105 29.97 30.37 -7.79
C ALA A 105 30.76 29.72 -6.66
N TRP A 106 30.44 28.47 -6.33
CA TRP A 106 31.26 27.75 -5.38
C TRP A 106 31.45 26.45 -6.08
N SER A 107 32.51 25.73 -5.75
CA SER A 107 32.72 24.49 -6.43
C SER A 107 33.34 23.46 -5.53
N MET A 108 33.32 22.23 -6.01
CA MET A 108 33.87 21.11 -5.29
C MET A 108 34.53 20.13 -6.22
N VAL A 109 35.24 19.20 -5.61
CA VAL A 109 35.87 18.12 -6.33
C VAL A 109 35.34 16.97 -5.52
N VAL A 110 34.63 16.07 -6.19
CA VAL A 110 33.99 14.97 -5.51
C VAL A 110 34.23 13.66 -6.17
N PRO A 111 34.53 12.62 -5.37
CA PRO A 111 34.75 11.26 -5.91
C PRO A 111 33.38 10.55 -5.99
N TRP A 112 32.60 10.82 -7.04
CA TRP A 112 31.29 10.17 -7.18
C TRP A 112 31.49 8.71 -7.53
N ILE A 113 30.42 7.95 -7.46
CA ILE A 113 30.42 6.54 -7.84
C ILE A 113 29.09 6.29 -8.58
N GLY A 114 29.13 5.59 -9.70
CA GLY A 114 27.92 5.32 -10.45
C GLY A 114 28.19 4.64 -11.78
N PHE A 115 27.30 4.83 -12.76
CA PHE A 115 27.46 4.23 -14.08
C PHE A 115 27.08 5.26 -15.13
N PRO A 116 27.73 5.22 -16.28
CA PRO A 116 27.36 6.23 -17.29
C PRO A 116 25.90 6.13 -17.68
N LEU A 117 25.26 7.27 -17.90
CA LEU A 117 23.85 7.23 -18.26
C LEU A 117 23.60 6.50 -19.58
N HIS A 118 24.59 6.43 -20.47
CA HIS A 118 24.36 5.75 -21.74
C HIS A 118 24.15 4.24 -21.62
N LYS A 119 24.62 3.63 -20.53
CA LYS A 119 24.43 2.21 -20.38
C LYS A 119 22.98 1.91 -20.05
N LEU A 120 22.37 2.83 -19.30
CA LEU A 120 20.98 2.69 -18.94
C LEU A 120 20.11 2.94 -20.19
N LEU A 121 20.38 4.03 -20.90
CA LEU A 121 19.62 4.37 -22.10
C LEU A 121 19.74 3.31 -23.19
N ALA A 122 20.86 2.59 -23.21
CA ALA A 122 21.07 1.54 -24.21
C ALA A 122 20.05 0.42 -23.99
N LEU A 123 19.81 0.08 -22.73
CA LEU A 123 18.84 -0.98 -22.41
C LEU A 123 17.45 -0.63 -22.88
N ALA A 124 17.06 0.63 -22.68
CA ALA A 124 15.74 1.04 -23.07
C ALA A 124 15.64 1.25 -24.56
N GLU A 125 16.79 1.35 -25.23
CA GLU A 125 16.85 1.55 -26.69
C GLU A 125 15.96 2.69 -27.16
N PRO A 126 16.46 3.93 -27.15
CA PRO A 126 15.66 5.08 -27.60
C PRO A 126 15.34 5.09 -29.09
N THR A 127 14.09 5.43 -29.42
CA THR A 127 13.63 5.46 -30.80
C THR A 127 14.14 6.67 -31.54
N SER A 128 14.06 6.60 -32.87
CA SER A 128 14.52 7.67 -33.74
C SER A 128 13.79 8.99 -33.51
N ASN A 129 12.72 8.98 -32.73
CA ASN A 129 12.00 10.23 -32.48
C ASN A 129 12.48 10.91 -31.21
N ALA A 130 13.19 10.15 -30.37
CA ALA A 130 13.71 10.65 -29.10
C ALA A 130 14.80 11.71 -29.24
N LYS A 131 14.51 12.93 -28.81
CA LYS A 131 15.48 14.02 -28.91
C LYS A 131 15.97 14.54 -27.56
N TYR A 132 15.14 14.43 -26.53
CA TYR A 132 15.52 14.94 -25.21
C TYR A 132 15.28 13.88 -24.13
N VAL A 133 15.85 14.10 -22.96
CA VAL A 133 15.65 13.20 -21.83
C VAL A 133 15.08 14.09 -20.73
N ALA A 134 13.97 13.69 -20.15
CA ALA A 134 13.36 14.49 -19.08
C ALA A 134 13.52 13.69 -17.79
N PHE A 135 13.97 14.34 -16.75
CA PHE A 135 14.17 13.68 -15.45
C PHE A 135 13.20 14.30 -14.41
N GLU A 136 12.76 13.48 -13.45
CA GLU A 136 11.87 14.00 -12.40
C GLU A 136 12.24 13.40 -11.05
N THR A 137 12.26 14.27 -10.05
CA THR A 137 12.58 13.90 -8.67
C THR A 137 11.34 13.43 -7.91
N ILE A 138 11.55 12.57 -6.91
CA ILE A 138 10.43 12.06 -6.12
C ILE A 138 9.59 13.19 -5.51
N TYR A 139 8.30 12.90 -5.37
CA TYR A 139 7.37 13.84 -4.78
C TYR A 139 6.83 13.19 -3.50
N ALA A 140 7.20 13.76 -2.36
CA ALA A 140 6.78 13.25 -1.05
C ALA A 140 6.65 14.40 -0.09
N PRO A 141 5.65 15.26 -0.31
CA PRO A 141 5.42 16.43 0.54
C PRO A 141 5.39 16.16 2.04
N GLU A 142 5.10 14.92 2.42
CA GLU A 142 5.05 14.59 3.83
C GLU A 142 6.41 14.28 4.42
N GLN A 143 7.37 14.00 3.55
CA GLN A 143 8.72 13.71 4.00
C GLN A 143 9.64 14.87 3.60
N MET A 144 9.13 15.74 2.73
CA MET A 144 9.90 16.89 2.24
C MET A 144 9.24 18.22 2.59
N PRO A 145 9.65 18.85 3.70
CA PRO A 145 9.11 20.13 4.18
C PRO A 145 9.13 21.26 3.18
N GLY A 146 10.07 21.18 2.26
CA GLY A 146 10.18 22.23 1.26
C GLY A 146 9.02 22.16 0.29
N GLN A 147 8.45 20.99 0.12
CA GLN A 147 7.32 20.82 -0.79
C GLN A 147 6.02 21.27 -0.13
N GLN A 148 6.13 22.04 0.95
CA GLN A 148 4.93 22.52 1.66
C GLN A 148 4.94 24.01 1.98
N ASP A 149 6.10 24.65 1.93
CA ASP A 149 6.20 26.07 2.23
C ASP A 149 6.85 26.89 1.11
N ARG A 150 6.11 27.85 0.56
CA ARG A 150 6.59 28.71 -0.53
C ARG A 150 7.98 29.30 -0.31
N PHE A 151 8.33 29.60 0.95
CA PHE A 151 9.65 30.18 1.19
C PHE A 151 10.70 29.14 1.58
N ILE A 152 10.33 28.15 2.39
CA ILE A 152 11.25 27.10 2.79
C ILE A 152 11.77 26.30 1.61
N GLY A 153 10.89 26.06 0.64
CA GLY A 153 11.25 25.30 -0.54
C GLY A 153 11.72 26.16 -1.69
N GLY A 154 11.95 27.44 -1.40
CA GLY A 154 12.45 28.36 -2.40
C GLY A 154 11.49 28.82 -3.49
N GLY A 155 10.21 28.46 -3.34
CA GLY A 155 9.22 28.87 -4.33
C GLY A 155 9.39 28.16 -5.67
N LEU A 156 9.93 26.95 -5.64
CA LEU A 156 10.12 26.17 -6.86
C LEU A 156 8.86 25.35 -7.08
N LYS A 157 8.51 25.09 -8.33
CA LYS A 157 7.33 24.28 -8.65
C LYS A 157 7.69 22.80 -8.53
N TYR A 158 7.22 22.14 -7.48
CA TYR A 158 7.56 20.73 -7.29
C TYR A 158 6.61 19.74 -7.95
N PRO A 159 7.08 18.52 -8.29
CA PRO A 159 8.42 17.97 -8.11
C PRO A 159 9.47 18.59 -9.06
N TYR A 160 10.72 18.55 -8.64
CA TYR A 160 11.84 19.13 -9.39
C TYR A 160 12.01 18.40 -10.72
N VAL A 161 12.20 19.16 -11.80
CA VAL A 161 12.37 18.51 -13.09
C VAL A 161 13.57 19.08 -13.85
N GLU A 162 14.18 18.24 -14.67
CA GLU A 162 15.31 18.65 -15.49
C GLU A 162 15.28 17.89 -16.80
N GLY A 163 16.11 18.33 -17.74
CA GLY A 163 16.17 17.67 -19.02
C GLY A 163 17.53 17.88 -19.66
N LEU A 164 17.86 17.02 -20.63
CA LEU A 164 19.10 17.10 -21.36
C LEU A 164 18.77 16.76 -22.83
N ARG A 165 19.58 17.27 -23.74
CA ARG A 165 19.41 16.94 -25.14
C ARG A 165 19.95 15.52 -25.18
N LEU A 166 19.39 14.67 -26.03
CA LEU A 166 19.84 13.29 -26.06
C LEU A 166 21.36 13.08 -26.15
N ASP A 167 22.04 13.83 -27.02
CA ASP A 167 23.49 13.65 -27.16
C ASP A 167 24.24 13.97 -25.85
N GLU A 168 23.68 14.89 -25.07
CA GLU A 168 24.29 15.23 -23.78
C GLU A 168 24.09 14.05 -22.83
N ALA A 169 22.89 13.48 -22.84
CA ALA A 169 22.56 12.37 -21.95
C ALA A 169 23.38 11.14 -22.26
N MET A 170 23.76 11.01 -23.51
CA MET A 170 24.58 9.87 -23.94
C MET A 170 26.10 10.13 -23.77
N HIS A 171 26.50 11.37 -23.54
CA HIS A 171 27.94 11.66 -23.39
C HIS A 171 28.54 10.76 -22.31
N PRO A 172 29.74 10.22 -22.55
CA PRO A 172 30.37 9.35 -21.55
C PRO A 172 30.62 9.99 -20.18
N LEU A 173 30.56 11.30 -20.11
CA LEU A 173 30.75 12.03 -18.86
C LEU A 173 29.51 12.04 -17.94
N THR A 174 28.31 12.16 -18.50
CA THR A 174 27.10 12.22 -17.65
C THR A 174 26.85 10.93 -16.87
N LEU A 175 26.87 11.08 -15.56
CA LEU A 175 26.79 9.97 -14.61
C LEU A 175 25.52 9.80 -13.80
N MET A 176 25.01 8.57 -13.74
CA MET A 176 23.85 8.28 -12.88
C MET A 176 24.61 7.93 -11.61
N THR A 177 24.47 8.77 -10.61
CA THR A 177 25.24 8.63 -9.39
C THR A 177 24.51 7.97 -8.24
N VAL A 178 25.15 6.94 -7.68
CA VAL A 178 24.57 6.16 -6.58
C VAL A 178 25.41 6.11 -5.29
N GLY A 179 26.48 6.89 -5.25
CA GLY A 179 27.32 6.90 -4.07
C GLY A 179 28.39 7.97 -4.15
N VAL A 180 29.08 8.21 -3.05
CA VAL A 180 30.13 9.22 -3.03
C VAL A 180 31.16 8.78 -1.97
N TYR A 181 32.45 9.02 -2.21
CA TYR A 181 33.49 8.63 -1.26
C TYR A 181 33.39 7.16 -0.84
N GLY A 182 33.34 6.27 -1.82
CA GLY A 182 33.24 4.85 -1.50
C GLY A 182 31.94 4.31 -0.91
N LYS A 183 30.99 5.16 -0.54
CA LYS A 183 29.75 4.65 0.03
C LYS A 183 28.46 5.12 -0.64
N ALA A 184 27.34 4.48 -0.30
CA ALA A 184 26.08 4.88 -0.91
C ALA A 184 25.83 6.32 -0.55
N LEU A 185 25.09 7.01 -1.41
CA LEU A 185 24.77 8.40 -1.22
C LEU A 185 23.95 8.76 0.02
N PRO A 186 24.40 9.78 0.76
CA PRO A 186 23.67 10.23 1.95
C PRO A 186 22.40 10.84 1.35
N PRO A 187 21.29 10.85 2.09
CA PRO A 187 20.08 11.45 1.49
C PRO A 187 20.17 12.92 1.08
N GLN A 188 21.03 13.70 1.77
CA GLN A 188 21.17 15.10 1.44
C GLN A 188 21.79 15.27 0.04
N ASN A 189 22.49 14.24 -0.44
CA ASN A 189 23.09 14.28 -1.78
C ASN A 189 22.21 13.73 -2.89
N GLY A 190 20.93 13.54 -2.61
CA GLY A 190 20.01 13.04 -3.61
C GLY A 190 19.87 11.54 -3.69
N ALA A 191 20.07 10.86 -2.57
CA ALA A 191 19.94 9.41 -2.52
C ALA A 191 18.56 8.97 -3.04
N PRO A 192 18.44 7.77 -3.64
CA PRO A 192 19.45 6.73 -3.90
C PRO A 192 20.11 6.87 -5.27
N VAL A 193 19.50 7.66 -6.15
CA VAL A 193 20.02 7.85 -7.50
C VAL A 193 19.96 9.30 -7.85
N ARG A 194 21.07 9.80 -8.35
CA ARG A 194 21.12 11.19 -8.68
C ARG A 194 21.87 11.43 -9.99
N LEU A 195 21.55 12.53 -10.69
CA LEU A 195 22.23 12.84 -11.97
C LEU A 195 23.41 13.82 -11.79
N ILE A 196 24.49 13.58 -12.52
CA ILE A 196 25.70 14.46 -12.50
C ILE A 196 26.16 14.71 -13.96
N VAL A 197 26.29 15.98 -14.34
CA VAL A 197 26.75 16.40 -15.67
C VAL A 197 27.77 17.45 -15.26
N PRO A 198 29.02 17.04 -15.07
CA PRO A 198 30.10 17.93 -14.62
C PRO A 198 30.44 19.20 -15.41
N TRP A 199 30.09 19.27 -16.70
CA TRP A 199 30.37 20.48 -17.45
C TRP A 199 29.31 21.57 -17.34
N LYS A 200 28.18 21.26 -16.70
CA LYS A 200 27.10 22.22 -16.52
C LYS A 200 27.00 22.68 -15.06
N TYR A 201 26.20 23.73 -14.82
CA TYR A 201 26.06 24.19 -13.43
C TYR A 201 25.32 23.12 -12.65
N GLY A 202 25.54 23.13 -11.33
CA GLY A 202 24.95 22.14 -10.42
C GLY A 202 23.45 21.91 -10.51
N PHE A 203 22.66 22.93 -10.81
CA PHE A 203 21.21 22.69 -10.84
C PHE A 203 20.75 21.67 -11.88
N LYS A 204 21.58 21.35 -12.86
CA LYS A 204 21.23 20.35 -13.85
C LYS A 204 21.28 18.95 -13.27
N GLY A 205 22.09 18.78 -12.21
CA GLY A 205 22.25 17.48 -11.57
C GLY A 205 21.12 17.13 -10.62
N ILE A 206 19.98 16.81 -11.20
CA ILE A 206 18.79 16.48 -10.46
C ILE A 206 18.95 15.31 -9.47
N LYS A 207 18.43 15.51 -8.25
CA LYS A 207 18.48 14.53 -7.16
C LYS A 207 17.27 13.58 -7.00
N SER A 208 17.54 12.43 -6.37
CA SER A 208 16.53 11.44 -6.03
C SER A 208 15.53 11.20 -7.18
N ILE A 209 16.07 10.77 -8.30
CA ILE A 209 15.29 10.54 -9.51
C ILE A 209 14.34 9.36 -9.42
N VAL A 210 13.12 9.65 -9.82
CA VAL A 210 12.04 8.69 -9.81
C VAL A 210 11.64 8.34 -11.28
N SER A 211 11.77 9.32 -12.16
CA SER A 211 11.40 9.14 -13.55
C SER A 211 12.39 9.68 -14.60
N ILE A 212 12.59 8.91 -15.67
CA ILE A 212 13.44 9.28 -16.81
C ILE A 212 12.60 9.03 -18.07
N LYS A 213 12.25 10.09 -18.77
CA LYS A 213 11.43 9.94 -19.96
C LYS A 213 12.07 10.50 -21.23
N LEU A 214 12.14 9.70 -22.28
CA LEU A 214 12.68 10.17 -23.55
C LEU A 214 11.54 10.87 -24.26
N THR A 215 11.76 12.11 -24.66
CA THR A 215 10.72 12.85 -25.34
C THR A 215 11.16 13.41 -26.69
N ARG A 216 10.18 13.89 -27.45
CA ARG A 216 10.42 14.44 -28.77
C ARG A 216 10.70 15.93 -28.70
N GLU A 217 10.13 16.60 -27.71
CA GLU A 217 10.32 18.06 -27.55
C GLU A 217 11.16 18.41 -26.32
N ARG A 218 11.65 19.65 -26.26
CA ARG A 218 12.46 20.04 -25.11
C ARG A 218 11.63 20.09 -23.83
N PRO A 219 12.04 19.31 -22.83
CA PRO A 219 11.28 19.30 -21.57
C PRO A 219 11.50 20.57 -20.73
N PRO A 220 10.59 20.83 -19.77
CA PRO A 220 10.68 21.99 -18.88
C PRO A 220 11.77 21.71 -17.82
N THR A 221 12.27 22.78 -17.20
CA THR A 221 13.33 22.68 -16.21
C THR A 221 13.01 23.55 -15.00
N THR A 222 12.94 22.93 -13.83
CA THR A 222 12.60 23.66 -12.61
C THR A 222 13.19 25.06 -12.48
N TRP A 223 14.52 25.20 -12.58
CA TRP A 223 15.12 26.53 -12.42
C TRP A 223 14.89 27.47 -13.59
N ASN A 224 14.73 26.92 -14.79
CA ASN A 224 14.50 27.79 -15.93
C ASN A 224 13.05 28.26 -15.90
N LEU A 225 12.18 27.49 -15.25
CA LEU A 225 10.78 27.88 -15.13
C LEU A 225 10.66 28.93 -14.03
N ALA A 226 11.49 28.80 -13.00
CA ALA A 226 11.50 29.73 -11.89
C ALA A 226 12.07 31.09 -12.26
N ALA A 227 13.03 31.13 -13.18
CA ALA A 227 13.63 32.40 -13.61
C ALA A 227 14.28 32.25 -14.98
N PRO A 228 13.46 32.24 -16.04
CA PRO A 228 13.83 32.10 -17.45
C PRO A 228 15.00 32.98 -17.87
N ASP A 229 15.09 34.13 -17.23
CA ASP A 229 16.12 35.09 -17.56
C ASP A 229 17.48 34.84 -16.91
N GLU A 230 17.52 34.01 -15.88
CA GLU A 230 18.77 33.74 -15.18
C GLU A 230 19.34 32.33 -15.37
N TYR A 231 18.46 31.35 -15.58
CA TYR A 231 18.88 29.97 -15.73
C TYR A 231 18.44 29.38 -17.08
N GLY A 232 19.42 29.06 -17.92
CA GLY A 232 19.12 28.52 -19.22
C GLY A 232 18.94 27.01 -19.27
N PHE A 233 18.52 26.51 -20.43
CA PHE A 233 18.33 25.08 -20.59
C PHE A 233 19.67 24.36 -20.67
N TYR A 234 20.63 24.95 -21.36
CA TYR A 234 21.94 24.32 -21.51
C TYR A 234 22.82 24.48 -20.27
N ALA A 235 22.83 25.68 -19.69
CA ALA A 235 23.60 25.96 -18.48
C ALA A 235 25.01 25.44 -18.49
N ASN A 236 25.73 25.63 -19.58
CA ASN A 236 27.11 25.14 -19.62
C ASN A 236 28.01 26.05 -18.77
N VAL A 237 28.92 25.48 -17.99
CA VAL A 237 29.75 26.34 -17.17
C VAL A 237 30.57 27.20 -18.12
N ASN A 238 30.46 28.52 -17.97
CA ASN A 238 31.14 29.46 -18.84
C ASN A 238 31.55 30.71 -18.09
N PRO A 239 32.86 30.95 -17.92
CA PRO A 239 33.27 32.15 -17.20
C PRO A 239 33.01 33.48 -17.91
N TYR A 240 32.70 33.44 -19.20
CA TYR A 240 32.46 34.67 -19.98
C TYR A 240 31.03 35.14 -20.04
N VAL A 241 30.09 34.32 -19.57
CA VAL A 241 28.68 34.73 -19.56
C VAL A 241 28.27 34.82 -18.09
N ASP A 242 27.88 36.01 -17.66
CA ASP A 242 27.53 36.18 -16.28
C ASP A 242 26.09 35.95 -15.89
N HIS A 243 25.88 35.84 -14.59
CA HIS A 243 24.57 35.66 -14.02
C HIS A 243 24.05 37.06 -13.73
N PRO A 244 22.81 37.36 -14.11
CA PRO A 244 22.18 38.67 -13.89
C PRO A 244 22.52 39.33 -12.57
N ARG A 245 22.82 38.54 -11.55
CA ARG A 245 23.13 39.09 -10.24
C ARG A 245 24.55 38.87 -9.72
N TRP A 246 25.42 38.26 -10.54
CA TRP A 246 26.83 38.05 -10.14
C TRP A 246 27.68 37.47 -11.26
N SER A 247 28.97 37.84 -11.29
CA SER A 247 29.87 37.35 -12.32
C SER A 247 30.25 35.88 -12.13
N GLN A 248 30.52 35.18 -13.23
CA GLN A 248 30.89 33.77 -13.17
C GLN A 248 32.37 33.52 -13.46
N ALA A 249 33.15 34.59 -13.51
CA ALA A 249 34.59 34.44 -13.81
C ALA A 249 35.37 33.73 -12.71
N THR A 250 34.89 33.83 -11.49
CA THR A 250 35.63 33.20 -10.42
C THR A 250 34.71 32.39 -9.48
N GLU A 251 35.31 31.52 -8.65
CA GLU A 251 34.53 30.67 -7.78
C GLU A 251 35.27 30.27 -6.51
N ARG A 252 34.50 30.09 -5.45
CA ARG A 252 35.03 29.69 -4.14
C ARG A 252 35.15 28.19 -4.08
N PHE A 253 36.38 27.69 -4.00
CA PHE A 253 36.57 26.26 -3.91
C PHE A 253 36.27 25.83 -2.48
N ILE A 254 35.44 24.81 -2.31
CA ILE A 254 35.10 24.36 -0.96
C ILE A 254 36.08 23.27 -0.57
N GLY A 255 37.12 23.64 0.19
CA GLY A 255 38.11 22.68 0.62
C GLY A 255 38.00 22.42 2.11
N SER A 256 39.12 22.21 2.77
CA SER A 256 39.13 21.96 4.22
C SER A 256 39.15 23.27 5.02
N GLY A 257 38.39 23.32 6.10
CA GLY A 257 38.34 24.52 6.92
C GLY A 257 37.08 25.33 6.71
N ARG A 264 39.49 31.26 -3.51
CA ARG A 264 39.06 31.72 -4.87
C ARG A 264 39.96 31.15 -5.98
N GLN A 265 39.35 30.91 -7.14
CA GLN A 265 40.06 30.38 -8.30
C GLN A 265 39.22 30.69 -9.53
N PRO A 266 39.86 30.89 -10.67
CA PRO A 266 39.08 31.21 -11.86
C PRO A 266 38.25 30.03 -12.38
N THR A 267 37.07 30.35 -12.89
CA THR A 267 36.17 29.34 -13.44
C THR A 267 36.75 28.91 -14.79
N LEU A 268 36.71 27.62 -15.09
CA LEU A 268 37.21 27.09 -16.37
C LEU A 268 36.07 26.88 -17.36
N LEU A 269 36.34 27.00 -18.66
CA LEU A 269 35.31 26.80 -19.67
C LEU A 269 34.82 25.33 -19.61
N PHE A 270 33.50 25.15 -19.63
CA PHE A 270 32.88 23.81 -19.50
C PHE A 270 33.36 23.15 -18.22
N ASN A 271 33.72 23.97 -17.26
CA ASN A 271 34.19 23.50 -15.95
C ASN A 271 35.40 22.60 -16.10
N GLY A 272 36.19 22.84 -17.14
CA GLY A 272 37.40 22.08 -17.38
C GLY A 272 37.29 20.86 -18.29
N TYR A 273 36.11 20.59 -18.85
CA TYR A 273 35.98 19.42 -19.72
C TYR A 273 35.72 19.86 -21.15
N ALA A 274 36.19 21.05 -21.49
CA ALA A 274 35.97 21.58 -22.83
C ALA A 274 36.38 20.68 -23.98
N ASP A 275 37.53 20.01 -23.90
CA ASP A 275 37.91 19.19 -25.03
C ASP A 275 37.17 17.86 -25.10
N GLN A 276 36.39 17.56 -24.07
CA GLN A 276 35.65 16.34 -24.09
C GLN A 276 34.23 16.62 -24.54
N VAL A 277 33.79 17.86 -24.33
CA VAL A 277 32.41 18.25 -24.63
C VAL A 277 32.16 19.36 -25.66
N ALA A 278 33.20 20.13 -25.99
CA ALA A 278 33.07 21.23 -26.94
C ALA A 278 32.42 20.74 -28.22
N SER A 279 32.77 19.53 -28.61
CA SER A 279 32.25 18.90 -29.81
C SER A 279 30.72 19.02 -29.87
N LEU A 280 30.06 18.77 -28.75
CA LEU A 280 28.60 18.84 -28.72
C LEU A 280 27.99 20.20 -29.02
N TYR A 281 28.75 21.28 -28.80
CA TYR A 281 28.15 22.59 -28.99
C TYR A 281 28.72 23.50 -30.10
N ARG A 282 29.80 23.06 -30.74
CA ARG A 282 30.41 23.84 -31.83
C ARG A 282 29.46 24.14 -32.98
N GLY A 283 29.45 25.39 -33.43
CA GLY A 283 28.60 25.80 -34.53
C GLY A 283 27.12 25.91 -34.24
N LEU A 284 26.73 25.83 -32.97
CA LEU A 284 25.33 25.91 -32.54
C LEU A 284 25.10 27.11 -31.60
N ASP A 285 23.84 27.51 -31.42
CA ASP A 285 23.51 28.64 -30.56
C ASP A 285 23.05 28.32 -29.12
N LEU A 286 22.01 29.02 -28.65
CA LEU A 286 21.43 28.86 -27.31
C LEU A 286 20.48 30.00 -26.93
N LEU B 20 15.30 55.94 -82.82
CA LEU B 20 15.46 54.91 -83.89
C LEU B 20 14.09 54.54 -84.48
N GLU B 21 13.95 53.31 -84.96
CA GLU B 21 12.70 52.82 -85.56
C GLU B 21 11.77 52.14 -84.55
N PHE B 22 10.46 52.35 -84.71
CA PHE B 22 9.49 51.79 -83.79
C PHE B 22 8.05 51.95 -84.27
N SER B 23 7.18 51.01 -83.89
CA SER B 23 5.77 51.08 -84.26
C SER B 23 5.01 51.89 -83.22
N LYS B 24 3.68 51.85 -83.26
CA LYS B 24 2.86 52.58 -82.29
C LYS B 24 1.58 51.81 -81.96
N PRO B 25 1.70 50.59 -81.40
CA PRO B 25 0.55 49.74 -81.04
C PRO B 25 -0.65 50.54 -80.53
N ALA B 26 -1.83 50.20 -81.04
CA ALA B 26 -3.07 50.90 -80.67
C ALA B 26 -3.38 50.94 -79.18
N ALA B 27 -3.00 49.89 -78.46
CA ALA B 27 -3.26 49.82 -77.04
C ALA B 27 -2.46 50.83 -76.23
N TRP B 28 -1.33 51.28 -76.80
CA TRP B 28 -0.45 52.23 -76.11
C TRP B 28 -0.53 53.66 -76.65
N GLN B 29 -1.53 53.91 -77.49
CA GLN B 29 -1.72 55.24 -78.04
C GLN B 29 -2.98 55.81 -77.37
N ASN B 30 -2.92 57.08 -76.96
CA ASN B 30 -4.06 57.72 -76.30
C ASN B 30 -4.05 59.24 -76.43
N ASN B 31 -4.99 59.89 -75.75
CA ASN B 31 -5.08 61.34 -75.81
C ASN B 31 -4.79 62.08 -74.51
N LEU B 32 -3.79 61.59 -73.77
CA LEU B 32 -3.39 62.25 -72.54
C LEU B 32 -2.40 63.33 -72.94
N PRO B 33 -2.58 64.55 -72.43
CA PRO B 33 -1.64 65.61 -72.79
C PRO B 33 -0.21 65.17 -72.44
N LEU B 34 0.72 65.34 -73.36
CA LEU B 34 2.11 64.96 -73.11
C LEU B 34 2.89 66.00 -72.36
N THR B 35 3.90 65.54 -71.63
CA THR B 35 4.78 66.43 -70.88
C THR B 35 5.85 66.85 -71.89
N PRO B 36 6.11 68.16 -72.01
CA PRO B 36 7.14 68.58 -72.98
C PRO B 36 8.46 67.84 -72.80
N ALA B 37 9.07 67.43 -73.92
CA ALA B 37 10.34 66.70 -73.91
C ALA B 37 11.46 67.37 -73.14
N ASP B 38 11.47 68.70 -73.12
CA ASP B 38 12.53 69.40 -72.39
C ASP B 38 12.41 69.25 -70.88
N LYS B 39 11.19 69.03 -70.39
CA LYS B 39 10.98 68.84 -68.97
C LYS B 39 11.18 67.37 -68.60
N VAL B 40 10.91 66.48 -69.55
CA VAL B 40 11.10 65.05 -69.35
C VAL B 40 12.58 64.72 -69.24
N SER B 41 13.42 65.61 -69.79
CA SER B 41 14.85 65.38 -69.75
C SER B 41 15.59 66.53 -69.11
N GLY B 42 14.86 67.32 -68.32
CA GLY B 42 15.44 68.46 -67.62
C GLY B 42 15.01 68.48 -66.15
N TYR B 43 13.98 67.70 -65.84
CA TYR B 43 13.43 67.57 -64.49
C TYR B 43 13.54 66.09 -64.14
N ASN B 44 14.65 65.71 -63.51
CA ASN B 44 14.87 64.31 -63.19
C ASN B 44 15.28 64.00 -61.77
N ASN B 45 15.23 62.71 -61.50
CA ASN B 45 15.65 62.16 -60.23
C ASN B 45 16.66 61.11 -60.68
N PHE B 46 17.94 61.37 -60.42
CA PHE B 46 19.00 60.42 -60.76
C PHE B 46 20.12 60.72 -59.77
N TYR B 47 19.93 60.26 -58.54
CA TYR B 47 20.85 60.47 -57.45
C TYR B 47 22.32 60.17 -57.67
N GLU B 48 22.65 59.30 -58.62
CA GLU B 48 24.05 59.01 -58.89
C GLU B 48 24.75 60.25 -59.45
N PHE B 49 23.96 61.28 -59.78
CA PHE B 49 24.46 62.51 -60.33
C PHE B 49 23.96 63.73 -59.53
N GLY B 50 23.60 63.52 -58.28
CA GLY B 50 23.12 64.63 -57.47
C GLY B 50 21.62 64.67 -57.20
N LEU B 51 21.25 65.28 -56.08
CA LEU B 51 19.86 65.40 -55.65
C LEU B 51 18.94 66.36 -56.40
N ASP B 52 19.47 67.44 -56.93
CA ASP B 52 18.63 68.42 -57.62
C ASP B 52 18.02 67.94 -58.94
N LYS B 53 16.82 68.44 -59.22
CA LYS B 53 16.10 68.07 -60.43
C LYS B 53 16.92 68.34 -61.69
N ALA B 54 17.71 69.39 -61.65
CA ALA B 54 18.54 69.77 -62.78
C ALA B 54 19.91 69.10 -62.82
N ASP B 55 20.36 68.55 -61.70
CA ASP B 55 21.67 67.92 -61.65
C ASP B 55 21.93 66.82 -62.67
N PRO B 56 20.96 65.90 -62.88
CA PRO B 56 21.23 64.85 -63.86
C PRO B 56 21.53 65.38 -65.26
N ALA B 57 20.70 66.31 -65.74
CA ALA B 57 20.87 66.88 -67.07
C ALA B 57 22.26 67.52 -67.23
N ALA B 58 22.67 68.24 -66.20
CA ALA B 58 23.96 68.92 -66.20
C ALA B 58 25.18 68.07 -65.88
N ASN B 59 25.01 66.84 -65.40
CA ASN B 59 26.17 66.02 -65.08
C ASN B 59 26.20 64.65 -65.68
N ALA B 60 25.03 64.11 -66.01
CA ALA B 60 24.93 62.76 -66.57
C ALA B 60 25.75 62.55 -67.84
N GLY B 61 26.15 63.66 -68.47
CA GLY B 61 26.92 63.59 -69.70
C GLY B 61 28.28 62.92 -69.58
N SER B 62 28.76 62.76 -68.35
CA SER B 62 30.06 62.15 -68.11
C SER B 62 30.03 60.64 -68.05
N LEU B 63 28.88 60.05 -68.36
CA LEU B 63 28.73 58.60 -68.30
C LEU B 63 28.74 57.94 -69.68
N LYS B 64 29.74 57.10 -69.93
CA LYS B 64 29.88 56.40 -71.20
C LYS B 64 28.86 55.31 -71.38
N THR B 65 27.81 55.61 -72.16
CA THR B 65 26.75 54.65 -72.40
C THR B 65 26.95 53.79 -73.64
N ASP B 66 27.95 54.08 -74.46
CA ASP B 66 28.09 53.24 -75.64
C ASP B 66 28.60 51.83 -75.39
N PRO B 67 29.93 51.59 -75.24
CA PRO B 67 30.07 50.15 -75.01
C PRO B 67 29.34 49.83 -73.71
N TRP B 68 28.31 49.00 -73.82
CA TRP B 68 27.50 48.64 -72.67
C TRP B 68 27.25 47.15 -72.61
N THR B 69 27.08 46.64 -71.39
CA THR B 69 26.83 45.21 -71.17
C THR B 69 25.64 45.00 -70.23
N LEU B 70 24.68 44.21 -70.67
CA LEU B 70 23.50 43.89 -69.85
C LEU B 70 23.47 42.38 -69.72
N LYS B 71 23.66 41.87 -68.50
CA LYS B 71 23.66 40.44 -68.26
C LYS B 71 22.41 39.90 -67.56
N ILE B 72 21.83 38.86 -68.15
CA ILE B 72 20.65 38.19 -67.61
C ILE B 72 21.17 36.89 -67.02
N SER B 73 20.88 36.62 -65.75
CA SER B 73 21.37 35.40 -65.13
C SER B 73 20.48 34.86 -64.02
N GLY B 74 21.06 34.02 -63.16
CA GLY B 74 20.31 33.45 -62.05
C GLY B 74 19.56 32.16 -62.36
N GLU B 75 18.34 32.08 -61.84
CA GLU B 75 17.50 30.91 -62.03
C GLU B 75 16.91 30.92 -63.44
N VAL B 76 17.79 30.74 -64.42
CA VAL B 76 17.42 30.73 -65.83
C VAL B 76 18.05 29.52 -66.51
N ALA B 77 17.40 29.05 -67.57
CA ALA B 77 17.89 27.90 -68.32
C ALA B 77 18.91 28.32 -69.37
N LYS B 78 18.74 29.51 -69.93
CA LYS B 78 19.67 29.97 -70.94
C LYS B 78 20.15 31.40 -70.73
N PRO B 79 21.15 31.57 -69.84
CA PRO B 79 21.68 32.91 -69.57
C PRO B 79 22.29 33.51 -70.84
N LEU B 80 22.30 34.83 -70.91
CA LEU B 80 22.85 35.52 -72.06
C LEU B 80 23.33 36.91 -71.67
N THR B 81 23.76 37.67 -72.67
CA THR B 81 24.23 39.03 -72.48
C THR B 81 23.97 39.84 -73.75
N LEU B 82 23.52 41.07 -73.58
CA LEU B 82 23.22 41.97 -74.70
C LEU B 82 24.23 43.11 -74.75
N ASP B 83 24.66 43.47 -75.96
CA ASP B 83 25.61 44.57 -76.10
C ASP B 83 24.82 45.83 -76.39
N HIS B 84 25.51 46.95 -76.56
CA HIS B 84 24.83 48.22 -76.81
C HIS B 84 23.87 48.26 -77.99
N ASP B 85 24.15 47.49 -79.03
CA ASP B 85 23.29 47.47 -80.21
C ASP B 85 22.11 46.52 -80.05
N ASP B 86 22.33 45.40 -79.37
CA ASP B 86 21.27 44.42 -79.15
C ASP B 86 20.03 45.07 -78.55
N LEU B 87 20.26 46.07 -77.70
CA LEU B 87 19.18 46.78 -77.03
C LEU B 87 18.10 47.30 -77.98
N THR B 88 18.49 48.12 -78.95
CA THR B 88 17.53 48.68 -79.90
C THR B 88 17.40 47.89 -81.19
N ARG B 89 17.80 46.62 -81.18
CA ARG B 89 17.71 45.79 -82.39
C ARG B 89 17.18 44.38 -82.14
N ARG B 90 17.75 43.72 -81.14
CA ARG B 90 17.38 42.35 -80.77
C ARG B 90 15.87 42.09 -80.73
N PHE B 91 15.09 43.10 -80.37
CA PHE B 91 13.63 42.96 -80.31
C PHE B 91 12.97 44.15 -80.98
N PRO B 92 11.75 43.96 -81.51
CA PRO B 92 11.05 45.06 -82.17
C PRO B 92 10.63 46.09 -81.12
N LEU B 93 11.08 47.33 -81.30
CA LEU B 93 10.74 48.40 -80.37
C LEU B 93 9.32 48.91 -80.61
N GLU B 94 8.71 49.45 -79.58
CA GLU B 94 7.37 50.01 -79.68
C GLU B 94 7.40 51.33 -78.93
N GLU B 95 6.39 52.16 -79.14
CA GLU B 95 6.30 53.43 -78.44
C GLU B 95 5.04 53.35 -77.59
N ARG B 96 5.17 53.70 -76.31
CA ARG B 96 4.03 53.65 -75.43
C ARG B 96 3.90 54.92 -74.63
N ILE B 97 2.71 55.51 -74.62
CA ILE B 97 2.46 56.74 -73.89
C ILE B 97 1.92 56.42 -72.50
N TYR B 98 2.87 56.28 -71.58
CA TYR B 98 2.61 55.95 -70.19
C TYR B 98 2.61 57.18 -69.32
N ARG B 99 1.92 57.09 -68.19
CA ARG B 99 1.98 58.21 -67.27
C ARG B 99 3.03 57.73 -66.23
N MET B 100 3.79 58.67 -65.70
CA MET B 100 4.87 58.36 -64.74
C MET B 100 4.59 59.07 -63.41
N ARG B 101 4.32 58.30 -62.37
CA ARG B 101 4.03 58.92 -61.07
C ARG B 101 5.20 58.75 -60.13
N CYS B 102 5.86 59.86 -59.80
CA CYS B 102 6.96 59.78 -58.82
C CYS B 102 6.34 59.87 -57.41
N VAL B 103 6.97 59.19 -56.48
CA VAL B 103 6.47 59.13 -55.10
C VAL B 103 6.26 60.54 -54.53
N GLU B 104 7.09 61.46 -55.01
CA GLU B 104 7.06 62.85 -54.53
C GLU B 104 5.78 63.62 -54.90
N ALA B 105 4.86 62.94 -55.56
CA ALA B 105 3.58 63.56 -55.92
C ALA B 105 3.62 64.56 -57.07
N TRP B 106 4.40 64.24 -58.10
CA TRP B 106 4.44 65.04 -59.32
C TRP B 106 4.37 63.96 -60.36
N SER B 107 3.80 64.26 -61.53
CA SER B 107 3.65 63.23 -62.55
C SER B 107 3.87 63.71 -63.96
N MET B 108 4.01 62.76 -64.88
CA MET B 108 4.22 63.06 -66.28
C MET B 108 3.47 62.06 -67.14
N VAL B 109 3.44 62.35 -68.43
CA VAL B 109 2.87 61.48 -69.44
C VAL B 109 4.05 61.48 -70.38
N VAL B 110 4.57 60.31 -70.70
CA VAL B 110 5.76 60.24 -71.54
C VAL B 110 5.70 59.16 -72.60
N PRO B 111 6.06 59.51 -73.84
CA PRO B 111 6.06 58.56 -74.95
C PRO B 111 7.34 57.71 -74.95
N TRP B 112 7.38 56.72 -74.07
CA TRP B 112 8.54 55.83 -73.96
C TRP B 112 8.66 54.96 -75.20
N ILE B 113 9.87 54.49 -75.43
CA ILE B 113 10.16 53.63 -76.57
C ILE B 113 10.95 52.43 -76.09
N GLY B 114 10.43 51.24 -76.31
CA GLY B 114 11.13 50.05 -75.86
C GLY B 114 10.42 48.76 -76.19
N PHE B 115 10.70 47.73 -75.39
CA PHE B 115 10.09 46.42 -75.61
C PHE B 115 9.65 45.78 -74.30
N PRO B 116 8.51 45.06 -74.33
CA PRO B 116 8.04 44.41 -73.10
C PRO B 116 9.08 43.45 -72.54
N LEU B 117 9.31 43.52 -71.23
CA LEU B 117 10.30 42.68 -70.57
C LEU B 117 10.08 41.17 -70.74
N HIS B 118 8.83 40.73 -70.85
CA HIS B 118 8.53 39.30 -71.01
C HIS B 118 9.17 38.68 -72.24
N LYS B 119 9.43 39.49 -73.25
CA LYS B 119 10.07 38.99 -74.45
C LYS B 119 11.51 38.61 -74.12
N LEU B 120 12.17 39.46 -73.32
CA LEU B 120 13.56 39.23 -72.92
C LEU B 120 13.65 38.09 -71.90
N LEU B 121 12.68 38.03 -70.99
CA LEU B 121 12.70 36.98 -69.98
C LEU B 121 12.33 35.62 -70.57
N ALA B 122 11.73 35.65 -71.76
CA ALA B 122 11.33 34.42 -72.43
C ALA B 122 12.57 33.83 -73.10
N LEU B 123 13.46 34.70 -73.57
CA LEU B 123 14.66 34.22 -74.19
C LEU B 123 15.49 33.46 -73.17
N ALA B 124 15.74 34.07 -72.02
CA ALA B 124 16.51 33.40 -70.98
C ALA B 124 15.79 32.14 -70.63
N GLU B 125 14.48 32.27 -70.46
CA GLU B 125 13.56 31.21 -70.13
C GLU B 125 13.70 30.82 -68.65
N PRO B 126 13.03 31.48 -67.65
CA PRO B 126 13.21 31.13 -66.20
C PRO B 126 12.74 29.69 -65.72
N THR B 127 13.44 29.12 -64.73
CA THR B 127 13.14 27.80 -64.20
C THR B 127 11.96 27.96 -63.27
N SER B 128 11.44 26.83 -62.83
CA SER B 128 10.29 26.76 -61.96
C SER B 128 10.62 27.30 -60.58
N ASN B 129 11.89 27.66 -60.36
CA ASN B 129 12.31 28.17 -59.07
C ASN B 129 12.40 29.69 -59.06
N ALA B 130 12.28 30.29 -60.24
CA ALA B 130 12.37 31.74 -60.37
C ALA B 130 11.08 32.44 -59.91
N LYS B 131 11.16 33.18 -58.81
CA LYS B 131 9.99 33.89 -58.31
C LYS B 131 10.11 35.41 -58.42
N TYR B 132 11.33 35.91 -58.44
CA TYR B 132 11.56 37.35 -58.53
C TYR B 132 12.61 37.75 -59.57
N VAL B 133 12.63 39.02 -59.91
CA VAL B 133 13.59 39.56 -60.86
C VAL B 133 14.31 40.74 -60.19
N ALA B 134 15.63 40.60 -60.08
CA ALA B 134 16.50 41.60 -59.45
C ALA B 134 17.24 42.48 -60.47
N PHE B 135 17.08 43.79 -60.38
CA PHE B 135 17.76 44.69 -61.33
C PHE B 135 18.85 45.51 -60.62
N GLU B 136 19.96 45.73 -61.32
CA GLU B 136 21.07 46.50 -60.78
C GLU B 136 21.58 47.53 -61.77
N THR B 137 21.81 48.74 -61.27
CA THR B 137 22.32 49.82 -62.11
C THR B 137 23.85 49.78 -62.16
N ILE B 138 24.41 50.40 -63.19
CA ILE B 138 25.86 50.42 -63.35
C ILE B 138 26.53 51.07 -62.14
N TYR B 139 27.74 50.62 -61.84
CA TYR B 139 28.49 51.17 -60.73
C TYR B 139 29.77 51.78 -61.28
N ALA B 140 29.81 53.10 -61.38
CA ALA B 140 31.00 53.79 -61.91
C ALA B 140 31.21 55.08 -61.13
N PRO B 141 31.69 54.95 -59.87
CA PRO B 141 31.93 56.10 -59.00
C PRO B 141 32.81 57.20 -59.61
N GLU B 142 33.63 56.82 -60.58
CA GLU B 142 34.48 57.82 -61.21
C GLU B 142 33.72 58.63 -62.26
N GLN B 143 32.60 58.11 -62.72
CA GLN B 143 31.80 58.82 -63.71
C GLN B 143 30.52 59.39 -63.08
N MET B 144 30.22 58.98 -61.85
CA MET B 144 29.01 59.43 -61.16
C MET B 144 29.30 60.09 -59.82
N PRO B 145 29.30 61.42 -59.78
CA PRO B 145 29.56 62.17 -58.55
C PRO B 145 28.72 61.73 -57.35
N GLY B 146 27.52 61.21 -57.60
CA GLY B 146 26.66 60.80 -56.51
C GLY B 146 27.20 59.61 -55.74
N GLN B 147 27.85 58.69 -56.45
CA GLN B 147 28.41 57.50 -55.82
C GLN B 147 29.72 57.79 -55.07
N GLN B 148 29.92 59.03 -54.65
CA GLN B 148 31.12 59.41 -53.92
C GLN B 148 30.84 60.27 -52.70
N ASP B 149 29.90 61.19 -52.80
CA ASP B 149 29.57 62.04 -51.67
C ASP B 149 28.26 61.60 -51.02
N ARG B 150 28.31 61.38 -49.71
CA ARG B 150 27.16 60.93 -48.93
C ARG B 150 25.94 61.88 -48.95
N PHE B 151 26.13 63.14 -49.33
CA PHE B 151 25.00 64.06 -49.38
C PHE B 151 24.60 64.26 -50.85
N ILE B 152 25.57 64.45 -51.72
CA ILE B 152 25.29 64.62 -53.13
C ILE B 152 24.42 63.48 -53.65
N GLY B 153 24.76 62.25 -53.26
CA GLY B 153 24.02 61.08 -53.70
C GLY B 153 22.80 60.74 -52.87
N GLY B 154 22.39 61.65 -52.00
CA GLY B 154 21.22 61.40 -51.18
C GLY B 154 21.37 60.30 -50.15
N GLY B 155 22.56 59.72 -50.03
CA GLY B 155 22.78 58.67 -49.04
C GLY B 155 22.21 57.30 -49.33
N LEU B 156 22.12 56.95 -50.61
CA LEU B 156 21.60 55.65 -50.98
C LEU B 156 22.77 54.69 -51.05
N LYS B 157 22.49 53.41 -50.85
CA LYS B 157 23.55 52.41 -50.90
C LYS B 157 23.75 52.03 -52.37
N TYR B 158 24.84 52.48 -52.98
CA TYR B 158 25.02 52.14 -54.39
C TYR B 158 25.76 50.82 -54.55
N PRO B 159 25.63 50.17 -55.71
CA PRO B 159 24.83 50.60 -56.86
C PRO B 159 23.31 50.45 -56.61
N TYR B 160 22.53 51.26 -57.31
CA TYR B 160 21.08 51.23 -57.18
C TYR B 160 20.58 49.83 -57.56
N VAL B 161 19.60 49.33 -56.83
CA VAL B 161 19.06 48.01 -57.12
C VAL B 161 17.55 48.02 -56.95
N GLU B 162 16.86 47.18 -57.71
CA GLU B 162 15.41 47.09 -57.62
C GLU B 162 15.02 45.67 -57.93
N GLY B 163 13.73 45.38 -57.78
CA GLY B 163 13.26 44.03 -58.06
C GLY B 163 11.75 43.99 -58.34
N LEU B 164 11.32 42.87 -58.89
CA LEU B 164 9.92 42.65 -59.20
C LEU B 164 9.54 41.20 -59.00
N ARG B 165 8.27 40.99 -58.70
CA ARG B 165 7.70 39.66 -58.56
C ARG B 165 7.76 39.21 -60.02
N LEU B 166 8.03 37.93 -60.26
CA LEU B 166 8.13 37.47 -61.63
C LEU B 166 6.88 37.82 -62.44
N ASP B 167 5.71 37.62 -61.86
CA ASP B 167 4.50 37.95 -62.59
C ASP B 167 4.48 39.44 -62.97
N GLU B 168 4.93 40.31 -62.07
CA GLU B 168 4.93 41.73 -62.38
C GLU B 168 5.93 42.00 -63.48
N ALA B 169 7.05 41.29 -63.45
CA ALA B 169 8.07 41.44 -64.46
C ALA B 169 7.53 40.92 -65.80
N MET B 170 6.71 39.88 -65.72
CA MET B 170 6.10 39.26 -66.90
C MET B 170 4.88 39.98 -67.42
N HIS B 171 4.43 41.02 -66.74
CA HIS B 171 3.25 41.76 -67.19
C HIS B 171 3.50 42.50 -68.49
N PRO B 172 2.47 42.56 -69.36
CA PRO B 172 2.59 43.25 -70.65
C PRO B 172 2.93 44.72 -70.53
N LEU B 173 2.60 45.31 -69.39
CA LEU B 173 2.90 46.71 -69.21
C LEU B 173 4.37 47.05 -68.88
N THR B 174 5.11 46.13 -68.26
CA THR B 174 6.48 46.50 -67.91
C THR B 174 7.42 46.41 -69.10
N LEU B 175 8.09 47.51 -69.41
CA LEU B 175 9.00 47.51 -70.56
C LEU B 175 10.41 48.04 -70.29
N MET B 176 11.34 47.54 -71.07
CA MET B 176 12.73 47.95 -71.01
C MET B 176 12.78 49.16 -71.93
N THR B 177 12.97 50.33 -71.35
CA THR B 177 13.00 51.57 -72.11
C THR B 177 14.39 51.88 -72.66
N VAL B 178 14.43 52.14 -73.97
CA VAL B 178 15.69 52.45 -74.66
C VAL B 178 15.68 53.83 -75.32
N GLY B 179 14.51 54.44 -75.40
CA GLY B 179 14.41 55.74 -76.02
C GLY B 179 13.18 56.51 -75.58
N VAL B 180 13.19 57.81 -75.80
CA VAL B 180 12.04 58.66 -75.43
C VAL B 180 11.86 59.77 -76.47
N TYR B 181 10.62 60.00 -76.87
CA TYR B 181 10.31 61.03 -77.87
C TYR B 181 11.04 60.76 -79.18
N GLY B 182 10.89 59.52 -79.65
CA GLY B 182 11.49 59.10 -80.90
C GLY B 182 12.97 58.75 -80.90
N LYS B 183 13.74 59.38 -80.02
CA LYS B 183 15.16 59.12 -80.00
C LYS B 183 15.67 58.36 -78.78
N ALA B 184 16.89 57.84 -78.88
CA ALA B 184 17.53 57.10 -77.80
C ALA B 184 17.56 57.92 -76.52
N LEU B 185 17.50 57.22 -75.40
CA LEU B 185 17.50 57.86 -74.09
C LEU B 185 18.71 58.72 -73.76
N PRO B 186 18.47 59.97 -73.36
CA PRO B 186 19.58 60.86 -73.00
C PRO B 186 20.09 60.35 -71.64
N PRO B 187 21.37 60.59 -71.31
CA PRO B 187 21.88 60.10 -70.02
C PRO B 187 21.01 60.32 -68.77
N GLN B 188 20.56 61.55 -68.55
CA GLN B 188 19.74 61.84 -67.38
C GLN B 188 18.49 60.96 -67.24
N ASN B 189 18.06 60.32 -68.33
CA ASN B 189 16.89 59.45 -68.26
C ASN B 189 17.29 57.99 -68.16
N GLY B 190 18.53 57.73 -67.76
CA GLY B 190 18.99 56.37 -67.58
C GLY B 190 19.50 55.62 -68.80
N ALA B 191 20.12 56.31 -69.75
CA ALA B 191 20.65 55.65 -70.94
C ALA B 191 21.66 54.60 -70.49
N PRO B 192 21.79 53.50 -71.24
CA PRO B 192 21.10 53.11 -72.48
C PRO B 192 19.79 52.35 -72.25
N VAL B 193 19.76 51.51 -71.22
CA VAL B 193 18.58 50.72 -70.89
C VAL B 193 17.97 51.22 -69.58
N ARG B 194 16.65 51.19 -69.50
CA ARG B 194 15.97 51.72 -68.32
C ARG B 194 14.64 50.98 -68.09
N LEU B 195 14.28 50.77 -66.82
CA LEU B 195 13.04 50.08 -66.53
C LEU B 195 11.87 51.03 -66.27
N ILE B 196 10.70 50.61 -66.73
CA ILE B 196 9.51 51.41 -66.51
C ILE B 196 8.35 50.48 -66.14
N VAL B 197 7.67 50.81 -65.05
CA VAL B 197 6.55 50.01 -64.59
C VAL B 197 5.55 51.08 -64.23
N PRO B 198 4.71 51.48 -65.22
CA PRO B 198 3.67 52.52 -65.15
C PRO B 198 2.71 52.54 -63.99
N TRP B 199 2.39 51.38 -63.43
CA TRP B 199 1.45 51.34 -62.30
C TRP B 199 2.08 51.54 -60.89
N LYS B 200 3.40 51.58 -60.83
CA LYS B 200 4.16 51.76 -59.57
C LYS B 200 4.90 53.09 -59.50
N TYR B 201 5.16 53.55 -58.27
CA TYR B 201 5.88 54.80 -58.10
C TYR B 201 7.18 54.78 -58.88
N GLY B 202 7.62 55.97 -59.29
CA GLY B 202 8.82 56.12 -60.09
C GLY B 202 10.10 55.43 -59.65
N PHE B 203 10.37 55.42 -58.35
CA PHE B 203 11.61 54.81 -57.86
C PHE B 203 11.82 53.35 -58.26
N LYS B 204 10.77 52.72 -58.81
CA LYS B 204 10.88 51.33 -59.27
C LYS B 204 11.49 51.28 -60.67
N GLY B 205 11.34 52.37 -61.41
CA GLY B 205 11.90 52.39 -62.75
C GLY B 205 13.42 52.59 -62.72
N ILE B 206 14.15 51.56 -62.29
CA ILE B 206 15.61 51.63 -62.19
C ILE B 206 16.27 52.02 -63.52
N LYS B 207 17.19 52.99 -63.45
CA LYS B 207 17.92 53.51 -64.60
C LYS B 207 19.23 52.80 -64.90
N SER B 208 19.73 52.99 -66.12
CA SER B 208 21.00 52.42 -66.58
C SER B 208 21.25 51.03 -66.02
N ILE B 209 20.43 50.08 -66.46
CA ILE B 209 20.55 48.70 -66.02
C ILE B 209 21.70 47.95 -66.67
N VAL B 210 22.52 47.32 -65.83
CA VAL B 210 23.64 46.53 -66.33
C VAL B 210 23.50 45.06 -65.91
N SER B 211 22.53 44.76 -65.07
CA SER B 211 22.33 43.39 -64.60
C SER B 211 20.89 43.04 -64.25
N ILE B 212 20.44 41.88 -64.71
CA ILE B 212 19.09 41.40 -64.43
C ILE B 212 19.21 39.96 -63.96
N LYS B 213 18.75 39.67 -62.75
CA LYS B 213 18.86 38.30 -62.24
C LYS B 213 17.56 37.74 -61.66
N LEU B 214 17.26 36.49 -62.03
CA LEU B 214 16.07 35.78 -61.55
C LEU B 214 16.45 35.05 -60.28
N THR B 215 15.71 35.27 -59.21
CA THR B 215 16.03 34.64 -57.95
C THR B 215 14.82 33.93 -57.34
N ARG B 216 15.10 33.09 -56.35
CA ARG B 216 14.09 32.33 -55.64
C ARG B 216 13.44 33.18 -54.56
N GLU B 217 14.21 34.12 -54.03
CA GLU B 217 13.73 35.00 -52.98
C GLU B 217 13.50 36.43 -53.43
N ARG B 218 12.79 37.19 -52.62
CA ARG B 218 12.52 38.59 -52.92
C ARG B 218 13.86 39.32 -52.80
N PRO B 219 14.23 40.10 -53.83
CA PRO B 219 15.51 40.82 -53.75
C PRO B 219 15.41 42.17 -53.07
N PRO B 220 16.57 42.75 -52.70
CA PRO B 220 16.58 44.04 -52.03
C PRO B 220 16.21 45.16 -52.99
N THR B 221 15.80 46.29 -52.43
CA THR B 221 15.44 47.45 -53.21
C THR B 221 16.13 48.63 -52.56
N THR B 222 16.79 49.45 -53.38
CA THR B 222 17.52 50.60 -52.87
C THR B 222 16.72 51.55 -51.98
N TRP B 223 15.54 51.98 -52.42
CA TRP B 223 14.75 52.88 -51.58
C TRP B 223 14.15 52.24 -50.35
N ASN B 224 13.82 50.97 -50.44
CA ASN B 224 13.24 50.29 -49.30
C ASN B 224 14.32 50.07 -48.26
N LEU B 225 15.58 50.00 -48.69
CA LEU B 225 16.67 49.84 -47.75
C LEU B 225 16.90 51.18 -47.07
N ALA B 226 16.82 52.25 -47.86
CA ALA B 226 17.05 53.59 -47.35
C ALA B 226 16.01 54.04 -46.32
N ALA B 227 14.78 53.56 -46.46
CA ALA B 227 13.71 53.93 -45.54
C ALA B 227 12.56 52.93 -45.58
N PRO B 228 12.74 51.78 -44.91
CA PRO B 228 11.80 50.65 -44.80
C PRO B 228 10.37 51.03 -44.44
N ASP B 229 10.22 52.13 -43.72
CA ASP B 229 8.91 52.56 -43.29
C ASP B 229 8.23 53.54 -44.25
N GLU B 230 8.91 53.91 -45.33
CA GLU B 230 8.34 54.88 -46.26
C GLU B 230 8.19 54.38 -47.70
N TYR B 231 9.03 53.42 -48.06
CA TYR B 231 9.04 52.87 -49.40
C TYR B 231 8.92 51.34 -49.32
N GLY B 232 7.84 50.84 -49.89
CA GLY B 232 7.59 49.41 -49.87
C GLY B 232 8.13 48.69 -51.07
N PHE B 233 8.08 47.37 -51.02
CA PHE B 233 8.58 46.57 -52.12
C PHE B 233 7.68 46.67 -53.34
N TYR B 234 6.38 46.58 -53.09
CA TYR B 234 5.41 46.65 -54.17
C TYR B 234 5.30 48.05 -54.75
N ALA B 235 5.21 49.05 -53.88
CA ALA B 235 5.14 50.43 -54.36
C ALA B 235 4.05 50.71 -55.41
N ASN B 236 2.86 50.16 -55.25
CA ASN B 236 1.81 50.45 -56.22
C ASN B 236 1.30 51.89 -56.01
N VAL B 237 1.08 52.61 -57.09
CA VAL B 237 0.55 53.96 -56.95
C VAL B 237 -0.81 53.82 -56.27
N ASN B 238 -1.04 54.51 -55.17
CA ASN B 238 -2.29 54.36 -54.45
C ASN B 238 -2.64 55.63 -53.70
N PRO B 239 -3.74 56.30 -54.09
CA PRO B 239 -4.13 57.54 -53.43
C PRO B 239 -4.74 57.39 -52.04
N TYR B 240 -4.83 56.17 -51.54
CA TYR B 240 -5.40 55.96 -50.20
C TYR B 240 -4.34 55.60 -49.18
N VAL B 241 -3.11 55.45 -49.65
CA VAL B 241 -2.03 55.15 -48.74
C VAL B 241 -1.03 56.30 -48.81
N ASP B 242 -1.03 57.10 -47.76
CA ASP B 242 -0.16 58.24 -47.70
C ASP B 242 1.29 57.96 -47.35
N HIS B 243 2.17 58.84 -47.79
CA HIS B 243 3.58 58.74 -47.48
C HIS B 243 3.71 59.39 -46.10
N PRO B 244 4.56 58.81 -45.23
CA PRO B 244 4.77 59.35 -43.87
C PRO B 244 4.89 60.87 -43.81
N ARG B 245 5.45 61.49 -44.84
CA ARG B 245 5.64 62.93 -44.84
C ARG B 245 4.74 63.78 -45.75
N TRP B 246 3.90 63.13 -46.54
CA TRP B 246 2.98 63.88 -47.41
C TRP B 246 1.87 63.01 -48.01
N SER B 247 0.77 63.68 -48.32
CA SER B 247 -0.40 63.04 -48.90
C SER B 247 -0.15 62.57 -50.32
N GLN B 248 -0.78 61.46 -50.70
CA GLN B 248 -0.64 60.93 -52.06
C GLN B 248 -1.96 61.04 -52.81
N ALA B 249 -2.94 61.68 -52.18
CA ALA B 249 -4.25 61.81 -52.79
C ALA B 249 -4.21 62.64 -54.07
N THR B 250 -3.32 63.61 -54.10
CA THR B 250 -3.24 64.48 -55.25
C THR B 250 -1.80 64.58 -55.76
N GLU B 251 -1.64 64.99 -57.01
CA GLU B 251 -0.33 65.10 -57.62
C GLU B 251 -0.18 66.37 -58.45
N ARG B 252 1.06 66.80 -58.63
CA ARG B 252 1.37 67.98 -59.41
C ARG B 252 1.75 67.46 -60.79
N PHE B 253 0.99 67.83 -61.82
CA PHE B 253 1.29 67.37 -63.17
C PHE B 253 2.29 68.28 -63.85
N ILE B 254 3.33 67.69 -64.44
CA ILE B 254 4.35 68.47 -65.12
C ILE B 254 3.95 68.70 -66.56
N GLY B 255 3.44 69.90 -66.82
CA GLY B 255 3.02 70.26 -68.15
C GLY B 255 3.82 71.49 -68.55
N SER B 256 3.27 72.30 -69.44
CA SER B 256 3.96 73.51 -69.89
C SER B 256 3.45 74.72 -69.08
N GLY B 257 4.33 75.35 -68.30
CA GLY B 257 3.91 76.50 -67.50
C GLY B 257 4.53 76.63 -66.10
N GLN B 263 -0.69 72.20 -62.10
CA GLN B 263 -2.09 71.88 -61.66
C GLN B 263 -2.19 70.56 -60.91
N ARG B 264 -2.59 70.65 -59.64
CA ARG B 264 -2.74 69.46 -58.80
C ARG B 264 -4.00 68.67 -59.17
N GLN B 265 -3.80 67.56 -59.90
CA GLN B 265 -4.90 66.69 -60.30
C GLN B 265 -4.92 65.47 -59.37
N PRO B 266 -6.08 64.84 -59.21
CA PRO B 266 -6.18 63.66 -58.33
C PRO B 266 -5.35 62.49 -58.83
N THR B 267 -4.84 61.71 -57.88
CA THR B 267 -4.01 60.55 -58.20
C THR B 267 -4.92 59.35 -58.43
N LEU B 268 -4.65 58.56 -59.46
CA LEU B 268 -5.46 57.39 -59.77
C LEU B 268 -4.90 56.10 -59.16
N LEU B 269 -5.79 55.15 -58.86
CA LEU B 269 -5.38 53.86 -58.33
C LEU B 269 -4.53 53.17 -59.39
N PHE B 270 -3.37 52.64 -58.99
CA PHE B 270 -2.44 51.98 -59.92
C PHE B 270 -2.10 52.93 -61.07
N ASN B 271 -2.19 54.22 -60.77
CA ASN B 271 -1.86 55.25 -61.73
C ASN B 271 -2.74 55.17 -62.97
N GLY B 272 -3.93 54.62 -62.81
CA GLY B 272 -4.87 54.53 -63.91
C GLY B 272 -4.82 53.25 -64.72
N TYR B 273 -4.13 52.24 -64.23
CA TYR B 273 -4.04 50.96 -64.95
C TYR B 273 -4.69 49.82 -64.16
N ALA B 274 -5.66 50.14 -63.31
CA ALA B 274 -6.29 49.11 -62.48
C ALA B 274 -6.81 47.90 -63.24
N ASP B 275 -7.46 48.15 -64.38
CA ASP B 275 -8.03 47.08 -65.20
C ASP B 275 -7.00 46.04 -65.61
N GLN B 276 -5.83 46.49 -66.04
CA GLN B 276 -4.79 45.58 -66.49
C GLN B 276 -3.94 44.96 -65.39
N VAL B 277 -3.82 45.66 -64.27
CA VAL B 277 -2.96 45.21 -63.20
C VAL B 277 -3.59 44.67 -61.90
N ALA B 278 -4.77 45.17 -61.54
CA ALA B 278 -5.45 44.75 -60.30
C ALA B 278 -5.44 43.24 -60.10
N SER B 279 -5.57 42.53 -61.21
CA SER B 279 -5.55 41.08 -61.21
C SER B 279 -4.37 40.52 -60.37
N LEU B 280 -3.17 41.04 -60.62
CA LEU B 280 -1.97 40.59 -59.93
C LEU B 280 -1.98 40.76 -58.40
N TYR B 281 -2.81 41.67 -57.91
CA TYR B 281 -2.83 41.92 -56.48
C TYR B 281 -4.09 41.53 -55.71
N ARG B 282 -5.15 41.15 -56.41
CA ARG B 282 -6.40 40.77 -55.74
C ARG B 282 -6.26 39.68 -54.68
N GLY B 283 -6.91 39.88 -53.56
CA GLY B 283 -6.89 38.90 -52.48
C GLY B 283 -5.59 38.70 -51.76
N LEU B 284 -4.59 39.52 -52.06
CA LEU B 284 -3.29 39.40 -51.41
C LEU B 284 -3.08 40.59 -50.47
N ASP B 285 -2.58 40.32 -49.26
CA ASP B 285 -2.30 41.40 -48.33
C ASP B 285 -0.82 41.78 -48.47
N LEU B 286 -0.57 42.84 -49.22
CA LEU B 286 0.79 43.32 -49.44
C LEU B 286 1.44 43.81 -48.14
N LYS C 18 -34.53 11.90 -8.82
CA LYS C 18 -34.86 10.51 -9.29
C LYS C 18 -33.79 9.51 -8.85
N ALA C 19 -34.20 8.46 -8.16
CA ALA C 19 -33.25 7.44 -7.72
C ALA C 19 -32.94 6.48 -8.89
N LEU C 20 -31.66 6.21 -9.13
CA LEU C 20 -31.28 5.30 -10.21
C LEU C 20 -30.33 4.15 -9.83
N GLU C 21 -30.14 3.22 -10.75
CA GLU C 21 -29.30 2.05 -10.52
C GLU C 21 -27.82 2.27 -10.80
N PHE C 22 -26.96 1.76 -9.93
CA PHE C 22 -25.52 1.93 -10.09
C PHE C 22 -24.70 1.06 -9.14
N SER C 23 -23.51 0.64 -9.58
CA SER C 23 -22.63 -0.17 -8.75
C SER C 23 -21.71 0.75 -7.96
N LYS C 24 -20.82 0.16 -7.17
CA LYS C 24 -19.87 0.93 -6.36
C LYS C 24 -18.47 0.35 -6.42
N PRO C 25 -17.84 0.41 -7.60
CA PRO C 25 -16.47 -0.11 -7.76
C PRO C 25 -15.63 0.28 -6.55
N ALA C 26 -14.93 -0.69 -5.97
CA ALA C 26 -14.10 -0.43 -4.80
C ALA C 26 -13.02 0.62 -5.03
N ALA C 27 -12.53 0.71 -6.27
CA ALA C 27 -11.49 1.65 -6.60
C ALA C 27 -11.92 3.10 -6.41
N TRP C 28 -13.20 3.38 -6.63
CA TRP C 28 -13.71 4.74 -6.50
C TRP C 28 -14.40 4.99 -5.16
N GLN C 29 -14.23 4.05 -4.24
CA GLN C 29 -14.82 4.16 -2.91
C GLN C 29 -13.65 4.55 -1.99
N ASN C 30 -13.91 5.31 -0.94
CA ASN C 30 -12.85 5.70 -0.02
C ASN C 30 -13.39 6.28 1.28
N ASN C 31 -12.50 6.64 2.19
CA ASN C 31 -12.91 7.19 3.49
C ASN C 31 -12.81 8.70 3.63
N LEU C 32 -12.88 9.43 2.52
CA LEU C 32 -12.79 10.88 2.56
C LEU C 32 -14.07 11.45 3.13
N PRO C 33 -13.95 12.36 4.12
CA PRO C 33 -15.19 12.92 4.66
C PRO C 33 -15.93 13.58 3.49
N LEU C 34 -17.24 13.36 3.45
CA LEU C 34 -18.09 13.89 2.39
C LEU C 34 -18.67 15.27 2.66
N THR C 35 -19.02 15.95 1.59
CA THR C 35 -19.65 17.26 1.71
C THR C 35 -21.16 16.95 1.79
N PRO C 36 -21.90 17.63 2.68
CA PRO C 36 -23.34 17.41 2.81
C PRO C 36 -24.08 17.57 1.48
N ALA C 37 -25.12 16.78 1.27
CA ALA C 37 -25.90 16.83 0.03
C ALA C 37 -26.48 18.21 -0.24
N ASP C 38 -26.89 18.90 0.83
CA ASP C 38 -27.48 20.23 0.70
C ASP C 38 -26.48 21.32 0.33
N LYS C 39 -25.20 21.08 0.58
CA LYS C 39 -24.16 22.04 0.23
C LYS C 39 -23.81 21.73 -1.20
N VAL C 40 -23.64 20.46 -1.52
CA VAL C 40 -23.34 20.05 -2.88
C VAL C 40 -24.39 20.63 -3.83
N SER C 41 -25.63 20.72 -3.39
CA SER C 41 -26.69 21.26 -4.26
C SER C 41 -27.24 22.61 -3.87
N GLY C 42 -26.52 23.31 -3.00
CA GLY C 42 -26.92 24.64 -2.58
C GLY C 42 -25.75 25.63 -2.58
N TYR C 43 -24.57 25.17 -2.97
CA TYR C 43 -23.40 26.05 -3.02
C TYR C 43 -22.80 25.75 -4.40
N ASN C 44 -23.24 26.54 -5.40
CA ASN C 44 -22.83 26.34 -6.79
C ASN C 44 -22.35 27.50 -7.67
N ASN C 45 -21.61 27.10 -8.69
CA ASN C 45 -21.13 28.02 -9.70
C ASN C 45 -21.81 27.58 -11.03
N PHE C 46 -22.85 28.29 -11.44
CA PHE C 46 -23.60 28.02 -12.68
C PHE C 46 -24.02 29.42 -13.08
N TYR C 47 -23.13 30.10 -13.78
CA TYR C 47 -23.33 31.47 -14.14
C TYR C 47 -24.52 31.73 -15.02
N GLU C 48 -24.90 30.72 -15.81
CA GLU C 48 -26.08 30.91 -16.65
C GLU C 48 -27.28 31.28 -15.76
N PHE C 49 -27.18 30.99 -14.46
CA PHE C 49 -28.28 31.28 -13.55
C PHE C 49 -27.92 32.33 -12.51
N GLY C 50 -26.83 33.08 -12.74
CA GLY C 50 -26.44 34.08 -11.78
C GLY C 50 -25.17 33.74 -11.01
N LEU C 51 -24.39 34.77 -10.72
CA LEU C 51 -23.10 34.69 -10.03
C LEU C 51 -23.04 34.13 -8.62
N ASP C 52 -24.01 34.46 -7.78
CA ASP C 52 -23.98 34.01 -6.40
C ASP C 52 -24.08 32.49 -6.23
N LYS C 53 -23.52 32.03 -5.11
CA LYS C 53 -23.51 30.62 -4.77
C LYS C 53 -24.91 30.03 -4.59
N ALA C 54 -25.85 30.85 -4.17
CA ALA C 54 -27.21 30.35 -3.99
C ALA C 54 -28.09 30.58 -5.22
N ASP C 55 -27.65 31.41 -6.16
CA ASP C 55 -28.47 31.70 -7.33
C ASP C 55 -28.88 30.47 -8.14
N PRO C 56 -27.94 29.55 -8.39
CA PRO C 56 -28.32 28.37 -9.16
C PRO C 56 -29.43 27.53 -8.55
N ALA C 57 -29.38 27.26 -7.25
CA ALA C 57 -30.39 26.45 -6.61
C ALA C 57 -31.75 27.14 -6.64
N ALA C 58 -31.74 28.47 -6.68
CA ALA C 58 -32.99 29.19 -6.67
C ALA C 58 -33.54 29.53 -8.04
N ASN C 59 -32.78 29.28 -9.11
CA ASN C 59 -33.24 29.62 -10.45
C ASN C 59 -33.21 28.48 -11.47
N ALA C 60 -32.28 27.55 -11.30
CA ALA C 60 -32.10 26.43 -12.22
C ALA C 60 -33.37 25.61 -12.46
N GLY C 61 -34.33 25.72 -11.56
CA GLY C 61 -35.57 24.98 -11.69
C GLY C 61 -36.33 25.26 -12.97
N SER C 62 -36.02 26.40 -13.59
CA SER C 62 -36.66 26.82 -14.83
C SER C 62 -36.07 26.19 -16.07
N LEU C 63 -35.11 25.28 -15.90
CA LEU C 63 -34.45 24.64 -17.03
C LEU C 63 -35.01 23.22 -17.21
N LYS C 64 -35.64 22.96 -18.35
CA LYS C 64 -36.19 21.63 -18.62
C LYS C 64 -35.08 20.72 -19.10
N THR C 65 -34.89 19.63 -18.37
CA THR C 65 -33.81 18.71 -18.68
C THR C 65 -34.24 17.42 -19.34
N ASP C 66 -35.54 17.30 -19.57
CA ASP C 66 -36.11 16.12 -20.21
C ASP C 66 -37.22 16.71 -21.05
N PRO C 67 -37.19 16.54 -22.40
CA PRO C 67 -36.26 15.85 -23.28
C PRO C 67 -34.86 16.49 -23.36
N TRP C 68 -33.88 15.70 -23.82
CA TRP C 68 -32.52 16.21 -23.96
C TRP C 68 -31.82 15.53 -25.14
N THR C 69 -30.97 16.28 -25.84
CA THR C 69 -30.21 15.75 -26.97
C THR C 69 -28.73 16.10 -26.84
N LEU C 70 -27.89 15.07 -26.73
CA LEU C 70 -26.46 15.29 -26.62
C LEU C 70 -25.87 14.71 -27.88
N LYS C 71 -25.29 15.55 -28.73
CA LYS C 71 -24.73 15.11 -29.99
C LYS C 71 -23.20 14.98 -30.05
N ILE C 72 -22.71 13.79 -30.39
CA ILE C 72 -21.27 13.52 -30.51
C ILE C 72 -20.91 13.60 -31.98
N SER C 73 -19.97 14.46 -32.35
CA SER C 73 -19.59 14.61 -33.75
C SER C 73 -18.12 14.96 -34.01
N GLY C 74 -17.86 15.50 -35.19
CA GLY C 74 -16.50 15.88 -35.55
C GLY C 74 -15.63 14.76 -36.10
N GLU C 75 -14.35 14.77 -35.73
CA GLU C 75 -13.41 13.74 -36.19
C GLU C 75 -13.76 12.39 -35.56
N VAL C 76 -14.97 11.95 -35.89
CA VAL C 76 -15.50 10.69 -35.38
C VAL C 76 -15.91 9.80 -36.55
N ALA C 77 -15.73 8.50 -36.37
CA ALA C 77 -16.08 7.54 -37.41
C ALA C 77 -17.58 7.32 -37.40
N LYS C 78 -18.13 7.11 -36.22
CA LYS C 78 -19.57 6.87 -36.11
C LYS C 78 -20.28 7.88 -35.24
N PRO C 79 -20.60 9.07 -35.80
CA PRO C 79 -21.29 10.12 -35.05
C PRO C 79 -22.64 9.62 -34.57
N LEU C 80 -23.04 10.05 -33.37
CA LEU C 80 -24.31 9.61 -32.83
C LEU C 80 -24.90 10.66 -31.92
N THR C 81 -26.13 10.41 -31.48
CA THR C 81 -26.83 11.32 -30.59
C THR C 81 -27.57 10.53 -29.53
N LEU C 82 -27.49 10.98 -28.28
CA LEU C 82 -28.16 10.31 -27.17
C LEU C 82 -29.34 11.15 -26.70
N ASP C 83 -30.37 10.51 -26.15
CA ASP C 83 -31.50 11.28 -25.64
C ASP C 83 -31.47 11.18 -24.11
N HIS C 84 -32.45 11.76 -23.44
CA HIS C 84 -32.49 11.76 -21.98
C HIS C 84 -32.31 10.38 -21.34
N ASP C 85 -33.10 9.40 -21.78
CA ASP C 85 -33.03 8.06 -21.24
C ASP C 85 -31.68 7.39 -21.43
N ASP C 86 -31.01 7.68 -22.54
CA ASP C 86 -29.71 7.10 -22.83
C ASP C 86 -28.70 7.42 -21.74
N LEU C 87 -28.74 8.67 -21.27
CA LEU C 87 -27.83 9.16 -20.23
C LEU C 87 -27.69 8.25 -19.02
N THR C 88 -28.79 7.65 -18.59
CA THR C 88 -28.74 6.78 -17.42
C THR C 88 -28.93 5.29 -17.73
N ARG C 89 -29.01 4.93 -19.02
CA ARG C 89 -29.19 3.54 -19.42
C ARG C 89 -28.13 3.01 -20.37
N ARG C 90 -27.84 3.78 -21.42
CA ARG C 90 -26.86 3.40 -22.42
C ARG C 90 -25.64 2.68 -21.86
N PHE C 91 -25.06 3.21 -20.79
CA PHE C 91 -23.88 2.59 -20.19
C PHE C 91 -24.10 2.30 -18.72
N PRO C 92 -23.31 1.37 -18.16
CA PRO C 92 -23.42 1.03 -16.74
C PRO C 92 -22.94 2.18 -15.85
N LEU C 93 -23.78 2.55 -14.87
CA LEU C 93 -23.47 3.63 -13.97
C LEU C 93 -22.71 3.23 -12.72
N GLU C 94 -21.71 4.03 -12.36
CA GLU C 94 -20.93 3.77 -11.17
C GLU C 94 -20.98 4.99 -10.29
N GLU C 95 -20.77 4.78 -8.99
CA GLU C 95 -20.70 5.89 -8.07
C GLU C 95 -19.19 6.09 -7.91
N ARG C 96 -18.77 7.35 -7.72
CA ARG C 96 -17.36 7.65 -7.53
C ARG C 96 -17.27 8.85 -6.61
N ILE C 97 -16.51 8.68 -5.53
CA ILE C 97 -16.33 9.73 -4.55
C ILE C 97 -15.02 10.45 -4.88
N TYR C 98 -15.18 11.61 -5.48
CA TYR C 98 -14.08 12.43 -5.94
C TYR C 98 -13.96 13.72 -5.17
N ARG C 99 -12.76 14.28 -5.18
CA ARG C 99 -12.56 15.60 -4.58
C ARG C 99 -12.94 16.52 -5.76
N MET C 100 -13.46 17.69 -5.46
CA MET C 100 -13.85 18.66 -6.47
C MET C 100 -13.26 19.98 -5.99
N ARG C 101 -12.25 20.48 -6.71
CA ARG C 101 -11.53 21.72 -6.35
C ARG C 101 -11.85 22.86 -7.32
N CYS C 102 -12.56 23.87 -6.86
CA CYS C 102 -12.86 25.01 -7.70
C CYS C 102 -11.59 25.91 -7.63
N VAL C 103 -11.37 26.69 -8.68
CA VAL C 103 -10.20 27.55 -8.77
C VAL C 103 -10.21 28.61 -7.66
N GLU C 104 -11.39 28.92 -7.12
CA GLU C 104 -11.59 29.90 -6.07
C GLU C 104 -11.08 29.44 -4.69
N ALA C 105 -10.43 28.30 -4.60
CA ALA C 105 -9.89 27.80 -3.34
C ALA C 105 -10.88 27.20 -2.33
N TRP C 106 -11.99 26.64 -2.80
CA TRP C 106 -12.86 25.92 -1.89
C TRP C 106 -12.96 24.56 -2.55
N SER C 107 -13.31 23.54 -1.78
CA SER C 107 -13.37 22.21 -2.35
C SER C 107 -14.47 21.37 -1.73
N MET C 108 -14.76 20.24 -2.34
CA MET C 108 -15.77 19.35 -1.81
C MET C 108 -15.32 17.94 -2.11
N VAL C 109 -16.05 17.00 -1.52
CA VAL C 109 -15.84 15.56 -1.72
C VAL C 109 -17.28 15.15 -2.03
N VAL C 110 -17.43 14.58 -3.22
CA VAL C 110 -18.74 14.26 -3.77
C VAL C 110 -18.86 12.86 -4.34
N PRO C 111 -19.97 12.19 -4.06
CA PRO C 111 -20.17 10.84 -4.58
C PRO C 111 -21.00 10.99 -5.86
N TRP C 112 -20.31 11.27 -6.95
CA TRP C 112 -20.93 11.44 -8.26
C TRP C 112 -21.39 10.11 -8.79
N ILE C 113 -22.23 10.15 -9.80
CA ILE C 113 -22.71 8.94 -10.44
C ILE C 113 -22.71 9.12 -11.95
N GLY C 114 -22.07 8.20 -12.65
CA GLY C 114 -22.03 8.31 -14.09
C GLY C 114 -21.20 7.21 -14.66
N PHE C 115 -20.72 7.43 -15.88
CA PHE C 115 -19.89 6.45 -16.58
C PHE C 115 -18.66 7.15 -17.18
N PRO C 116 -17.50 6.48 -17.19
CA PRO C 116 -16.32 7.13 -17.76
C PRO C 116 -16.54 7.50 -19.22
N LEU C 117 -16.02 8.67 -19.59
CA LEU C 117 -16.12 9.23 -20.94
C LEU C 117 -15.53 8.35 -22.01
N HIS C 118 -14.43 7.65 -21.74
CA HIS C 118 -13.83 6.80 -22.78
C HIS C 118 -14.76 5.72 -23.33
N LYS C 119 -15.84 5.40 -22.61
CA LYS C 119 -16.79 4.41 -23.09
C LYS C 119 -17.68 5.04 -24.17
N LEU C 120 -18.02 6.31 -23.97
CA LEU C 120 -18.85 7.00 -24.95
C LEU C 120 -18.00 7.32 -26.17
N LEU C 121 -16.77 7.77 -25.95
CA LEU C 121 -15.91 8.08 -27.06
C LEU C 121 -15.57 6.84 -27.87
N ALA C 122 -15.48 5.69 -27.20
CA ALA C 122 -15.15 4.46 -27.93
C ALA C 122 -16.27 4.21 -28.94
N LEU C 123 -17.52 4.27 -28.50
CA LEU C 123 -18.67 4.08 -29.39
C LEU C 123 -18.63 4.93 -30.64
N ALA C 124 -18.13 6.16 -30.51
CA ALA C 124 -18.07 7.04 -31.65
C ALA C 124 -16.88 6.71 -32.52
N GLU C 125 -15.88 6.05 -31.94
CA GLU C 125 -14.67 5.69 -32.67
C GLU C 125 -13.97 6.91 -33.25
N PRO C 126 -13.18 7.63 -32.43
CA PRO C 126 -12.49 8.81 -32.96
C PRO C 126 -11.49 8.43 -34.05
N THR C 127 -11.37 9.28 -35.06
CA THR C 127 -10.44 9.02 -36.15
C THR C 127 -9.03 9.29 -35.65
N SER C 128 -8.06 9.02 -36.51
CA SER C 128 -6.66 9.23 -36.16
C SER C 128 -6.28 10.70 -36.23
N ASN C 129 -7.22 11.55 -36.63
CA ASN C 129 -6.94 12.98 -36.71
C ASN C 129 -7.44 13.74 -35.48
N ALA C 130 -8.31 13.11 -34.70
CA ALA C 130 -8.86 13.74 -33.50
C ALA C 130 -7.79 13.93 -32.44
N LYS C 131 -7.63 15.17 -31.96
CA LYS C 131 -6.64 15.44 -30.93
C LYS C 131 -7.27 16.08 -29.70
N TYR C 132 -8.46 16.66 -29.87
CA TYR C 132 -9.12 17.29 -28.75
C TYR C 132 -10.60 16.99 -28.74
N VAL C 133 -11.25 17.37 -27.65
CA VAL C 133 -12.66 17.17 -27.49
C VAL C 133 -13.16 18.52 -27.00
N ALA C 134 -14.17 19.07 -27.66
CA ALA C 134 -14.74 20.36 -27.28
C ALA C 134 -16.15 20.10 -26.76
N PHE C 135 -16.50 20.68 -25.61
CA PHE C 135 -17.82 20.43 -25.05
C PHE C 135 -18.54 21.74 -25.07
N GLU C 136 -19.87 21.68 -25.09
CA GLU C 136 -20.71 22.89 -25.13
C GLU C 136 -21.98 22.70 -24.32
N THR C 137 -22.31 23.74 -23.56
CA THR C 137 -23.49 23.75 -22.73
C THR C 137 -24.71 24.29 -23.49
N ILE C 138 -25.88 23.80 -23.13
CA ILE C 138 -27.09 24.25 -23.78
C ILE C 138 -27.17 25.75 -23.77
N TYR C 139 -27.82 26.29 -24.80
CA TYR C 139 -28.03 27.71 -24.96
C TYR C 139 -29.55 27.94 -24.92
N ALA C 140 -30.04 28.43 -23.79
CA ALA C 140 -31.47 28.71 -23.59
C ALA C 140 -31.66 30.02 -22.82
N PRO C 141 -31.41 31.16 -23.48
CA PRO C 141 -31.54 32.49 -22.87
C PRO C 141 -32.88 32.77 -22.19
N GLU C 142 -33.96 32.21 -22.70
CA GLU C 142 -35.24 32.48 -22.09
C GLU C 142 -35.46 31.68 -20.83
N GLN C 143 -34.56 30.74 -20.54
CA GLN C 143 -34.68 29.94 -19.34
C GLN C 143 -33.48 30.17 -18.43
N MET C 144 -32.47 30.88 -18.94
CA MET C 144 -31.25 31.15 -18.17
C MET C 144 -30.98 32.64 -18.01
N PRO C 145 -31.41 33.22 -16.89
CA PRO C 145 -31.22 34.66 -16.63
C PRO C 145 -29.82 35.15 -16.93
N GLY C 146 -28.82 34.35 -16.63
CA GLY C 146 -27.46 34.76 -16.88
C GLY C 146 -27.07 34.97 -18.34
N GLN C 147 -27.79 34.33 -19.27
CA GLN C 147 -27.48 34.48 -20.69
C GLN C 147 -28.16 35.71 -21.30
N GLN C 148 -28.70 36.59 -20.46
CA GLN C 148 -29.37 37.80 -20.93
C GLN C 148 -28.78 39.08 -20.36
N ASP C 149 -28.22 39.01 -19.16
CA ASP C 149 -27.65 40.19 -18.52
C ASP C 149 -26.13 40.06 -18.32
N ARG C 150 -25.39 41.00 -18.88
CA ARG C 150 -23.93 41.02 -18.80
C ARG C 150 -23.32 40.89 -17.39
N PHE C 151 -24.02 41.38 -16.37
CA PHE C 151 -23.48 41.28 -15.02
C PHE C 151 -23.99 40.04 -14.31
N ILE C 152 -25.26 39.73 -14.49
CA ILE C 152 -25.87 38.55 -13.88
C ILE C 152 -25.12 37.28 -14.29
N GLY C 153 -24.73 37.23 -15.55
CA GLY C 153 -24.02 36.09 -16.09
C GLY C 153 -22.52 36.22 -15.98
N GLY C 154 -22.08 37.24 -15.24
CA GLY C 154 -20.67 37.46 -15.02
C GLY C 154 -19.85 37.78 -16.25
N GLY C 155 -20.51 38.21 -17.32
CA GLY C 155 -19.81 38.57 -18.55
C GLY C 155 -19.13 37.46 -19.34
N LEU C 156 -19.59 36.23 -19.18
CA LEU C 156 -18.99 35.15 -19.94
C LEU C 156 -19.63 35.17 -21.34
N LYS C 157 -18.91 34.64 -22.31
CA LYS C 157 -19.43 34.59 -23.65
C LYS C 157 -20.22 33.28 -23.78
N TYR C 158 -21.55 33.36 -23.76
CA TYR C 158 -22.38 32.16 -23.86
C TYR C 158 -22.63 31.70 -25.31
N PRO C 159 -22.84 30.39 -25.51
CA PRO C 159 -22.86 29.33 -24.49
C PRO C 159 -21.49 28.98 -23.90
N TYR C 160 -21.51 28.32 -22.74
CA TYR C 160 -20.30 27.92 -22.01
C TYR C 160 -19.68 26.78 -22.76
N VAL C 161 -18.39 26.89 -23.04
CA VAL C 161 -17.68 25.86 -23.79
C VAL C 161 -16.38 25.42 -23.10
N GLU C 162 -15.96 24.18 -23.33
CA GLU C 162 -14.75 23.65 -22.74
C GLU C 162 -14.05 22.68 -23.66
N GLY C 163 -12.80 22.37 -23.37
CA GLY C 163 -12.07 21.44 -24.19
C GLY C 163 -11.06 20.64 -23.40
N LEU C 164 -10.78 19.43 -23.89
CA LEU C 164 -9.81 18.56 -23.26
C LEU C 164 -8.98 17.94 -24.35
N ARG C 165 -7.73 17.61 -24.02
CA ARG C 165 -6.86 16.95 -24.96
C ARG C 165 -7.49 15.56 -25.02
N LEU C 166 -7.33 14.86 -26.13
CA LEU C 166 -7.92 13.54 -26.26
C LEU C 166 -7.51 12.55 -25.15
N ASP C 167 -6.23 12.44 -24.85
CA ASP C 167 -5.80 11.50 -23.82
C ASP C 167 -6.39 11.87 -22.47
N GLU C 168 -6.61 13.16 -22.21
CA GLU C 168 -7.22 13.56 -20.95
C GLU C 168 -8.67 13.09 -20.98
N ALA C 169 -9.35 13.28 -22.11
CA ALA C 169 -10.75 12.89 -22.22
C ALA C 169 -10.88 11.38 -22.06
N MET C 170 -9.85 10.65 -22.49
CA MET C 170 -9.86 9.20 -22.42
C MET C 170 -9.42 8.61 -21.08
N HIS C 171 -8.87 9.44 -20.20
CA HIS C 171 -8.41 8.95 -18.92
C HIS C 171 -9.54 8.32 -18.12
N PRO C 172 -9.26 7.17 -17.49
CA PRO C 172 -10.25 6.45 -16.68
C PRO C 172 -11.00 7.28 -15.63
N LEU C 173 -10.37 8.34 -15.12
CA LEU C 173 -11.00 9.19 -14.11
C LEU C 173 -12.03 10.15 -14.65
N THR C 174 -11.92 10.57 -15.91
CA THR C 174 -12.88 11.56 -16.39
C THR C 174 -14.23 10.95 -16.68
N LEU C 175 -15.26 11.48 -16.02
CA LEU C 175 -16.57 10.91 -16.20
C LEU C 175 -17.77 11.79 -16.47
N MET C 176 -18.62 11.27 -17.37
CA MET C 176 -19.86 11.93 -17.73
C MET C 176 -20.69 11.68 -16.47
N THR C 177 -21.16 12.75 -15.84
CA THR C 177 -21.91 12.63 -14.60
C THR C 177 -23.40 12.86 -14.85
N VAL C 178 -24.25 11.97 -14.31
CA VAL C 178 -25.69 12.07 -14.49
C VAL C 178 -26.44 12.10 -13.17
N GLY C 179 -25.73 11.86 -12.08
CA GLY C 179 -26.35 11.92 -10.76
C GLY C 179 -25.38 12.15 -9.63
N VAL C 180 -25.91 12.45 -8.46
CA VAL C 180 -25.08 12.66 -7.29
C VAL C 180 -25.87 12.19 -6.07
N TYR C 181 -25.20 11.50 -5.15
CA TYR C 181 -25.85 10.99 -3.94
C TYR C 181 -27.02 10.06 -4.25
N GLY C 182 -26.76 9.11 -5.14
CA GLY C 182 -27.76 8.12 -5.50
C GLY C 182 -28.93 8.56 -6.36
N LYS C 183 -29.01 9.83 -6.72
CA LYS C 183 -30.13 10.30 -7.52
C LYS C 183 -29.75 11.13 -8.74
N ALA C 184 -30.67 11.30 -9.68
CA ALA C 184 -30.43 12.10 -10.88
C ALA C 184 -30.01 13.51 -10.44
N LEU C 185 -29.12 14.11 -11.21
CA LEU C 185 -28.59 15.44 -10.91
C LEU C 185 -29.59 16.56 -10.81
N PRO C 186 -29.58 17.31 -9.70
CA PRO C 186 -30.50 18.44 -9.54
C PRO C 186 -30.03 19.44 -10.62
N PRO C 187 -30.95 20.24 -11.18
CA PRO C 187 -30.48 21.18 -12.21
C PRO C 187 -29.32 22.15 -11.85
N GLN C 188 -29.13 22.49 -10.57
CA GLN C 188 -28.06 23.41 -10.19
C GLN C 188 -26.68 22.76 -10.48
N ASN C 189 -26.60 21.44 -10.40
CA ASN C 189 -25.34 20.76 -10.64
C ASN C 189 -25.16 20.39 -12.11
N GLY C 190 -25.80 21.14 -13.01
CA GLY C 190 -25.64 20.85 -14.43
C GLY C 190 -26.47 19.68 -14.93
N ALA C 191 -27.75 19.65 -14.56
CA ALA C 191 -28.69 18.61 -14.96
C ALA C 191 -28.73 18.39 -16.47
N PRO C 192 -28.82 17.09 -16.87
CA PRO C 192 -28.90 15.72 -17.32
C PRO C 192 -27.51 15.12 -17.36
N VAL C 193 -26.59 15.81 -18.02
CA VAL C 193 -25.20 15.37 -18.16
C VAL C 193 -24.26 16.50 -17.79
N ARG C 194 -23.19 16.13 -17.13
CA ARG C 194 -22.23 17.11 -16.65
C ARG C 194 -20.84 16.45 -16.74
N LEU C 195 -19.79 17.21 -17.03
CA LEU C 195 -18.45 16.60 -17.08
C LEU C 195 -17.71 16.79 -15.76
N ILE C 196 -16.87 15.82 -15.40
CA ILE C 196 -16.10 15.90 -14.18
C ILE C 196 -14.68 15.39 -14.47
N VAL C 197 -13.70 16.25 -14.21
CA VAL C 197 -12.27 15.92 -14.40
C VAL C 197 -11.74 16.33 -13.03
N PRO C 198 -11.71 15.38 -12.10
CA PRO C 198 -11.28 15.58 -10.72
C PRO C 198 -9.88 16.16 -10.41
N TRP C 199 -8.91 15.99 -11.30
CA TRP C 199 -7.56 16.52 -11.08
C TRP C 199 -7.37 17.96 -11.59
N LYS C 200 -8.44 18.54 -12.14
CA LYS C 200 -8.41 19.90 -12.69
C LYS C 200 -9.34 20.81 -11.95
N TYR C 201 -9.14 22.11 -12.10
CA TYR C 201 -10.01 23.06 -11.44
C TYR C 201 -11.45 22.89 -11.94
N GLY C 202 -12.40 23.21 -11.07
CA GLY C 202 -13.80 23.06 -11.34
C GLY C 202 -14.37 23.58 -12.63
N PHE C 203 -13.85 24.70 -13.14
CA PHE C 203 -14.40 25.30 -14.35
C PHE C 203 -14.31 24.44 -15.60
N LYS C 204 -13.48 23.39 -15.54
CA LYS C 204 -13.35 22.48 -16.66
C LYS C 204 -14.54 21.49 -16.68
N GLY C 205 -15.24 21.36 -15.55
CA GLY C 205 -16.36 20.43 -15.44
C GLY C 205 -17.62 21.08 -15.96
N ILE C 206 -17.73 21.16 -17.28
CA ILE C 206 -18.84 21.85 -17.92
C ILE C 206 -20.21 21.19 -17.67
N LYS C 207 -21.21 22.01 -17.34
CA LYS C 207 -22.53 21.51 -17.06
C LYS C 207 -23.47 21.48 -18.25
N SER C 208 -24.57 20.76 -18.07
CA SER C 208 -25.66 20.63 -19.05
C SER C 208 -25.11 20.58 -20.48
N ILE C 209 -24.36 19.53 -20.78
CA ILE C 209 -23.73 19.37 -22.07
C ILE C 209 -24.73 18.97 -23.14
N VAL C 210 -24.66 19.68 -24.26
CA VAL C 210 -25.57 19.41 -25.33
C VAL C 210 -24.76 18.95 -26.54
N SER C 211 -23.43 19.15 -26.49
CA SER C 211 -22.58 18.78 -27.62
C SER C 211 -21.13 18.39 -27.31
N ILE C 212 -20.69 17.30 -27.91
CA ILE C 212 -19.32 16.86 -27.75
C ILE C 212 -18.75 16.67 -29.16
N LYS C 213 -17.72 17.45 -29.49
CA LYS C 213 -17.10 17.35 -30.80
C LYS C 213 -15.60 17.08 -30.72
N LEU C 214 -15.15 16.07 -31.47
CA LEU C 214 -13.74 15.70 -31.52
C LEU C 214 -13.12 16.57 -32.60
N THR C 215 -12.06 17.29 -32.27
CA THR C 215 -11.44 18.19 -33.23
C THR C 215 -9.96 17.94 -33.46
N ARG C 216 -9.42 18.63 -34.45
CA ARG C 216 -8.01 18.50 -34.81
C ARG C 216 -7.16 19.51 -34.05
N GLU C 217 -7.72 20.68 -33.79
CA GLU C 217 -6.99 21.71 -33.07
C GLU C 217 -7.57 21.93 -31.68
N ARG C 218 -6.87 22.72 -30.87
CA ARG C 218 -7.30 23.02 -29.51
C ARG C 218 -8.57 23.89 -29.48
N PRO C 219 -9.62 23.43 -28.79
CA PRO C 219 -10.80 24.29 -28.80
C PRO C 219 -10.72 25.42 -27.78
N PRO C 220 -11.62 26.42 -27.92
CA PRO C 220 -11.63 27.56 -27.00
C PRO C 220 -12.29 27.10 -25.69
N THR C 221 -12.07 27.89 -24.64
CA THR C 221 -12.59 27.61 -23.32
C THR C 221 -13.18 28.88 -22.74
N THR C 222 -14.43 28.83 -22.31
CA THR C 222 -15.06 30.01 -21.77
C THR C 222 -14.22 30.81 -20.79
N TRP C 223 -13.71 30.18 -19.73
CA TRP C 223 -12.91 30.92 -18.74
C TRP C 223 -11.55 31.39 -19.26
N ASN C 224 -10.91 30.62 -20.13
CA ASN C 224 -9.64 31.04 -20.69
C ASN C 224 -9.86 32.24 -21.62
N LEU C 225 -11.03 32.29 -22.26
CA LEU C 225 -11.35 33.40 -23.16
C LEU C 225 -11.66 34.66 -22.36
N ALA C 226 -12.35 34.51 -21.23
CA ALA C 226 -12.72 35.65 -20.40
C ALA C 226 -11.56 36.28 -19.65
N ALA C 227 -10.52 35.50 -19.38
CA ALA C 227 -9.35 35.99 -18.66
C ALA C 227 -8.12 35.12 -18.92
N PRO C 228 -7.60 35.15 -20.15
CA PRO C 228 -6.45 34.39 -20.64
C PRO C 228 -5.24 34.30 -19.71
N ASP C 229 -5.07 35.32 -18.88
CA ASP C 229 -3.95 35.40 -17.94
C ASP C 229 -4.23 34.80 -16.58
N GLU C 230 -5.46 34.33 -16.35
CA GLU C 230 -5.82 33.78 -15.05
C GLU C 230 -6.25 32.31 -15.14
N TYR C 231 -6.91 31.96 -16.23
CA TYR C 231 -7.41 30.60 -16.44
C TYR C 231 -6.79 30.00 -17.67
N GLY C 232 -6.06 28.91 -17.47
CA GLY C 232 -5.41 28.26 -18.58
C GLY C 232 -6.24 27.15 -19.20
N PHE C 233 -5.68 26.54 -20.23
CA PHE C 233 -6.36 25.46 -20.90
C PHE C 233 -6.24 24.15 -20.14
N TYR C 234 -5.08 23.88 -19.56
CA TYR C 234 -4.89 22.65 -18.81
C TYR C 234 -5.53 22.74 -17.43
N ALA C 235 -5.26 23.83 -16.73
CA ALA C 235 -5.86 24.05 -15.42
C ALA C 235 -5.67 22.91 -14.42
N ASN C 236 -4.48 22.35 -14.35
CA ASN C 236 -4.28 21.26 -13.40
C ASN C 236 -4.21 21.78 -11.97
N VAL C 237 -4.84 21.09 -11.03
CA VAL C 237 -4.78 21.59 -9.66
C VAL C 237 -3.32 21.51 -9.21
N ASN C 238 -2.76 22.65 -8.81
CA ASN C 238 -1.35 22.68 -8.41
C ASN C 238 -1.15 23.75 -7.33
N PRO C 239 -0.74 23.34 -6.12
CA PRO C 239 -0.50 24.27 -5.01
C PRO C 239 0.67 25.22 -5.23
N TYR C 240 1.60 24.81 -6.08
CA TYR C 240 2.78 25.63 -6.39
C TYR C 240 2.58 26.72 -7.43
N VAL C 241 1.45 26.72 -8.14
CA VAL C 241 1.18 27.77 -9.14
C VAL C 241 -0.02 28.61 -8.67
N ASP C 242 0.25 29.86 -8.32
CA ASP C 242 -0.78 30.76 -7.82
C ASP C 242 -1.65 31.41 -8.86
N HIS C 243 -2.81 31.89 -8.43
CA HIS C 243 -3.73 32.59 -9.29
C HIS C 243 -3.34 34.05 -9.11
N PRO C 244 -3.44 34.87 -10.17
CA PRO C 244 -3.08 36.28 -10.09
C PRO C 244 -3.62 36.98 -8.85
N ARG C 245 -4.86 36.66 -8.49
CA ARG C 245 -5.52 37.29 -7.37
C ARG C 245 -5.59 36.54 -6.04
N TRP C 246 -4.94 35.38 -5.95
CA TRP C 246 -4.93 34.63 -4.69
C TRP C 246 -4.09 33.37 -4.75
N SER C 247 -3.55 32.99 -3.60
CA SER C 247 -2.73 31.78 -3.49
C SER C 247 -3.58 30.51 -3.63
N GLN C 248 -2.98 29.44 -4.16
CA GLN C 248 -3.65 28.16 -4.38
C GLN C 248 -3.06 27.08 -3.50
N ALA C 249 -2.21 27.50 -2.55
CA ALA C 249 -1.54 26.53 -1.68
C ALA C 249 -2.48 25.90 -0.67
N THR C 250 -3.52 26.63 -0.34
CA THR C 250 -4.49 26.14 0.63
C THR C 250 -5.95 26.32 0.14
N GLU C 251 -6.86 25.55 0.73
CA GLU C 251 -8.24 25.61 0.30
C GLU C 251 -9.23 25.45 1.46
N ARG C 252 -10.40 26.02 1.28
CA ARG C 252 -11.47 25.97 2.27
C ARG C 252 -12.34 24.76 1.89
N PHE C 253 -12.44 23.77 2.78
CA PHE C 253 -13.24 22.58 2.52
C PHE C 253 -14.70 22.78 2.99
N ILE C 254 -15.64 22.60 2.07
CA ILE C 254 -17.06 22.75 2.39
C ILE C 254 -17.64 21.50 3.07
N GLY C 255 -17.69 21.53 4.40
CA GLY C 255 -18.23 20.41 5.13
C GLY C 255 -19.61 20.76 5.66
N SER C 256 -19.91 20.30 6.88
CA SER C 256 -21.20 20.58 7.49
C SER C 256 -21.15 21.85 8.34
N GLY C 257 -22.01 22.81 8.02
CA GLY C 257 -22.06 24.06 8.77
C GLY C 257 -21.46 25.23 8.02
N GLN C 263 -12.77 25.99 7.85
CA GLN C 263 -12.23 24.61 7.70
C GLN C 263 -11.15 24.52 6.59
N ARG C 264 -9.99 25.13 6.82
CA ARG C 264 -8.88 25.13 5.85
C ARG C 264 -7.99 23.88 5.83
N GLN C 265 -7.50 23.51 4.65
CA GLN C 265 -6.62 22.36 4.49
C GLN C 265 -5.69 22.57 3.29
N PRO C 266 -4.51 21.93 3.29
CA PRO C 266 -3.60 22.13 2.16
C PRO C 266 -4.13 21.50 0.87
N THR C 267 -3.83 22.17 -0.24
CA THR C 267 -4.21 21.74 -1.59
C THR C 267 -3.23 20.68 -2.10
N LEU C 268 -3.73 19.62 -2.72
CA LEU C 268 -2.86 18.56 -3.20
C LEU C 268 -2.51 18.64 -4.69
N LEU C 269 -1.33 18.12 -5.04
CA LEU C 269 -0.85 18.12 -6.41
C LEU C 269 -1.85 17.32 -7.22
N PHE C 270 -2.32 17.91 -8.31
CA PHE C 270 -3.32 17.25 -9.16
C PHE C 270 -4.58 16.83 -8.34
N ASN C 271 -4.90 17.61 -7.32
CA ASN C 271 -6.05 17.34 -6.43
C ASN C 271 -5.97 15.96 -5.79
N GLY C 272 -4.76 15.42 -5.64
CA GLY C 272 -4.62 14.11 -5.02
C GLY C 272 -4.66 12.92 -5.96
N TYR C 273 -4.59 13.18 -7.26
CA TYR C 273 -4.63 12.09 -8.21
C TYR C 273 -3.33 12.01 -8.97
N ALA C 274 -2.25 12.52 -8.38
CA ALA C 274 -0.95 12.52 -9.06
C ALA C 274 -0.49 11.19 -9.62
N ASP C 275 -0.62 10.13 -8.83
CA ASP C 275 -0.19 8.81 -9.26
C ASP C 275 -0.95 8.21 -10.45
N GLN C 276 -2.16 8.70 -10.70
CA GLN C 276 -2.97 8.21 -11.82
C GLN C 276 -2.94 9.11 -13.03
N VAL C 277 -2.58 10.37 -12.83
CA VAL C 277 -2.59 11.35 -13.91
C VAL C 277 -1.23 11.96 -14.34
N ALA C 278 -0.26 12.01 -13.41
CA ALA C 278 1.06 12.58 -13.68
C ALA C 278 1.58 12.12 -15.04
N SER C 279 1.38 10.84 -15.32
CA SER C 279 1.78 10.20 -16.57
C SER C 279 1.47 11.06 -17.80
N LEU C 280 0.25 11.61 -17.86
CA LEU C 280 -0.17 12.43 -18.98
C LEU C 280 0.59 13.74 -19.23
N TYR C 281 1.22 14.29 -18.19
CA TYR C 281 1.91 15.55 -18.37
C TYR C 281 3.44 15.48 -18.24
N ARG C 282 3.94 14.35 -17.74
CA ARG C 282 5.38 14.13 -17.54
C ARG C 282 6.25 14.40 -18.78
N GLY C 283 7.14 15.39 -18.68
CA GLY C 283 8.03 15.71 -19.78
C GLY C 283 7.50 16.72 -20.79
N LEU C 284 6.31 17.24 -20.54
CA LEU C 284 5.71 18.23 -21.44
C LEU C 284 5.63 19.58 -20.75
N ASP C 285 5.80 20.65 -21.51
CA ASP C 285 5.66 21.98 -20.93
C ASP C 285 4.32 22.53 -21.37
N LEU C 286 3.43 22.74 -20.41
CA LEU C 286 2.11 23.24 -20.69
C LEU C 286 2.09 24.74 -20.95
N LYS D 18 60.11 32.01 -39.69
CA LYS D 18 60.73 31.01 -40.61
C LYS D 18 60.25 31.10 -42.07
N ALA D 19 61.20 31.02 -43.01
CA ALA D 19 60.95 31.11 -44.45
C ALA D 19 60.09 29.97 -45.05
N LEU D 20 59.37 30.29 -46.13
CA LEU D 20 58.49 29.34 -46.81
C LEU D 20 58.71 29.21 -48.31
N GLU D 21 58.24 28.09 -48.87
CA GLU D 21 58.32 27.87 -50.32
C GLU D 21 56.94 28.23 -50.85
N PHE D 22 56.90 29.18 -51.78
CA PHE D 22 55.63 29.60 -52.32
C PHE D 22 55.83 30.21 -53.70
N SER D 23 54.78 30.16 -54.52
CA SER D 23 54.83 30.72 -55.85
C SER D 23 54.15 32.09 -55.79
N LYS D 24 53.99 32.74 -56.93
CA LYS D 24 53.35 34.05 -56.93
C LYS D 24 52.42 34.19 -58.11
N PRO D 25 51.27 33.51 -58.08
CA PRO D 25 50.31 33.61 -59.18
C PRO D 25 50.14 35.05 -59.68
N ALA D 26 50.14 35.23 -60.99
CA ALA D 26 50.00 36.57 -61.54
C ALA D 26 48.69 37.24 -61.18
N ALA D 27 47.63 36.47 -60.99
CA ALA D 27 46.34 37.06 -60.66
C ALA D 27 46.33 37.75 -59.30
N TRP D 28 47.27 37.42 -58.43
CA TRP D 28 47.29 38.02 -57.08
C TRP D 28 48.45 39.00 -56.88
N GLN D 29 49.19 39.23 -57.96
CA GLN D 29 50.32 40.16 -57.92
C GLN D 29 49.77 41.50 -58.40
N ASN D 30 50.18 42.60 -57.76
CA ASN D 30 49.70 43.92 -58.16
C ASN D 30 50.61 45.08 -57.72
N ASN D 31 50.12 46.30 -57.95
CA ASN D 31 50.89 47.48 -57.62
C ASN D 31 50.42 48.29 -56.44
N LEU D 32 49.75 47.64 -55.50
CA LEU D 32 49.28 48.37 -54.32
C LEU D 32 50.43 48.67 -53.38
N PRO D 33 50.48 49.90 -52.84
CA PRO D 33 51.59 50.19 -51.93
C PRO D 33 51.45 49.37 -50.64
N LEU D 34 52.50 48.59 -50.35
CA LEU D 34 52.51 47.73 -49.20
C LEU D 34 52.53 48.44 -47.86
N THR D 35 52.06 47.75 -46.83
CA THR D 35 52.10 48.27 -45.47
C THR D 35 53.44 47.70 -45.01
N PRO D 36 54.30 48.51 -44.37
CA PRO D 36 55.57 47.92 -43.98
C PRO D 36 55.42 46.74 -43.02
N ALA D 37 56.26 45.73 -43.20
CA ALA D 37 56.22 44.54 -42.37
C ALA D 37 56.10 44.83 -40.89
N ASP D 38 56.86 45.80 -40.37
CA ASP D 38 56.77 46.06 -38.93
C ASP D 38 55.42 46.60 -38.44
N LYS D 39 54.59 47.10 -39.36
CA LYS D 39 53.29 47.57 -38.95
C LYS D 39 52.31 46.40 -39.03
N VAL D 40 52.44 45.58 -40.08
CA VAL D 40 51.61 44.40 -40.26
C VAL D 40 51.74 43.52 -39.00
N SER D 41 52.96 43.41 -38.46
CA SER D 41 53.17 42.63 -37.26
C SER D 41 53.46 43.41 -35.95
N GLY D 42 53.08 44.69 -35.90
CA GLY D 42 53.24 45.50 -34.71
C GLY D 42 51.99 46.30 -34.39
N TYR D 43 51.01 46.34 -35.30
CA TYR D 43 49.76 47.08 -35.10
C TYR D 43 48.69 46.03 -35.35
N ASN D 44 48.20 45.42 -34.27
CA ASN D 44 47.26 44.31 -34.37
C ASN D 44 45.98 44.29 -33.51
N ASN D 45 44.96 43.54 -33.95
CA ASN D 45 43.72 43.34 -33.19
C ASN D 45 43.72 41.85 -32.89
N PHE D 46 44.09 41.48 -31.67
CA PHE D 46 44.11 40.06 -31.25
C PHE D 46 43.80 40.10 -29.74
N TYR D 47 42.53 40.35 -29.45
CA TYR D 47 42.05 40.51 -28.11
C TYR D 47 42.45 39.48 -27.08
N GLU D 48 42.66 38.25 -27.52
CA GLU D 48 43.07 37.19 -26.64
C GLU D 48 44.36 37.60 -25.93
N PHE D 49 45.05 38.59 -26.48
CA PHE D 49 46.27 39.04 -25.88
C PHE D 49 46.23 40.50 -25.44
N GLY D 50 45.05 41.12 -25.40
CA GLY D 50 44.95 42.52 -25.00
C GLY D 50 44.41 43.34 -26.16
N LEU D 51 43.57 44.33 -25.89
CA LEU D 51 43.01 45.12 -26.99
C LEU D 51 43.81 46.30 -27.48
N ASP D 52 45.00 46.52 -26.93
CA ASP D 52 45.76 47.64 -27.45
C ASP D 52 46.42 47.14 -28.74
N LYS D 53 46.60 48.03 -29.70
CA LYS D 53 47.21 47.66 -30.97
C LYS D 53 48.59 46.99 -30.85
N ALA D 54 49.32 47.31 -29.79
CA ALA D 54 50.66 46.76 -29.57
C ALA D 54 50.68 45.51 -28.66
N ASP D 55 49.58 45.26 -27.98
CA ASP D 55 49.54 44.11 -27.08
C ASP D 55 49.79 42.77 -27.76
N PRO D 56 49.20 42.54 -28.94
CA PRO D 56 49.51 41.21 -29.51
C PRO D 56 51.01 40.94 -29.72
N ALA D 57 51.76 41.91 -30.25
CA ALA D 57 53.18 41.71 -30.50
C ALA D 57 53.98 41.47 -29.23
N ALA D 58 53.61 42.16 -28.16
CA ALA D 58 54.31 41.99 -26.90
C ALA D 58 53.88 40.77 -26.07
N ASN D 59 52.64 40.30 -26.22
CA ASN D 59 52.19 39.14 -25.43
C ASN D 59 52.00 37.80 -26.12
N ALA D 60 51.71 37.81 -27.43
CA ALA D 60 51.47 36.59 -28.20
C ALA D 60 52.63 35.60 -28.26
N GLY D 61 53.80 36.00 -27.79
CA GLY D 61 54.92 35.10 -27.83
C GLY D 61 54.69 33.89 -26.92
N SER D 62 53.90 34.08 -25.88
CA SER D 62 53.64 33.00 -24.94
C SER D 62 52.74 31.90 -25.49
N LEU D 63 52.31 32.05 -26.74
CA LEU D 63 51.45 31.06 -27.38
C LEU D 63 52.26 30.04 -28.19
N LYS D 64 52.18 28.76 -27.81
CA LYS D 64 52.91 27.69 -28.51
C LYS D 64 52.14 27.24 -29.72
N THR D 65 52.65 27.51 -30.91
CA THR D 65 51.90 27.13 -32.09
C THR D 65 52.43 25.90 -32.79
N ASP D 66 53.61 25.41 -32.39
CA ASP D 66 54.13 24.24 -33.07
C ASP D 66 53.30 23.00 -32.90
N PRO D 67 53.17 22.41 -31.69
CA PRO D 67 52.27 21.28 -31.92
C PRO D 67 50.90 21.94 -32.21
N TRP D 68 50.24 21.58 -33.32
CA TRP D 68 48.95 22.20 -33.61
C TRP D 68 48.03 21.18 -34.21
N THR D 69 46.74 21.40 -33.98
CA THR D 69 45.74 20.49 -34.49
C THR D 69 44.54 21.24 -35.08
N LEU D 70 44.35 21.09 -36.39
CA LEU D 70 43.22 21.73 -37.05
C LEU D 70 42.25 20.64 -37.48
N LYS D 71 41.04 20.65 -36.92
CA LYS D 71 40.06 19.64 -37.24
C LYS D 71 38.91 20.09 -38.14
N ILE D 72 38.65 19.31 -39.18
CA ILE D 72 37.58 19.61 -40.12
C ILE D 72 36.49 18.58 -39.85
N SER D 73 35.28 19.05 -39.55
CA SER D 73 34.19 18.13 -39.24
C SER D 73 32.81 18.65 -39.59
N GLY D 74 31.79 17.98 -39.07
CA GLY D 74 30.42 18.38 -39.31
C GLY D 74 29.83 17.74 -40.55
N GLU D 75 29.04 18.51 -41.28
CA GLU D 75 28.38 18.02 -42.50
C GLU D 75 29.41 17.79 -43.61
N VAL D 76 30.35 16.89 -43.31
CA VAL D 76 31.43 16.52 -44.21
C VAL D 76 31.41 14.99 -44.39
N ALA D 77 31.82 14.52 -45.57
CA ALA D 77 31.85 13.10 -45.85
C ALA D 77 33.17 12.45 -45.40
N LYS D 78 34.27 13.18 -45.55
CA LYS D 78 35.57 12.67 -45.14
C LYS D 78 36.28 13.57 -44.14
N PRO D 79 35.77 13.63 -42.89
CA PRO D 79 36.39 14.46 -41.86
C PRO D 79 37.84 14.10 -41.69
N LEU D 80 38.68 15.11 -41.48
CA LEU D 80 40.11 14.90 -41.30
C LEU D 80 40.70 15.87 -40.28
N THR D 81 41.99 15.76 -40.07
CA THR D 81 42.69 16.62 -39.13
C THR D 81 44.08 16.90 -39.68
N LEU D 82 44.49 18.15 -39.59
CA LEU D 82 45.80 18.56 -40.07
C LEU D 82 46.67 18.94 -38.90
N ASP D 83 47.94 18.59 -38.98
CA ASP D 83 48.87 18.93 -37.92
C ASP D 83 49.63 20.19 -38.34
N HIS D 84 50.66 20.56 -37.57
CA HIS D 84 51.44 21.77 -37.85
C HIS D 84 52.13 21.76 -39.21
N ASP D 85 52.72 20.63 -39.58
CA ASP D 85 53.42 20.54 -40.85
C ASP D 85 52.50 20.54 -42.06
N ASP D 86 51.33 19.95 -41.91
CA ASP D 86 50.35 19.91 -43.00
C ASP D 86 50.02 21.33 -43.45
N LEU D 87 49.97 22.25 -42.50
CA LEU D 87 49.63 23.63 -42.81
C LEU D 87 50.48 24.27 -43.90
N THR D 88 51.77 23.96 -43.92
CA THR D 88 52.65 24.55 -44.92
C THR D 88 53.22 23.56 -45.94
N ARG D 89 52.63 22.36 -46.04
CA ARG D 89 53.10 21.34 -46.98
C ARG D 89 51.99 20.55 -47.65
N ARG D 90 50.85 20.41 -46.99
CA ARG D 90 49.73 19.67 -47.54
C ARG D 90 49.23 20.28 -48.85
N PHE D 91 49.36 21.59 -48.99
CA PHE D 91 48.89 22.27 -50.20
C PHE D 91 49.92 23.27 -50.74
N PRO D 92 49.82 23.58 -52.05
CA PRO D 92 50.77 24.53 -52.63
C PRO D 92 50.49 25.96 -52.13
N LEU D 93 51.50 26.57 -51.50
CA LEU D 93 51.37 27.93 -50.97
C LEU D 93 51.53 28.98 -52.04
N GLU D 94 50.83 30.09 -51.85
CA GLU D 94 50.87 31.21 -52.77
C GLU D 94 50.94 32.50 -51.99
N GLU D 95 51.60 33.49 -52.55
CA GLU D 95 51.68 34.81 -51.96
C GLU D 95 50.49 35.56 -52.61
N ARG D 96 49.78 36.35 -51.83
CA ARG D 96 48.66 37.11 -52.33
C ARG D 96 48.63 38.45 -51.60
N ILE D 97 48.74 39.50 -52.39
CA ILE D 97 48.76 40.86 -51.88
C ILE D 97 47.31 41.34 -51.91
N TYR D 98 46.73 41.46 -50.73
CA TYR D 98 45.33 41.87 -50.59
C TYR D 98 45.29 43.09 -49.71
N ARG D 99 44.22 43.86 -49.85
CA ARG D 99 44.05 44.96 -48.92
C ARG D 99 43.27 44.29 -47.76
N MET D 100 43.45 44.83 -46.57
CA MET D 100 42.84 44.34 -45.33
C MET D 100 42.16 45.54 -44.68
N ARG D 101 40.83 45.51 -44.60
CA ARG D 101 40.08 46.63 -44.03
C ARG D 101 39.43 46.23 -42.72
N CYS D 102 39.90 46.85 -41.65
CA CYS D 102 39.35 46.57 -40.34
C CYS D 102 38.13 47.46 -40.27
N VAL D 103 37.16 47.06 -39.46
CA VAL D 103 35.93 47.82 -39.34
C VAL D 103 36.13 49.17 -38.66
N GLU D 104 37.28 49.33 -37.98
CA GLU D 104 37.61 50.60 -37.28
C GLU D 104 38.03 51.73 -38.24
N ALA D 105 38.07 51.42 -39.52
CA ALA D 105 38.41 52.37 -40.55
C ALA D 105 39.89 52.63 -40.77
N TRP D 106 40.71 51.59 -40.68
CA TRP D 106 42.11 51.71 -41.04
C TRP D 106 42.26 50.51 -41.94
N SER D 107 43.28 50.55 -42.78
CA SER D 107 43.52 49.47 -43.71
C SER D 107 44.99 49.26 -43.98
N MET D 108 45.30 48.13 -44.58
CA MET D 108 46.64 47.78 -44.90
C MET D 108 46.56 47.03 -46.18
N VAL D 109 47.71 46.90 -46.84
CA VAL D 109 47.86 46.09 -48.05
C VAL D 109 48.93 45.13 -47.55
N VAL D 110 48.68 43.83 -47.72
CA VAL D 110 49.58 42.83 -47.16
C VAL D 110 49.88 41.67 -48.07
N PRO D 111 51.16 41.23 -48.11
CA PRO D 111 51.50 40.08 -48.96
C PRO D 111 51.40 38.78 -48.14
N TRP D 112 50.16 38.31 -48.00
CA TRP D 112 49.84 37.08 -47.28
C TRP D 112 50.35 35.86 -48.05
N ILE D 113 50.54 34.76 -47.34
CA ILE D 113 50.96 33.52 -47.98
C ILE D 113 50.01 32.45 -47.48
N GLY D 114 49.36 31.74 -48.40
CA GLY D 114 48.44 30.71 -47.96
C GLY D 114 47.92 29.90 -49.12
N PHE D 115 46.87 29.14 -48.86
CA PHE D 115 46.25 28.33 -49.89
C PHE D 115 44.77 28.63 -49.85
N PRO D 116 44.11 28.62 -50.99
CA PRO D 116 42.67 28.91 -50.96
C PRO D 116 41.97 27.87 -50.11
N LEU D 117 40.96 28.30 -49.37
CA LEU D 117 40.19 27.42 -48.49
C LEU D 117 39.41 26.34 -49.26
N HIS D 118 39.06 26.62 -50.52
CA HIS D 118 38.30 25.62 -51.29
C HIS D 118 39.05 24.32 -51.55
N LYS D 119 40.38 24.35 -51.50
CA LYS D 119 41.19 23.16 -51.69
C LYS D 119 41.13 22.25 -50.47
N LEU D 120 40.93 22.85 -49.30
CA LEU D 120 40.87 22.08 -48.06
C LEU D 120 39.46 21.50 -47.94
N LEU D 121 38.47 22.32 -48.23
CA LEU D 121 37.08 21.91 -48.16
C LEU D 121 36.81 20.81 -49.18
N ALA D 122 37.60 20.74 -50.24
CA ALA D 122 37.41 19.71 -51.26
C ALA D 122 37.84 18.36 -50.67
N LEU D 123 38.95 18.37 -49.94
CA LEU D 123 39.47 17.17 -49.30
C LEU D 123 38.48 16.50 -48.34
N ALA D 124 37.62 17.29 -47.72
CA ALA D 124 36.63 16.75 -46.79
C ALA D 124 35.29 16.45 -47.47
N GLU D 125 35.09 17.02 -48.64
CA GLU D 125 33.86 16.79 -49.43
C GLU D 125 32.57 17.08 -48.66
N PRO D 126 32.20 18.35 -48.54
CA PRO D 126 30.97 18.69 -47.82
C PRO D 126 29.70 18.07 -48.41
N THR D 127 28.90 17.46 -47.55
CA THR D 127 27.64 16.84 -47.95
C THR D 127 26.72 17.91 -48.51
N SER D 128 25.60 17.50 -49.09
CA SER D 128 24.63 18.43 -49.67
C SER D 128 23.89 19.21 -48.59
N ASN D 129 24.09 18.82 -47.34
CA ASN D 129 23.40 19.49 -46.25
C ASN D 129 24.18 20.67 -45.67
N ALA D 130 25.47 20.74 -45.98
CA ALA D 130 26.32 21.83 -45.50
C ALA D 130 25.99 23.14 -46.22
N LYS D 131 25.71 24.18 -45.46
CA LYS D 131 25.39 25.49 -46.01
C LYS D 131 26.29 26.60 -45.48
N TYR D 132 26.86 26.38 -44.30
CA TYR D 132 27.75 27.33 -43.65
C TYR D 132 29.02 26.67 -43.15
N VAL D 133 30.06 27.48 -42.91
CA VAL D 133 31.31 26.97 -42.36
C VAL D 133 31.53 27.75 -41.07
N ALA D 134 31.77 27.03 -39.97
CA ALA D 134 32.01 27.68 -38.68
C ALA D 134 33.45 27.49 -38.28
N PHE D 135 34.08 28.58 -37.83
CA PHE D 135 35.47 28.52 -37.43
C PHE D 135 35.63 28.86 -35.96
N GLU D 136 36.62 28.26 -35.33
CA GLU D 136 36.84 28.55 -33.92
C GLU D 136 38.31 28.74 -33.64
N THR D 137 38.61 29.71 -32.81
CA THR D 137 39.99 29.95 -32.44
C THR D 137 40.35 29.08 -31.23
N ILE D 138 41.64 28.82 -31.05
CA ILE D 138 42.09 28.00 -29.94
C ILE D 138 41.66 28.65 -28.62
N TYR D 139 41.50 27.83 -27.59
CA TYR D 139 41.15 28.31 -26.25
C TYR D 139 42.28 27.88 -25.31
N ALA D 140 43.08 28.85 -24.89
CA ALA D 140 44.22 28.59 -24.01
C ALA D 140 44.36 29.73 -23.00
N PRO D 141 43.41 29.83 -22.07
CA PRO D 141 43.43 30.90 -21.06
C PRO D 141 44.74 31.10 -20.29
N GLU D 142 45.52 30.04 -20.11
CA GLU D 142 46.76 30.22 -19.37
C GLU D 142 47.92 30.74 -20.22
N GLN D 143 47.62 31.07 -21.47
CA GLN D 143 48.63 31.59 -22.40
C GLN D 143 48.07 32.88 -22.98
N MET D 144 46.77 33.08 -22.82
CA MET D 144 46.08 34.24 -23.36
C MET D 144 45.42 35.16 -22.32
N PRO D 145 46.16 36.18 -21.84
CA PRO D 145 45.64 37.11 -20.85
C PRO D 145 44.26 37.71 -21.16
N GLY D 146 43.91 37.82 -22.43
CA GLY D 146 42.60 38.37 -22.76
C GLY D 146 41.46 37.42 -22.38
N GLN D 147 41.77 36.13 -22.29
CA GLN D 147 40.76 35.15 -21.92
C GLN D 147 40.74 34.96 -20.40
N GLN D 148 41.24 35.96 -19.66
CA GLN D 148 41.24 35.87 -18.21
C GLN D 148 40.71 37.12 -17.53
N ASP D 149 40.74 38.24 -18.25
CA ASP D 149 40.24 39.49 -17.70
C ASP D 149 39.22 40.11 -18.67
N ARG D 150 38.01 40.35 -18.17
CA ARG D 150 36.94 40.92 -18.99
C ARG D 150 37.28 42.23 -19.69
N PHE D 151 38.07 43.09 -19.05
CA PHE D 151 38.39 44.33 -19.73
C PHE D 151 39.57 44.14 -20.70
N ILE D 152 40.59 43.38 -20.28
CA ILE D 152 41.77 43.10 -21.11
C ILE D 152 41.41 42.37 -22.43
N GLY D 153 40.36 41.55 -22.39
CA GLY D 153 39.94 40.81 -23.57
C GLY D 153 38.86 41.49 -24.37
N GLY D 154 38.55 42.73 -24.04
CA GLY D 154 37.53 43.45 -24.77
C GLY D 154 36.10 43.00 -24.49
N GLY D 155 35.96 42.08 -23.54
CA GLY D 155 34.65 41.59 -23.19
C GLY D 155 33.99 40.74 -24.27
N LEU D 156 34.76 39.88 -24.91
CA LEU D 156 34.23 39.01 -25.95
C LEU D 156 34.09 37.66 -25.30
N LYS D 157 33.15 36.86 -25.78
CA LYS D 157 32.94 35.52 -25.26
C LYS D 157 33.90 34.58 -25.99
N TYR D 158 34.92 34.08 -25.29
CA TYR D 158 35.91 33.18 -25.89
C TYR D 158 35.51 31.71 -25.81
N PRO D 159 36.07 30.84 -26.69
CA PRO D 159 37.04 31.11 -27.76
C PRO D 159 36.38 31.88 -28.90
N TYR D 160 37.19 32.63 -29.63
CA TYR D 160 36.74 33.45 -30.76
C TYR D 160 36.11 32.54 -31.81
N VAL D 161 35.01 32.98 -32.38
CA VAL D 161 34.37 32.15 -33.39
C VAL D 161 33.78 32.98 -34.54
N GLU D 162 33.79 32.40 -35.73
CA GLU D 162 33.25 33.04 -36.93
C GLU D 162 32.61 32.06 -37.89
N GLY D 163 31.85 32.59 -38.83
CA GLY D 163 31.21 31.75 -39.81
C GLY D 163 31.18 32.41 -41.16
N LEU D 164 30.89 31.61 -42.18
CA LEU D 164 30.80 32.06 -43.56
C LEU D 164 29.80 31.15 -44.27
N ARG D 165 29.10 31.68 -45.27
CA ARG D 165 28.21 30.84 -46.05
C ARG D 165 29.16 29.94 -46.82
N LEU D 166 28.68 28.78 -47.24
CA LEU D 166 29.55 27.87 -47.95
C LEU D 166 30.15 28.48 -49.24
N ASP D 167 29.33 29.23 -49.99
CA ASP D 167 29.82 29.85 -51.23
C ASP D 167 30.91 30.87 -50.94
N GLU D 168 30.80 31.58 -49.82
CA GLU D 168 31.82 32.55 -49.43
C GLU D 168 33.11 31.80 -49.14
N ALA D 169 33.05 30.77 -48.32
CA ALA D 169 34.21 29.96 -47.98
C ALA D 169 34.87 29.31 -49.18
N MET D 170 34.05 28.94 -50.16
CA MET D 170 34.56 28.29 -51.37
C MET D 170 35.10 29.27 -52.40
N HIS D 171 34.89 30.56 -52.17
CA HIS D 171 35.36 31.57 -53.11
C HIS D 171 36.88 31.55 -53.31
N PRO D 172 37.33 31.71 -54.55
CA PRO D 172 38.76 31.70 -54.84
C PRO D 172 39.61 32.71 -54.06
N LEU D 173 39.02 33.80 -53.61
CA LEU D 173 39.75 34.78 -52.83
C LEU D 173 40.00 34.39 -51.37
N THR D 174 39.08 33.66 -50.74
CA THR D 174 39.29 33.32 -49.34
C THR D 174 40.45 32.36 -49.11
N LEU D 175 41.40 32.75 -48.27
CA LEU D 175 42.50 31.81 -48.06
C LEU D 175 42.95 31.57 -46.64
N MET D 176 43.35 30.32 -46.43
CA MET D 176 43.88 29.87 -45.16
C MET D 176 45.30 30.40 -45.23
N THR D 177 45.59 31.37 -44.39
CA THR D 177 46.87 32.04 -44.37
C THR D 177 47.84 31.42 -43.37
N VAL D 178 49.05 31.11 -43.83
CA VAL D 178 50.07 30.53 -42.99
C VAL D 178 51.36 31.37 -42.95
N GLY D 179 51.42 32.46 -43.72
CA GLY D 179 52.61 33.31 -43.71
C GLY D 179 52.31 34.72 -44.12
N VAL D 180 53.31 35.58 -44.07
CA VAL D 180 53.19 36.99 -44.43
C VAL D 180 54.65 37.44 -44.62
N TYR D 181 54.93 38.20 -45.68
CA TYR D 181 56.28 38.66 -45.96
C TYR D 181 57.29 37.52 -46.07
N GLY D 182 56.89 36.48 -46.81
CA GLY D 182 57.72 35.32 -47.07
C GLY D 182 58.02 34.41 -45.90
N LYS D 183 57.45 34.69 -44.73
CA LYS D 183 57.73 33.88 -43.55
C LYS D 183 56.48 33.38 -42.81
N ALA D 184 56.64 32.29 -42.05
CA ALA D 184 55.55 31.74 -41.24
C ALA D 184 54.98 32.88 -40.41
N LEU D 185 53.67 32.84 -40.17
CA LEU D 185 53.04 33.92 -39.42
C LEU D 185 53.63 34.15 -38.07
N PRO D 186 53.73 35.41 -37.67
CA PRO D 186 54.26 35.74 -36.34
C PRO D 186 53.03 35.48 -35.44
N PRO D 187 53.25 35.16 -34.15
CA PRO D 187 52.07 34.93 -33.31
C PRO D 187 51.02 36.05 -33.33
N GLN D 188 51.44 37.31 -33.41
CA GLN D 188 50.53 38.45 -33.42
C GLN D 188 49.48 38.40 -34.53
N ASN D 189 49.84 37.81 -35.66
CA ASN D 189 48.95 37.72 -36.81
C ASN D 189 48.13 36.45 -36.86
N GLY D 190 48.08 35.73 -35.75
CA GLY D 190 47.27 34.54 -35.70
C GLY D 190 47.94 33.22 -36.05
N ALA D 191 49.22 33.11 -35.77
CA ALA D 191 49.92 31.87 -36.03
C ALA D 191 49.18 30.70 -35.39
N PRO D 192 49.26 29.51 -35.99
CA PRO D 192 49.99 29.20 -37.22
C PRO D 192 49.10 29.16 -38.47
N VAL D 193 47.80 29.34 -38.28
CA VAL D 193 46.87 29.34 -39.40
C VAL D 193 45.87 30.42 -39.11
N ARG D 194 45.45 31.11 -40.15
CA ARG D 194 44.59 32.24 -39.95
C ARG D 194 43.71 32.39 -41.19
N LEU D 195 42.50 32.92 -41.04
CA LEU D 195 41.60 33.12 -42.18
C LEU D 195 41.64 34.55 -42.67
N ILE D 196 41.60 34.71 -44.00
CA ILE D 196 41.59 36.04 -44.62
C ILE D 196 40.50 36.05 -45.67
N VAL D 197 39.56 37.00 -45.57
CA VAL D 197 38.44 37.16 -46.51
C VAL D 197 38.56 38.65 -46.81
N PRO D 198 39.37 38.99 -47.82
CA PRO D 198 39.62 40.39 -48.19
C PRO D 198 38.47 41.34 -48.50
N TRP D 199 37.31 40.82 -48.86
CA TRP D 199 36.23 41.72 -49.18
C TRP D 199 35.32 42.03 -48.00
N LYS D 200 35.66 41.44 -46.85
CA LYS D 200 34.89 41.65 -45.61
C LYS D 200 35.74 42.42 -44.59
N TYR D 201 35.07 42.99 -43.60
CA TYR D 201 35.82 43.70 -42.56
C TYR D 201 36.76 42.68 -41.94
N GLY D 202 37.78 43.18 -41.26
CA GLY D 202 38.79 42.29 -40.67
C GLY D 202 38.40 41.33 -39.59
N PHE D 203 37.34 41.64 -38.85
CA PHE D 203 36.92 40.76 -37.77
C PHE D 203 36.49 39.38 -38.25
N LYS D 204 36.23 39.20 -39.55
CA LYS D 204 35.83 37.87 -40.07
C LYS D 204 37.08 36.98 -40.26
N GLY D 205 38.25 37.61 -40.31
CA GLY D 205 39.50 36.88 -40.53
C GLY D 205 40.00 36.27 -39.25
N ILE D 206 39.24 35.32 -38.74
CA ILE D 206 39.58 34.65 -37.50
C ILE D 206 41.01 34.08 -37.41
N LYS D 207 41.67 34.31 -36.29
CA LYS D 207 43.06 33.85 -36.10
C LYS D 207 43.26 32.53 -35.37
N SER D 208 44.47 32.01 -35.48
CA SER D 208 44.86 30.78 -34.80
C SER D 208 43.69 29.80 -34.76
N ILE D 209 43.31 29.26 -35.93
CA ILE D 209 42.20 28.33 -36.10
C ILE D 209 42.51 26.92 -35.63
N VAL D 210 41.55 26.32 -34.96
CA VAL D 210 41.75 24.98 -34.45
C VAL D 210 40.59 24.11 -34.90
N SER D 211 39.53 24.76 -35.34
CA SER D 211 38.39 23.99 -35.78
C SER D 211 37.62 24.63 -36.90
N ILE D 212 37.28 23.80 -37.89
CA ILE D 212 36.48 24.20 -39.05
C ILE D 212 35.34 23.20 -39.11
N LYS D 213 34.11 23.68 -39.06
CA LYS D 213 32.96 22.79 -39.06
C LYS D 213 31.86 23.14 -40.04
N LEU D 214 31.51 22.20 -40.90
CA LEU D 214 30.42 22.44 -41.85
C LEU D 214 29.12 22.21 -41.07
N THR D 215 28.20 23.14 -41.16
CA THR D 215 26.93 23.01 -40.46
C THR D 215 25.77 23.33 -41.40
N ARG D 216 24.55 23.07 -40.94
CA ARG D 216 23.35 23.30 -41.72
C ARG D 216 22.82 24.69 -41.43
N GLU D 217 23.07 25.15 -40.22
CA GLU D 217 22.59 26.46 -39.84
C GLU D 217 23.69 27.49 -39.67
N ARG D 218 23.29 28.76 -39.74
CA ARG D 218 24.19 29.88 -39.60
C ARG D 218 24.81 29.88 -38.23
N PRO D 219 26.12 29.60 -38.14
CA PRO D 219 26.82 29.58 -36.86
C PRO D 219 26.94 30.98 -36.25
N PRO D 220 27.21 31.04 -34.94
CA PRO D 220 27.36 32.28 -34.19
C PRO D 220 28.69 32.96 -34.52
N THR D 221 28.70 34.28 -34.44
CA THR D 221 29.90 35.08 -34.74
C THR D 221 30.28 35.86 -33.48
N THR D 222 31.51 35.73 -33.02
CA THR D 222 31.92 36.45 -31.81
C THR D 222 31.57 37.94 -31.76
N TRP D 223 31.82 38.68 -32.84
CA TRP D 223 31.51 40.09 -32.81
C TRP D 223 30.05 40.38 -32.97
N ASN D 224 29.37 39.55 -33.75
CA ASN D 224 27.95 39.77 -33.92
C ASN D 224 27.23 39.56 -32.59
N LEU D 225 27.77 38.67 -31.76
CA LEU D 225 27.17 38.42 -30.46
C LEU D 225 27.38 39.65 -29.58
N ALA D 226 28.64 40.07 -29.44
CA ALA D 226 28.97 41.21 -28.62
C ALA D 226 28.15 42.45 -28.93
N ALA D 227 27.88 42.71 -30.21
CA ALA D 227 27.12 43.91 -30.56
C ALA D 227 26.34 43.76 -31.84
N PRO D 228 25.28 42.93 -31.80
CA PRO D 228 24.39 42.64 -32.93
C PRO D 228 24.01 43.85 -33.76
N ASP D 229 23.88 44.99 -33.11
CA ASP D 229 23.49 46.22 -33.79
C ASP D 229 24.61 46.93 -34.53
N GLU D 230 25.82 46.42 -34.43
CA GLU D 230 26.96 47.05 -35.10
C GLU D 230 27.76 46.11 -35.99
N TYR D 231 27.80 44.83 -35.66
CA TYR D 231 28.56 43.88 -36.45
C TYR D 231 27.70 42.76 -37.03
N GLY D 232 27.47 42.81 -38.33
CA GLY D 232 26.66 41.80 -38.96
C GLY D 232 27.39 40.50 -39.28
N PHE D 233 26.63 39.56 -39.82
CA PHE D 233 27.18 38.27 -40.20
C PHE D 233 27.96 38.38 -41.52
N TYR D 234 27.42 39.14 -42.46
CA TYR D 234 28.06 39.30 -43.75
C TYR D 234 29.29 40.22 -43.69
N ALA D 235 29.14 41.38 -43.10
CA ALA D 235 30.30 42.26 -42.91
C ALA D 235 31.05 42.58 -44.19
N ASN D 236 30.32 42.76 -45.29
CA ASN D 236 30.97 43.11 -46.54
C ASN D 236 31.42 44.55 -46.44
N VAL D 237 32.62 44.84 -46.94
CA VAL D 237 33.13 46.22 -46.86
C VAL D 237 32.24 47.07 -47.75
N ASN D 238 31.65 48.11 -47.18
CA ASN D 238 30.79 48.98 -47.95
C ASN D 238 30.85 50.42 -47.46
N PRO D 239 31.34 51.33 -48.31
CA PRO D 239 31.43 52.75 -47.92
C PRO D 239 30.09 53.49 -47.74
N TYR D 240 28.99 52.87 -48.15
CA TYR D 240 27.65 53.47 -48.06
C TYR D 240 26.85 53.09 -46.81
N VAL D 241 27.35 52.12 -46.04
CA VAL D 241 26.69 51.69 -44.82
C VAL D 241 27.60 52.01 -43.65
N ASP D 242 27.20 52.99 -42.87
CA ASP D 242 27.99 53.39 -41.73
C ASP D 242 27.89 52.46 -40.55
N HIS D 243 28.83 52.65 -39.63
CA HIS D 243 28.89 51.89 -38.39
C HIS D 243 28.15 52.81 -37.43
N PRO D 244 27.38 52.25 -36.49
CA PRO D 244 26.64 53.07 -35.53
C PRO D 244 27.45 54.24 -34.98
N ARG D 245 28.71 53.99 -34.66
CA ARG D 245 29.56 55.04 -34.10
C ARG D 245 30.58 55.72 -35.01
N TRP D 246 30.51 55.49 -36.32
CA TRP D 246 31.44 56.16 -37.24
C TRP D 246 31.20 55.82 -38.71
N SER D 247 31.50 56.78 -39.58
CA SER D 247 31.35 56.62 -41.02
C SER D 247 32.36 55.63 -41.62
N GLN D 248 31.98 55.01 -42.73
CA GLN D 248 32.83 54.05 -43.41
C GLN D 248 33.16 54.53 -44.82
N ALA D 249 32.83 55.78 -45.13
CA ALA D 249 33.12 56.25 -46.48
C ALA D 249 34.61 56.42 -46.71
N THR D 250 35.36 56.53 -45.62
CA THR D 250 36.79 56.73 -45.74
C THR D 250 37.60 55.91 -44.73
N GLU D 251 38.86 55.67 -45.06
CA GLU D 251 39.77 54.91 -44.20
C GLU D 251 41.19 55.49 -44.11
N ARG D 252 41.86 55.13 -43.02
CA ARG D 252 43.21 55.57 -42.74
C ARG D 252 44.13 54.43 -43.18
N PHE D 253 44.92 54.67 -44.22
CA PHE D 253 45.82 53.65 -44.69
C PHE D 253 47.09 53.64 -43.84
N ILE D 254 47.49 52.46 -43.38
CA ILE D 254 48.69 52.31 -42.57
C ILE D 254 49.90 52.12 -43.47
N GLY D 255 50.63 53.20 -43.72
CA GLY D 255 51.80 53.09 -44.57
C GLY D 255 53.02 53.34 -43.69
N SER D 256 53.88 54.24 -44.11
CA SER D 256 55.06 54.55 -43.32
C SER D 256 54.92 55.98 -42.78
N GLY D 257 54.56 56.11 -41.50
CA GLY D 257 54.39 57.42 -40.91
C GLY D 257 53.29 57.51 -39.88
N GLN D 263 47.24 60.37 -43.94
CA GLN D 263 46.01 60.92 -44.58
C GLN D 263 45.01 59.82 -44.98
N ARG D 264 43.76 60.22 -45.18
CA ARG D 264 42.71 59.28 -45.53
C ARG D 264 42.66 58.97 -47.03
N GLN D 265 41.83 57.99 -47.38
CA GLN D 265 41.59 57.57 -48.75
C GLN D 265 40.19 56.96 -48.75
N PRO D 266 39.44 57.19 -49.83
CA PRO D 266 38.08 56.64 -49.89
C PRO D 266 38.03 55.12 -49.79
N THR D 267 37.00 54.61 -49.14
CA THR D 267 36.82 53.16 -49.01
C THR D 267 36.19 52.61 -50.29
N LEU D 268 36.65 51.45 -50.73
CA LEU D 268 36.12 50.88 -51.95
C LEU D 268 34.97 49.91 -51.63
N LEU D 269 34.10 49.66 -52.62
CA LEU D 269 33.00 48.72 -52.40
C LEU D 269 33.61 47.33 -52.42
N PHE D 270 33.29 46.51 -51.42
CA PHE D 270 33.84 45.16 -51.33
C PHE D 270 35.35 45.23 -51.27
N ASN D 271 35.87 46.29 -50.64
CA ASN D 271 37.30 46.48 -50.48
C ASN D 271 38.04 46.36 -51.80
N GLY D 272 37.39 46.82 -52.87
CA GLY D 272 37.99 46.78 -54.19
C GLY D 272 37.88 45.47 -54.93
N TYR D 273 37.15 44.49 -54.40
CA TYR D 273 37.04 43.21 -55.10
C TYR D 273 35.64 42.99 -55.64
N ALA D 274 34.92 44.09 -55.89
CA ALA D 274 33.55 44.01 -56.37
C ALA D 274 33.32 43.05 -57.53
N ASP D 275 34.19 43.10 -58.55
CA ASP D 275 34.00 42.22 -59.71
C ASP D 275 34.17 40.72 -59.48
N GLN D 276 34.94 40.33 -58.48
CA GLN D 276 35.13 38.91 -58.21
C GLN D 276 34.11 38.35 -57.23
N VAL D 277 33.54 39.23 -56.44
CA VAL D 277 32.62 38.83 -55.39
C VAL D 277 31.18 39.30 -55.48
N ALA D 278 30.92 40.36 -56.26
CA ALA D 278 29.56 40.90 -56.40
C ALA D 278 28.54 39.81 -56.75
N SER D 279 29.01 38.83 -57.51
CA SER D 279 28.18 37.70 -57.95
C SER D 279 27.50 36.94 -56.79
N LEU D 280 28.25 36.72 -55.72
CA LEU D 280 27.71 35.99 -54.58
C LEU D 280 26.54 36.69 -53.90
N TYR D 281 26.47 38.01 -54.02
CA TYR D 281 25.42 38.73 -53.32
C TYR D 281 24.40 39.40 -54.22
N ARG D 282 24.57 39.30 -55.53
CA ARG D 282 23.63 39.95 -56.43
C ARG D 282 22.20 39.40 -56.28
N GLY D 283 21.26 40.28 -55.98
CA GLY D 283 19.87 39.87 -55.84
C GLY D 283 19.48 39.19 -54.54
N LEU D 284 20.36 39.20 -53.56
CA LEU D 284 20.08 38.58 -52.26
C LEU D 284 19.98 39.64 -51.19
N ASP D 285 19.14 39.39 -50.19
CA ASP D 285 18.94 40.32 -49.09
C ASP D 285 19.75 39.85 -47.87
N ALA E 19 -38.57 44.12 -62.27
CA ALA E 19 -39.27 42.99 -61.57
C ALA E 19 -38.56 41.67 -61.84
N LEU E 20 -38.39 40.86 -60.81
CA LEU E 20 -37.71 39.58 -60.98
C LEU E 20 -38.67 38.40 -60.83
N GLU E 21 -38.20 37.21 -61.20
CA GLU E 21 -39.00 35.99 -61.07
C GLU E 21 -38.29 35.17 -60.00
N PHE E 22 -39.01 34.81 -58.94
CA PHE E 22 -38.41 34.08 -57.84
C PHE E 22 -39.42 33.29 -56.98
N SER E 23 -38.94 32.20 -56.40
CA SER E 23 -39.76 31.41 -55.51
C SER E 23 -39.58 32.01 -54.09
N LYS E 24 -40.28 31.41 -53.13
CA LYS E 24 -40.24 31.86 -51.75
C LYS E 24 -40.10 30.70 -50.81
N PRO E 25 -38.90 30.09 -50.73
CA PRO E 25 -38.75 28.95 -49.82
C PRO E 25 -39.34 29.23 -48.45
N ALA E 26 -40.19 28.33 -47.97
CA ALA E 26 -40.85 28.48 -46.67
C ALA E 26 -39.85 28.60 -45.52
N ALA E 27 -38.66 28.05 -45.71
CA ALA E 27 -37.64 28.13 -44.68
C ALA E 27 -37.24 29.60 -44.46
N TRP E 28 -37.21 30.38 -45.53
CA TRP E 28 -36.81 31.79 -45.44
C TRP E 28 -38.02 32.71 -45.40
N GLN E 29 -39.20 32.12 -45.27
CA GLN E 29 -40.42 32.93 -45.19
C GLN E 29 -40.75 32.84 -43.71
N ASN E 30 -41.33 33.91 -43.15
CA ASN E 30 -41.63 33.93 -41.73
C ASN E 30 -42.52 35.10 -41.40
N ASN E 31 -42.72 35.37 -40.11
CA ASN E 31 -43.59 36.47 -39.73
C ASN E 31 -42.96 37.62 -38.97
N LEU E 32 -41.65 37.80 -39.18
CA LEU E 32 -40.96 38.90 -38.52
C LEU E 32 -41.43 40.21 -39.17
N PRO E 33 -41.61 41.26 -38.35
CA PRO E 33 -42.03 42.56 -38.85
C PRO E 33 -40.99 43.09 -39.85
N LEU E 34 -41.44 43.44 -41.06
CA LEU E 34 -40.54 43.92 -42.09
C LEU E 34 -40.11 45.37 -41.91
N THR E 35 -38.96 45.70 -42.49
CA THR E 35 -38.43 47.06 -42.47
C THR E 35 -39.04 47.67 -43.74
N PRO E 36 -39.69 48.84 -43.64
CA PRO E 36 -40.27 49.40 -44.88
C PRO E 36 -39.29 49.61 -46.05
N ALA E 37 -39.75 49.36 -47.27
CA ALA E 37 -38.90 49.46 -48.46
C ALA E 37 -38.19 50.80 -48.57
N ASP E 38 -38.89 51.86 -48.21
CA ASP E 38 -38.33 53.19 -48.27
C ASP E 38 -37.15 53.35 -47.29
N LYS E 39 -37.10 52.55 -46.23
CA LYS E 39 -35.99 52.68 -45.31
C LYS E 39 -34.86 51.76 -45.73
N VAL E 40 -35.20 50.59 -46.27
CA VAL E 40 -34.24 49.62 -46.77
C VAL E 40 -33.42 50.30 -47.87
N SER E 41 -34.09 51.15 -48.64
CA SER E 41 -33.45 51.87 -49.72
C SER E 41 -33.26 53.38 -49.56
N GLY E 42 -33.38 53.87 -48.34
CA GLY E 42 -33.17 55.29 -48.05
C GLY E 42 -32.22 55.50 -46.85
N TYR E 43 -31.98 54.43 -46.08
CA TYR E 43 -31.11 54.47 -44.89
C TYR E 43 -29.94 53.52 -45.12
N ASN E 44 -28.91 53.98 -45.81
CA ASN E 44 -27.83 53.07 -46.16
C ASN E 44 -26.40 53.42 -45.73
N ASN E 45 -25.54 52.42 -45.83
CA ASN E 45 -24.14 52.60 -45.56
C ASN E 45 -23.51 52.17 -46.86
N PHE E 46 -23.00 53.14 -47.60
CA PHE E 46 -22.34 52.86 -48.86
C PHE E 46 -21.36 54.04 -49.01
N TYR E 47 -20.32 53.99 -48.19
CA TYR E 47 -19.29 55.02 -48.10
C TYR E 47 -18.77 55.50 -49.43
N GLU E 48 -18.80 54.65 -50.45
CA GLU E 48 -18.37 55.05 -51.77
C GLU E 48 -19.23 56.24 -52.27
N PHE E 49 -20.44 56.39 -51.70
CA PHE E 49 -21.32 57.49 -52.09
C PHE E 49 -21.52 58.54 -51.04
N GLY E 50 -20.68 58.51 -50.00
CA GLY E 50 -20.79 59.47 -48.91
C GLY E 50 -21.17 58.78 -47.63
N LEU E 51 -20.61 59.26 -46.52
CA LEU E 51 -20.80 58.75 -45.16
C LEU E 51 -22.19 58.73 -44.55
N ASP E 52 -23.07 59.62 -44.99
CA ASP E 52 -24.37 59.69 -44.36
C ASP E 52 -25.38 58.65 -44.81
N LYS E 53 -26.38 58.42 -43.96
CA LYS E 53 -27.41 57.45 -44.23
C LYS E 53 -28.17 57.75 -45.50
N ALA E 54 -28.32 59.03 -45.83
CA ALA E 54 -29.08 59.41 -47.01
C ALA E 54 -28.24 59.64 -48.25
N ASP E 55 -26.92 59.68 -48.11
CA ASP E 55 -26.04 59.91 -49.25
C ASP E 55 -26.08 58.89 -50.40
N PRO E 56 -26.09 57.58 -50.08
CA PRO E 56 -26.13 56.62 -51.20
C PRO E 56 -27.41 56.80 -52.06
N ALA E 57 -28.57 56.90 -51.42
CA ALA E 57 -29.81 57.07 -52.19
C ALA E 57 -29.69 58.29 -53.09
N ALA E 58 -29.25 59.39 -52.49
CA ALA E 58 -29.11 60.64 -53.22
C ALA E 58 -28.03 60.62 -54.29
N ASN E 59 -26.98 59.81 -54.12
CA ASN E 59 -25.88 59.80 -55.10
C ASN E 59 -25.64 58.53 -55.93
N ALA E 60 -26.04 57.36 -55.43
CA ALA E 60 -25.79 56.12 -56.17
C ALA E 60 -26.36 56.12 -57.60
N GLY E 61 -27.25 57.06 -57.88
CA GLY E 61 -27.84 57.15 -59.21
C GLY E 61 -26.83 57.22 -60.34
N SER E 62 -25.71 57.91 -60.11
CA SER E 62 -24.69 58.07 -61.13
C SER E 62 -23.89 56.81 -61.52
N LEU E 63 -24.08 55.72 -60.77
CA LEU E 63 -23.35 54.48 -61.06
C LEU E 63 -24.09 53.62 -62.09
N LYS E 64 -23.37 53.15 -63.10
CA LYS E 64 -23.96 52.29 -64.14
C LYS E 64 -23.75 50.82 -63.87
N THR E 65 -24.84 50.11 -63.59
CA THR E 65 -24.78 48.69 -63.26
C THR E 65 -25.05 47.74 -64.43
N ASP E 66 -25.19 48.29 -65.63
CA ASP E 66 -25.49 47.49 -66.80
C ASP E 66 -24.78 48.18 -67.96
N PRO E 67 -23.76 47.56 -68.57
CA PRO E 67 -23.09 46.27 -68.37
C PRO E 67 -22.36 46.08 -67.04
N TRP E 68 -22.11 44.82 -66.72
CA TRP E 68 -21.41 44.49 -65.50
C TRP E 68 -20.61 43.23 -65.76
N THR E 69 -19.48 43.12 -65.08
CA THR E 69 -18.61 41.98 -65.21
C THR E 69 -18.17 41.49 -63.83
N LEU E 70 -18.48 40.23 -63.53
CA LEU E 70 -18.14 39.61 -62.25
C LEU E 70 -17.20 38.45 -62.56
N LYS E 71 -15.95 38.56 -62.14
CA LYS E 71 -14.96 37.53 -62.42
C LYS E 71 -14.63 36.60 -61.25
N ILE E 72 -14.80 35.29 -61.46
CA ILE E 72 -14.47 34.29 -60.43
C ILE E 72 -13.08 33.70 -60.77
N SER E 73 -12.10 33.89 -59.91
CA SER E 73 -10.78 33.36 -60.25
C SER E 73 -10.06 32.80 -59.04
N GLY E 74 -8.74 32.63 -59.22
CA GLY E 74 -7.90 32.13 -58.15
C GLY E 74 -7.77 30.62 -58.05
N GLU E 75 -7.79 30.13 -56.82
CA GLU E 75 -7.66 28.72 -56.54
C GLU E 75 -8.95 28.05 -57.03
N VAL E 76 -9.09 28.01 -58.35
CA VAL E 76 -10.28 27.44 -58.99
C VAL E 76 -9.92 26.61 -60.21
N ALA E 77 -10.60 25.48 -60.36
CA ALA E 77 -10.35 24.62 -61.51
C ALA E 77 -10.91 25.25 -62.79
N LYS E 78 -12.09 25.86 -62.70
CA LYS E 78 -12.72 26.49 -63.86
C LYS E 78 -13.11 27.96 -63.65
N PRO E 79 -12.18 28.91 -63.90
CA PRO E 79 -12.56 30.30 -63.72
C PRO E 79 -13.59 30.66 -64.78
N LEU E 80 -14.43 31.64 -64.49
CA LEU E 80 -15.47 32.10 -65.41
C LEU E 80 -15.86 33.53 -65.10
N THR E 81 -16.54 34.16 -66.04
CA THR E 81 -16.96 35.53 -65.83
C THR E 81 -18.45 35.65 -66.14
N LEU E 82 -19.18 36.33 -65.26
CA LEU E 82 -20.62 36.54 -65.41
C LEU E 82 -20.91 37.98 -65.82
N ASP E 83 -21.84 38.16 -66.76
CA ASP E 83 -22.23 39.50 -67.22
C ASP E 83 -23.50 39.90 -66.47
N HIS E 84 -24.05 41.08 -66.77
CA HIS E 84 -25.25 41.58 -66.09
C HIS E 84 -26.45 40.63 -66.11
N ASP E 85 -26.76 40.09 -67.28
CA ASP E 85 -27.91 39.19 -67.39
C ASP E 85 -27.71 37.86 -66.67
N ASP E 86 -26.48 37.39 -66.57
CA ASP E 86 -26.20 36.14 -65.85
C ASP E 86 -26.60 36.23 -64.37
N LEU E 87 -26.48 37.41 -63.79
CA LEU E 87 -26.83 37.61 -62.39
C LEU E 87 -28.26 37.19 -62.05
N THR E 88 -29.21 37.52 -62.92
CA THR E 88 -30.60 37.18 -62.64
C THR E 88 -31.16 35.96 -63.40
N ARG E 89 -30.35 35.32 -64.24
CA ARG E 89 -30.81 34.16 -65.02
C ARG E 89 -29.99 32.88 -64.92
N ARG E 90 -28.69 33.00 -64.68
CA ARG E 90 -27.85 31.82 -64.59
C ARG E 90 -28.35 30.84 -63.52
N PHE E 91 -28.86 31.35 -62.41
CA PHE E 91 -29.35 30.48 -61.35
C PHE E 91 -30.76 30.88 -60.94
N PRO E 92 -31.51 29.93 -60.36
CA PRO E 92 -32.87 30.24 -59.93
C PRO E 92 -32.82 31.17 -58.71
N LEU E 93 -33.64 32.20 -58.73
CA LEU E 93 -33.71 33.19 -57.67
C LEU E 93 -34.71 32.81 -56.56
N GLU E 94 -34.36 33.16 -55.32
CA GLU E 94 -35.20 32.88 -54.17
C GLU E 94 -35.34 34.12 -53.29
N GLU E 95 -36.52 34.34 -52.74
CA GLU E 95 -36.71 35.45 -51.82
C GLU E 95 -36.39 34.89 -50.44
N ARG E 96 -35.64 35.64 -49.64
CA ARG E 96 -35.32 35.19 -48.29
C ARG E 96 -35.48 36.39 -47.36
N ILE E 97 -36.28 36.24 -46.32
CA ILE E 97 -36.51 37.34 -45.39
C ILE E 97 -35.52 37.13 -44.25
N TYR E 98 -34.43 37.91 -44.29
CA TYR E 98 -33.37 37.82 -43.30
C TYR E 98 -33.32 39.04 -42.40
N ARG E 99 -32.71 38.85 -41.22
CA ARG E 99 -32.47 39.97 -40.31
C ARG E 99 -31.15 40.52 -40.80
N MET E 100 -30.99 41.84 -40.77
CA MET E 100 -29.75 42.49 -41.20
C MET E 100 -29.32 43.27 -39.94
N ARG E 101 -28.14 42.94 -39.39
CA ARG E 101 -27.68 43.61 -38.18
C ARG E 101 -26.45 44.39 -38.49
N CYS E 102 -26.54 45.73 -38.53
CA CYS E 102 -25.34 46.52 -38.79
C CYS E 102 -24.51 46.60 -37.49
N VAL E 103 -23.20 46.78 -37.61
CA VAL E 103 -22.33 46.85 -36.43
C VAL E 103 -22.59 48.11 -35.59
N GLU E 104 -23.35 49.05 -36.15
CA GLU E 104 -23.66 50.32 -35.47
C GLU E 104 -24.82 50.24 -34.51
N ALA E 105 -25.28 49.03 -34.22
CA ALA E 105 -26.40 48.82 -33.30
C ALA E 105 -27.81 49.07 -33.82
N TRP E 106 -27.99 48.96 -35.14
CA TRP E 106 -29.32 49.07 -35.74
C TRP E 106 -29.50 47.83 -36.62
N SER E 107 -30.75 47.42 -36.78
CA SER E 107 -31.03 46.23 -37.55
C SER E 107 -32.27 46.40 -38.43
N MET E 108 -32.43 45.49 -39.38
CA MET E 108 -33.54 45.49 -40.30
C MET E 108 -34.01 44.07 -40.60
N VAL E 109 -35.21 43.94 -41.16
CA VAL E 109 -35.75 42.67 -41.62
C VAL E 109 -36.02 42.96 -43.09
N VAL E 110 -35.28 42.27 -43.94
CA VAL E 110 -35.29 42.48 -45.37
C VAL E 110 -35.59 41.26 -46.28
N PRO E 111 -36.52 41.39 -47.24
CA PRO E 111 -36.81 40.27 -48.14
C PRO E 111 -35.88 40.39 -49.36
N TRP E 112 -34.67 39.84 -49.22
CA TRP E 112 -33.68 39.86 -50.29
C TRP E 112 -34.07 38.83 -51.35
N ILE E 113 -33.50 38.97 -52.53
CA ILE E 113 -33.73 38.03 -53.59
C ILE E 113 -32.34 37.70 -54.17
N GLY E 114 -32.00 36.43 -54.21
CA GLY E 114 -30.71 36.08 -54.76
C GLY E 114 -30.59 34.58 -54.85
N PHE E 115 -29.36 34.10 -55.00
CA PHE E 115 -29.10 32.68 -55.07
C PHE E 115 -27.94 32.38 -54.13
N PRO E 116 -27.98 31.21 -53.48
CA PRO E 116 -26.90 30.86 -52.56
C PRO E 116 -25.57 30.86 -53.25
N LEU E 117 -24.60 31.44 -52.57
CA LEU E 117 -23.26 31.53 -53.09
C LEU E 117 -22.65 30.17 -53.42
N HIS E 118 -22.99 29.12 -52.68
CA HIS E 118 -22.41 27.81 -53.00
C HIS E 118 -22.72 27.33 -54.44
N LYS E 119 -23.82 27.81 -55.03
CA LYS E 119 -24.17 27.42 -56.40
C LYS E 119 -23.19 28.01 -57.40
N LEU E 120 -22.77 29.24 -57.17
CA LEU E 120 -21.81 29.89 -58.06
C LEU E 120 -20.40 29.31 -57.87
N LEU E 121 -20.00 29.09 -56.63
CA LEU E 121 -18.68 28.53 -56.35
C LEU E 121 -18.60 27.07 -56.82
N ALA E 122 -19.73 26.37 -56.85
CA ALA E 122 -19.70 24.98 -57.31
C ALA E 122 -19.27 25.01 -58.78
N LEU E 123 -19.83 25.95 -59.56
CA LEU E 123 -19.50 26.09 -60.96
C LEU E 123 -18.03 26.28 -61.24
N ALA E 124 -17.33 27.02 -60.37
CA ALA E 124 -15.90 27.25 -60.56
C ALA E 124 -15.06 26.10 -60.01
N GLU E 125 -15.67 25.28 -59.17
CA GLU E 125 -14.98 24.14 -58.59
C GLU E 125 -13.67 24.52 -57.90
N PRO E 126 -13.76 24.96 -56.64
CA PRO E 126 -12.58 25.35 -55.86
C PRO E 126 -11.62 24.20 -55.61
N THR E 127 -10.34 24.40 -55.92
CA THR E 127 -9.33 23.38 -55.72
C THR E 127 -9.11 23.16 -54.24
N SER E 128 -8.34 22.12 -53.90
CA SER E 128 -8.06 21.78 -52.51
C SER E 128 -7.22 22.81 -51.76
N ASN E 129 -6.64 23.74 -52.50
CA ASN E 129 -5.83 24.79 -51.89
C ASN E 129 -6.67 25.98 -51.44
N ALA E 130 -7.91 26.03 -51.93
CA ALA E 130 -8.84 27.12 -51.60
C ALA E 130 -9.36 27.03 -50.15
N LYS E 131 -9.00 28.04 -49.36
CA LYS E 131 -9.41 28.09 -47.95
C LYS E 131 -10.26 29.33 -47.62
N TYR E 132 -10.14 30.37 -48.44
CA TYR E 132 -10.86 31.63 -48.27
C TYR E 132 -11.37 32.22 -49.57
N VAL E 133 -12.42 33.03 -49.48
CA VAL E 133 -12.97 33.68 -50.66
C VAL E 133 -12.80 35.20 -50.44
N ALA E 134 -12.15 35.86 -51.39
CA ALA E 134 -11.91 37.30 -51.28
C ALA E 134 -12.83 38.02 -52.23
N PHE E 135 -13.51 39.05 -51.74
CA PHE E 135 -14.45 39.82 -52.57
C PHE E 135 -13.97 41.28 -52.75
N GLU E 136 -14.25 41.85 -53.92
CA GLU E 136 -13.86 43.22 -54.21
C GLU E 136 -14.96 44.01 -54.93
N THR E 137 -15.25 45.20 -54.40
CA THR E 137 -16.24 46.11 -54.96
C THR E 137 -15.65 46.83 -56.18
N ILE E 138 -16.49 47.28 -57.08
CA ILE E 138 -16.01 48.01 -58.25
C ILE E 138 -15.25 49.27 -57.81
N TYR E 139 -14.28 49.69 -58.60
CA TYR E 139 -13.56 50.91 -58.30
C TYR E 139 -13.85 51.89 -59.43
N ALA E 140 -14.66 52.91 -59.15
CA ALA E 140 -15.01 53.89 -60.17
C ALA E 140 -15.06 55.27 -59.55
N PRO E 141 -13.88 55.83 -59.24
CA PRO E 141 -13.76 57.15 -58.63
C PRO E 141 -14.54 58.25 -59.34
N GLU E 142 -14.67 58.15 -60.65
CA GLU E 142 -15.39 59.17 -61.38
C GLU E 142 -16.89 59.10 -61.25
N GLN E 143 -17.38 58.12 -60.51
CA GLN E 143 -18.82 58.01 -60.31
C GLN E 143 -19.11 57.88 -58.83
N MET E 144 -18.10 57.58 -58.03
CA MET E 144 -18.28 57.45 -56.60
C MET E 144 -17.55 58.55 -55.80
N PRO E 145 -18.25 59.63 -55.47
CA PRO E 145 -17.64 60.73 -54.71
C PRO E 145 -16.82 60.30 -53.51
N GLY E 146 -17.21 59.19 -52.88
CA GLY E 146 -16.46 58.71 -51.73
C GLY E 146 -15.06 58.27 -52.06
N GLN E 147 -14.83 57.81 -53.29
CA GLN E 147 -13.50 57.36 -53.67
C GLN E 147 -12.62 58.54 -54.12
N GLN E 148 -12.97 59.75 -53.69
CA GLN E 148 -12.18 60.92 -54.06
C GLN E 148 -12.02 61.93 -52.94
N ASP E 149 -12.67 61.68 -51.82
CA ASP E 149 -12.57 62.59 -50.69
C ASP E 149 -12.38 61.79 -49.42
N ARG E 150 -11.18 61.89 -48.86
CA ARG E 150 -10.84 61.17 -47.64
C ARG E 150 -11.89 61.23 -46.54
N PHE E 151 -12.58 62.37 -46.43
CA PHE E 151 -13.59 62.44 -45.37
C PHE E 151 -14.97 61.95 -45.79
N ILE E 152 -15.37 62.26 -47.03
CA ILE E 152 -16.66 61.83 -47.56
C ILE E 152 -16.70 60.30 -47.63
N GLY E 153 -15.56 59.71 -48.01
CA GLY E 153 -15.41 58.28 -48.12
C GLY E 153 -15.10 57.57 -46.81
N GLY E 154 -15.27 58.30 -45.71
CA GLY E 154 -15.02 57.71 -44.39
C GLY E 154 -13.59 57.28 -44.13
N GLY E 155 -12.68 57.67 -45.02
CA GLY E 155 -11.29 57.34 -44.86
C GLY E 155 -10.87 55.91 -45.19
N LEU E 156 -11.80 55.16 -45.79
CA LEU E 156 -11.52 53.77 -46.16
C LEU E 156 -10.58 53.69 -47.34
N LYS E 157 -9.85 52.59 -47.42
CA LYS E 157 -8.95 52.37 -48.52
C LYS E 157 -9.81 51.68 -49.58
N TYR E 158 -9.95 52.30 -50.74
CA TYR E 158 -10.77 51.70 -51.79
C TYR E 158 -9.91 50.97 -52.83
N PRO E 159 -10.49 50.00 -53.55
CA PRO E 159 -11.88 49.55 -53.46
C PRO E 159 -12.20 48.70 -52.22
N TYR E 160 -13.46 48.73 -51.85
CA TYR E 160 -13.91 47.97 -50.70
C TYR E 160 -13.56 46.51 -50.95
N VAL E 161 -13.20 45.81 -49.88
CA VAL E 161 -12.80 44.43 -50.06
C VAL E 161 -13.23 43.69 -48.82
N GLU E 162 -13.59 42.43 -48.99
CA GLU E 162 -14.02 41.59 -47.88
C GLU E 162 -13.60 40.15 -48.11
N GLY E 163 -13.78 39.31 -47.09
CA GLY E 163 -13.40 37.92 -47.26
C GLY E 163 -14.13 36.97 -46.33
N LEU E 164 -14.22 35.72 -46.75
CA LEU E 164 -14.88 34.70 -45.94
C LEU E 164 -14.05 33.44 -45.97
N ARG E 165 -14.22 32.60 -44.97
CA ARG E 165 -13.52 31.33 -44.95
C ARG E 165 -14.29 30.56 -46.02
N LEU E 166 -13.67 29.57 -46.66
CA LEU E 166 -14.38 28.84 -47.71
C LEU E 166 -15.69 28.23 -47.23
N ASP E 167 -15.67 27.58 -46.06
CA ASP E 167 -16.89 26.96 -45.54
C ASP E 167 -18.02 27.97 -45.22
N GLU E 168 -17.68 29.19 -44.81
CA GLU E 168 -18.68 30.20 -44.50
C GLU E 168 -19.29 30.60 -45.86
N ALA E 169 -18.43 30.77 -46.85
CA ALA E 169 -18.88 31.16 -48.18
C ALA E 169 -19.82 30.12 -48.78
N MET E 170 -19.60 28.85 -48.45
CA MET E 170 -20.37 27.72 -48.95
C MET E 170 -21.61 27.40 -48.12
N HIS E 171 -21.81 28.10 -47.02
CA HIS E 171 -22.97 27.81 -46.18
C HIS E 171 -24.24 28.13 -46.94
N PRO E 172 -25.31 27.36 -46.73
CA PRO E 172 -26.56 27.63 -47.45
C PRO E 172 -27.20 28.97 -47.16
N LEU E 173 -26.80 29.58 -46.05
CA LEU E 173 -27.36 30.86 -45.68
C LEU E 173 -26.78 32.05 -46.45
N THR E 174 -25.53 31.95 -46.90
CA THR E 174 -24.96 33.10 -47.57
C THR E 174 -25.46 33.17 -49.00
N LEU E 175 -25.97 34.33 -49.38
CA LEU E 175 -26.50 34.46 -50.72
C LEU E 175 -26.10 35.69 -51.48
N MET E 176 -25.82 35.49 -52.76
CA MET E 176 -25.49 36.55 -53.69
C MET E 176 -26.88 37.12 -53.99
N THR E 177 -27.07 38.32 -53.49
CA THR E 177 -28.29 39.07 -53.57
C THR E 177 -28.29 39.90 -54.83
N VAL E 178 -29.41 39.86 -55.57
CA VAL E 178 -29.51 40.61 -56.83
C VAL E 178 -30.75 41.48 -56.87
N GLY E 179 -31.63 41.31 -55.87
CA GLY E 179 -32.84 42.11 -55.84
C GLY E 179 -33.36 42.24 -54.43
N VAL E 180 -34.43 42.98 -54.21
CA VAL E 180 -34.99 43.16 -52.88
C VAL E 180 -36.41 43.66 -53.12
N TYR E 181 -37.37 43.27 -52.28
CA TYR E 181 -38.77 43.65 -52.46
C TYR E 181 -39.25 43.43 -53.90
N GLY E 182 -39.08 42.21 -54.37
CA GLY E 182 -39.51 41.84 -55.71
C GLY E 182 -38.76 42.42 -56.89
N LYS E 183 -37.90 43.40 -56.68
CA LYS E 183 -37.18 44.00 -57.80
C LYS E 183 -35.67 44.00 -57.74
N ALA E 184 -35.04 44.31 -58.87
CA ALA E 184 -33.60 44.37 -58.94
C ALA E 184 -33.17 45.47 -57.97
N LEU E 185 -32.10 45.17 -57.25
CA LEU E 185 -31.53 46.08 -56.28
C LEU E 185 -31.35 47.51 -56.75
N PRO E 186 -31.76 48.49 -55.93
CA PRO E 186 -31.59 49.91 -56.26
C PRO E 186 -30.05 50.15 -56.10
N PRO E 187 -29.49 51.17 -56.78
CA PRO E 187 -28.04 51.33 -56.60
C PRO E 187 -27.53 51.49 -55.14
N GLN E 188 -28.30 52.18 -54.29
CA GLN E 188 -27.90 52.38 -52.89
C GLN E 188 -27.61 51.09 -52.15
N ASN E 189 -28.25 50.00 -52.58
CA ASN E 189 -28.08 48.70 -51.94
C ASN E 189 -27.01 47.80 -52.54
N GLY E 190 -26.19 48.34 -53.42
CA GLY E 190 -25.13 47.52 -53.96
C GLY E 190 -25.36 46.90 -55.31
N ALA E 191 -26.31 47.47 -56.07
CA ALA E 191 -26.63 47.00 -57.41
C ALA E 191 -25.35 46.81 -58.21
N PRO E 192 -25.30 45.81 -59.09
CA PRO E 192 -26.36 44.86 -59.38
C PRO E 192 -26.21 43.52 -58.63
N VAL E 193 -25.12 43.35 -57.88
CA VAL E 193 -24.89 42.11 -57.14
C VAL E 193 -24.24 42.47 -55.83
N ARG E 194 -24.75 41.85 -54.77
CA ARG E 194 -24.34 42.16 -53.43
C ARG E 194 -24.25 40.88 -52.59
N LEU E 195 -23.42 40.89 -51.54
CA LEU E 195 -23.28 39.73 -50.67
C LEU E 195 -24.05 39.96 -49.38
N ILE E 196 -24.63 38.89 -48.87
CA ILE E 196 -25.36 38.95 -47.62
C ILE E 196 -24.98 37.69 -46.85
N VAL E 197 -24.52 37.87 -45.62
CA VAL E 197 -24.13 36.79 -44.69
C VAL E 197 -24.92 37.31 -43.52
N PRO E 198 -26.16 36.82 -43.33
CA PRO E 198 -27.07 37.25 -42.26
C PRO E 198 -26.73 37.10 -40.78
N TRP E 199 -25.84 36.17 -40.46
CA TRP E 199 -25.44 35.92 -39.09
C TRP E 199 -24.20 36.76 -38.68
N LYS E 200 -23.70 37.58 -39.60
CA LYS E 200 -22.53 38.43 -39.36
C LYS E 200 -22.91 39.91 -39.42
N TYR E 201 -22.07 40.80 -38.88
CA TYR E 201 -22.39 42.24 -38.96
C TYR E 201 -22.46 42.67 -40.43
N GLY E 202 -23.27 43.70 -40.69
CA GLY E 202 -23.48 44.17 -42.05
C GLY E 202 -22.29 44.48 -42.92
N PHE E 203 -21.19 44.92 -42.30
CA PHE E 203 -20.04 45.33 -43.09
C PHE E 203 -19.42 44.22 -43.91
N LYS E 204 -19.72 42.97 -43.59
CA LYS E 204 -19.17 41.84 -44.36
C LYS E 204 -19.94 41.65 -45.67
N GLY E 205 -21.16 42.18 -45.74
CA GLY E 205 -21.97 42.03 -46.94
C GLY E 205 -21.59 43.05 -47.98
N ILE E 206 -20.48 42.80 -48.65
CA ILE E 206 -19.92 43.69 -49.64
C ILE E 206 -20.82 43.97 -50.86
N LYS E 207 -20.98 45.26 -51.17
CA LYS E 207 -21.82 45.75 -52.29
C LYS E 207 -21.16 45.85 -53.65
N SER E 208 -22.00 45.87 -54.67
CA SER E 208 -21.57 46.01 -56.06
C SER E 208 -20.26 45.22 -56.36
N ILE E 209 -20.31 43.89 -56.27
CA ILE E 209 -19.18 43.01 -56.51
C ILE E 209 -18.76 42.80 -57.96
N VAL E 210 -17.46 42.94 -58.23
CA VAL E 210 -16.93 42.72 -59.57
C VAL E 210 -15.91 41.60 -59.55
N SER E 211 -15.47 41.21 -58.36
CA SER E 211 -14.48 40.16 -58.27
C SER E 211 -14.64 39.19 -57.09
N ILE E 212 -14.42 37.91 -57.37
CA ILE E 212 -14.51 36.87 -56.37
C ILE E 212 -13.30 35.97 -56.58
N LYS E 213 -12.43 35.92 -55.58
CA LYS E 213 -11.20 35.14 -55.73
C LYS E 213 -10.90 34.15 -54.60
N LEU E 214 -10.74 32.88 -54.96
CA LEU E 214 -10.45 31.85 -53.98
C LEU E 214 -8.95 31.95 -53.68
N THR E 215 -8.59 31.92 -52.41
CA THR E 215 -7.18 32.04 -52.04
C THR E 215 -6.76 31.03 -50.99
N ARG E 216 -5.45 30.92 -50.80
CA ARG E 216 -4.89 30.02 -49.81
C ARG E 216 -4.88 30.74 -48.48
N GLU E 217 -4.39 31.97 -48.51
CA GLU E 217 -4.29 32.81 -47.32
C GLU E 217 -5.46 33.74 -47.07
N ARG E 218 -5.67 34.09 -45.81
CA ARG E 218 -6.75 34.97 -45.40
C ARG E 218 -6.65 36.35 -46.05
N PRO E 219 -7.65 36.72 -46.88
CA PRO E 219 -7.62 38.03 -47.54
C PRO E 219 -7.88 39.20 -46.60
N PRO E 220 -7.49 40.40 -47.02
CA PRO E 220 -7.70 41.61 -46.22
C PRO E 220 -9.17 42.03 -46.24
N THR E 221 -9.57 42.74 -45.20
CA THR E 221 -10.94 43.22 -45.02
C THR E 221 -10.89 44.75 -44.82
N THR E 222 -11.67 45.49 -45.61
CA THR E 222 -11.67 46.94 -45.53
C THR E 222 -11.83 47.51 -44.14
N TRP E 223 -12.81 47.03 -43.38
CA TRP E 223 -13.02 47.56 -42.06
C TRP E 223 -12.04 47.02 -41.03
N ASN E 224 -11.48 45.85 -41.30
CA ASN E 224 -10.52 45.32 -40.39
C ASN E 224 -9.25 46.14 -40.63
N LEU E 225 -9.02 46.53 -41.88
CA LEU E 225 -7.86 47.35 -42.20
C LEU E 225 -7.98 48.72 -41.53
N ALA E 226 -9.14 49.35 -41.67
CA ALA E 226 -9.39 50.66 -41.10
C ALA E 226 -9.38 50.73 -39.58
N ALA E 227 -9.72 49.63 -38.90
CA ALA E 227 -9.77 49.61 -37.44
C ALA E 227 -9.69 48.20 -36.89
N PRO E 228 -8.51 47.56 -36.99
CA PRO E 228 -8.25 46.20 -36.52
C PRO E 228 -8.73 45.90 -35.11
N ASP E 229 -8.68 46.91 -34.25
CA ASP E 229 -9.09 46.76 -32.86
C ASP E 229 -10.60 46.84 -32.64
N GLU E 230 -11.34 47.09 -33.71
CA GLU E 230 -12.79 47.19 -33.60
C GLU E 230 -13.56 46.22 -34.53
N TYR E 231 -13.10 46.08 -35.77
CA TYR E 231 -13.79 45.19 -36.71
C TYR E 231 -12.98 43.95 -37.04
N GLY E 232 -13.50 42.79 -36.65
CA GLY E 232 -12.81 41.53 -36.87
C GLY E 232 -13.11 40.88 -38.20
N PHE E 233 -12.37 39.80 -38.50
CA PHE E 233 -12.56 39.10 -39.74
C PHE E 233 -13.82 38.23 -39.71
N TYR E 234 -14.09 37.59 -38.58
CA TYR E 234 -15.28 36.75 -38.45
C TYR E 234 -16.52 37.59 -38.26
N ALA E 235 -16.48 38.55 -37.34
CA ALA E 235 -17.58 39.48 -37.13
C ALA E 235 -18.95 38.84 -36.97
N ASN E 236 -19.02 37.78 -36.19
CA ASN E 236 -20.27 37.12 -35.99
C ASN E 236 -21.10 37.97 -35.04
N VAL E 237 -22.39 38.15 -35.35
CA VAL E 237 -23.25 38.95 -34.49
C VAL E 237 -23.24 38.31 -33.11
N ASN E 238 -22.80 39.05 -32.09
CA ASN E 238 -22.73 38.47 -30.75
C ASN E 238 -23.07 39.48 -29.65
N PRO E 239 -24.15 39.26 -28.93
CA PRO E 239 -24.50 40.20 -27.88
C PRO E 239 -23.58 40.20 -26.64
N TYR E 240 -22.68 39.22 -26.53
CA TYR E 240 -21.77 39.15 -25.38
C TYR E 240 -20.38 39.72 -25.66
N VAL E 241 -20.14 40.22 -26.87
CA VAL E 241 -18.85 40.82 -27.19
C VAL E 241 -19.11 42.23 -27.73
N ASP E 242 -18.82 43.22 -26.88
CA ASP E 242 -19.06 44.60 -27.22
C ASP E 242 -18.06 45.21 -28.19
N HIS E 243 -18.43 46.39 -28.68
CA HIS E 243 -17.60 47.18 -29.58
C HIS E 243 -16.89 48.17 -28.65
N PRO E 244 -15.58 48.35 -28.83
CA PRO E 244 -14.83 49.29 -27.99
C PRO E 244 -15.62 50.54 -27.58
N ARG E 245 -16.32 51.15 -28.54
CA ARG E 245 -17.07 52.37 -28.29
C ARG E 245 -18.55 52.23 -27.95
N TRP E 246 -19.06 51.01 -27.93
CA TRP E 246 -20.47 50.77 -27.58
C TRP E 246 -20.83 49.30 -27.43
N SER E 247 -21.85 49.06 -26.62
CA SER E 247 -22.36 47.74 -26.33
C SER E 247 -23.11 47.12 -27.52
N GLN E 248 -22.99 45.81 -27.68
CA GLN E 248 -23.67 45.10 -28.77
C GLN E 248 -24.81 44.25 -28.24
N ALA E 249 -25.26 44.53 -27.02
CA ALA E 249 -26.32 43.73 -26.40
C ALA E 249 -27.71 44.02 -26.92
N THR E 250 -27.96 45.27 -27.25
CA THR E 250 -29.28 45.67 -27.73
C THR E 250 -29.18 46.34 -29.07
N GLU E 251 -30.31 46.45 -29.77
CA GLU E 251 -30.30 47.10 -31.06
C GLU E 251 -31.54 47.92 -31.42
N ARG E 252 -31.31 48.89 -32.28
CA ARG E 252 -32.36 49.76 -32.76
C ARG E 252 -32.95 49.12 -34.02
N PHE E 253 -34.18 48.65 -33.95
CA PHE E 253 -34.84 48.06 -35.11
C PHE E 253 -35.47 49.15 -35.98
N ILE E 254 -35.02 49.27 -37.23
CA ILE E 254 -35.57 50.27 -38.14
C ILE E 254 -36.90 49.77 -38.74
N GLY E 255 -38.01 50.10 -38.09
CA GLY E 255 -39.30 49.66 -38.58
C GLY E 255 -40.05 50.78 -39.26
N SER E 256 -41.37 50.79 -39.07
CA SER E 256 -42.21 51.83 -39.66
C SER E 256 -42.25 53.06 -38.75
N GLY E 257 -41.57 54.11 -39.19
CA GLY E 257 -41.54 55.33 -38.42
C GLY E 257 -42.11 56.42 -39.31
N GLN E 263 -37.66 51.50 -31.90
CA GLN E 263 -37.58 50.94 -30.51
C GLN E 263 -36.46 49.91 -30.36
N ARG E 264 -35.97 49.77 -29.12
CA ARG E 264 -34.88 48.85 -28.80
C ARG E 264 -35.35 47.41 -28.54
N GLN E 265 -34.53 46.45 -28.98
CA GLN E 265 -34.83 45.03 -28.78
C GLN E 265 -33.48 44.32 -28.59
N PRO E 266 -33.46 43.25 -27.79
CA PRO E 266 -32.20 42.53 -27.56
C PRO E 266 -31.58 41.90 -28.80
N THR E 267 -30.26 41.92 -28.83
CA THR E 267 -29.53 41.33 -29.94
C THR E 267 -29.46 39.84 -29.74
N LEU E 268 -29.69 39.10 -30.81
CA LEU E 268 -29.63 37.64 -30.74
C LEU E 268 -28.26 37.14 -31.17
N LEU E 269 -27.87 36.01 -30.59
CA LEU E 269 -26.60 35.37 -30.89
C LEU E 269 -26.60 34.92 -32.36
N PHE E 270 -25.57 35.27 -33.11
CA PHE E 270 -25.54 34.91 -34.51
C PHE E 270 -26.81 35.47 -35.20
N ASN E 271 -27.23 36.66 -34.77
CA ASN E 271 -28.38 37.34 -35.36
C ASN E 271 -29.63 36.43 -35.50
N GLY E 272 -29.69 35.38 -34.70
CA GLY E 272 -30.85 34.50 -34.73
C GLY E 272 -30.69 33.19 -35.51
N TYR E 273 -29.54 32.97 -36.12
CA TYR E 273 -29.30 31.77 -36.92
C TYR E 273 -28.30 30.83 -36.25
N ALA E 274 -28.16 30.92 -34.93
CA ALA E 274 -27.21 30.07 -34.20
C ALA E 274 -27.32 28.60 -34.60
N ASP E 275 -28.54 28.08 -34.61
CA ASP E 275 -28.76 26.69 -34.97
C ASP E 275 -28.18 26.33 -36.34
N GLN E 276 -28.44 27.16 -37.36
CA GLN E 276 -27.92 26.87 -38.69
C GLN E 276 -26.44 27.07 -38.82
N VAL E 277 -25.90 27.97 -38.01
CA VAL E 277 -24.52 28.34 -38.08
C VAL E 277 -23.55 27.81 -37.01
N ALA E 278 -24.00 27.73 -35.77
CA ALA E 278 -23.15 27.28 -34.66
C ALA E 278 -22.18 26.19 -35.10
N SER E 279 -22.70 25.26 -35.90
CA SER E 279 -21.94 24.14 -36.42
C SER E 279 -20.61 24.47 -37.14
N LEU E 280 -20.48 25.65 -37.73
CA LEU E 280 -19.23 25.99 -38.42
C LEU E 280 -18.21 26.56 -37.46
N TYR E 281 -18.67 26.98 -36.29
CA TYR E 281 -17.76 27.61 -35.35
C TYR E 281 -17.43 26.83 -34.07
N ARG E 282 -18.16 25.73 -33.85
CA ARG E 282 -17.95 24.93 -32.65
C ARG E 282 -16.60 24.26 -32.58
N GLY E 283 -15.85 24.60 -31.54
CA GLY E 283 -14.53 24.04 -31.36
C GLY E 283 -13.49 24.87 -32.08
N LEU E 284 -13.86 26.10 -32.47
CA LEU E 284 -12.94 26.99 -33.17
C LEU E 284 -12.77 28.37 -32.55
N ASP E 285 -11.98 29.22 -33.20
CA ASP E 285 -11.65 30.57 -32.72
C ASP E 285 -12.17 31.80 -33.49
N ALA F 19 37.54 -53.08 56.47
CA ALA F 19 38.72 -53.75 55.83
C ALA F 19 38.24 -54.69 54.73
N LEU F 20 38.39 -54.27 53.47
CA LEU F 20 37.91 -55.10 52.37
C LEU F 20 38.64 -55.07 51.04
N GLU F 21 38.19 -55.95 50.16
CA GLU F 21 38.75 -56.15 48.81
C GLU F 21 38.02 -55.47 47.63
N PHE F 22 38.78 -54.74 46.79
CA PHE F 22 38.22 -54.04 45.63
C PHE F 22 39.25 -53.74 44.53
N SER F 23 38.78 -53.41 43.33
CA SER F 23 39.66 -53.08 42.22
C SER F 23 39.63 -51.57 42.10
N LYS F 24 40.26 -51.02 41.06
CA LYS F 24 40.30 -49.58 40.85
C LYS F 24 40.19 -49.16 39.40
N PRO F 25 39.02 -49.32 38.79
CA PRO F 25 38.79 -48.95 37.38
C PRO F 25 39.32 -47.55 37.06
N ALA F 26 40.02 -47.43 35.93
CA ALA F 26 40.62 -46.18 35.48
C ALA F 26 39.63 -45.05 35.23
N ALA F 27 38.43 -45.41 34.77
CA ALA F 27 37.40 -44.42 34.49
C ALA F 27 36.94 -43.68 35.75
N TRP F 28 37.12 -44.30 36.91
CA TRP F 28 36.71 -43.70 38.18
C TRP F 28 37.91 -43.26 39.02
N GLN F 29 39.07 -43.20 38.38
CA GLN F 29 40.30 -42.76 39.04
C GLN F 29 40.64 -41.41 38.43
N ASN F 30 41.04 -40.46 39.28
CA ASN F 30 41.39 -39.13 38.81
C ASN F 30 42.36 -38.43 39.77
N ASN F 31 42.58 -37.14 39.53
CA ASN F 31 43.50 -36.37 40.36
C ASN F 31 42.83 -35.24 41.14
N LEU F 32 41.52 -35.37 41.39
CA LEU F 32 40.81 -34.35 42.14
C LEU F 32 41.25 -34.45 43.58
N PRO F 33 41.58 -33.30 44.21
CA PRO F 33 42.01 -33.28 45.61
C PRO F 33 40.98 -33.96 46.51
N LEU F 34 41.46 -34.84 47.38
CA LEU F 34 40.57 -35.57 48.28
C LEU F 34 40.19 -34.84 49.57
N THR F 35 39.08 -35.28 50.15
CA THR F 35 38.59 -34.73 51.40
C THR F 35 39.10 -35.70 52.45
N PRO F 36 39.88 -35.20 53.43
CA PRO F 36 40.44 -36.02 54.51
C PRO F 36 39.44 -37.04 55.04
N ALA F 37 39.94 -38.24 55.34
CA ALA F 37 39.11 -39.32 55.84
C ALA F 37 38.44 -39.00 57.18
N ASP F 38 39.09 -38.17 57.99
CA ASP F 38 38.54 -37.80 59.28
C ASP F 38 37.33 -36.86 59.12
N LYS F 39 37.29 -36.11 58.02
CA LYS F 39 36.18 -35.21 57.77
C LYS F 39 35.03 -35.93 57.05
N VAL F 40 35.36 -36.83 56.13
CA VAL F 40 34.35 -37.59 55.41
C VAL F 40 33.54 -38.33 56.47
N SER F 41 34.22 -38.77 57.53
CA SER F 41 33.54 -39.50 58.59
C SER F 41 33.39 -38.71 59.89
N GLY F 42 33.57 -37.40 59.82
CA GLY F 42 33.42 -36.57 61.00
C GLY F 42 32.53 -35.34 60.80
N TYR F 43 32.05 -35.16 59.57
CA TYR F 43 31.20 -34.04 59.15
C TYR F 43 30.07 -34.67 58.35
N ASN F 44 29.01 -35.11 59.03
CA ASN F 44 27.94 -35.81 58.38
C ASN F 44 26.53 -35.27 58.51
N ASN F 45 25.66 -35.79 57.65
CA ASN F 45 24.25 -35.48 57.61
C ASN F 45 23.57 -36.83 57.73
N PHE F 46 23.09 -37.16 58.92
CA PHE F 46 22.41 -38.44 59.13
C PHE F 46 21.45 -38.14 60.31
N TYR F 47 20.43 -37.37 59.96
CA TYR F 47 19.40 -36.88 60.86
C TYR F 47 18.87 -37.88 61.82
N GLU F 48 18.92 -39.16 61.46
CA GLU F 48 18.44 -40.20 62.36
C GLU F 48 19.23 -40.18 63.67
N PHE F 49 20.45 -39.64 63.61
CA PHE F 49 21.33 -39.56 64.78
C PHE F 49 21.57 -38.14 65.30
N GLY F 50 20.79 -37.19 64.80
CA GLY F 50 20.94 -35.81 65.24
C GLY F 50 21.31 -34.90 64.09
N LEU F 51 20.80 -33.67 64.13
CA LEU F 51 21.00 -32.64 63.13
C LEU F 51 22.39 -32.10 62.85
N ASP F 52 23.17 -31.92 63.90
CA ASP F 52 24.51 -31.36 63.77
C ASP F 52 25.48 -32.23 63.00
N LYS F 53 26.43 -31.57 62.35
CA LYS F 53 27.43 -32.25 61.57
C LYS F 53 28.19 -33.30 62.38
N ALA F 54 28.41 -33.02 63.67
CA ALA F 54 29.17 -33.94 64.50
C ALA F 54 28.33 -35.04 65.15
N ASP F 55 27.01 -34.90 65.15
CA ASP F 55 26.15 -35.90 65.79
C ASP F 55 26.23 -37.35 65.30
N PRO F 56 26.33 -37.58 63.97
CA PRO F 56 26.38 -38.97 63.52
C PRO F 56 27.62 -39.73 63.97
N ALA F 57 28.76 -39.09 63.94
CA ALA F 57 29.99 -39.75 64.36
C ALA F 57 29.95 -40.05 65.85
N ALA F 58 29.22 -39.25 66.60
CA ALA F 58 29.13 -39.45 68.03
C ALA F 58 28.06 -40.44 68.46
N ASN F 59 26.97 -40.54 67.70
CA ASN F 59 25.88 -41.43 68.10
C ASN F 59 25.61 -42.68 67.25
N ALA F 60 26.19 -42.73 66.06
CA ALA F 60 25.96 -43.86 65.15
C ALA F 60 26.49 -45.20 65.64
N GLY F 61 27.37 -45.17 66.64
CA GLY F 61 27.92 -46.40 67.16
C GLY F 61 26.87 -47.32 67.75
N SER F 62 25.73 -46.75 68.11
CA SER F 62 24.64 -47.52 68.71
C SER F 62 23.83 -48.35 67.72
N LEU F 63 24.18 -48.27 66.45
CA LEU F 63 23.48 -49.00 65.42
C LEU F 63 24.21 -50.29 65.05
N LYS F 64 23.51 -51.43 65.07
CA LYS F 64 24.10 -52.71 64.70
C LYS F 64 23.88 -52.98 63.21
N THR F 65 24.97 -53.06 62.46
CA THR F 65 24.87 -53.28 61.02
C THR F 65 25.14 -54.71 60.58
N ASP F 66 25.27 -55.63 61.54
CA ASP F 66 25.56 -57.03 61.24
C ASP F 66 24.93 -57.82 62.37
N PRO F 67 23.88 -58.61 62.10
CA PRO F 67 23.11 -58.95 60.90
C PRO F 67 22.42 -57.80 60.18
N TRP F 68 22.13 -58.02 58.90
CA TRP F 68 21.46 -57.03 58.09
C TRP F 68 20.70 -57.71 56.96
N THR F 69 19.53 -57.17 56.66
CA THR F 69 18.67 -57.70 55.60
C THR F 69 18.32 -56.58 54.64
N LEU F 70 18.55 -56.82 53.36
CA LEU F 70 18.25 -55.86 52.31
C LEU F 70 17.32 -56.57 51.34
N LYS F 71 16.04 -56.20 51.36
CA LYS F 71 15.06 -56.84 50.49
C LYS F 71 14.79 -56.11 49.19
N ILE F 72 14.76 -56.86 48.10
CA ILE F 72 14.46 -56.29 46.80
C ILE F 72 13.09 -56.86 46.43
N SER F 73 12.13 -55.99 46.15
CA SER F 73 10.79 -56.43 45.81
C SER F 73 10.07 -55.51 44.83
N GLY F 74 8.77 -55.70 44.71
CA GLY F 74 7.95 -54.88 43.84
C GLY F 74 7.76 -55.45 42.44
N GLU F 75 7.88 -54.59 41.44
CA GLU F 75 7.70 -55.00 40.05
C GLU F 75 8.98 -55.69 39.54
N VAL F 76 9.26 -56.82 40.16
CA VAL F 76 10.44 -57.63 39.86
C VAL F 76 10.05 -59.10 39.64
N ALA F 77 10.70 -59.77 38.69
CA ALA F 77 10.40 -61.18 38.42
C ALA F 77 10.99 -62.13 39.45
N LYS F 78 12.16 -61.80 39.98
CA LYS F 78 12.81 -62.65 40.97
C LYS F 78 13.21 -61.91 42.24
N PRO F 79 12.27 -61.74 43.18
CA PRO F 79 12.59 -61.03 44.43
C PRO F 79 13.58 -61.83 45.29
N LEU F 80 14.52 -61.13 45.90
CA LEU F 80 15.51 -61.77 46.77
C LEU F 80 15.89 -60.83 47.91
N THR F 81 16.60 -61.39 48.88
CA THR F 81 17.04 -60.64 50.04
C THR F 81 18.49 -60.97 50.43
N LEU F 82 19.38 -59.99 50.30
CA LEU F 82 20.80 -60.14 50.62
C LEU F 82 21.04 -59.96 52.11
N ASP F 83 22.04 -60.66 52.65
CA ASP F 83 22.37 -60.50 54.07
C ASP F 83 23.60 -59.60 54.16
N HIS F 84 24.13 -59.41 55.37
CA HIS F 84 25.29 -58.56 55.55
C HIS F 84 26.51 -58.94 54.70
N ASP F 85 26.88 -60.22 54.74
CA ASP F 85 28.05 -60.69 53.99
C ASP F 85 27.93 -60.59 52.49
N ASP F 86 26.70 -60.63 51.97
CA ASP F 86 26.44 -60.52 50.54
C ASP F 86 26.87 -59.15 50.01
N LEU F 87 26.58 -58.11 50.79
CA LEU F 87 26.89 -56.74 50.39
C LEU F 87 28.34 -56.51 49.95
N THR F 88 29.27 -57.21 50.57
CA THR F 88 30.70 -57.06 50.24
C THR F 88 31.30 -58.27 49.52
N ARG F 89 30.47 -59.27 49.23
CA ARG F 89 30.91 -60.50 48.58
C ARG F 89 30.21 -60.81 47.26
N ARG F 90 28.88 -60.72 47.27
CA ARG F 90 28.02 -60.98 46.12
C ARG F 90 28.39 -60.35 44.78
N PHE F 91 29.09 -59.21 44.82
CA PHE F 91 29.49 -58.54 43.58
C PHE F 91 30.90 -58.00 43.72
N PRO F 92 31.58 -57.78 42.57
CA PRO F 92 32.95 -57.25 42.58
C PRO F 92 32.95 -55.76 42.93
N LEU F 93 33.47 -55.45 44.12
CA LEU F 93 33.55 -54.07 44.62
C LEU F 93 34.61 -53.26 43.93
N GLU F 94 34.29 -52.01 43.62
CA GLU F 94 35.22 -51.09 42.95
C GLU F 94 35.42 -49.83 43.78
N GLU F 95 36.54 -49.14 43.56
CA GLU F 95 36.79 -47.89 44.23
C GLU F 95 36.49 -46.82 43.21
N ARG F 96 35.71 -45.82 43.61
CA ARG F 96 35.37 -44.71 42.71
C ARG F 96 35.52 -43.39 43.44
N ILE F 97 36.25 -42.46 42.81
CA ILE F 97 36.49 -41.16 43.39
C ILE F 97 35.51 -40.15 42.82
N TYR F 98 34.39 -40.00 43.53
CA TYR F 98 33.31 -39.10 43.15
C TYR F 98 33.32 -37.83 43.97
N ARG F 99 32.73 -36.77 43.44
CA ARG F 99 32.63 -35.59 44.26
C ARG F 99 31.22 -35.69 44.83
N MET F 100 31.00 -35.06 45.98
CA MET F 100 29.72 -35.12 46.68
C MET F 100 29.28 -33.67 46.86
N ARG F 101 28.03 -33.38 46.49
CA ARG F 101 27.53 -32.04 46.62
C ARG F 101 26.28 -32.05 47.42
N CYS F 102 26.39 -31.58 48.65
CA CYS F 102 25.23 -31.51 49.52
C CYS F 102 24.43 -30.26 49.11
N VAL F 103 23.11 -30.30 49.23
CA VAL F 103 22.31 -29.15 48.84
C VAL F 103 22.66 -27.91 49.66
N GLU F 104 23.18 -28.13 50.87
CA GLU F 104 23.57 -27.05 51.78
C GLU F 104 24.75 -26.22 51.28
N ALA F 105 25.26 -26.55 50.12
CA ALA F 105 26.38 -25.82 49.52
C ALA F 105 27.78 -26.11 50.04
N TRP F 106 28.03 -27.34 50.46
CA TRP F 106 29.39 -27.73 50.81
C TRP F 106 29.60 -29.02 50.01
N SER F 107 30.84 -29.29 49.60
CA SER F 107 31.11 -30.49 48.82
C SER F 107 32.42 -31.15 49.24
N MET F 108 32.54 -32.42 48.86
CA MET F 108 33.71 -33.21 49.16
C MET F 108 34.04 -34.06 47.93
N VAL F 109 35.21 -34.70 47.99
CA VAL F 109 35.66 -35.61 46.97
C VAL F 109 35.91 -36.85 47.81
N VAL F 110 35.21 -37.93 47.48
CA VAL F 110 35.30 -39.15 48.25
C VAL F 110 35.63 -40.43 47.47
N PRO F 111 36.61 -41.21 47.94
CA PRO F 111 36.95 -42.46 47.24
C PRO F 111 36.05 -43.57 47.77
N TRP F 112 34.81 -43.61 47.29
CA TRP F 112 33.85 -44.63 47.71
C TRP F 112 34.25 -46.03 47.24
N ILE F 113 33.57 -47.02 47.81
CA ILE F 113 33.79 -48.42 47.46
C ILE F 113 32.42 -49.09 47.40
N GLY F 114 32.04 -49.53 46.21
CA GLY F 114 30.76 -50.19 46.03
C GLY F 114 30.63 -50.79 44.63
N PHE F 115 29.45 -51.28 44.32
CA PHE F 115 29.17 -51.89 43.03
C PHE F 115 27.98 -51.20 42.38
N PRO F 116 28.02 -50.98 41.07
CA PRO F 116 26.90 -50.32 40.39
C PRO F 116 25.55 -50.97 40.66
N LEU F 117 24.56 -50.13 40.91
CA LEU F 117 23.20 -50.60 41.20
C LEU F 117 22.60 -51.55 40.16
N HIS F 118 22.87 -51.28 38.88
CA HIS F 118 22.32 -52.12 37.83
C HIS F 118 22.67 -53.62 37.99
N LYS F 119 23.84 -53.92 38.52
CA LYS F 119 24.21 -55.31 38.72
C LYS F 119 23.26 -55.98 39.70
N LEU F 120 22.81 -55.22 40.70
CA LEU F 120 21.88 -55.73 41.71
C LEU F 120 20.46 -55.78 41.17
N LEU F 121 20.11 -54.82 40.31
CA LEU F 121 18.77 -54.79 39.73
C LEU F 121 18.58 -55.89 38.67
N ALA F 122 19.65 -56.21 37.96
CA ALA F 122 19.61 -57.24 36.94
C ALA F 122 19.29 -58.59 37.57
N LEU F 123 19.74 -58.80 38.80
CA LEU F 123 19.49 -60.07 39.49
C LEU F 123 18.03 -60.30 39.89
N ALA F 124 17.26 -59.23 40.02
CA ALA F 124 15.85 -59.37 40.37
C ALA F 124 15.06 -59.36 39.07
N GLU F 125 15.64 -58.75 38.04
CA GLU F 125 15.01 -58.66 36.73
C GLU F 125 13.73 -57.86 36.80
N PRO F 126 13.84 -56.53 36.69
CA PRO F 126 12.67 -55.64 36.74
C PRO F 126 11.73 -55.89 35.56
N THR F 127 10.45 -56.05 35.86
CA THR F 127 9.44 -56.29 34.84
C THR F 127 9.32 -55.07 33.94
N SER F 128 8.41 -55.14 32.97
CA SER F 128 8.21 -54.04 32.02
C SER F 128 7.29 -52.97 32.58
N ASN F 129 6.78 -53.20 33.79
CA ASN F 129 5.88 -52.26 34.43
C ASN F 129 6.63 -51.30 35.36
N ALA F 130 7.85 -51.67 35.71
CA ALA F 130 8.69 -50.87 36.61
C ALA F 130 9.23 -49.61 35.91
N LYS F 131 9.10 -48.47 36.58
CA LYS F 131 9.60 -47.21 36.04
C LYS F 131 10.38 -46.43 37.11
N TYR F 132 10.28 -46.88 38.36
CA TYR F 132 10.96 -46.21 39.46
C TYR F 132 11.51 -47.18 40.50
N VAL F 133 12.43 -46.67 41.32
CA VAL F 133 13.02 -47.45 42.39
C VAL F 133 12.81 -46.71 43.73
N ALA F 134 12.30 -47.42 44.73
CA ALA F 134 12.04 -46.80 46.03
C ALA F 134 12.95 -47.34 47.10
N PHE F 135 13.72 -46.44 47.71
CA PHE F 135 14.63 -46.87 48.77
C PHE F 135 14.10 -46.51 50.15
N GLU F 136 14.34 -47.38 51.12
CA GLU F 136 13.87 -47.14 52.47
C GLU F 136 14.96 -47.49 53.48
N THR F 137 15.28 -46.53 54.33
CA THR F 137 16.30 -46.71 55.35
C THR F 137 15.71 -47.48 56.50
N ILE F 138 16.57 -48.13 57.28
CA ILE F 138 16.12 -48.90 58.44
C ILE F 138 15.37 -47.99 59.43
N TYR F 139 14.57 -48.62 60.28
CA TYR F 139 13.80 -47.89 61.27
C TYR F 139 14.01 -48.58 62.61
N ALA F 140 14.87 -48.01 63.44
CA ALA F 140 15.18 -48.55 64.77
C ALA F 140 15.20 -47.42 65.80
N PRO F 141 14.01 -46.92 66.16
CA PRO F 141 13.89 -45.83 67.13
C PRO F 141 14.71 -46.00 68.41
N GLU F 142 14.85 -47.24 68.88
CA GLU F 142 15.62 -47.47 70.09
C GLU F 142 17.12 -47.39 69.90
N GLN F 143 17.56 -47.23 68.67
CA GLN F 143 18.98 -47.13 68.40
C GLN F 143 19.29 -45.80 67.72
N MET F 144 18.24 -45.13 67.24
CA MET F 144 18.41 -43.85 66.55
C MET F 144 17.67 -42.72 67.26
N PRO F 145 18.39 -41.95 68.09
CA PRO F 145 17.79 -40.84 68.83
C PRO F 145 16.95 -39.88 67.98
N GLY F 146 17.34 -39.68 66.73
CA GLY F 146 16.60 -38.79 65.87
C GLY F 146 15.19 -39.29 65.53
N GLN F 147 14.91 -40.57 65.74
CA GLN F 147 13.61 -41.09 65.42
C GLN F 147 12.66 -41.03 66.59
N GLN F 148 13.06 -40.29 67.63
CA GLN F 148 12.24 -40.15 68.83
C GLN F 148 12.03 -38.71 69.30
N ASP F 149 12.71 -37.76 68.67
CA ASP F 149 12.59 -36.35 69.04
C ASP F 149 12.39 -35.52 67.76
N ARG F 150 11.26 -34.86 67.65
CA ARG F 150 10.94 -34.04 66.48
C ARG F 150 12.06 -33.07 66.09
N PHE F 151 12.66 -32.39 67.05
CA PHE F 151 13.73 -31.44 66.71
C PHE F 151 15.10 -32.06 66.42
N ILE F 152 15.46 -33.08 67.19
CA ILE F 152 16.75 -33.75 67.01
C ILE F 152 16.77 -34.39 65.62
N GLY F 153 15.62 -34.94 65.21
CA GLY F 153 15.50 -35.58 63.92
C GLY F 153 15.29 -34.63 62.76
N GLY F 154 15.33 -33.33 63.03
CA GLY F 154 15.17 -32.35 61.96
C GLY F 154 13.77 -32.26 61.38
N GLY F 155 12.82 -32.89 62.07
CA GLY F 155 11.45 -32.85 61.61
C GLY F 155 11.16 -33.58 60.31
N LEU F 156 11.87 -34.68 60.07
CA LEU F 156 11.67 -35.49 58.87
C LEU F 156 10.74 -36.60 59.28
N LYS F 157 9.95 -37.11 58.34
CA LYS F 157 9.07 -38.22 58.64
C LYS F 157 9.94 -39.47 58.43
N TYR F 158 10.05 -40.29 59.47
CA TYR F 158 10.87 -41.49 59.38
C TYR F 158 10.01 -42.72 59.10
N PRO F 159 10.58 -43.79 58.51
CA PRO F 159 11.98 -43.94 58.07
C PRO F 159 12.27 -43.14 56.82
N TYR F 160 13.53 -42.77 56.66
CA TYR F 160 13.97 -41.97 55.52
C TYR F 160 13.69 -42.74 54.25
N VAL F 161 13.30 -42.03 53.21
CA VAL F 161 12.98 -42.68 51.97
C VAL F 161 13.36 -41.81 50.80
N GLU F 162 13.70 -42.46 49.70
CA GLU F 162 14.08 -41.77 48.49
C GLU F 162 13.63 -42.60 47.29
N GLY F 163 13.91 -42.07 46.11
CA GLY F 163 13.52 -42.79 44.93
C GLY F 163 14.24 -42.25 43.72
N LEU F 164 14.31 -43.07 42.68
CA LEU F 164 14.94 -42.69 41.43
C LEU F 164 14.08 -43.26 40.28
N ARG F 165 14.20 -42.65 39.11
CA ARG F 165 13.48 -43.12 37.94
C ARG F 165 14.33 -44.36 37.60
N LEU F 166 13.69 -45.41 37.07
CA LEU F 166 14.45 -46.64 36.77
C LEU F 166 15.71 -46.42 35.94
N ASP F 167 15.67 -45.57 34.93
CA ASP F 167 16.88 -45.37 34.15
C ASP F 167 18.02 -44.79 35.00
N GLU F 168 17.69 -43.86 35.90
CA GLU F 168 18.69 -43.24 36.76
C GLU F 168 19.27 -44.34 37.63
N ALA F 169 18.41 -45.20 38.14
CA ALA F 169 18.87 -46.30 38.98
C ALA F 169 19.77 -47.28 38.21
N MET F 170 19.58 -47.36 36.90
CA MET F 170 20.36 -48.26 36.03
C MET F 170 21.67 -47.65 35.54
N HIS F 171 21.76 -46.32 35.59
CA HIS F 171 22.96 -45.65 35.13
C HIS F 171 24.23 -46.25 35.76
N PRO F 172 25.31 -46.31 34.97
CA PRO F 172 26.59 -46.87 35.44
C PRO F 172 27.24 -46.06 36.56
N LEU F 173 26.74 -44.84 36.78
CA LEU F 173 27.29 -43.96 37.81
C LEU F 173 26.75 -44.21 39.23
N THR F 174 25.48 -44.59 39.33
CA THR F 174 24.88 -44.81 40.64
C THR F 174 25.42 -46.10 41.21
N LEU F 175 25.98 -46.05 42.41
CA LEU F 175 26.53 -47.25 43.02
C LEU F 175 26.15 -47.53 44.47
N MET F 176 25.85 -48.79 44.75
CA MET F 176 25.54 -49.21 46.11
C MET F 176 26.89 -49.14 46.79
N THR F 177 27.03 -48.23 47.73
CA THR F 177 28.28 -48.05 48.42
C THR F 177 28.34 -48.88 49.69
N VAL F 178 29.44 -49.61 49.86
CA VAL F 178 29.57 -50.44 51.04
C VAL F 178 30.84 -50.14 51.81
N GLY F 179 31.64 -49.22 51.28
CA GLY F 179 32.88 -48.85 51.94
C GLY F 179 33.41 -47.49 51.51
N VAL F 180 34.44 -47.01 52.19
CA VAL F 180 35.03 -45.72 51.86
C VAL F 180 36.46 -45.67 52.40
N TYR F 181 37.38 -45.16 51.57
CA TYR F 181 38.78 -45.09 51.97
C TYR F 181 39.29 -46.50 52.29
N GLY F 182 39.02 -47.42 51.37
CA GLY F 182 39.47 -48.80 51.52
C GLY F 182 38.88 -49.63 52.65
N LYS F 183 37.98 -49.07 53.42
CA LYS F 183 37.39 -49.84 54.52
C LYS F 183 35.87 -49.83 54.44
N ALA F 184 35.24 -50.77 55.14
CA ALA F 184 33.79 -50.83 55.18
C ALA F 184 33.32 -49.46 55.68
N LEU F 185 32.04 -49.18 55.52
CA LEU F 185 31.50 -47.89 55.94
C LEU F 185 31.34 -47.70 57.44
N PRO F 186 31.77 -46.55 57.96
CA PRO F 186 31.57 -46.37 59.40
C PRO F 186 30.07 -46.04 59.50
N PRO F 187 29.44 -46.29 60.66
CA PRO F 187 28.02 -45.97 60.74
C PRO F 187 27.57 -44.55 60.35
N GLN F 188 28.44 -43.55 60.55
CA GLN F 188 28.09 -42.18 60.20
C GLN F 188 27.82 -42.05 58.73
N ASN F 189 28.51 -42.84 57.90
CA ASN F 189 28.30 -42.74 56.47
C ASN F 189 27.24 -43.69 55.91
N GLY F 190 26.38 -44.20 56.77
CA GLY F 190 25.31 -45.07 56.31
C GLY F 190 25.63 -46.55 56.17
N ALA F 191 26.26 -47.14 57.18
CA ALA F 191 26.57 -48.55 57.14
C ALA F 191 25.27 -49.35 57.28
N PRO F 192 25.23 -50.58 56.72
CA PRO F 192 26.31 -51.24 55.99
C PRO F 192 26.24 -50.98 54.49
N VAL F 193 25.16 -50.37 54.04
CA VAL F 193 24.97 -50.07 52.62
C VAL F 193 24.24 -48.77 52.41
N ARG F 194 24.77 -47.92 51.54
CA ARG F 194 24.09 -46.65 51.26
C ARG F 194 24.20 -46.36 49.78
N LEU F 195 23.26 -45.56 49.28
CA LEU F 195 23.21 -45.18 47.88
C LEU F 195 24.03 -43.91 47.62
N ILE F 196 24.52 -43.78 46.40
CA ILE F 196 25.30 -42.62 45.99
C ILE F 196 25.03 -42.36 44.52
N VAL F 197 24.54 -41.17 44.23
CA VAL F 197 24.22 -40.72 42.88
C VAL F 197 24.95 -39.40 42.82
N PRO F 198 26.23 -39.42 42.41
CA PRO F 198 27.12 -38.26 42.30
C PRO F 198 26.67 -37.01 41.54
N TRP F 199 25.73 -37.14 40.61
CA TRP F 199 25.31 -35.93 39.89
C TRP F 199 24.15 -35.18 40.58
N LYS F 200 23.56 -35.79 41.60
CA LYS F 200 22.45 -35.16 42.36
C LYS F 200 22.90 -34.71 43.76
N TYR F 201 22.08 -33.87 44.38
CA TYR F 201 22.35 -33.37 45.72
C TYR F 201 22.42 -34.55 46.71
N GLY F 202 23.34 -34.44 47.66
CA GLY F 202 23.52 -35.50 48.65
C GLY F 202 22.30 -36.06 49.31
N PHE F 203 21.23 -35.28 49.51
CA PHE F 203 20.06 -35.86 50.15
C PHE F 203 19.48 -37.05 49.39
N LYS F 204 19.81 -37.20 48.11
CA LYS F 204 19.30 -38.36 47.35
C LYS F 204 20.02 -39.68 47.75
N GLY F 205 21.26 -39.58 48.22
CA GLY F 205 22.00 -40.77 48.59
C GLY F 205 21.57 -41.39 49.90
N ILE F 206 20.38 -41.96 49.92
CA ILE F 206 19.85 -42.55 51.13
C ILE F 206 20.86 -43.50 51.79
N LYS F 207 20.86 -43.54 53.13
CA LYS F 207 21.80 -44.36 53.90
C LYS F 207 21.16 -45.57 54.57
N SER F 208 22.01 -46.46 55.06
CA SER F 208 21.57 -47.66 55.73
C SER F 208 20.30 -48.29 55.13
N ILE F 209 20.33 -48.54 53.82
CA ILE F 209 19.20 -49.13 53.09
C ILE F 209 18.86 -50.54 53.56
N VAL F 210 17.56 -50.80 53.68
CA VAL F 210 17.08 -52.08 54.13
C VAL F 210 16.02 -52.60 53.16
N SER F 211 15.66 -51.77 52.19
CA SER F 211 14.65 -52.15 51.22
C SER F 211 14.72 -51.38 49.90
N ILE F 212 14.64 -52.12 48.80
CA ILE F 212 14.64 -51.52 47.47
C ILE F 212 13.43 -52.12 46.74
N LYS F 213 12.53 -51.26 46.29
CA LYS F 213 11.32 -51.74 45.64
C LYS F 213 11.08 -51.10 44.30
N LEU F 214 10.84 -51.94 43.31
CA LEU F 214 10.55 -51.48 41.96
C LEU F 214 9.07 -51.19 41.91
N THR F 215 8.71 -50.00 41.47
CA THR F 215 7.32 -49.60 41.42
C THR F 215 6.92 -49.01 40.09
N ARG F 216 5.62 -48.84 39.90
CA ARG F 216 5.06 -48.31 38.67
C ARG F 216 4.94 -46.79 38.68
N GLU F 217 4.70 -46.23 39.86
CA GLU F 217 4.55 -44.77 40.02
C GLU F 217 5.74 -44.14 40.76
N ARG F 218 5.84 -42.81 40.70
CA ARG F 218 6.91 -42.09 41.37
C ARG F 218 6.73 -42.20 42.89
N PRO F 219 7.74 -42.75 43.60
CA PRO F 219 7.64 -42.88 45.05
C PRO F 219 7.89 -41.58 45.83
N PRO F 220 7.55 -41.57 47.12
CA PRO F 220 7.77 -40.35 47.89
C PRO F 220 9.24 -40.20 48.30
N THR F 221 9.67 -38.95 48.46
CA THR F 221 11.03 -38.58 48.87
C THR F 221 10.97 -37.82 50.19
N THR F 222 11.67 -38.31 51.21
CA THR F 222 11.66 -37.64 52.51
C THR F 222 11.81 -36.11 52.50
N TRP F 223 12.89 -35.59 51.93
CA TRP F 223 13.07 -34.16 51.90
C TRP F 223 12.02 -33.44 51.08
N ASN F 224 11.51 -34.08 50.02
CA ASN F 224 10.50 -33.44 49.18
C ASN F 224 9.23 -33.27 49.99
N LEU F 225 8.88 -34.28 50.79
CA LEU F 225 7.71 -34.21 51.64
C LEU F 225 7.88 -33.09 52.67
N ALA F 226 9.03 -33.09 53.33
CA ALA F 226 9.34 -32.09 54.34
C ALA F 226 9.31 -30.66 53.79
N ALA F 227 9.57 -30.47 52.51
CA ALA F 227 9.58 -29.12 51.92
C ALA F 227 9.50 -29.13 50.40
N PRO F 228 8.35 -29.51 49.83
CA PRO F 228 8.11 -29.57 48.38
C PRO F 228 8.58 -28.35 47.59
N ASP F 229 8.67 -27.22 48.26
CA ASP F 229 9.06 -25.98 47.61
C ASP F 229 10.56 -25.71 47.61
N GLU F 230 11.35 -26.64 48.13
CA GLU F 230 12.80 -26.43 48.19
C GLU F 230 13.57 -27.62 47.67
N TYR F 231 13.03 -28.82 47.89
CA TYR F 231 13.69 -30.02 47.44
C TYR F 231 12.84 -30.78 46.44
N GLY F 232 13.36 -30.90 45.22
CA GLY F 232 12.65 -31.58 44.15
C GLY F 232 12.94 -33.07 44.08
N PHE F 233 12.25 -33.76 43.17
CA PHE F 233 12.46 -35.19 43.03
C PHE F 233 13.72 -35.51 42.25
N TYR F 234 14.05 -34.68 41.27
CA TYR F 234 15.24 -34.93 40.47
C TYR F 234 16.47 -34.44 41.24
N ALA F 235 16.40 -33.22 41.74
CA ALA F 235 17.50 -32.66 42.52
C ALA F 235 18.86 -32.80 41.86
N ASN F 236 18.91 -32.52 40.57
CA ASN F 236 20.20 -32.60 39.89
C ASN F 236 20.96 -31.38 40.33
N VAL F 237 22.27 -31.53 40.56
CA VAL F 237 23.11 -30.41 41.00
C VAL F 237 23.14 -29.42 39.86
N ASN F 238 22.73 -28.18 40.14
CA ASN F 238 22.67 -27.16 39.10
C ASN F 238 22.87 -25.76 39.66
N PRO F 239 23.98 -25.11 39.32
CA PRO F 239 24.28 -23.76 39.81
C PRO F 239 23.36 -22.65 39.30
N TYR F 240 22.54 -22.97 38.30
CA TYR F 240 21.63 -21.97 37.74
C TYR F 240 20.28 -21.96 38.42
N VAL F 241 19.97 -23.02 39.17
CA VAL F 241 18.71 -23.07 39.89
C VAL F 241 18.98 -22.96 41.39
N ASP F 242 18.69 -21.78 41.93
CA ASP F 242 18.93 -21.52 43.33
C ASP F 242 17.92 -22.14 44.27
N HIS F 243 18.35 -22.29 45.52
CA HIS F 243 17.52 -22.82 46.58
C HIS F 243 16.79 -21.56 47.10
N PRO F 244 15.51 -21.71 47.52
CA PRO F 244 14.75 -20.57 48.01
C PRO F 244 15.49 -19.71 49.06
N ARG F 245 16.30 -20.36 49.90
CA ARG F 245 17.02 -19.64 50.94
C ARG F 245 18.49 -19.34 50.67
N TRP F 246 19.05 -19.90 49.59
CA TRP F 246 20.44 -19.61 49.26
C TRP F 246 20.86 -19.99 47.84
N SER F 247 21.87 -19.28 47.36
CA SER F 247 22.43 -19.49 46.04
C SER F 247 23.20 -20.81 45.92
N GLN F 248 22.95 -21.54 44.83
CA GLN F 248 23.63 -22.81 44.57
C GLN F 248 24.75 -22.59 43.58
N ALA F 249 25.05 -21.34 43.28
CA ALA F 249 26.09 -20.99 42.32
C ALA F 249 27.49 -21.46 42.71
N THR F 250 27.83 -21.28 43.97
CA THR F 250 29.14 -21.67 44.44
C THR F 250 29.05 -22.62 45.65
N GLU F 251 30.15 -23.30 45.96
CA GLU F 251 30.16 -24.23 47.09
C GLU F 251 31.42 -24.19 47.95
N ARG F 252 31.28 -24.66 49.18
CA ARG F 252 32.37 -24.71 50.14
C ARG F 252 32.95 -26.12 50.08
N PHE F 253 34.18 -26.25 49.59
CA PHE F 253 34.82 -27.56 49.50
C PHE F 253 35.45 -27.94 50.84
N ILE F 254 35.08 -29.10 51.37
CA ILE F 254 35.63 -29.54 52.64
C ILE F 254 37.01 -30.19 52.49
N GLY F 255 38.07 -29.42 52.60
CA GLY F 255 39.40 -29.98 52.47
C GLY F 255 40.03 -30.27 53.83
N SER F 256 41.30 -29.94 53.97
CA SER F 256 42.05 -30.16 55.23
C SER F 256 42.24 -28.90 56.08
N GLY F 257 41.73 -28.93 57.32
CA GLY F 257 41.86 -27.78 58.21
C GLY F 257 40.85 -26.65 58.00
N ARG F 264 35.89 -21.84 48.84
CA ARG F 264 34.84 -21.38 47.89
C ARG F 264 35.21 -21.67 46.43
N GLN F 265 34.44 -22.57 45.80
CA GLN F 265 34.66 -22.94 44.41
C GLN F 265 33.32 -22.99 43.69
N PRO F 266 33.32 -22.73 42.37
CA PRO F 266 32.07 -22.75 41.60
C PRO F 266 31.43 -24.13 41.46
N THR F 267 30.12 -24.18 41.63
CA THR F 267 29.36 -25.42 41.51
C THR F 267 29.26 -25.82 40.04
N LEU F 268 29.57 -27.07 39.75
CA LEU F 268 29.53 -27.55 38.37
C LEU F 268 28.19 -28.17 38.01
N LEU F 269 27.79 -27.99 36.75
CA LEU F 269 26.52 -28.54 36.28
C LEU F 269 26.52 -30.05 36.45
N PHE F 270 25.45 -30.58 37.03
CA PHE F 270 25.37 -32.01 37.24
C PHE F 270 26.53 -32.49 38.10
N ASN F 271 27.13 -31.56 38.84
CA ASN F 271 28.24 -31.85 39.73
C ASN F 271 29.47 -32.31 38.98
N GLY F 272 29.58 -31.91 37.71
CA GLY F 272 30.72 -32.28 36.91
C GLY F 272 30.60 -33.55 36.05
N TYR F 273 29.43 -34.17 36.02
CA TYR F 273 29.28 -35.36 35.21
C TYR F 273 28.28 -35.18 34.09
N ALA F 274 28.18 -33.97 33.54
CA ALA F 274 27.23 -33.69 32.46
C ALA F 274 27.33 -34.68 31.29
N ASP F 275 28.55 -34.83 30.77
CA ASP F 275 28.80 -35.73 29.65
C ASP F 275 28.22 -37.12 29.82
N GLN F 276 28.15 -37.56 31.07
CA GLN F 276 27.66 -38.90 31.37
C GLN F 276 26.20 -39.02 31.74
N VAL F 277 25.58 -37.90 32.08
CA VAL F 277 24.19 -37.93 32.52
C VAL F 277 23.25 -37.04 31.75
N ALA F 278 23.79 -35.99 31.14
CA ALA F 278 22.98 -35.03 30.39
C ALA F 278 21.94 -35.76 29.56
N SER F 279 22.39 -36.74 28.79
CA SER F 279 21.55 -37.54 27.93
C SER F 279 20.24 -38.00 28.58
N LEU F 280 20.30 -38.35 29.86
CA LEU F 280 19.12 -38.81 30.58
C LEU F 280 18.02 -37.76 30.75
N TYR F 281 18.38 -36.48 30.69
CA TYR F 281 17.40 -35.42 30.90
C TYR F 281 17.13 -34.50 29.70
N ARG F 282 17.88 -34.68 28.62
CA ARG F 282 17.71 -33.87 27.42
C ARG F 282 16.30 -33.98 26.84
N GLY F 283 15.65 -32.83 26.63
CA GLY F 283 14.31 -32.80 26.06
C GLY F 283 13.17 -32.97 27.04
N LEU F 284 13.49 -33.36 28.27
CA LEU F 284 12.47 -33.55 29.31
C LEU F 284 12.45 -32.29 30.18
N ASP F 285 11.32 -31.99 30.82
CA ASP F 285 11.24 -30.76 31.62
C ASP F 285 11.41 -30.87 33.15
N LEU F 286 10.82 -31.91 33.76
CA LEU F 286 10.92 -32.09 35.21
C LEU F 286 10.15 -30.99 35.96
N LEU G 20 -27.91 -15.32 -9.46
CA LEU G 20 -28.68 -14.27 -8.71
C LEU G 20 -30.14 -14.63 -8.56
N GLU G 21 -30.45 -15.91 -8.75
CA GLU G 21 -31.82 -16.39 -8.65
C GLU G 21 -31.96 -17.22 -7.39
N PHE G 22 -33.14 -17.17 -6.78
CA PHE G 22 -33.39 -17.89 -5.54
C PHE G 22 -34.87 -18.26 -5.33
N SER G 23 -35.10 -19.39 -4.66
CA SER G 23 -36.46 -19.83 -4.38
C SER G 23 -36.89 -19.23 -3.04
N LYS G 24 -38.14 -19.49 -2.65
CA LYS G 24 -38.65 -18.98 -1.39
C LYS G 24 -39.25 -20.09 -0.56
N PRO G 25 -38.42 -21.04 -0.11
CA PRO G 25 -38.89 -22.16 0.70
C PRO G 25 -39.93 -21.74 1.74
N ALA G 26 -41.08 -22.42 1.71
CA ALA G 26 -42.18 -22.13 2.62
C ALA G 26 -41.77 -22.27 4.09
N ALA G 27 -40.81 -23.15 4.35
CA ALA G 27 -40.35 -23.37 5.72
C ALA G 27 -39.69 -22.13 6.33
N TRP G 28 -39.10 -21.30 5.47
CA TRP G 28 -38.39 -20.09 5.89
C TRP G 28 -39.14 -18.82 5.51
N GLN G 29 -40.23 -18.99 4.75
CA GLN G 29 -41.03 -17.87 4.28
C GLN G 29 -42.15 -17.50 5.24
N ASN G 30 -41.80 -16.81 6.32
CA ASN G 30 -42.80 -16.39 7.30
C ASN G 30 -43.17 -14.94 7.01
N ASN G 31 -43.81 -14.28 7.97
CA ASN G 31 -44.18 -12.90 7.75
C ASN G 31 -43.82 -12.07 8.97
N LEU G 32 -42.66 -12.36 9.56
CA LEU G 32 -42.23 -11.61 10.73
C LEU G 32 -42.00 -10.20 10.25
N PRO G 33 -42.35 -9.19 11.07
CA PRO G 33 -42.10 -7.83 10.58
C PRO G 33 -40.59 -7.67 10.28
N LEU G 34 -40.26 -7.31 9.06
CA LEU G 34 -38.87 -7.14 8.65
C LEU G 34 -38.14 -5.90 9.17
N THR G 35 -36.83 -5.95 9.13
CA THR G 35 -35.99 -4.81 9.52
C THR G 35 -35.71 -4.14 8.18
N PRO G 36 -35.95 -2.82 8.07
CA PRO G 36 -35.70 -2.12 6.81
C PRO G 36 -34.31 -2.42 6.21
N ALA G 37 -34.26 -2.49 4.88
CA ALA G 37 -33.02 -2.79 4.18
C ALA G 37 -31.90 -1.80 4.51
N ASP G 38 -32.30 -0.54 4.72
CA ASP G 38 -31.35 0.51 5.03
C ASP G 38 -30.69 0.35 6.41
N LYS G 39 -31.41 -0.27 7.35
CA LYS G 39 -30.88 -0.49 8.69
C LYS G 39 -30.06 -1.77 8.75
N VAL G 40 -30.45 -2.75 7.96
CA VAL G 40 -29.73 -4.02 7.87
C VAL G 40 -28.32 -3.77 7.35
N SER G 41 -28.20 -2.79 6.44
CA SER G 41 -26.91 -2.43 5.85
C SER G 41 -26.34 -1.07 6.34
N GLY G 42 -26.96 -0.50 7.37
CA GLY G 42 -26.47 0.76 7.91
C GLY G 42 -26.13 0.70 9.40
N TYR G 43 -26.55 -0.39 10.05
CA TYR G 43 -26.37 -0.63 11.49
C TYR G 43 -25.65 -1.95 11.58
N ASN G 44 -24.33 -1.91 11.70
CA ASN G 44 -23.51 -3.12 11.67
C ASN G 44 -22.39 -3.27 12.69
N ASN G 45 -21.98 -4.52 12.89
CA ASN G 45 -20.87 -4.83 13.78
C ASN G 45 -19.88 -5.51 12.83
N PHE G 46 -18.78 -4.82 12.55
CA PHE G 46 -17.74 -5.36 11.66
C PHE G 46 -16.50 -4.57 12.09
N TYR G 47 -15.94 -5.02 13.20
CA TYR G 47 -14.80 -4.37 13.84
C TYR G 47 -13.58 -4.13 12.96
N GLU G 48 -13.39 -4.98 11.95
CA GLU G 48 -12.29 -4.83 11.02
C GLU G 48 -12.41 -3.44 10.37
N PHE G 49 -13.59 -2.84 10.43
CA PHE G 49 -13.83 -1.53 9.86
C PHE G 49 -14.21 -0.46 10.90
N GLY G 50 -13.96 -0.73 12.17
CA GLY G 50 -14.28 0.24 13.18
C GLY G 50 -15.46 -0.17 14.05
N LEU G 51 -15.38 0.16 15.34
CA LEU G 51 -16.39 -0.19 16.34
C LEU G 51 -17.78 0.39 16.26
N ASP G 52 -17.96 1.53 15.60
CA ASP G 52 -19.28 2.12 15.59
C ASP G 52 -20.21 1.46 14.61
N LYS G 53 -21.51 1.53 14.93
CA LYS G 53 -22.56 0.95 14.13
C LYS G 53 -22.55 1.46 12.69
N ALA G 54 -22.08 2.68 12.49
CA ALA G 54 -22.06 3.28 11.17
C ALA G 54 -20.72 3.15 10.44
N ASP G 55 -19.69 2.76 11.19
CA ASP G 55 -18.37 2.61 10.61
C ASP G 55 -18.28 1.63 9.45
N PRO G 56 -18.80 0.40 9.61
CA PRO G 56 -18.69 -0.52 8.48
C PRO G 56 -19.27 0.03 7.17
N ALA G 57 -20.49 0.54 7.18
CA ALA G 57 -21.08 1.06 5.95
C ALA G 57 -20.23 2.17 5.34
N ALA G 58 -19.45 2.87 6.17
CA ALA G 58 -18.65 3.96 5.65
C ALA G 58 -17.18 3.64 5.37
N ASN G 59 -16.75 2.41 5.62
CA ASN G 59 -15.35 2.07 5.36
C ASN G 59 -15.19 0.72 4.64
N ALA G 60 -16.27 -0.05 4.53
CA ALA G 60 -16.17 -1.36 3.89
C ALA G 60 -16.16 -1.28 2.37
N GLY G 61 -16.51 -0.12 1.82
CA GLY G 61 -16.51 0.01 0.37
C GLY G 61 -15.15 -0.29 -0.23
N SER G 62 -14.08 -0.04 0.51
CA SER G 62 -12.71 -0.25 0.02
C SER G 62 -12.23 -1.69 0.07
N LEU G 63 -13.15 -2.63 0.22
CA LEU G 63 -12.77 -4.03 0.27
C LEU G 63 -13.27 -4.65 -1.03
N LYS G 64 -12.38 -5.19 -1.87
CA LYS G 64 -12.88 -5.80 -3.10
C LYS G 64 -13.18 -7.28 -2.87
N THR G 65 -14.44 -7.59 -3.13
CA THR G 65 -15.00 -8.91 -2.93
C THR G 65 -15.11 -9.78 -4.17
N ASP G 66 -14.79 -9.22 -5.34
CA ASP G 66 -14.91 -10.01 -6.56
C ASP G 66 -13.86 -11.10 -6.71
N PRO G 67 -12.61 -10.80 -7.13
CA PRO G 67 -11.90 -12.07 -7.14
C PRO G 67 -11.81 -12.56 -5.67
N TRP G 68 -12.48 -13.67 -5.38
CA TRP G 68 -12.52 -14.23 -4.02
C TRP G 68 -12.24 -15.73 -3.98
N THR G 69 -11.52 -16.15 -2.95
CA THR G 69 -11.18 -17.55 -2.74
C THR G 69 -11.63 -18.06 -1.38
N LEU G 70 -12.48 -19.09 -1.38
CA LEU G 70 -12.99 -19.72 -0.15
C LEU G 70 -12.45 -21.14 -0.15
N LYS G 71 -11.54 -21.46 0.76
CA LYS G 71 -10.96 -22.80 0.78
C LYS G 71 -11.50 -23.73 1.87
N ILE G 72 -11.97 -24.91 1.47
CA ILE G 72 -12.48 -25.91 2.42
C ILE G 72 -11.37 -26.93 2.59
N SER G 73 -10.91 -27.13 3.81
CA SER G 73 -9.85 -28.07 4.03
C SER G 73 -9.97 -28.82 5.35
N GLY G 74 -8.85 -29.38 5.80
CA GLY G 74 -8.84 -30.14 7.05
C GLY G 74 -9.28 -31.58 6.91
N GLU G 75 -9.86 -32.10 7.99
CA GLU G 75 -10.34 -33.47 8.05
C GLU G 75 -11.46 -33.70 7.04
N VAL G 76 -11.10 -33.59 5.77
CA VAL G 76 -12.04 -33.76 4.67
C VAL G 76 -11.44 -34.74 3.67
N ALA G 77 -12.29 -35.34 2.84
CA ALA G 77 -11.83 -36.32 1.86
C ALA G 77 -11.71 -35.74 0.47
N LYS G 78 -12.32 -34.59 0.26
CA LYS G 78 -12.25 -33.95 -1.05
C LYS G 78 -12.12 -32.45 -0.92
N PRO G 79 -10.98 -31.97 -0.38
CA PRO G 79 -10.76 -30.54 -0.21
C PRO G 79 -11.03 -29.82 -1.53
N LEU G 80 -11.53 -28.60 -1.46
CA LEU G 80 -11.81 -27.85 -2.68
C LEU G 80 -11.87 -26.37 -2.37
N THR G 81 -11.78 -25.56 -3.41
CA THR G 81 -11.81 -24.12 -3.25
C THR G 81 -12.81 -23.52 -4.22
N LEU G 82 -13.64 -22.61 -3.74
CA LEU G 82 -14.64 -21.95 -4.57
C LEU G 82 -14.18 -20.53 -4.88
N ASP G 83 -14.58 -20.01 -6.03
CA ASP G 83 -14.23 -18.65 -6.43
C ASP G 83 -15.46 -17.80 -6.23
N HIS G 84 -15.37 -16.52 -6.60
CA HIS G 84 -16.50 -15.63 -6.43
C HIS G 84 -17.77 -16.09 -7.13
N ASP G 85 -17.64 -16.68 -8.31
CA ASP G 85 -18.80 -17.14 -9.07
C ASP G 85 -19.48 -18.36 -8.48
N ASP G 86 -18.69 -19.27 -7.91
CA ASP G 86 -19.24 -20.48 -7.29
C ASP G 86 -20.22 -20.12 -6.19
N LEU G 87 -19.87 -19.11 -5.40
CA LEU G 87 -20.70 -18.70 -4.29
C LEU G 87 -22.18 -18.57 -4.64
N THR G 88 -22.48 -17.98 -5.80
CA THR G 88 -23.88 -17.80 -6.19
C THR G 88 -24.41 -18.76 -7.26
N ARG G 89 -23.56 -19.68 -7.73
CA ARG G 89 -23.94 -20.63 -8.78
C ARG G 89 -23.86 -22.10 -8.40
N ARG G 90 -22.82 -22.45 -7.65
CA ARG G 90 -22.59 -23.83 -7.23
C ARG G 90 -23.80 -24.52 -6.63
N PHE G 91 -24.50 -23.83 -5.72
CA PHE G 91 -25.67 -24.43 -5.08
C PHE G 91 -26.92 -23.57 -5.25
N PRO G 92 -28.12 -24.20 -5.20
CA PRO G 92 -29.34 -23.40 -5.34
C PRO G 92 -29.55 -22.49 -4.13
N LEU G 93 -29.71 -21.19 -4.39
CA LEU G 93 -29.89 -20.20 -3.36
C LEU G 93 -31.33 -20.14 -2.87
N GLU G 94 -31.49 -19.88 -1.58
CA GLU G 94 -32.83 -19.80 -1.01
C GLU G 94 -32.97 -18.56 -0.14
N GLU G 95 -34.17 -18.03 -0.08
CA GLU G 95 -34.41 -16.87 0.75
C GLU G 95 -34.92 -17.38 2.09
N ARG G 96 -34.27 -16.95 3.16
CA ARG G 96 -34.70 -17.37 4.48
C ARG G 96 -34.86 -16.18 5.38
N ILE G 97 -36.04 -16.05 5.97
CA ILE G 97 -36.33 -14.95 6.85
C ILE G 97 -36.01 -15.42 8.26
N TYR G 98 -34.89 -14.93 8.78
CA TYR G 98 -34.43 -15.29 10.10
C TYR G 98 -34.36 -14.08 11.01
N ARG G 99 -34.50 -14.32 12.31
CA ARG G 99 -34.29 -13.20 13.18
C ARG G 99 -32.80 -13.26 13.47
N MET G 100 -32.20 -12.11 13.75
CA MET G 100 -30.77 -12.04 14.02
C MET G 100 -30.70 -11.39 15.38
N ARG G 101 -30.09 -12.04 16.35
CA ARG G 101 -29.98 -11.50 17.70
C ARG G 101 -28.50 -11.28 18.07
N CYS G 102 -28.11 -10.01 18.11
CA CYS G 102 -26.74 -9.66 18.47
C CYS G 102 -26.74 -9.79 19.99
N VAL G 103 -25.62 -10.23 20.56
CA VAL G 103 -25.47 -10.38 22.02
C VAL G 103 -25.70 -9.05 22.77
N GLU G 104 -25.65 -7.92 22.08
CA GLU G 104 -25.82 -6.60 22.68
C GLU G 104 -27.28 -6.25 22.96
N ALA G 105 -28.16 -7.22 22.73
CA ALA G 105 -29.59 -7.10 22.97
C ALA G 105 -30.43 -6.30 21.98
N TRP G 106 -30.08 -6.33 20.71
CA TRP G 106 -30.90 -5.72 19.67
C TRP G 106 -31.06 -6.86 18.67
N SER G 107 -32.09 -6.78 17.85
CA SER G 107 -32.30 -7.84 16.91
C SER G 107 -32.95 -7.30 15.66
N MET G 108 -32.87 -8.12 14.62
CA MET G 108 -33.42 -7.80 13.34
C MET G 108 -34.12 -9.03 12.80
N VAL G 109 -34.79 -8.84 11.68
CA VAL G 109 -35.44 -9.92 11.00
C VAL G 109 -34.92 -9.67 9.62
N VAL G 110 -34.11 -10.59 9.15
CA VAL G 110 -33.47 -10.40 7.88
C VAL G 110 -33.79 -11.46 6.83
N PRO G 111 -34.14 -11.01 5.61
CA PRO G 111 -34.43 -12.02 4.59
C PRO G 111 -33.11 -12.31 3.85
N TRP G 112 -32.31 -13.22 4.41
CA TRP G 112 -31.03 -13.60 3.81
C TRP G 112 -31.28 -14.45 2.57
N ILE G 113 -30.21 -14.70 1.83
CA ILE G 113 -30.24 -15.52 0.62
C ILE G 113 -28.90 -16.24 0.63
N GLY G 114 -28.96 -17.57 0.58
CA GLY G 114 -27.74 -18.34 0.57
C GLY G 114 -28.11 -19.80 0.51
N PHE G 115 -27.15 -20.67 0.77
CA PHE G 115 -27.40 -22.11 0.76
C PHE G 115 -27.01 -22.77 2.08
N PRO G 116 -27.74 -23.81 2.47
CA PRO G 116 -27.41 -24.47 3.73
C PRO G 116 -25.97 -24.96 3.74
N LEU G 117 -25.28 -24.80 4.87
CA LEU G 117 -23.88 -25.22 4.96
C LEU G 117 -23.67 -26.72 4.75
N HIS G 118 -24.69 -27.53 4.99
CA HIS G 118 -24.52 -28.99 4.79
C HIS G 118 -24.32 -29.41 3.33
N LYS G 119 -24.82 -28.62 2.38
CA LYS G 119 -24.64 -28.95 0.97
C LYS G 119 -23.18 -28.79 0.58
N LEU G 120 -22.50 -27.81 1.16
CA LEU G 120 -21.09 -27.58 0.87
C LEU G 120 -20.23 -28.60 1.63
N LEU G 121 -20.55 -28.85 2.89
CA LEU G 121 -19.79 -29.82 3.67
C LEU G 121 -19.93 -31.23 3.09
N ALA G 122 -21.07 -31.50 2.46
CA ALA G 122 -21.35 -32.80 1.86
C ALA G 122 -20.51 -33.02 0.60
N LEU G 123 -20.08 -31.93 -0.03
CA LEU G 123 -19.26 -32.01 -1.22
C LEU G 123 -17.81 -32.26 -0.84
N ALA G 124 -17.45 -31.84 0.37
CA ALA G 124 -16.09 -32.05 0.83
C ALA G 124 -16.00 -33.40 1.56
N GLU G 125 -17.16 -33.93 1.97
CA GLU G 125 -17.23 -35.21 2.67
C GLU G 125 -16.31 -35.27 3.88
N PRO G 126 -16.74 -34.71 5.03
CA PRO G 126 -15.88 -34.76 6.21
C PRO G 126 -15.60 -36.20 6.64
N THR G 127 -14.36 -36.48 7.02
CA THR G 127 -13.98 -37.82 7.46
C THR G 127 -14.59 -38.06 8.84
N SER G 128 -14.37 -39.27 9.36
CA SER G 128 -14.89 -39.64 10.67
C SER G 128 -14.14 -38.97 11.81
N ASN G 129 -13.01 -38.33 11.52
CA ASN G 129 -12.27 -37.68 12.59
C ASN G 129 -12.73 -36.26 12.82
N ALA G 130 -13.55 -35.77 11.89
CA ALA G 130 -14.08 -34.41 11.97
C ALA G 130 -15.05 -34.27 13.12
N LYS G 131 -14.86 -33.24 13.95
CA LYS G 131 -15.76 -33.01 15.05
C LYS G 131 -16.21 -31.55 15.14
N TYR G 132 -15.40 -30.63 14.60
CA TYR G 132 -15.74 -29.21 14.60
C TYR G 132 -15.44 -28.55 13.26
N VAL G 133 -15.95 -27.35 13.05
CA VAL G 133 -15.68 -26.61 11.83
C VAL G 133 -15.15 -25.25 12.28
N ALA G 134 -13.98 -24.87 11.78
CA ALA G 134 -13.37 -23.58 12.10
C ALA G 134 -13.48 -22.64 10.88
N PHE G 135 -13.84 -21.40 11.14
CA PHE G 135 -13.97 -20.46 10.05
C PHE G 135 -12.96 -19.34 10.26
N GLU G 136 -12.59 -18.67 9.17
CA GLU G 136 -11.64 -17.56 9.25
C GLU G 136 -12.01 -16.48 8.23
N THR G 137 -12.00 -15.24 8.69
CA THR G 137 -12.32 -14.09 7.85
C THR G 137 -11.07 -13.61 7.08
N ILE G 138 -11.28 -12.94 5.96
CA ILE G 138 -10.16 -12.44 5.19
C ILE G 138 -9.31 -11.45 6.00
N TYR G 139 -7.99 -11.51 5.81
CA TYR G 139 -7.08 -10.60 6.50
C TYR G 139 -6.50 -9.63 5.44
N ALA G 140 -6.88 -8.37 5.53
CA ALA G 140 -6.42 -7.35 4.60
C ALA G 140 -6.26 -6.02 5.33
N PRO G 141 -5.24 -5.90 6.19
CA PRO G 141 -5.02 -4.67 6.94
C PRO G 141 -4.95 -3.40 6.10
N GLU G 142 -4.51 -3.52 4.86
CA GLU G 142 -4.41 -2.35 4.00
C GLU G 142 -5.76 -1.82 3.50
N GLN G 143 -6.83 -2.53 3.81
CA GLN G 143 -8.18 -2.12 3.40
C GLN G 143 -9.13 -2.19 4.60
N MET G 144 -8.62 -2.72 5.72
CA MET G 144 -9.42 -2.86 6.93
C MET G 144 -8.77 -2.08 8.07
N PRO G 145 -9.22 -0.84 8.27
CA PRO G 145 -8.72 0.03 9.33
C PRO G 145 -8.67 -0.54 10.73
N GLY G 146 -9.63 -1.41 11.06
CA GLY G 146 -9.64 -1.97 12.39
C GLY G 146 -8.49 -2.90 12.66
N GLN G 147 -7.97 -3.53 11.62
CA GLN G 147 -6.87 -4.47 11.82
C GLN G 147 -5.54 -3.77 12.02
N GLN G 148 -5.57 -2.44 12.17
CA GLN G 148 -4.35 -1.67 12.36
C GLN G 148 -4.32 -0.87 13.66
N ASP G 149 -5.49 -0.56 14.22
CA ASP G 149 -5.55 0.22 15.46
C ASP G 149 -6.23 -0.55 16.60
N ARG G 150 -5.55 -0.66 17.74
CA ARG G 150 -6.07 -1.37 18.89
C ARG G 150 -7.49 -0.96 19.25
N PHE G 151 -7.72 0.32 19.42
CA PHE G 151 -9.05 0.79 19.80
C PHE G 151 -10.13 0.83 18.70
N ILE G 152 -9.76 1.20 17.48
CA ILE G 152 -10.71 1.27 16.37
C ILE G 152 -11.22 -0.13 16.00
N GLY G 153 -10.41 -1.14 16.32
CA GLY G 153 -10.75 -2.51 16.00
C GLY G 153 -11.25 -3.29 17.20
N GLY G 154 -11.53 -2.57 18.28
CA GLY G 154 -12.06 -3.17 19.48
C GLY G 154 -11.13 -4.08 20.25
N GLY G 155 -9.86 -4.15 19.84
CA GLY G 155 -8.90 -4.99 20.53
C GLY G 155 -9.03 -6.49 20.32
N LEU G 156 -9.58 -6.90 19.18
CA LEU G 156 -9.74 -8.31 18.85
C LEU G 156 -8.44 -8.78 18.21
N LYS G 157 -8.10 -10.05 18.36
CA LYS G 157 -6.89 -10.55 17.73
C LYS G 157 -7.29 -10.97 16.32
N TYR G 158 -6.84 -10.25 15.32
CA TYR G 158 -7.21 -10.60 13.96
C TYR G 158 -6.29 -11.64 13.30
N PRO G 159 -6.81 -12.35 12.27
CA PRO G 159 -8.17 -12.24 11.72
C PRO G 159 -9.27 -12.83 12.61
N TYR G 160 -10.52 -12.50 12.30
CA TYR G 160 -11.64 -13.01 13.08
C TYR G 160 -11.81 -14.50 12.81
N VAL G 161 -12.00 -15.26 13.88
CA VAL G 161 -12.18 -16.69 13.74
C VAL G 161 -13.38 -17.18 14.57
N GLU G 162 -14.01 -18.26 14.13
CA GLU G 162 -15.14 -18.82 14.83
C GLU G 162 -15.17 -20.31 14.63
N GLY G 163 -15.96 -20.99 15.45
CA GLY G 163 -16.10 -22.43 15.31
C GLY G 163 -17.52 -22.93 15.58
N LEU G 164 -17.79 -24.16 15.16
CA LEU G 164 -19.08 -24.83 15.37
C LEU G 164 -18.81 -26.32 15.53
N ARG G 165 -19.61 -26.98 16.36
CA ARG G 165 -19.47 -28.42 16.51
C ARG G 165 -19.99 -28.88 15.15
N LEU G 166 -19.61 -30.06 14.68
CA LEU G 166 -20.07 -30.52 13.37
C LEU G 166 -21.61 -30.64 13.20
N ASP G 167 -22.32 -31.18 14.19
CA ASP G 167 -23.78 -31.28 14.07
C ASP G 167 -24.46 -29.91 13.95
N GLU G 168 -23.86 -28.89 14.56
CA GLU G 168 -24.41 -27.55 14.46
C GLU G 168 -24.16 -27.01 13.03
N ALA G 169 -22.96 -27.30 12.50
CA ALA G 169 -22.60 -26.85 11.16
C ALA G 169 -23.40 -27.60 10.09
N MET G 170 -23.89 -28.79 10.45
CA MET G 170 -24.66 -29.60 9.52
C MET G 170 -26.16 -29.31 9.65
N HIS G 171 -26.55 -28.56 10.67
CA HIS G 171 -27.95 -28.27 10.88
C HIS G 171 -28.60 -27.52 9.71
N PRO G 172 -29.81 -27.96 9.30
CA PRO G 172 -30.52 -27.31 8.20
C PRO G 172 -30.65 -25.80 8.30
N LEU G 173 -30.61 -25.26 9.51
CA LEU G 173 -30.71 -23.81 9.71
C LEU G 173 -29.41 -23.06 9.36
N THR G 174 -28.26 -23.69 9.60
CA THR G 174 -26.95 -23.08 9.34
C THR G 174 -26.74 -22.70 7.90
N LEU G 175 -26.67 -21.41 7.57
CA LEU G 175 -26.48 -21.12 6.15
C LEU G 175 -25.40 -20.17 5.70
N MET G 176 -24.75 -20.54 4.59
CA MET G 176 -23.70 -19.72 4.00
C MET G 176 -24.52 -18.64 3.30
N THR G 177 -24.32 -17.40 3.70
CA THR G 177 -25.10 -16.30 3.17
C THR G 177 -24.32 -15.54 2.10
N VAL G 178 -25.00 -15.25 0.99
CA VAL G 178 -24.34 -14.52 -0.07
C VAL G 178 -25.13 -13.30 -0.51
N GLY G 179 -26.28 -13.09 0.10
CA GLY G 179 -27.06 -11.94 -0.27
C GLY G 179 -28.10 -11.63 0.78
N VAL G 180 -28.80 -10.52 0.59
CA VAL G 180 -29.83 -10.10 1.50
C VAL G 180 -30.78 -9.15 0.70
N TYR G 181 -32.07 -9.22 0.97
CA TYR G 181 -33.01 -8.35 0.28
C TYR G 181 -32.92 -8.43 -1.25
N GLY G 182 -32.89 -9.64 -1.79
CA GLY G 182 -32.82 -9.79 -3.23
C GLY G 182 -31.49 -9.59 -3.94
N LYS G 183 -30.51 -8.92 -3.33
CA LYS G 183 -29.24 -8.72 -4.03
C LYS G 183 -28.03 -9.26 -3.29
N ALA G 184 -26.86 -9.25 -3.93
CA ALA G 184 -25.64 -9.75 -3.30
C ALA G 184 -25.36 -8.95 -2.02
N LEU G 185 -24.55 -9.53 -1.13
CA LEU G 185 -24.22 -8.87 0.13
C LEU G 185 -23.38 -7.60 0.03
N PRO G 186 -23.83 -6.52 0.68
CA PRO G 186 -23.00 -5.32 0.61
C PRO G 186 -21.82 -5.61 1.52
N PRO G 187 -20.67 -4.96 1.31
CA PRO G 187 -19.53 -5.22 2.18
C PRO G 187 -19.78 -5.07 3.70
N GLN G 188 -20.65 -4.17 4.11
CA GLN G 188 -20.99 -3.99 5.53
C GLN G 188 -21.36 -5.33 6.14
N ASN G 189 -22.19 -6.08 5.41
CA ASN G 189 -22.70 -7.35 5.87
C ASN G 189 -21.81 -8.57 5.65
N GLY G 190 -20.52 -8.34 5.42
CA GLY G 190 -19.61 -9.45 5.23
C GLY G 190 -19.49 -10.09 3.85
N ALA G 191 -19.77 -9.34 2.79
CA ALA G 191 -19.65 -9.86 1.44
C ALA G 191 -18.24 -10.47 1.27
N PRO G 192 -18.10 -11.46 0.36
CA PRO G 192 -19.14 -12.03 -0.50
C PRO G 192 -19.79 -13.29 0.09
N VAL G 193 -19.15 -13.86 1.10
CA VAL G 193 -19.64 -15.07 1.79
C VAL G 193 -19.66 -14.83 3.28
N ARG G 194 -20.81 -15.09 3.87
CA ARG G 194 -21.01 -14.85 5.28
C ARG G 194 -21.74 -16.02 5.97
N LEU G 195 -21.38 -16.32 7.23
CA LEU G 195 -22.07 -17.38 8.00
C LEU G 195 -23.22 -16.83 8.88
N ILE G 196 -24.35 -17.53 8.87
CA ILE G 196 -25.49 -17.17 9.71
C ILE G 196 -25.95 -18.43 10.48
N VAL G 197 -26.01 -18.34 11.82
CA VAL G 197 -26.48 -19.44 12.69
C VAL G 197 -27.53 -18.68 13.49
N PRO G 198 -28.78 -18.68 13.02
CA PRO G 198 -29.85 -17.92 13.69
C PRO G 198 -30.25 -18.16 15.13
N TRP G 199 -29.87 -19.30 15.70
CA TRP G 199 -30.23 -19.58 17.08
C TRP G 199 -29.14 -19.13 18.04
N LYS G 200 -28.02 -18.66 17.50
CA LYS G 200 -26.92 -18.18 18.35
C LYS G 200 -26.75 -16.67 18.24
N TYR G 201 -26.05 -16.08 19.21
CA TYR G 201 -25.79 -14.64 19.22
C TYR G 201 -25.04 -14.31 17.94
N GLY G 202 -25.27 -13.11 17.41
CA GLY G 202 -24.63 -12.71 16.15
C GLY G 202 -23.10 -12.81 16.01
N PHE G 203 -22.32 -12.84 17.10
CA PHE G 203 -20.87 -12.91 16.92
C PHE G 203 -20.44 -14.22 16.28
N LYS G 204 -21.28 -15.26 16.35
CA LYS G 204 -20.94 -16.54 15.70
C LYS G 204 -21.07 -16.45 14.15
N GLY G 205 -21.85 -15.49 13.64
CA GLY G 205 -22.00 -15.37 12.20
C GLY G 205 -20.82 -14.68 11.57
N ILE G 206 -19.67 -15.35 11.55
CA ILE G 206 -18.43 -14.76 11.04
C ILE G 206 -18.51 -14.26 9.58
N LYS G 207 -18.09 -13.00 9.37
CA LYS G 207 -18.13 -12.35 8.05
C LYS G 207 -16.94 -12.56 7.08
N SER G 208 -17.23 -12.38 5.79
CA SER G 208 -16.26 -12.48 4.70
C SER G 208 -15.31 -13.65 4.92
N ILE G 209 -15.87 -14.86 4.80
CA ILE G 209 -15.12 -16.08 5.04
C ILE G 209 -14.16 -16.42 3.92
N VAL G 210 -12.94 -16.78 4.29
CA VAL G 210 -11.94 -17.11 3.30
C VAL G 210 -11.57 -18.57 3.50
N SER G 211 -11.62 -19.00 4.76
CA SER G 211 -11.26 -20.37 5.12
C SER G 211 -12.23 -21.12 6.04
N ILE G 212 -12.54 -22.35 5.66
CA ILE G 212 -13.40 -23.28 6.40
C ILE G 212 -12.57 -24.56 6.58
N LYS G 213 -12.31 -24.93 7.82
CA LYS G 213 -11.51 -26.12 8.11
C LYS G 213 -12.17 -27.10 9.11
N LEU G 214 -12.29 -28.38 8.71
CA LEU G 214 -12.88 -29.37 9.61
C LEU G 214 -11.75 -29.83 10.51
N THR G 215 -11.92 -29.69 11.81
CA THR G 215 -10.88 -30.05 12.74
C THR G 215 -11.30 -31.15 13.69
N ARG G 216 -10.32 -31.68 14.40
CA ARG G 216 -10.56 -32.75 15.34
C ARG G 216 -10.90 -32.14 16.68
N GLU G 217 -10.29 -31.01 16.98
CA GLU G 217 -10.50 -30.34 18.25
C GLU G 217 -11.30 -29.05 18.13
N ARG G 218 -11.91 -28.63 19.24
CA ARG G 218 -12.66 -27.39 19.28
C ARG G 218 -11.75 -26.21 18.86
N PRO G 219 -12.13 -25.47 17.81
CA PRO G 219 -11.26 -24.35 17.43
C PRO G 219 -11.50 -23.12 18.30
N PRO G 220 -10.53 -22.19 18.33
CA PRO G 220 -10.67 -20.96 19.13
C PRO G 220 -11.69 -20.02 18.48
N THR G 221 -12.23 -19.13 19.27
CA THR G 221 -13.26 -18.18 18.84
C THR G 221 -12.78 -16.76 19.16
N THR G 222 -12.85 -15.85 18.21
CA THR G 222 -12.38 -14.48 18.44
C THR G 222 -12.90 -13.82 19.72
N TRP G 223 -14.21 -13.81 19.94
CA TRP G 223 -14.78 -13.19 21.12
C TRP G 223 -14.63 -13.98 22.40
N ASN G 224 -14.59 -15.29 22.29
CA ASN G 224 -14.43 -16.09 23.48
C ASN G 224 -13.01 -15.88 23.96
N LEU G 225 -12.12 -15.60 23.00
CA LEU G 225 -10.72 -15.33 23.28
C LEU G 225 -10.61 -13.96 23.95
N ALA G 226 -11.32 -12.98 23.41
CA ALA G 226 -11.32 -11.63 23.94
C ALA G 226 -11.87 -11.50 25.36
N ALA G 227 -12.91 -12.25 25.67
CA ALA G 227 -13.52 -12.21 27.00
C ALA G 227 -14.18 -13.54 27.35
N PRO G 228 -13.36 -14.59 27.62
CA PRO G 228 -13.78 -15.95 27.96
C PRO G 228 -14.90 -16.05 28.98
N ASP G 229 -14.98 -15.06 29.85
CA ASP G 229 -15.99 -15.03 30.91
C ASP G 229 -17.29 -14.32 30.51
N GLU G 230 -17.35 -13.83 29.28
CA GLU G 230 -18.54 -13.14 28.83
C GLU G 230 -19.13 -13.79 27.58
N TYR G 231 -18.27 -14.33 26.74
CA TYR G 231 -18.71 -14.95 25.49
C TYR G 231 -18.30 -16.42 25.41
N GLY G 232 -19.30 -17.30 25.38
CA GLY G 232 -19.01 -18.73 25.33
C GLY G 232 -18.82 -19.30 23.94
N PHE G 233 -18.49 -20.58 23.89
CA PHE G 233 -18.29 -21.23 22.62
C PHE G 233 -19.62 -21.59 21.94
N TYR G 234 -20.63 -21.90 22.73
CA TYR G 234 -21.91 -22.29 22.16
C TYR G 234 -22.73 -21.05 21.86
N ALA G 235 -22.76 -20.12 22.80
CA ALA G 235 -23.46 -18.87 22.58
C ALA G 235 -24.89 -19.01 22.07
N ASN G 236 -25.64 -19.96 22.63
CA ASN G 236 -27.03 -20.12 22.20
C ASN G 236 -27.84 -18.94 22.74
N VAL G 237 -28.78 -18.41 21.96
CA VAL G 237 -29.56 -17.29 22.46
C VAL G 237 -30.42 -17.85 23.58
N ASN G 238 -30.24 -17.29 24.77
CA ASN G 238 -30.98 -17.72 25.94
C ASN G 238 -31.34 -16.63 26.91
N PRO G 239 -32.63 -16.27 26.97
CA PRO G 239 -33.10 -15.22 27.85
C PRO G 239 -33.01 -15.47 29.35
N TYR G 240 -32.48 -16.62 29.77
CA TYR G 240 -32.36 -16.92 31.19
C TYR G 240 -30.92 -16.84 31.68
N VAL G 241 -30.00 -16.60 30.77
CA VAL G 241 -28.62 -16.50 31.19
C VAL G 241 -28.15 -15.11 30.76
N ASP G 242 -27.89 -14.25 31.73
CA ASP G 242 -27.46 -12.90 31.43
C ASP G 242 -25.99 -12.73 31.13
N HIS G 243 -25.70 -11.62 30.48
CA HIS G 243 -24.33 -11.24 30.13
C HIS G 243 -23.80 -10.50 31.36
N PRO G 244 -22.54 -10.74 31.74
CA PRO G 244 -21.91 -10.11 32.91
C PRO G 244 -22.19 -8.61 33.06
N ARG G 245 -22.53 -7.93 31.97
CA ARG G 245 -22.82 -6.51 32.01
C ARG G 245 -24.26 -6.12 31.66
N TRP G 246 -25.11 -7.10 31.34
CA TRP G 246 -26.50 -6.78 31.04
C TRP G 246 -27.45 -7.97 30.87
N SER G 247 -28.71 -7.73 31.20
CA SER G 247 -29.78 -8.73 31.10
C SER G 247 -30.03 -9.12 29.63
N GLN G 248 -30.43 -10.37 29.40
CA GLN G 248 -30.70 -10.85 28.04
C GLN G 248 -32.15 -11.24 27.89
N ALA G 249 -32.94 -10.91 28.91
CA ALA G 249 -34.35 -11.23 28.92
C ALA G 249 -35.14 -10.47 27.87
N THR G 250 -34.65 -9.29 27.54
CA THR G 250 -35.35 -8.44 26.59
C THR G 250 -34.43 -7.94 25.48
N GLU G 251 -35.01 -7.52 24.36
CA GLU G 251 -34.21 -7.05 23.27
C GLU G 251 -34.84 -5.93 22.52
N ARG G 252 -33.99 -5.07 21.98
CA ARG G 252 -34.44 -3.94 21.20
C ARG G 252 -34.57 -4.45 19.78
N PHE G 253 -35.74 -4.31 19.19
CA PHE G 253 -35.94 -4.77 17.82
C PHE G 253 -35.72 -3.63 16.82
N ILE G 254 -34.78 -3.79 15.90
CA ILE G 254 -34.52 -2.74 14.94
C ILE G 254 -35.57 -2.68 13.84
N GLY G 255 -36.63 -1.92 14.09
CA GLY G 255 -37.71 -1.75 13.13
C GLY G 255 -37.45 -0.58 12.19
N SER G 256 -38.48 0.22 11.90
CA SER G 256 -38.31 1.38 11.01
C SER G 256 -38.34 2.76 11.70
N GLY G 257 -37.53 3.68 11.19
CA GLY G 257 -37.49 5.03 11.74
C GLY G 257 -36.26 5.39 12.56
N ARG G 264 -39.12 -2.53 22.07
CA ARG G 264 -38.66 -3.69 22.89
C ARG G 264 -39.61 -4.89 22.83
N GLN G 265 -39.02 -6.08 22.99
CA GLN G 265 -39.75 -7.33 22.97
C GLN G 265 -38.96 -8.34 23.77
N PRO G 266 -39.64 -9.35 24.31
CA PRO G 266 -38.97 -10.38 25.10
C PRO G 266 -38.08 -11.27 24.24
N THR G 267 -37.01 -11.79 24.85
CA THR G 267 -36.08 -12.63 24.14
C THR G 267 -36.47 -14.10 24.18
N LEU G 268 -36.72 -14.66 23.01
CA LEU G 268 -37.11 -16.06 22.88
C LEU G 268 -35.94 -17.04 23.07
N LEU G 269 -36.24 -18.23 23.60
CA LEU G 269 -35.24 -19.28 23.82
C LEU G 269 -34.78 -19.80 22.45
N PHE G 270 -33.46 -19.85 22.25
CA PHE G 270 -32.86 -20.27 20.97
C PHE G 270 -33.29 -19.35 19.86
N ASN G 271 -33.54 -18.09 20.24
CA ASN G 271 -33.95 -17.05 19.30
C ASN G 271 -35.18 -17.45 18.49
N GLY G 272 -36.02 -18.31 19.07
CA GLY G 272 -37.23 -18.74 18.39
C GLY G 272 -37.10 -20.00 17.55
N TYR G 273 -36.04 -20.77 17.75
CA TYR G 273 -35.86 -22.00 16.99
C TYR G 273 -35.67 -23.21 17.90
N ALA G 274 -36.15 -23.10 19.14
CA ALA G 274 -36.01 -24.18 20.10
C ALA G 274 -36.52 -25.54 19.58
N ASP G 275 -37.65 -25.52 18.86
CA ASP G 275 -38.21 -26.76 18.35
C ASP G 275 -37.22 -27.47 17.46
N GLN G 276 -36.67 -26.73 16.50
CA GLN G 276 -35.71 -27.26 15.54
C GLN G 276 -34.30 -27.52 16.04
N VAL G 277 -33.93 -26.88 17.15
CA VAL G 277 -32.56 -26.98 17.61
C VAL G 277 -32.30 -27.55 19.00
N ALA G 278 -33.35 -27.60 19.82
CA ALA G 278 -33.20 -28.11 21.17
C ALA G 278 -32.54 -29.47 21.25
N SER G 279 -32.86 -30.36 20.31
CA SER G 279 -32.31 -31.71 20.32
C SER G 279 -30.77 -31.78 20.38
N LEU G 280 -30.09 -30.85 19.71
CA LEU G 280 -28.63 -30.84 19.70
C LEU G 280 -28.05 -30.62 21.07
N TYR G 281 -28.79 -29.98 21.97
CA TYR G 281 -28.24 -29.69 23.29
C TYR G 281 -28.87 -30.47 24.45
N ARG G 282 -30.05 -31.04 24.21
CA ARG G 282 -30.75 -31.79 25.25
C ARG G 282 -29.88 -32.79 26.00
N GLY G 283 -29.93 -32.72 27.33
CA GLY G 283 -29.17 -33.62 28.18
C GLY G 283 -27.67 -33.45 28.19
N LEU G 284 -27.18 -32.42 27.51
CA LEU G 284 -25.75 -32.16 27.45
C LEU G 284 -25.38 -30.94 28.27
N ASP G 285 -24.39 -31.09 29.15
CA ASP G 285 -23.94 -29.99 29.99
C ASP G 285 -23.02 -29.07 29.19
N LEU G 286 -23.57 -27.97 28.67
CA LEU G 286 -22.80 -27.02 27.86
C LEU G 286 -21.52 -26.47 28.49
N LYS H 18 -20.58 -65.85 77.13
CA LYS H 18 -20.90 -66.85 76.07
C LYS H 18 -19.60 -67.47 75.57
N ALA H 19 -18.91 -68.18 76.46
CA ALA H 19 -17.64 -68.82 76.15
C ALA H 19 -17.67 -69.61 74.84
N LEU H 20 -16.60 -69.50 74.08
CA LEU H 20 -16.49 -70.21 72.79
C LEU H 20 -15.09 -70.76 72.54
N GLU H 21 -15.02 -71.77 71.67
CA GLU H 21 -13.75 -72.42 71.33
C GLU H 21 -12.80 -71.63 70.47
N PHE H 22 -11.51 -71.76 70.73
CA PHE H 22 -10.49 -71.03 69.98
C PHE H 22 -9.09 -71.50 70.30
N SER H 23 -8.19 -71.40 69.32
CA SER H 23 -6.80 -71.80 69.51
C SER H 23 -5.99 -70.60 69.98
N LYS H 24 -4.67 -70.72 69.92
CA LYS H 24 -3.78 -69.65 70.34
C LYS H 24 -2.45 -69.69 69.57
N PRO H 25 -2.51 -69.51 68.24
CA PRO H 25 -1.31 -69.52 67.38
C PRO H 25 -0.16 -68.74 68.00
N ALA H 26 0.98 -69.39 68.17
CA ALA H 26 2.15 -68.77 68.76
C ALA H 26 2.50 -67.40 68.19
N ALA H 27 2.16 -67.18 66.91
CA ALA H 27 2.47 -65.92 66.25
C ALA H 27 1.71 -64.70 66.80
N TRP H 28 0.57 -64.96 67.44
CA TRP H 28 -0.26 -63.90 68.00
C TRP H 28 -0.27 -63.92 69.52
N GLN H 29 0.69 -64.65 70.08
CA GLN H 29 0.84 -64.77 71.54
C GLN H 29 2.13 -64.05 71.91
N ASN H 30 2.06 -63.21 72.94
CA ASN H 30 3.24 -62.47 73.36
C ASN H 30 3.17 -62.10 74.83
N ASN H 31 4.11 -61.23 75.24
CA ASN H 31 4.23 -60.79 76.62
C ASN H 31 3.99 -59.30 76.81
N LEU H 32 2.91 -58.77 76.26
CA LEU H 32 2.60 -57.36 76.42
C LEU H 32 1.60 -57.26 77.58
N PRO H 33 1.83 -56.33 78.51
CA PRO H 33 0.88 -56.20 79.63
C PRO H 33 -0.51 -55.95 79.06
N LEU H 34 -1.48 -56.75 79.46
CA LEU H 34 -2.85 -56.59 78.97
C LEU H 34 -3.57 -55.41 79.61
N THR H 35 -4.72 -55.10 79.03
CA THR H 35 -5.60 -54.04 79.50
C THR H 35 -6.71 -54.79 80.22
N PRO H 36 -6.90 -54.54 81.51
CA PRO H 36 -7.97 -55.25 82.23
C PRO H 36 -9.30 -55.30 81.47
N ALA H 37 -9.90 -56.49 81.45
CA ALA H 37 -11.15 -56.72 80.74
C ALA H 37 -12.26 -55.73 81.09
N ASP H 38 -12.24 -55.23 82.32
CA ASP H 38 -13.27 -54.27 82.74
C ASP H 38 -13.12 -52.91 82.08
N LYS H 39 -11.90 -52.59 81.64
CA LYS H 39 -11.67 -51.32 80.97
C LYS H 39 -11.87 -51.49 79.48
N VAL H 40 -11.55 -52.67 78.97
CA VAL H 40 -11.72 -52.97 77.56
C VAL H 40 -13.20 -52.80 77.22
N SER H 41 -14.06 -53.07 78.18
CA SER H 41 -15.50 -52.97 77.99
C SER H 41 -16.19 -51.96 78.91
N GLY H 42 -15.46 -50.89 79.25
CA GLY H 42 -16.01 -49.85 80.11
C GLY H 42 -15.48 -48.50 79.67
N TYR H 43 -14.49 -48.55 78.79
CA TYR H 43 -13.88 -47.34 78.23
C TYR H 43 -13.98 -47.53 76.72
N ASN H 44 -15.07 -47.03 76.14
CA ASN H 44 -15.32 -47.23 74.71
C ASN H 44 -15.72 -46.00 73.91
N ASN H 45 -15.54 -46.17 72.60
CA ASN H 45 -15.92 -45.16 71.62
C ASN H 45 -16.91 -45.92 70.72
N PHE H 46 -18.19 -45.63 70.89
CA PHE H 46 -19.27 -46.23 70.09
C PHE H 46 -20.31 -45.12 70.02
N TYR H 47 -20.04 -44.12 69.20
CA TYR H 47 -20.90 -42.97 69.08
C TYR H 47 -22.38 -43.25 68.90
N GLU H 48 -22.72 -44.32 68.19
CA GLU H 48 -24.12 -44.66 68.02
C GLU H 48 -24.83 -44.71 69.38
N PHE H 49 -24.06 -44.83 70.47
CA PHE H 49 -24.64 -44.93 71.80
C PHE H 49 -24.25 -43.78 72.72
N GLY H 50 -23.63 -42.76 72.16
CA GLY H 50 -23.23 -41.62 72.96
C GLY H 50 -21.74 -41.38 72.91
N LEU H 51 -21.36 -40.11 73.04
CA LEU H 51 -19.96 -39.67 72.99
C LEU H 51 -19.05 -40.09 74.14
N ASP H 52 -19.55 -40.00 75.37
CA ASP H 52 -18.70 -40.32 76.51
C ASP H 52 -18.23 -41.78 76.59
N LYS H 53 -17.00 -41.94 77.08
CA LYS H 53 -16.36 -43.25 77.21
C LYS H 53 -17.19 -44.26 77.98
N ALA H 54 -18.02 -43.79 78.89
CA ALA H 54 -18.84 -44.71 79.67
C ALA H 54 -20.20 -44.99 79.03
N ASP H 55 -20.65 -44.10 78.13
CA ASP H 55 -21.95 -44.24 77.46
C ASP H 55 -22.19 -45.58 76.77
N PRO H 56 -21.23 -46.07 75.97
CA PRO H 56 -21.50 -47.36 75.33
C PRO H 56 -21.89 -48.46 76.30
N ALA H 57 -21.07 -48.66 77.33
CA ALA H 57 -21.32 -49.69 78.33
C ALA H 57 -22.68 -49.54 78.97
N ALA H 58 -23.13 -48.31 79.12
CA ALA H 58 -24.42 -48.09 79.74
C ALA H 58 -25.64 -48.19 78.83
N ASN H 59 -25.44 -48.22 77.51
CA ASN H 59 -26.60 -48.28 76.62
C ASN H 59 -26.58 -49.36 75.56
N ALA H 60 -25.39 -49.82 75.20
CA ALA H 60 -25.23 -50.83 74.18
C ALA H 60 -26.11 -52.06 74.44
N GLY H 61 -26.65 -52.18 75.64
CA GLY H 61 -27.49 -53.32 75.96
C GLY H 61 -28.78 -53.40 75.18
N SER H 62 -29.30 -52.25 74.78
CA SER H 62 -30.56 -52.18 74.05
C SER H 62 -30.43 -52.61 72.59
N LEU H 63 -29.30 -53.21 72.25
CA LEU H 63 -29.05 -53.65 70.88
C LEU H 63 -29.08 -55.18 70.78
N LYS H 64 -30.02 -55.70 70.00
CA LYS H 64 -30.12 -57.14 69.80
C LYS H 64 -29.09 -57.60 68.81
N THR H 65 -28.27 -58.55 69.24
CA THR H 65 -27.22 -59.07 68.38
C THR H 65 -27.49 -60.52 68.00
N ASP H 66 -28.52 -61.13 68.57
CA ASP H 66 -28.79 -62.52 68.24
C ASP H 66 -29.31 -62.66 66.81
N PRO H 67 -30.55 -62.21 66.52
CA PRO H 67 -30.74 -62.46 65.09
C PRO H 67 -29.86 -61.46 64.35
N TRP H 68 -28.84 -61.95 63.65
CA TRP H 68 -27.94 -61.06 62.92
C TRP H 68 -27.65 -61.55 61.52
N THR H 69 -27.45 -60.60 60.60
CA THR H 69 -27.17 -60.93 59.20
C THR H 69 -26.02 -60.12 58.58
N LEU H 70 -24.94 -60.81 58.24
CA LEU H 70 -23.79 -60.17 57.62
C LEU H 70 -23.74 -60.55 56.14
N LYS H 71 -24.02 -59.58 55.28
CA LYS H 71 -24.05 -59.83 53.84
C LYS H 71 -22.77 -59.51 53.08
N ILE H 72 -22.26 -60.48 52.32
CA ILE H 72 -21.04 -60.30 51.51
C ILE H 72 -21.44 -60.16 50.04
N SER H 73 -21.19 -59.00 49.44
CA SER H 73 -21.57 -58.76 48.06
C SER H 73 -20.62 -57.87 47.24
N GLY H 74 -21.12 -57.33 46.13
CA GLY H 74 -20.33 -56.47 45.28
C GLY H 74 -19.56 -57.22 44.20
N GLU H 75 -18.32 -56.77 43.93
CA GLU H 75 -17.47 -57.39 42.94
C GLU H 75 -16.94 -58.72 43.45
N VAL H 76 -17.88 -59.65 43.65
CA VAL H 76 -17.59 -60.96 44.16
C VAL H 76 -18.20 -61.94 43.16
N ALA H 77 -17.75 -63.19 43.20
CA ALA H 77 -18.27 -64.20 42.29
C ALA H 77 -19.25 -65.13 43.01
N LYS H 78 -19.13 -65.21 44.33
CA LYS H 78 -20.03 -66.07 45.11
C LYS H 78 -20.54 -65.35 46.35
N PRO H 79 -21.38 -64.32 46.16
CA PRO H 79 -21.95 -63.55 47.27
C PRO H 79 -22.70 -64.45 48.23
N LEU H 80 -22.39 -64.34 49.53
CA LEU H 80 -23.04 -65.15 50.54
C LEU H 80 -23.48 -64.31 51.72
N THR H 81 -24.22 -64.93 52.63
CA THR H 81 -24.70 -64.25 53.82
C THR H 81 -24.61 -65.16 55.05
N LEU H 82 -23.94 -64.68 56.09
CA LEU H 82 -23.77 -65.44 57.31
C LEU H 82 -24.78 -65.02 58.36
N ASP H 83 -25.25 -65.97 59.17
CA ASP H 83 -26.21 -65.68 60.23
C ASP H 83 -25.43 -65.57 61.54
N HIS H 84 -26.14 -65.39 62.66
CA HIS H 84 -25.46 -65.25 63.95
C HIS H 84 -24.54 -66.41 64.35
N ASP H 85 -24.98 -67.63 64.08
CA ASP H 85 -24.19 -68.82 64.41
C ASP H 85 -22.98 -69.04 63.51
N ASP H 86 -23.06 -68.53 62.29
CA ASP H 86 -21.97 -68.65 61.34
C ASP H 86 -20.74 -67.94 61.90
N LEU H 87 -20.97 -66.73 62.40
CA LEU H 87 -19.91 -65.91 62.96
C LEU H 87 -18.92 -66.67 63.83
N THR H 88 -19.42 -67.56 64.68
CA THR H 88 -18.56 -68.33 65.58
C THR H 88 -18.47 -69.84 65.34
N ARG H 89 -18.76 -70.29 64.12
CA ARG H 89 -18.70 -71.73 63.82
C ARG H 89 -18.24 -72.02 62.41
N ARG H 90 -18.51 -71.08 61.52
CA ARG H 90 -18.17 -71.21 60.12
C ARG H 90 -16.66 -71.26 59.89
N PHE H 91 -15.89 -70.64 60.78
CA PHE H 91 -14.44 -70.64 60.66
C PHE H 91 -13.80 -70.93 62.02
N PRO H 92 -12.52 -71.37 62.02
CA PRO H 92 -11.81 -71.67 63.26
C PRO H 92 -11.38 -70.38 63.98
N LEU H 93 -11.96 -70.14 65.14
CA LEU H 93 -11.67 -68.95 65.92
C LEU H 93 -10.29 -68.98 66.57
N GLU H 94 -9.51 -67.92 66.38
CA GLU H 94 -8.18 -67.81 66.95
C GLU H 94 -8.15 -66.66 67.95
N GLU H 95 -7.26 -66.75 68.94
CA GLU H 95 -7.13 -65.70 69.92
C GLU H 95 -5.89 -64.90 69.54
N ARG H 96 -6.01 -63.58 69.47
CA ARG H 96 -4.87 -62.76 69.12
C ARG H 96 -4.70 -61.57 70.06
N ILE H 97 -3.49 -61.39 70.57
CA ILE H 97 -3.18 -60.31 71.48
C ILE H 97 -2.57 -59.17 70.67
N TYR H 98 -3.41 -58.18 70.40
CA TYR H 98 -3.04 -57.01 69.61
C TYR H 98 -3.04 -55.75 70.48
N ARG H 99 -2.35 -54.72 70.00
CA ARG H 99 -2.36 -53.43 70.70
C ARG H 99 -3.32 -52.55 69.87
N MET H 100 -4.25 -51.89 70.55
CA MET H 100 -5.27 -51.06 69.91
C MET H 100 -5.00 -49.57 70.18
N ARG H 101 -4.51 -48.86 69.17
CA ARG H 101 -4.19 -47.43 69.25
C ARG H 101 -5.30 -46.49 68.71
N CYS H 102 -6.14 -45.95 69.59
CA CYS H 102 -7.21 -45.02 69.15
C CYS H 102 -6.50 -43.75 68.68
N VAL H 103 -7.14 -43.02 67.76
CA VAL H 103 -6.54 -41.79 67.22
C VAL H 103 -6.40 -40.74 68.32
N GLU H 104 -7.25 -40.84 69.35
CA GLU H 104 -7.24 -39.92 70.48
C GLU H 104 -6.00 -40.01 71.38
N ALA H 105 -5.04 -40.84 71.02
CA ALA H 105 -3.79 -41.01 71.77
C ALA H 105 -3.85 -41.86 73.05
N TRP H 106 -4.79 -42.78 73.13
CA TRP H 106 -4.78 -43.70 74.25
C TRP H 106 -4.70 -45.05 73.56
N SER H 107 -4.26 -46.09 74.28
CA SER H 107 -4.12 -47.39 73.67
C SER H 107 -4.36 -48.52 74.67
N MET H 108 -4.54 -49.73 74.12
CA MET H 108 -4.77 -50.90 74.94
C MET H 108 -4.04 -52.06 74.28
N VAL H 109 -4.03 -53.20 74.96
CA VAL H 109 -3.47 -54.43 74.44
C VAL H 109 -4.67 -55.32 74.75
N VAL H 110 -5.22 -55.97 73.73
CA VAL H 110 -6.41 -56.78 73.96
C VAL H 110 -6.31 -58.17 73.38
N PRO H 111 -6.83 -59.17 74.11
CA PRO H 111 -6.78 -60.55 73.61
C PRO H 111 -8.05 -60.80 72.78
N TRP H 112 -8.03 -60.33 71.54
CA TRP H 112 -9.18 -60.48 70.63
C TRP H 112 -9.41 -61.94 70.22
N ILE H 113 -10.65 -62.25 69.85
CA ILE H 113 -11.00 -63.59 69.39
C ILE H 113 -11.82 -63.54 68.11
N GLY H 114 -11.24 -64.05 67.03
CA GLY H 114 -11.91 -64.07 65.74
C GLY H 114 -11.12 -64.78 64.66
N PHE H 115 -11.52 -64.59 63.41
CA PHE H 115 -10.83 -65.23 62.29
C PHE H 115 -10.34 -64.20 61.29
N PRO H 116 -9.23 -64.48 60.61
CA PRO H 116 -8.73 -63.50 59.64
C PRO H 116 -9.77 -63.23 58.56
N LEU H 117 -9.74 -62.03 58.01
CA LEU H 117 -10.69 -61.62 56.99
C LEU H 117 -10.46 -62.30 55.66
N HIS H 118 -9.20 -62.62 55.36
CA HIS H 118 -8.91 -63.25 54.08
C HIS H 118 -9.61 -64.60 53.91
N LYS H 119 -9.95 -65.26 55.02
CA LYS H 119 -10.63 -66.55 54.93
C LYS H 119 -12.05 -66.40 54.42
N LEU H 120 -12.72 -65.35 54.87
CA LEU H 120 -14.09 -65.08 54.49
C LEU H 120 -14.15 -64.48 53.09
N LEU H 121 -13.15 -63.67 52.75
CA LEU H 121 -13.13 -63.06 51.43
C LEU H 121 -12.86 -64.11 50.36
N ALA H 122 -12.07 -65.12 50.72
CA ALA H 122 -11.76 -66.18 49.78
C ALA H 122 -13.04 -66.94 49.44
N LEU H 123 -13.94 -67.07 50.41
CA LEU H 123 -15.21 -67.77 50.20
C LEU H 123 -16.05 -67.08 49.14
N ALA H 124 -16.01 -65.76 49.15
CA ALA H 124 -16.76 -64.98 48.19
C ALA H 124 -16.02 -64.84 46.87
N GLU H 125 -14.75 -65.26 46.85
CA GLU H 125 -13.93 -65.18 45.64
C GLU H 125 -14.04 -63.83 44.93
N PRO H 126 -13.40 -62.80 45.47
CA PRO H 126 -13.47 -61.48 44.84
C PRO H 126 -13.03 -61.53 43.37
N THR H 127 -13.79 -60.88 42.49
CA THR H 127 -13.45 -60.87 41.07
C THR H 127 -12.21 -60.01 40.86
N SER H 128 -11.72 -59.99 39.63
CA SER H 128 -10.53 -59.23 39.27
C SER H 128 -10.77 -57.73 39.29
N ASN H 129 -12.02 -57.32 39.42
CA ASN H 129 -12.34 -55.90 39.43
C ASN H 129 -12.36 -55.32 40.86
N ALA H 130 -12.35 -56.21 41.84
CA ALA H 130 -12.35 -55.80 43.25
C ALA H 130 -11.01 -55.16 43.67
N LYS H 131 -11.07 -53.93 44.17
CA LYS H 131 -9.86 -53.22 44.60
C LYS H 131 -9.93 -52.73 46.06
N TYR H 132 -11.15 -52.57 46.57
CA TYR H 132 -11.39 -52.11 47.93
C TYR H 132 -12.50 -52.90 48.59
N VAL H 133 -12.58 -52.79 49.91
CA VAL H 133 -13.62 -53.46 50.67
C VAL H 133 -14.31 -52.37 51.50
N ALA H 134 -15.65 -52.33 51.42
CA ALA H 134 -16.43 -51.36 52.15
C ALA H 134 -17.20 -52.09 53.24
N PHE H 135 -17.27 -51.51 54.44
CA PHE H 135 -18.01 -52.14 55.54
C PHE H 135 -19.06 -51.15 56.02
N GLU H 136 -20.15 -51.66 56.57
CA GLU H 136 -21.22 -50.82 57.09
C GLU H 136 -21.75 -51.38 58.38
N THR H 137 -22.02 -50.49 59.32
CA THR H 137 -22.52 -50.88 60.63
C THR H 137 -24.03 -50.86 60.57
N ILE H 138 -24.66 -51.69 61.38
CA ILE H 138 -26.11 -51.76 61.43
C ILE H 138 -26.68 -50.37 61.66
N TYR H 139 -27.88 -50.15 61.15
CA TYR H 139 -28.57 -48.88 61.30
C TYR H 139 -29.91 -49.14 61.99
N ALA H 140 -29.97 -48.89 63.30
CA ALA H 140 -31.18 -49.11 64.08
C ALA H 140 -31.39 -47.91 65.01
N PRO H 141 -31.81 -46.77 64.43
CA PRO H 141 -32.06 -45.52 65.16
C PRO H 141 -32.87 -45.66 66.43
N GLU H 142 -33.72 -46.66 66.49
CA GLU H 142 -34.55 -46.85 67.67
C GLU H 142 -33.83 -47.66 68.75
N GLN H 143 -32.71 -48.26 68.38
CA GLN H 143 -31.94 -49.03 69.36
C GLN H 143 -30.66 -48.27 69.70
N MET H 144 -30.34 -47.24 68.91
CA MET H 144 -29.13 -46.45 69.10
C MET H 144 -29.41 -44.96 69.26
N PRO H 145 -29.39 -44.47 70.51
CA PRO H 145 -29.64 -43.06 70.84
C PRO H 145 -28.84 -42.06 70.03
N GLY H 146 -27.62 -42.45 69.63
CA GLY H 146 -26.78 -41.54 68.87
C GLY H 146 -27.25 -41.27 67.44
N GLN H 147 -27.92 -42.24 66.84
CA GLN H 147 -28.41 -42.07 65.48
C GLN H 147 -29.66 -41.19 65.46
N GLN H 148 -29.89 -40.46 66.54
CA GLN H 148 -31.05 -39.58 66.66
C GLN H 148 -30.73 -38.17 67.19
N ASP H 149 -29.49 -37.93 67.62
CA ASP H 149 -29.14 -36.60 68.12
C ASP H 149 -27.80 -36.09 67.59
N ARG H 150 -27.84 -35.00 66.84
CA ARG H 150 -26.64 -34.43 66.27
C ARG H 150 -25.43 -34.34 67.22
N PHE H 151 -25.64 -33.91 68.46
CA PHE H 151 -24.51 -33.80 69.40
C PHE H 151 -24.16 -35.10 70.14
N ILE H 152 -25.19 -35.86 70.53
CA ILE H 152 -25.03 -37.12 71.22
C ILE H 152 -24.28 -38.16 70.39
N GLY H 153 -24.55 -38.16 69.08
CA GLY H 153 -23.90 -39.10 68.19
C GLY H 153 -22.63 -38.55 67.56
N GLY H 154 -22.20 -37.38 68.04
CA GLY H 154 -21.00 -36.77 67.52
C GLY H 154 -21.17 -36.13 66.17
N GLY H 155 -22.41 -36.12 65.67
CA GLY H 155 -22.69 -35.51 64.37
C GLY H 155 -22.20 -36.30 63.17
N LEU H 156 -21.98 -37.59 63.36
CA LEU H 156 -21.52 -38.43 62.29
C LEU H 156 -22.68 -38.81 61.37
N LYS H 157 -22.40 -39.01 60.10
CA LYS H 157 -23.43 -39.40 59.16
C LYS H 157 -23.60 -40.90 59.26
N TYR H 158 -24.71 -41.34 59.86
CA TYR H 158 -24.97 -42.76 60.03
C TYR H 158 -25.71 -43.38 58.84
N PRO H 159 -25.57 -44.70 58.63
CA PRO H 159 -24.80 -45.70 59.38
C PRO H 159 -23.29 -45.61 59.18
N TYR H 160 -22.54 -46.02 60.21
CA TYR H 160 -21.07 -45.95 60.19
C TYR H 160 -20.47 -46.72 59.01
N VAL H 161 -19.51 -46.12 58.32
CA VAL H 161 -18.91 -46.81 57.19
C VAL H 161 -17.38 -46.69 57.10
N GLU H 162 -16.74 -47.80 56.73
CA GLU H 162 -15.29 -47.85 56.60
C GLU H 162 -14.86 -48.64 55.37
N GLY H 163 -13.63 -48.44 54.96
CA GLY H 163 -13.12 -49.14 53.80
C GLY H 163 -11.67 -49.54 53.96
N LEU H 164 -11.24 -50.47 53.12
CA LEU H 164 -9.86 -50.93 53.12
C LEU H 164 -9.44 -51.26 51.71
N ARG H 165 -8.20 -51.02 51.38
CA ARG H 165 -7.71 -51.37 50.06
C ARG H 165 -7.78 -52.89 50.13
N LEU H 166 -8.05 -53.55 49.01
CA LEU H 166 -8.17 -55.00 49.02
C LEU H 166 -7.00 -55.76 49.67
N ASP H 167 -5.76 -55.33 49.39
CA ASP H 167 -4.61 -56.00 49.99
C ASP H 167 -4.53 -55.81 51.51
N GLU H 168 -5.03 -54.67 51.99
CA GLU H 168 -5.02 -54.41 53.43
C GLU H 168 -6.00 -55.34 54.06
N ALA H 169 -7.08 -55.61 53.33
CA ALA H 169 -8.13 -56.47 53.83
C ALA H 169 -7.67 -57.92 53.82
N MET H 170 -6.80 -58.24 52.86
CA MET H 170 -6.30 -59.60 52.72
C MET H 170 -5.12 -59.91 53.64
N HIS H 171 -4.54 -58.87 54.21
CA HIS H 171 -3.41 -59.06 55.11
C HIS H 171 -3.78 -59.99 56.26
N PRO H 172 -2.88 -60.94 56.60
CA PRO H 172 -3.09 -61.90 57.68
C PRO H 172 -3.44 -61.29 59.02
N LEU H 173 -3.03 -60.04 59.23
CA LEU H 173 -3.30 -59.35 60.49
C LEU H 173 -4.74 -58.90 60.67
N THR H 174 -5.32 -58.26 59.65
CA THR H 174 -6.71 -57.78 59.77
C THR H 174 -7.65 -58.94 60.06
N LEU H 175 -8.39 -58.88 61.16
CA LEU H 175 -9.30 -59.98 61.48
C LEU H 175 -10.72 -59.61 61.93
N MET H 176 -11.66 -60.49 61.57
CA MET H 176 -13.06 -60.32 61.94
C MET H 176 -13.14 -60.76 63.38
N THR H 177 -13.45 -59.84 64.28
CA THR H 177 -13.53 -60.12 65.70
C THR H 177 -14.94 -60.46 66.14
N VAL H 178 -15.07 -61.53 66.94
CA VAL H 178 -16.37 -61.96 67.44
C VAL H 178 -16.36 -62.11 68.96
N GLY H 179 -15.19 -62.02 69.55
CA GLY H 179 -15.07 -62.15 70.99
C GLY H 179 -13.83 -61.51 71.56
N VAL H 180 -13.82 -61.35 72.88
CA VAL H 180 -12.70 -60.76 73.61
C VAL H 180 -12.60 -61.38 75.00
N TYR H 181 -11.38 -61.70 75.41
CA TYR H 181 -11.16 -62.30 76.73
C TYR H 181 -11.92 -63.62 76.86
N GLY H 182 -11.67 -64.51 75.92
CA GLY H 182 -12.31 -65.82 75.95
C GLY H 182 -13.80 -65.90 75.69
N LYS H 183 -14.52 -64.79 75.77
CA LYS H 183 -15.96 -64.84 75.54
C LYS H 183 -16.43 -63.97 74.38
N ALA H 184 -17.69 -64.11 74.01
CA ALA H 184 -18.23 -63.34 72.90
C ALA H 184 -18.22 -61.85 73.24
N LEU H 185 -18.11 -61.04 72.19
CA LEU H 185 -18.07 -59.58 72.32
C LEU H 185 -19.30 -58.96 73.00
N PRO H 186 -19.08 -58.14 74.03
CA PRO H 186 -20.23 -57.52 74.68
C PRO H 186 -20.71 -56.41 73.72
N PRO H 187 -21.96 -55.96 73.84
CA PRO H 187 -22.40 -54.91 72.91
C PRO H 187 -21.49 -53.67 72.75
N GLN H 188 -21.00 -53.09 73.85
CA GLN H 188 -20.13 -51.91 73.78
C GLN H 188 -18.93 -52.12 72.87
N ASN H 189 -18.49 -53.36 72.70
CA ASN H 189 -17.34 -53.63 71.84
C ASN H 189 -17.73 -53.96 70.39
N GLY H 190 -18.96 -53.65 70.02
CA GLY H 190 -19.42 -53.88 68.66
C GLY H 190 -19.86 -55.30 68.33
N ALA H 191 -20.64 -55.90 69.23
CA ALA H 191 -21.14 -57.25 69.01
C ALA H 191 -22.12 -57.22 67.85
N PRO H 192 -22.28 -58.34 67.14
CA PRO H 192 -21.62 -59.64 67.31
C PRO H 192 -20.36 -59.85 66.47
N VAL H 193 -20.14 -58.98 65.50
CA VAL H 193 -18.98 -59.06 64.63
C VAL H 193 -18.37 -57.69 64.62
N ARG H 194 -17.05 -57.62 64.51
CA ARG H 194 -16.37 -56.35 64.56
C ARG H 194 -15.06 -56.46 63.81
N LEU H 195 -14.58 -55.36 63.22
CA LEU H 195 -13.32 -55.38 62.46
C LEU H 195 -12.14 -54.88 63.30
N ILE H 196 -10.96 -55.45 63.08
CA ILE H 196 -9.78 -54.98 63.79
C ILE H 196 -8.60 -54.94 62.83
N VAL H 197 -7.99 -53.75 62.71
CA VAL H 197 -6.82 -53.57 61.86
C VAL H 197 -5.80 -52.93 62.80
N PRO H 198 -5.11 -53.78 63.59
CA PRO H 198 -4.10 -53.39 64.58
C PRO H 198 -3.10 -52.30 64.24
N TRP H 199 -2.68 -52.22 62.98
CA TRP H 199 -1.68 -51.24 62.59
C TRP H 199 -2.23 -49.86 62.23
N LYS H 200 -3.55 -49.70 62.35
CA LYS H 200 -4.21 -48.43 62.02
C LYS H 200 -4.95 -47.86 63.23
N TYR H 201 -5.27 -46.57 63.19
CA TYR H 201 -6.00 -45.97 64.30
C TYR H 201 -7.33 -46.68 64.48
N GLY H 202 -7.83 -46.63 65.70
CA GLY H 202 -9.04 -47.34 66.05
C GLY H 202 -10.30 -47.13 65.24
N PHE H 203 -10.50 -45.94 64.68
CA PHE H 203 -11.74 -45.67 63.94
C PHE H 203 -11.94 -46.52 62.70
N LYS H 204 -10.86 -47.11 62.22
CA LYS H 204 -10.92 -48.01 61.05
C LYS H 204 -11.56 -49.35 61.44
N GLY H 205 -11.56 -49.63 62.75
CA GLY H 205 -12.11 -50.89 63.26
C GLY H 205 -13.61 -50.85 63.45
N ILE H 206 -14.33 -50.68 62.35
CA ILE H 206 -15.81 -50.59 62.38
C ILE H 206 -16.53 -51.65 63.21
N LYS H 207 -17.49 -51.22 64.00
CA LYS H 207 -18.25 -52.14 64.85
C LYS H 207 -19.58 -52.59 64.28
N SER H 208 -20.10 -53.67 64.87
CA SER H 208 -21.38 -54.25 64.48
C SER H 208 -21.58 -54.22 62.98
N ILE H 209 -20.78 -55.02 62.29
CA ILE H 209 -20.82 -55.11 60.84
C ILE H 209 -22.02 -55.91 60.33
N VAL H 210 -22.61 -55.39 59.27
CA VAL H 210 -23.78 -56.00 58.67
C VAL H 210 -23.58 -56.07 57.16
N SER H 211 -22.63 -55.31 56.65
CA SER H 211 -22.39 -55.29 55.23
C SER H 211 -20.92 -55.20 54.81
N ILE H 212 -20.49 -56.16 53.97
CA ILE H 212 -19.13 -56.19 53.43
C ILE H 212 -19.21 -56.26 51.91
N LYS H 213 -18.84 -55.18 51.23
CA LYS H 213 -18.93 -55.15 49.78
C LYS H 213 -17.63 -54.80 49.05
N LEU H 214 -17.23 -55.67 48.13
CA LEU H 214 -16.01 -55.48 47.31
C LEU H 214 -16.31 -54.49 46.19
N THR H 215 -15.59 -53.38 46.13
CA THR H 215 -15.86 -52.39 45.10
C THR H 215 -14.66 -52.07 44.24
N ARG H 216 -14.92 -51.40 43.12
CA ARG H 216 -13.88 -51.05 42.18
C ARG H 216 -13.25 -49.73 42.61
N GLU H 217 -14.04 -48.88 43.25
CA GLU H 217 -13.52 -47.59 43.69
C GLU H 217 -13.41 -47.46 45.20
N ARG H 218 -12.61 -46.50 45.65
CA ARG H 218 -12.42 -46.30 47.09
C ARG H 218 -13.72 -45.91 47.79
N PRO H 219 -14.16 -46.72 48.76
CA PRO H 219 -15.41 -46.40 49.46
C PRO H 219 -15.24 -45.24 50.44
N PRO H 220 -16.37 -44.63 50.86
CA PRO H 220 -16.35 -43.51 51.81
C PRO H 220 -16.03 -44.01 53.22
N THR H 221 -15.51 -43.12 54.06
CA THR H 221 -15.16 -43.44 55.44
C THR H 221 -15.82 -42.45 56.38
N THR H 222 -16.64 -42.94 57.31
CA THR H 222 -17.33 -42.04 58.22
C THR H 222 -16.45 -40.91 58.77
N TRP H 223 -15.34 -41.23 59.45
CA TRP H 223 -14.51 -40.15 60.01
C TRP H 223 -13.84 -39.29 58.97
N ASN H 224 -13.55 -39.87 57.81
CA ASN H 224 -12.93 -39.08 56.76
C ASN H 224 -13.94 -38.03 56.30
N LEU H 225 -15.20 -38.43 56.17
CA LEU H 225 -16.25 -37.49 55.75
C LEU H 225 -16.44 -36.41 56.79
N ALA H 226 -16.56 -36.82 58.05
CA ALA H 226 -16.76 -35.88 59.14
C ALA H 226 -15.68 -34.82 59.24
N ALA H 227 -14.44 -35.19 58.89
CA ALA H 227 -13.32 -34.26 58.97
C ALA H 227 -12.17 -34.68 58.05
N PRO H 228 -12.38 -34.54 56.73
CA PRO H 228 -11.43 -34.89 55.68
C PRO H 228 -10.01 -34.34 55.91
N ASP H 229 -9.88 -33.30 56.71
CA ASP H 229 -8.55 -32.75 56.94
C ASP H 229 -7.88 -33.24 58.21
N GLU H 230 -8.55 -34.13 58.94
CA GLU H 230 -7.99 -34.66 60.19
C GLU H 230 -7.87 -36.19 60.17
N TYR H 231 -8.79 -36.83 59.46
CA TYR H 231 -8.82 -38.28 59.37
C TYR H 231 -8.68 -38.79 57.94
N GLY H 232 -7.53 -39.42 57.66
CA GLY H 232 -7.27 -39.96 56.34
C GLY H 232 -7.96 -41.28 56.10
N PHE H 233 -7.84 -41.80 54.88
CA PHE H 233 -8.43 -43.06 54.47
C PHE H 233 -7.58 -44.23 54.93
N TYR H 234 -6.27 -44.08 54.78
CA TYR H 234 -5.35 -45.13 55.18
C TYR H 234 -5.27 -45.13 56.70
N ALA H 235 -4.95 -43.98 57.29
CA ALA H 235 -4.91 -43.88 58.74
C ALA H 235 -3.98 -44.88 59.43
N ASN H 236 -2.73 -44.95 58.99
CA ASN H 236 -1.79 -45.85 59.62
C ASN H 236 -1.21 -45.14 60.82
N VAL H 237 -1.13 -45.87 61.94
CA VAL H 237 -0.57 -45.33 63.16
C VAL H 237 0.83 -44.84 62.84
N ASN H 238 1.04 -43.53 62.90
CA ASN H 238 2.35 -42.96 62.58
C ASN H 238 2.75 -41.83 63.55
N PRO H 239 3.77 -42.07 64.40
CA PRO H 239 4.23 -41.07 65.37
C PRO H 239 4.89 -39.83 64.79
N TYR H 240 4.97 -39.73 63.47
CA TYR H 240 5.59 -38.57 62.84
C TYR H 240 4.60 -37.69 62.09
N VAL H 241 3.33 -38.10 62.08
CA VAL H 241 2.28 -37.33 61.42
C VAL H 241 1.22 -37.00 62.47
N ASP H 242 1.24 -35.75 62.91
CA ASP H 242 0.32 -35.30 63.93
C ASP H 242 -1.11 -35.08 63.46
N HIS H 243 -2.00 -35.01 64.44
CA HIS H 243 -3.42 -34.75 64.22
C HIS H 243 -3.52 -33.23 64.34
N PRO H 244 -4.33 -32.58 63.49
CA PRO H 244 -4.50 -31.12 63.53
C PRO H 244 -4.59 -30.52 64.93
N ARG H 245 -5.21 -31.24 65.85
CA ARG H 245 -5.38 -30.73 67.21
C ARG H 245 -4.56 -31.40 68.32
N TRP H 246 -3.61 -32.26 67.96
CA TRP H 246 -2.77 -32.89 68.96
C TRP H 246 -1.71 -33.83 68.39
N SER H 247 -0.56 -33.87 69.06
CA SER H 247 0.56 -34.71 68.66
C SER H 247 0.19 -36.20 68.74
N GLN H 248 0.90 -37.03 67.97
CA GLN H 248 0.68 -38.48 67.96
C GLN H 248 1.97 -39.19 68.36
N ALA H 249 2.98 -38.39 68.69
CA ALA H 249 4.27 -38.93 69.07
C ALA H 249 4.23 -39.80 70.32
N THR H 250 3.28 -39.53 71.20
CA THR H 250 3.14 -40.28 72.44
C THR H 250 1.67 -40.66 72.68
N GLU H 251 1.45 -41.67 73.52
CA GLU H 251 0.11 -42.15 73.83
C GLU H 251 -0.02 -42.57 75.29
N ARG H 252 -1.24 -42.52 75.79
CA ARG H 252 -1.56 -42.88 77.17
C ARG H 252 -2.00 -44.32 77.12
N PHE H 253 -1.31 -45.22 77.83
CA PHE H 253 -1.68 -46.63 77.83
C PHE H 253 -2.72 -46.90 78.90
N ILE H 254 -3.78 -47.60 78.54
CA ILE H 254 -4.82 -47.91 79.50
C ILE H 254 -4.47 -49.23 80.16
N GLY H 255 -3.81 -49.14 81.32
CA GLY H 255 -3.41 -50.32 82.06
C GLY H 255 -4.35 -50.61 83.22
N SER H 256 -3.78 -51.00 84.35
CA SER H 256 -4.58 -51.30 85.55
C SER H 256 -4.48 -50.19 86.59
N GLY H 257 -5.61 -49.90 87.23
CA GLY H 257 -5.64 -48.85 88.23
C GLY H 257 -5.99 -47.51 87.61
N GLN H 263 0.09 -43.21 82.40
CA GLN H 263 1.02 -44.18 81.76
C GLN H 263 1.40 -43.83 80.32
N ARG H 264 2.33 -42.91 80.16
CA ARG H 264 2.81 -42.49 78.86
C ARG H 264 3.64 -43.59 78.20
N GLN H 265 3.98 -43.38 76.94
CA GLN H 265 4.80 -44.30 76.17
C GLN H 265 4.74 -43.84 74.73
N PRO H 266 5.91 -43.78 74.06
CA PRO H 266 5.98 -43.35 72.66
C PRO H 266 5.20 -44.24 71.70
N THR H 267 4.55 -43.63 70.72
CA THR H 267 3.77 -44.38 69.73
C THR H 267 4.72 -45.03 68.72
N LEU H 268 4.50 -46.31 68.46
CA LEU H 268 5.35 -47.02 67.52
C LEU H 268 4.78 -46.92 66.11
N LEU H 269 5.68 -46.92 65.14
CA LEU H 269 5.31 -46.84 63.73
C LEU H 269 4.44 -48.04 63.41
N PHE H 270 3.34 -47.80 62.72
CA PHE H 270 2.42 -48.87 62.37
C PHE H 270 1.99 -49.58 63.64
N ASN H 271 2.08 -48.85 64.76
CA ASN H 271 1.68 -49.39 66.05
C ASN H 271 2.42 -50.70 66.38
N GLY H 272 3.69 -50.76 65.97
CA GLY H 272 4.50 -51.93 66.25
C GLY H 272 4.59 -53.02 65.20
N TYR H 273 3.71 -53.00 64.20
CA TYR H 273 3.72 -54.04 63.16
C TYR H 273 4.38 -53.60 61.86
N ALA H 274 5.40 -52.77 61.97
CA ALA H 274 6.09 -52.27 60.78
C ALA H 274 6.66 -53.37 59.88
N ASP H 275 7.33 -54.36 60.47
CA ASP H 275 7.89 -55.44 59.68
C ASP H 275 6.80 -56.18 58.91
N GLN H 276 5.72 -56.52 59.60
CA GLN H 276 4.61 -57.24 58.99
C GLN H 276 3.78 -56.48 57.96
N VAL H 277 3.70 -55.16 58.07
CA VAL H 277 2.89 -54.37 57.16
C VAL H 277 3.59 -53.35 56.26
N ALA H 278 4.77 -52.88 56.65
CA ALA H 278 5.49 -51.89 55.84
C ALA H 278 5.43 -52.23 54.36
N SER H 279 5.48 -53.54 54.10
CA SER H 279 5.41 -54.10 52.76
C SER H 279 4.31 -53.50 51.87
N LEU H 280 3.10 -53.40 52.42
CA LEU H 280 1.95 -52.88 51.69
C LEU H 280 2.06 -51.41 51.29
N TYR H 281 2.83 -50.62 52.02
CA TYR H 281 2.90 -49.20 51.70
C TYR H 281 4.22 -48.73 51.17
N ARG H 282 5.25 -49.56 51.35
CA ARG H 282 6.57 -49.21 50.88
C ARG H 282 6.54 -48.75 49.41
N GLY H 283 7.18 -47.60 49.13
CA GLY H 283 7.22 -47.09 47.78
C GLY H 283 5.99 -46.40 47.25
N LEU H 284 4.86 -46.53 47.96
CA LEU H 284 3.60 -45.92 47.53
C LEU H 284 3.26 -44.61 48.23
N ASP H 285 2.91 -43.59 47.48
CA ASP H 285 2.55 -42.33 48.12
C ASP H 285 1.05 -42.20 48.34
N LEU H 286 0.68 -41.88 49.58
CA LEU H 286 -0.72 -41.75 49.98
C LEU H 286 -1.16 -40.28 49.94
N ALA I 19 34.49 -17.77 3.30
CA ALA I 19 33.23 -17.87 2.52
C ALA I 19 32.88 -19.32 2.19
N LEU I 20 31.59 -19.56 1.93
CA LEU I 20 31.10 -20.90 1.59
C LEU I 20 30.41 -20.87 0.23
N GLU I 21 29.98 -22.03 -0.25
CA GLU I 21 29.30 -22.12 -1.54
C GLU I 21 27.79 -22.27 -1.38
N PHE I 22 27.06 -21.47 -2.13
CA PHE I 22 25.62 -21.48 -2.00
C PHE I 22 24.92 -20.89 -3.22
N SER I 23 23.69 -21.32 -3.45
CA SER I 23 22.87 -20.82 -4.55
C SER I 23 21.93 -19.74 -4.03
N LYS I 24 21.16 -19.12 -4.91
CA LYS I 24 20.24 -18.09 -4.47
C LYS I 24 18.83 -18.29 -5.00
N PRO I 25 18.12 -19.32 -4.49
CA PRO I 25 16.75 -19.59 -4.93
C PRO I 25 15.95 -18.30 -5.09
N ALA I 26 15.17 -18.21 -6.16
CA ALA I 26 14.37 -17.03 -6.42
C ALA I 26 13.29 -16.77 -5.40
N ALA I 27 12.81 -17.81 -4.74
CA ALA I 27 11.75 -17.62 -3.74
C ALA I 27 12.25 -16.81 -2.53
N TRP I 28 13.50 -17.03 -2.16
CA TRP I 28 14.08 -16.34 -1.00
C TRP I 28 14.90 -15.10 -1.34
N GLN I 29 14.63 -14.54 -2.51
CA GLN I 29 15.30 -13.34 -2.97
C GLN I 29 14.15 -12.34 -3.10
N ASN I 30 14.31 -11.15 -2.54
CA ASN I 30 13.26 -10.16 -2.59
C ASN I 30 13.83 -8.75 -2.54
N ASN I 31 12.94 -7.78 -2.37
CA ASN I 31 13.33 -6.38 -2.33
C ASN I 31 13.19 -5.76 -0.96
N LEU I 32 13.50 -6.52 0.08
CA LEU I 32 13.40 -5.95 1.40
C LEU I 32 14.70 -5.23 1.70
N PRO I 33 14.59 -4.00 2.26
CA PRO I 33 15.79 -3.23 2.59
C PRO I 33 16.59 -4.04 3.60
N LEU I 34 17.86 -4.26 3.30
CA LEU I 34 18.69 -5.04 4.19
C LEU I 34 19.27 -4.23 5.36
N THR I 35 19.61 -4.94 6.43
CA THR I 35 20.22 -4.37 7.62
C THR I 35 21.72 -4.51 7.36
N PRO I 36 22.48 -3.40 7.46
CA PRO I 36 23.93 -3.45 7.22
C PRO I 36 24.58 -4.60 7.97
N ALA I 37 25.52 -5.27 7.31
CA ALA I 37 26.19 -6.41 7.90
C ALA I 37 26.86 -6.17 9.23
N ASP I 38 27.32 -4.94 9.45
CA ASP I 38 28.01 -4.63 10.70
C ASP I 38 27.06 -4.65 11.89
N LYS I 39 25.78 -4.37 11.63
CA LYS I 39 24.80 -4.37 12.70
C LYS I 39 24.34 -5.78 12.98
N VAL I 40 24.20 -6.57 11.93
CA VAL I 40 23.78 -7.97 12.07
C VAL I 40 24.76 -8.75 12.93
N SER I 41 26.00 -8.26 12.99
CA SER I 41 27.04 -8.89 13.79
C SER I 41 27.62 -7.98 14.87
N GLY I 42 26.95 -6.85 15.10
CA GLY I 42 27.36 -5.89 16.12
C GLY I 42 26.23 -5.42 17.05
N TYR I 43 25.06 -6.06 16.93
CA TYR I 43 23.89 -5.73 17.74
C TYR I 43 23.23 -7.07 18.02
N ASN I 44 23.74 -7.76 19.01
CA ASN I 44 23.28 -9.12 19.29
C ASN I 44 22.68 -9.45 20.64
N ASN I 45 22.05 -10.61 20.68
CA ASN I 45 21.46 -11.15 21.88
C ASN I 45 22.11 -12.52 21.98
N PHE I 46 23.08 -12.65 22.86
CA PHE I 46 23.75 -13.93 23.06
C PHE I 46 24.25 -13.86 24.50
N TYR I 47 23.31 -14.03 25.42
CA TYR I 47 23.58 -13.93 26.85
C TYR I 47 24.77 -14.75 27.33
N GLU I 48 25.03 -15.90 26.71
CA GLU I 48 26.17 -16.72 27.11
C GLU I 48 27.45 -15.88 27.12
N PHE I 49 27.41 -14.76 26.39
CA PHE I 49 28.57 -13.87 26.29
C PHE I 49 28.30 -12.45 26.75
N GLY I 50 27.25 -12.24 27.53
CA GLY I 50 26.97 -10.90 28.00
C GLY I 50 25.55 -10.46 27.71
N LEU I 51 25.09 -9.43 28.43
CA LEU I 51 23.72 -8.92 28.30
C LEU I 51 23.55 -7.76 27.33
N ASP I 52 24.56 -6.93 27.19
CA ASP I 52 24.47 -5.78 26.30
C ASP I 52 24.47 -6.15 24.82
N LYS I 53 23.97 -5.24 23.99
CA LYS I 53 23.91 -5.49 22.56
C LYS I 53 25.29 -5.65 21.93
N ALA I 54 26.28 -4.98 22.52
CA ALA I 54 27.65 -5.04 22.01
C ALA I 54 28.52 -6.14 22.62
N ASP I 55 28.02 -6.84 23.64
CA ASP I 55 28.82 -7.87 24.30
C ASP I 55 29.20 -9.11 23.52
N PRO I 56 28.26 -9.70 22.75
CA PRO I 56 28.60 -10.90 21.99
C PRO I 56 29.74 -10.67 20.96
N ALA I 57 29.72 -9.52 20.30
CA ALA I 57 30.73 -9.23 19.31
C ALA I 57 32.13 -9.10 19.93
N ALA I 58 32.17 -8.71 21.21
CA ALA I 58 33.42 -8.52 21.90
C ALA I 58 33.94 -9.75 22.67
N ASN I 59 33.05 -10.65 23.07
CA ASN I 59 33.47 -11.81 23.85
C ASN I 59 33.28 -13.17 23.20
N ALA I 60 32.50 -13.23 22.12
CA ALA I 60 32.21 -14.49 21.44
C ALA I 60 33.45 -15.14 20.83
N GLY I 61 34.44 -14.31 20.52
CA GLY I 61 35.68 -14.80 19.95
C GLY I 61 36.35 -15.93 20.72
N SER I 62 36.17 -15.98 22.03
CA SER I 62 36.78 -17.01 22.85
C SER I 62 36.14 -18.39 22.68
N LEU I 63 35.13 -18.47 21.81
CA LEU I 63 34.43 -19.72 21.59
C LEU I 63 35.06 -20.49 20.41
N LYS I 64 35.43 -21.75 20.66
CA LYS I 64 36.03 -22.60 19.63
C LYS I 64 34.93 -23.32 18.88
N THR I 65 34.74 -22.90 17.63
CA THR I 65 33.70 -23.49 16.80
C THR I 65 34.18 -24.62 15.90
N ASP I 66 35.47 -24.62 15.53
CA ASP I 66 35.91 -25.66 14.63
C ASP I 66 35.71 -27.09 15.09
N PRO I 67 36.54 -27.64 16.01
CA PRO I 67 36.06 -29.02 16.23
C PRO I 67 34.65 -28.92 16.84
N TRP I 68 33.65 -29.39 16.11
CA TRP I 68 32.27 -29.32 16.59
C TRP I 68 31.53 -30.62 16.37
N THR I 69 30.55 -30.89 17.23
CA THR I 69 29.76 -32.10 17.12
C THR I 69 28.28 -31.80 17.36
N LEU I 70 27.47 -31.98 16.32
CA LEU I 70 26.03 -31.75 16.41
C LEU I 70 25.39 -33.11 16.37
N LYS I 71 24.77 -33.55 17.46
CA LYS I 71 24.17 -34.87 17.46
C LYS I 71 22.65 -34.91 17.26
N ILE I 72 22.18 -35.87 16.48
CA ILE I 72 20.75 -36.02 16.23
C ILE I 72 20.28 -37.31 16.87
N SER I 73 19.36 -37.22 17.82
CA SER I 73 18.90 -38.43 18.50
C SER I 73 17.43 -38.41 18.89
N GLY I 74 17.05 -39.32 19.79
CA GLY I 74 15.68 -39.39 20.24
C GLY I 74 14.78 -40.34 19.47
N GLU I 75 13.55 -39.89 19.23
CA GLU I 75 12.57 -40.69 18.50
C GLU I 75 12.90 -40.65 17.00
N VAL I 76 14.08 -41.20 16.69
CA VAL I 76 14.57 -41.26 15.33
C VAL I 76 14.91 -42.72 15.01
N ALA I 77 14.88 -43.05 13.73
CA ALA I 77 15.17 -44.41 13.28
C ALA I 77 16.66 -44.54 13.02
N LYS I 78 17.26 -43.51 12.42
CA LYS I 78 18.67 -43.54 12.12
C LYS I 78 19.43 -42.37 12.74
N PRO I 79 19.71 -42.47 14.05
CA PRO I 79 20.43 -41.39 14.74
C PRO I 79 21.80 -41.21 14.09
N LEU I 80 22.20 -39.96 13.92
CA LEU I 80 23.49 -39.65 13.32
C LEU I 80 24.17 -38.50 14.03
N THR I 81 25.38 -38.17 13.60
CA THR I 81 26.13 -37.07 14.18
C THR I 81 27.00 -36.41 13.12
N LEU I 82 26.86 -35.09 12.98
CA LEU I 82 27.62 -34.33 12.00
C LEU I 82 28.80 -33.64 12.68
N ASP I 83 29.82 -33.32 11.89
CA ASP I 83 30.99 -32.61 12.42
C ASP I 83 31.02 -31.23 11.78
N HIS I 84 32.06 -30.45 12.05
CA HIS I 84 32.13 -29.09 11.51
C HIS I 84 32.02 -29.02 9.99
N ASP I 85 32.67 -29.94 9.29
CA ASP I 85 32.63 -29.94 7.83
C ASP I 85 31.26 -30.29 7.28
N ASP I 86 30.61 -31.25 7.92
CA ASP I 86 29.28 -31.67 7.51
C ASP I 86 28.33 -30.47 7.39
N LEU I 87 28.37 -29.57 8.37
CA LEU I 87 27.52 -28.39 8.40
C LEU I 87 27.37 -27.60 7.11
N THR I 88 28.48 -27.30 6.46
CA THR I 88 28.48 -26.52 5.21
C THR I 88 28.68 -27.37 3.96
N ARG I 89 28.48 -28.69 4.08
CA ARG I 89 28.75 -29.57 2.95
C ARG I 89 27.84 -30.79 2.77
N ARG I 90 27.30 -31.28 3.87
CA ARG I 90 26.42 -32.44 3.84
C ARG I 90 25.12 -32.16 3.06
N PHE I 91 24.72 -30.88 3.05
CA PHE I 91 23.51 -30.46 2.34
C PHE I 91 23.79 -29.20 1.53
N PRO I 92 23.02 -29.00 0.45
CA PRO I 92 23.20 -27.81 -0.40
C PRO I 92 22.77 -26.55 0.34
N LEU I 93 23.65 -25.55 0.34
CA LEU I 93 23.40 -24.28 1.02
C LEU I 93 22.67 -23.29 0.16
N GLU I 94 21.76 -22.53 0.78
CA GLU I 94 20.98 -21.50 0.09
C GLU I 94 21.06 -20.20 0.86
N GLU I 95 20.84 -19.10 0.16
CA GLU I 95 20.82 -17.80 0.78
C GLU I 95 19.34 -17.44 0.84
N ARG I 96 18.91 -16.94 2.00
CA ARG I 96 17.52 -16.57 2.17
C ARG I 96 17.45 -15.26 2.89
N ILE I 97 16.71 -14.33 2.29
CA ILE I 97 16.55 -13.02 2.85
C ILE I 97 15.25 -13.00 3.66
N TYR I 98 15.43 -13.13 4.98
CA TYR I 98 14.37 -13.19 5.99
C TYR I 98 14.38 -12.00 6.91
N ARG I 99 13.21 -11.59 7.38
CA ARG I 99 13.16 -10.51 8.37
C ARG I 99 13.29 -11.26 9.72
N MET I 100 13.83 -10.60 10.72
CA MET I 100 14.11 -11.22 12.02
C MET I 100 13.54 -10.25 13.04
N ARG I 101 12.57 -10.72 13.80
CA ARG I 101 11.86 -9.90 14.78
C ARG I 101 12.15 -10.34 16.21
N CYS I 102 12.89 -9.52 16.96
CA CYS I 102 13.17 -9.93 18.33
C CYS I 102 11.92 -9.59 19.13
N VAL I 103 11.73 -10.29 20.24
CA VAL I 103 10.55 -10.05 21.07
C VAL I 103 10.61 -8.62 21.65
N GLU I 104 11.82 -8.05 21.76
CA GLU I 104 12.02 -6.70 22.29
C GLU I 104 11.54 -5.57 21.38
N ALA I 105 10.95 -5.92 20.25
CA ALA I 105 10.42 -4.93 19.30
C ALA I 105 11.40 -4.13 18.41
N TRP I 106 12.40 -4.81 17.87
CA TRP I 106 13.35 -4.21 16.92
C TRP I 106 13.53 -5.33 15.89
N SER I 107 13.73 -4.99 14.63
CA SER I 107 13.85 -6.05 13.63
C SER I 107 14.94 -5.81 12.60
N MET I 108 15.25 -6.84 11.84
CA MET I 108 16.26 -6.74 10.80
C MET I 108 15.84 -7.57 9.60
N VAL I 109 16.60 -7.42 8.51
CA VAL I 109 16.38 -8.18 7.27
C VAL I 109 17.76 -8.75 7.04
N VAL I 110 17.86 -10.07 7.10
CA VAL I 110 19.14 -10.73 7.00
C VAL I 110 19.27 -11.80 5.93
N PRO I 111 20.35 -11.74 5.14
CA PRO I 111 20.57 -12.75 4.11
C PRO I 111 21.32 -13.92 4.72
N TRP I 112 20.58 -14.79 5.38
CA TRP I 112 21.17 -15.96 6.01
C TRP I 112 21.64 -16.93 4.92
N ILE I 113 22.34 -17.97 5.34
CA ILE I 113 22.80 -19.00 4.45
C ILE I 113 22.76 -20.28 5.22
N GLY I 114 22.07 -21.26 4.65
CA GLY I 114 21.95 -22.56 5.30
C GLY I 114 21.01 -23.47 4.55
N PHE I 115 20.62 -24.58 5.19
CA PHE I 115 19.73 -25.56 4.60
C PHE I 115 18.47 -25.77 5.45
N PRO I 116 17.30 -25.96 4.81
CA PRO I 116 16.06 -26.17 5.56
C PRO I 116 16.18 -27.41 6.43
N LEU I 117 15.78 -27.28 7.69
CA LEU I 117 15.86 -28.36 8.67
C LEU I 117 15.24 -29.70 8.24
N HIS I 118 14.15 -29.65 7.46
CA HIS I 118 13.50 -30.89 7.04
C HIS I 118 14.41 -31.85 6.28
N LYS I 119 15.45 -31.33 5.65
CA LYS I 119 16.38 -32.19 4.93
C LYS I 119 17.19 -32.97 5.96
N LEU I 120 17.59 -32.30 7.05
CA LEU I 120 18.38 -32.95 8.08
C LEU I 120 17.53 -33.97 8.83
N LEU I 121 16.27 -33.61 9.11
CA LEU I 121 15.40 -34.53 9.82
C LEU I 121 15.06 -35.74 8.96
N ALA I 122 15.00 -35.53 7.65
CA ALA I 122 14.68 -36.63 6.73
C ALA I 122 15.72 -37.74 6.88
N LEU I 123 16.99 -37.34 6.93
CA LEU I 123 18.07 -38.30 7.11
C LEU I 123 17.86 -39.14 8.36
N ALA I 124 17.48 -38.48 9.44
CA ALA I 124 17.28 -39.19 10.70
C ALA I 124 16.06 -40.11 10.64
N GLU I 125 15.08 -39.74 9.83
CA GLU I 125 13.87 -40.55 9.70
C GLU I 125 13.12 -40.68 11.04
N PRO I 126 12.45 -39.60 11.47
CA PRO I 126 11.71 -39.62 12.72
C PRO I 126 10.59 -40.66 12.75
N THR I 127 10.44 -41.33 13.90
CA THR I 127 9.42 -42.36 14.05
C THR I 127 8.06 -41.70 14.21
N SER I 128 7.00 -42.51 14.26
CA SER I 128 5.64 -42.00 14.40
C SER I 128 5.38 -41.49 15.80
N ASN I 129 6.32 -41.75 16.70
CA ASN I 129 6.18 -41.32 18.09
C ASN I 129 6.76 -39.93 18.34
N ALA I 130 7.52 -39.41 17.36
CA ALA I 130 8.10 -38.08 17.49
C ALA I 130 7.02 -37.02 17.23
N LYS I 131 7.00 -35.98 18.04
CA LYS I 131 6.00 -34.91 17.89
C LYS I 131 6.61 -33.53 18.10
N TYR I 132 7.80 -33.52 18.71
CA TYR I 132 8.49 -32.27 18.99
C TYR I 132 9.97 -32.43 18.70
N VAL I 133 10.65 -31.31 18.58
CA VAL I 133 12.07 -31.34 18.36
C VAL I 133 12.68 -30.44 19.41
N ALA I 134 13.67 -30.94 20.15
CA ALA I 134 14.32 -30.13 21.18
C ALA I 134 15.75 -29.84 20.79
N PHE I 135 16.13 -28.56 20.86
CA PHE I 135 17.48 -28.10 20.51
C PHE I 135 18.23 -27.71 21.79
N GLU I 136 19.54 -27.89 21.78
CA GLU I 136 20.35 -27.53 22.93
C GLU I 136 21.65 -26.86 22.47
N THR I 137 21.97 -25.72 23.09
CA THR I 137 23.19 -24.98 22.77
C THR I 137 24.41 -25.57 23.48
N ILE I 138 25.60 -25.17 23.05
CA ILE I 138 26.81 -25.68 23.67
C ILE I 138 27.00 -25.13 25.08
N TYR I 139 27.52 -25.97 25.96
CA TYR I 139 27.78 -25.59 27.35
C TYR I 139 29.28 -25.53 27.62
N ALA I 140 29.86 -24.35 27.49
CA ALA I 140 31.29 -24.16 27.73
C ALA I 140 31.48 -22.95 28.66
N PRO I 141 31.14 -23.11 29.95
CA PRO I 141 31.26 -22.04 30.94
C PRO I 141 32.62 -21.36 30.99
N GLU I 142 33.67 -22.11 30.64
CA GLU I 142 35.03 -21.56 30.66
C GLU I 142 35.39 -20.77 29.40
N GLN I 143 34.47 -20.71 28.46
CA GLN I 143 34.68 -19.98 27.21
C GLN I 143 33.56 -18.94 27.08
N MET I 144 32.51 -19.12 27.87
CA MET I 144 31.36 -18.22 27.85
C MET I 144 31.12 -17.61 29.23
N PRO I 145 31.49 -16.33 29.41
CA PRO I 145 31.34 -15.60 30.67
C PRO I 145 29.93 -15.59 31.29
N GLY I 146 28.90 -15.54 30.45
CA GLY I 146 27.55 -15.51 30.97
C GLY I 146 27.08 -16.74 31.71
N GLN I 147 27.73 -17.87 31.49
CA GLN I 147 27.34 -19.11 32.17
C GLN I 147 28.04 -19.23 33.53
N GLN I 148 28.51 -18.09 34.05
CA GLN I 148 29.20 -18.06 35.33
C GLN I 148 28.68 -16.99 36.30
N ASP I 149 28.04 -15.94 35.78
CA ASP I 149 27.50 -14.87 36.62
C ASP I 149 25.98 -14.70 36.48
N ARG I 150 25.27 -14.89 37.59
CA ARG I 150 23.81 -14.79 37.63
C ARG I 150 23.17 -13.52 37.06
N PHE I 151 24.00 -12.53 36.69
CA PHE I 151 23.45 -11.30 36.14
C PHE I 151 23.99 -11.05 34.73
N ILE I 152 25.31 -11.23 34.57
CA ILE I 152 25.97 -11.05 33.28
C ILE I 152 25.30 -11.90 32.22
N GLY I 153 24.86 -13.09 32.63
CA GLY I 153 24.20 -14.00 31.72
C GLY I 153 22.68 -13.89 31.77
N GLY I 154 22.18 -12.78 32.31
CA GLY I 154 20.75 -12.56 32.40
C GLY I 154 20.06 -13.55 33.33
N GLY I 155 20.85 -14.36 34.01
CA GLY I 155 20.31 -15.33 34.95
C GLY I 155 19.52 -16.49 34.34
N LEU I 156 19.79 -16.79 33.07
CA LEU I 156 19.10 -17.88 32.38
C LEU I 156 19.68 -19.22 32.81
N LYS I 157 18.86 -20.27 32.79
CA LYS I 157 19.38 -21.59 33.16
C LYS I 157 20.11 -22.14 31.94
N TYR I 158 21.41 -22.41 32.09
CA TYR I 158 22.18 -22.93 30.98
C TYR I 158 22.36 -24.43 31.06
N PRO I 159 22.61 -25.08 29.92
CA PRO I 159 22.73 -24.48 28.57
C PRO I 159 21.39 -24.01 27.98
N TYR I 160 21.44 -23.08 27.04
CA TYR I 160 20.24 -22.57 26.38
C TYR I 160 19.56 -23.75 25.70
N VAL I 161 18.23 -23.77 25.73
CA VAL I 161 17.49 -24.84 25.09
C VAL I 161 16.24 -24.23 24.42
N GLU I 162 15.67 -24.96 23.46
CA GLU I 162 14.48 -24.49 22.75
C GLU I 162 13.74 -25.65 22.11
N GLY I 163 12.50 -25.43 21.70
CA GLY I 163 11.75 -26.51 21.10
C GLY I 163 10.80 -26.06 20.02
N LEU I 164 10.38 -27.01 19.20
CA LEU I 164 9.46 -26.73 18.12
C LEU I 164 8.61 -27.94 17.92
N ARG I 165 7.37 -27.73 17.49
CA ARG I 165 6.50 -28.86 17.22
C ARG I 165 7.10 -29.50 15.96
N LEU I 166 6.93 -30.79 15.75
CA LEU I 166 7.55 -31.42 14.59
C LEU I 166 7.18 -30.78 13.25
N ASP I 167 5.90 -30.46 13.03
CA ASP I 167 5.50 -29.85 11.77
C ASP I 167 6.12 -28.47 11.59
N GLU I 168 6.41 -27.79 12.70
CA GLU I 168 7.02 -26.47 12.63
C GLU I 168 8.50 -26.61 12.27
N ALA I 169 9.11 -27.71 12.67
CA ALA I 169 10.51 -27.95 12.38
C ALA I 169 10.65 -28.46 10.94
N MET I 170 9.60 -29.09 10.43
CA MET I 170 9.60 -29.63 9.06
C MET I 170 9.16 -28.62 8.01
N HIS I 171 8.82 -27.41 8.45
CA HIS I 171 8.34 -26.40 7.53
C HIS I 171 9.46 -25.84 6.65
N PRO I 172 9.16 -25.64 5.35
CA PRO I 172 10.15 -25.11 4.42
C PRO I 172 10.90 -23.88 4.88
N LEU I 173 10.25 -23.02 5.67
CA LEU I 173 10.90 -21.81 6.13
C LEU I 173 11.96 -21.98 7.22
N THR I 174 11.85 -22.98 8.08
CA THR I 174 12.84 -23.09 9.14
C THR I 174 14.19 -23.57 8.62
N LEU I 175 15.23 -22.76 8.82
CA LEU I 175 16.51 -23.19 8.33
C LEU I 175 17.74 -23.21 9.23
N MET I 176 18.43 -24.35 9.22
CA MET I 176 19.67 -24.51 9.95
C MET I 176 20.62 -23.55 9.25
N THR I 177 20.93 -22.44 9.90
CA THR I 177 21.80 -21.41 9.34
C THR I 177 23.27 -21.64 9.69
N VAL I 178 24.16 -21.57 8.70
CA VAL I 178 25.60 -21.77 8.95
C VAL I 178 26.45 -20.62 8.47
N GLY I 179 25.80 -19.55 8.03
CA GLY I 179 26.54 -18.40 7.57
C GLY I 179 25.57 -17.29 7.26
N VAL I 180 26.09 -16.10 7.03
CA VAL I 180 25.26 -14.95 6.75
C VAL I 180 26.18 -14.06 5.94
N TYR I 181 25.59 -13.23 5.08
CA TYR I 181 26.36 -12.35 4.21
C TYR I 181 27.55 -13.02 3.49
N GLY I 182 27.27 -14.09 2.76
CA GLY I 182 28.27 -14.81 1.98
C GLY I 182 29.30 -15.67 2.68
N LYS I 183 29.55 -15.38 3.95
CA LYS I 183 30.55 -16.11 4.71
C LYS I 183 30.02 -16.76 5.98
N ALA I 184 30.78 -17.72 6.49
CA ALA I 184 30.40 -18.45 7.70
C ALA I 184 29.95 -17.49 8.79
N LEU I 185 29.20 -18.04 9.73
CA LEU I 185 28.68 -17.26 10.83
C LEU I 185 29.73 -16.78 11.82
N PRO I 186 29.74 -15.47 12.12
CA PRO I 186 30.69 -14.91 13.08
C PRO I 186 30.23 -15.52 14.43
N PRO I 187 31.14 -15.69 15.40
CA PRO I 187 30.67 -16.28 16.67
C PRO I 187 29.46 -15.60 17.36
N GLN I 188 29.32 -14.28 17.23
CA GLN I 188 28.22 -13.57 17.86
C GLN I 188 26.84 -14.03 17.39
N ASN I 189 26.76 -14.48 16.14
CA ASN I 189 25.48 -14.91 15.59
C ASN I 189 25.25 -16.38 15.75
N GLY I 190 26.02 -17.00 16.64
CA GLY I 190 25.84 -18.42 16.91
C GLY I 190 26.54 -19.46 16.08
N ALA I 191 27.80 -19.22 15.73
CA ALA I 191 28.58 -20.16 14.93
C ALA I 191 28.81 -21.44 15.70
N PRO I 192 28.92 -22.58 15.01
CA PRO I 192 28.87 -22.83 13.56
C PRO I 192 27.44 -23.02 12.99
N VAL I 193 26.55 -23.65 13.77
CA VAL I 193 25.16 -23.89 13.34
C VAL I 193 24.22 -23.06 14.20
N ARG I 194 23.10 -22.66 13.61
CA ARG I 194 22.16 -21.79 14.29
C ARG I 194 20.75 -22.04 13.71
N LEU I 195 19.70 -21.90 14.52
CA LEU I 195 18.35 -22.10 14.00
C LEU I 195 17.66 -20.78 13.74
N ILE I 196 16.93 -20.69 12.64
CA ILE I 196 16.18 -19.50 12.31
C ILE I 196 14.77 -19.97 11.97
N VAL I 197 13.77 -19.33 12.59
CA VAL I 197 12.34 -19.63 12.36
C VAL I 197 11.81 -18.23 12.22
N PRO I 198 11.78 -17.71 10.98
CA PRO I 198 11.34 -16.35 10.63
C PRO I 198 9.97 -15.82 11.02
N TRP I 199 9.00 -16.71 11.22
CA TRP I 199 7.68 -16.22 11.60
C TRP I 199 7.48 -16.16 13.13
N LYS I 200 8.54 -16.48 13.91
CA LYS I 200 8.52 -16.45 15.40
C LYS I 200 9.50 -15.43 16.01
N TYR I 201 9.33 -15.06 17.29
CA TYR I 201 10.26 -14.08 17.91
C TYR I 201 11.67 -14.65 17.97
N GLY I 202 12.66 -13.78 17.95
CA GLY I 202 14.06 -14.19 17.93
C GLY I 202 14.54 -15.25 18.90
N PHE I 203 14.02 -15.25 20.12
CA PHE I 203 14.47 -16.21 21.11
C PHE I 203 14.30 -17.64 20.72
N LYS I 204 13.42 -17.93 19.76
CA LYS I 204 13.24 -19.33 19.30
C LYS I 204 14.41 -19.80 18.41
N GLY I 205 15.22 -18.86 17.92
CA GLY I 205 16.35 -19.22 17.08
C GLY I 205 17.59 -19.59 17.88
N ILE I 206 17.55 -20.75 18.51
CA ILE I 206 18.64 -21.17 19.38
C ILE I 206 20.00 -21.20 18.67
N LYS I 207 21.01 -20.58 19.29
CA LYS I 207 22.36 -20.51 18.72
C LYS I 207 23.35 -21.60 19.10
N SER I 208 24.43 -21.68 18.32
CA SER I 208 25.50 -22.64 18.54
C SER I 208 24.98 -24.03 18.93
N ILE I 209 24.06 -24.55 18.14
CA ILE I 209 23.44 -25.84 18.41
C ILE I 209 24.45 -26.98 18.48
N VAL I 210 24.22 -27.90 19.39
CA VAL I 210 25.11 -29.04 19.57
C VAL I 210 24.24 -30.29 19.72
N SER I 211 22.94 -30.11 19.88
CA SER I 211 22.04 -31.25 20.04
C SER I 211 20.63 -31.02 19.49
N ILE I 212 20.10 -32.05 18.86
CA ILE I 212 18.76 -31.99 18.29
C ILE I 212 18.08 -33.30 18.62
N LYS I 213 17.03 -33.23 19.40
CA LYS I 213 16.35 -34.44 19.80
C LYS I 213 14.87 -34.42 19.49
N LEU I 214 14.40 -35.52 18.92
CA LEU I 214 13.01 -35.68 18.60
C LEU I 214 12.41 -36.36 19.83
N THR I 215 11.35 -35.78 20.38
CA THR I 215 10.72 -36.35 21.56
C THR I 215 9.22 -36.50 21.39
N ARG I 216 8.59 -37.19 22.33
CA ARG I 216 7.16 -37.43 22.31
C ARG I 216 6.44 -36.27 23.02
N GLU I 217 7.13 -35.66 23.97
CA GLU I 217 6.55 -34.58 24.74
C GLU I 217 7.19 -33.22 24.51
N ARG I 218 6.41 -32.18 24.79
CA ARG I 218 6.84 -30.79 24.64
C ARG I 218 8.08 -30.51 25.47
N PRO I 219 9.16 -30.06 24.83
CA PRO I 219 10.37 -29.78 25.62
C PRO I 219 10.41 -28.39 26.27
N PRO I 220 11.33 -28.21 27.24
CA PRO I 220 11.46 -26.92 27.92
C PRO I 220 12.13 -25.89 27.02
N THR I 221 11.72 -24.65 27.22
CA THR I 221 12.23 -23.51 26.48
C THR I 221 12.86 -22.55 27.48
N THR I 222 14.15 -22.27 27.29
CA THR I 222 14.90 -21.38 28.17
C THR I 222 14.19 -20.11 28.63
N TRP I 223 13.61 -19.35 27.70
CA TRP I 223 12.92 -18.13 28.07
C TRP I 223 11.55 -18.41 28.67
N ASN I 224 10.85 -19.39 28.12
CA ASN I 224 9.55 -19.74 28.65
C ASN I 224 9.76 -20.35 30.03
N LEU I 225 11.00 -20.67 30.34
CA LEU I 225 11.35 -21.27 31.64
C LEU I 225 11.85 -20.17 32.56
N ALA I 226 12.09 -18.99 32.00
CA ALA I 226 12.58 -17.89 32.80
C ALA I 226 11.46 -16.90 33.09
N ALA I 227 10.39 -16.96 32.31
CA ALA I 227 9.28 -16.05 32.52
C ALA I 227 8.04 -16.56 31.82
N PRO I 228 7.53 -17.71 32.30
CA PRO I 228 6.34 -18.39 31.76
C PRO I 228 5.21 -17.45 31.34
N ASP I 229 5.07 -16.37 32.08
CA ASP I 229 4.01 -15.39 31.83
C ASP I 229 4.27 -14.40 30.69
N GLU I 230 5.52 -14.32 30.23
CA GLU I 230 5.88 -13.39 29.17
C GLU I 230 6.33 -14.05 27.86
N TYR I 231 6.97 -15.21 27.95
CA TYR I 231 7.44 -15.91 26.77
C TYR I 231 6.83 -17.28 26.59
N GLY I 232 6.01 -17.40 25.54
CA GLY I 232 5.34 -18.64 25.24
C GLY I 232 6.20 -19.65 24.49
N PHE I 233 5.64 -20.84 24.31
CA PHE I 233 6.35 -21.87 23.61
C PHE I 233 6.23 -21.67 22.11
N TYR I 234 5.06 -21.22 21.65
CA TYR I 234 4.84 -20.98 20.23
C TYR I 234 5.47 -19.70 19.73
N ALA I 235 5.42 -18.66 20.56
CA ALA I 235 6.02 -17.38 20.23
C ALA I 235 5.85 -16.90 18.79
N ASN I 236 4.65 -17.01 18.23
CA ASN I 236 4.47 -16.51 16.87
C ASN I 236 4.43 -15.00 16.95
N VAL I 237 4.99 -14.34 15.95
CA VAL I 237 5.00 -12.89 15.94
C VAL I 237 3.56 -12.40 15.67
N ASN I 238 3.01 -11.65 16.60
CA ASN I 238 1.64 -11.18 16.42
C ASN I 238 1.50 -9.83 17.05
N PRO I 239 1.11 -8.83 16.26
CA PRO I 239 0.93 -7.45 16.73
C PRO I 239 -0.24 -7.25 17.69
N TYR I 240 -1.22 -8.15 17.63
CA TYR I 240 -2.40 -8.08 18.47
C TYR I 240 -2.25 -8.64 19.88
N VAL I 241 -1.14 -9.29 20.17
CA VAL I 241 -0.89 -9.82 21.51
C VAL I 241 0.35 -9.15 22.06
N ASP I 242 0.17 -8.31 23.06
CA ASP I 242 1.29 -7.59 23.64
C ASP I 242 2.18 -8.43 24.53
N HIS I 243 3.20 -7.78 25.07
CA HIS I 243 4.13 -8.40 25.99
C HIS I 243 3.79 -7.73 27.32
N PRO I 244 3.88 -8.47 28.44
CA PRO I 244 3.58 -7.90 29.76
C PRO I 244 4.18 -6.52 30.01
N ARG I 245 5.39 -6.28 29.52
CA ARG I 245 6.02 -4.99 29.73
C ARG I 245 6.09 -3.99 28.56
N TRP I 246 5.55 -4.35 27.41
CA TRP I 246 5.55 -3.43 26.26
C TRP I 246 4.63 -3.90 25.14
N SER I 247 4.21 -2.97 24.29
CA SER I 247 3.34 -3.33 23.18
C SER I 247 4.15 -4.06 22.09
N GLN I 248 3.46 -4.70 21.15
CA GLN I 248 4.09 -5.45 20.05
C GLN I 248 3.50 -5.02 18.71
N ALA I 249 2.61 -4.03 18.78
CA ALA I 249 1.95 -3.53 17.58
C ALA I 249 2.89 -2.82 16.61
N THR I 250 4.01 -2.31 17.12
CA THR I 250 4.96 -1.60 16.28
C THR I 250 6.41 -2.01 16.60
N GLU I 251 7.30 -1.86 15.62
CA GLU I 251 8.69 -2.25 15.80
C GLU I 251 9.72 -1.26 15.26
N ARG I 252 10.95 -1.39 15.76
CA ARG I 252 12.05 -0.52 15.36
C ARG I 252 12.93 -1.30 14.39
N PHE I 253 13.02 -0.82 13.16
CA PHE I 253 13.84 -1.50 12.16
C PHE I 253 15.30 -1.05 12.26
N ILE I 254 16.20 -2.01 12.29
CA ILE I 254 17.63 -1.74 12.39
C ILE I 254 18.21 -1.62 10.96
N GLY I 255 18.12 -0.42 10.40
CA GLY I 255 18.66 -0.18 9.08
C GLY I 255 20.05 0.42 9.24
N SER I 256 20.26 1.59 8.63
CA SER I 256 21.55 2.27 8.74
C SER I 256 21.34 3.63 9.42
N GLY I 257 21.51 3.67 10.75
CA GLY I 257 21.32 4.90 11.49
C GLY I 257 21.78 4.87 12.94
N GLN I 263 12.12 5.19 12.17
CA GLN I 263 12.33 3.73 11.92
C GLN I 263 11.28 2.86 12.62
N ARG I 264 10.16 3.47 12.98
CA ARG I 264 9.08 2.77 13.68
C ARG I 264 8.03 2.25 12.68
N GLN I 265 8.20 1.02 12.21
CA GLN I 265 7.27 0.42 11.26
C GLN I 265 6.35 -0.57 11.99
N PRO I 266 5.11 -0.74 11.49
CA PRO I 266 4.13 -1.66 12.10
C PRO I 266 4.54 -3.12 12.01
N THR I 267 4.26 -3.89 13.06
CA THR I 267 4.59 -5.30 13.10
C THR I 267 3.60 -6.10 12.26
N LEU I 268 4.11 -7.04 11.48
CA LEU I 268 3.27 -7.86 10.61
C LEU I 268 2.91 -9.19 11.24
N LEU I 269 1.69 -9.65 10.93
CA LEU I 269 1.17 -10.93 11.43
C LEU I 269 2.09 -12.06 10.97
N PHE I 270 2.60 -12.83 11.91
CA PHE I 270 3.52 -13.92 11.59
C PHE I 270 4.80 -13.33 10.96
N ASN I 271 5.12 -12.10 11.35
CA ASN I 271 6.30 -11.42 10.82
C ASN I 271 6.19 -11.32 9.29
N GLY I 272 4.97 -11.38 8.75
CA GLY I 272 4.75 -11.27 7.31
C GLY I 272 4.72 -12.54 6.49
N TYR I 273 4.86 -13.70 7.12
CA TYR I 273 4.80 -14.96 6.38
C TYR I 273 3.46 -15.70 6.62
N ALA I 274 2.40 -14.95 6.90
CA ALA I 274 1.09 -15.54 7.18
C ALA I 274 0.63 -16.55 6.11
N ASP I 275 0.81 -16.19 4.84
CA ASP I 275 0.41 -17.07 3.75
C ASP I 275 1.16 -18.40 3.70
N GLN I 276 2.36 -18.44 4.23
CA GLN I 276 3.12 -19.68 4.19
C GLN I 276 3.01 -20.50 5.46
N VAL I 277 2.70 -19.83 6.55
CA VAL I 277 2.67 -20.49 7.82
C VAL I 277 1.32 -20.59 8.53
N ALA I 278 0.36 -19.74 8.17
CA ALA I 278 -0.96 -19.75 8.79
C ALA I 278 -1.52 -21.18 8.94
N SER I 279 -1.43 -21.95 7.86
CA SER I 279 -1.91 -23.32 7.85
C SER I 279 -1.55 -24.13 9.11
N LEU I 280 -0.31 -24.02 9.58
CA LEU I 280 0.11 -24.76 10.76
C LEU I 280 -0.67 -24.46 12.02
N TYR I 281 -1.29 -23.28 12.08
CA TYR I 281 -2.03 -22.90 13.29
C TYR I 281 -3.53 -22.71 13.09
N ARG I 282 -3.99 -22.75 11.85
CA ARG I 282 -5.41 -22.56 11.53
C ARG I 282 -6.29 -23.60 12.23
N GLY I 283 -7.20 -23.11 13.08
CA GLY I 283 -8.10 -24.01 13.80
C GLY I 283 -7.60 -24.57 15.14
N LEU I 284 -6.41 -24.16 15.57
CA LEU I 284 -5.84 -24.64 16.82
C LEU I 284 -5.66 -23.53 17.86
N ASP I 285 -5.51 -23.89 19.13
CA ASP I 285 -5.29 -22.88 20.16
C ASP I 285 -3.83 -22.97 20.66
N ALA J 19 -61.26 -39.54 36.46
CA ALA J 19 -61.13 -40.86 37.18
C ALA J 19 -60.25 -41.80 36.38
N LEU J 20 -59.50 -42.65 37.05
CA LEU J 20 -58.61 -43.58 36.36
C LEU J 20 -58.82 -45.05 36.77
N GLU J 21 -58.26 -45.95 35.98
CA GLU J 21 -58.34 -47.38 36.28
C GLU J 21 -56.97 -47.79 36.78
N PHE J 22 -56.92 -48.36 37.98
CA PHE J 22 -55.64 -48.75 38.56
C PHE J 22 -55.77 -49.81 39.63
N SER J 23 -54.73 -50.60 39.81
CA SER J 23 -54.73 -51.63 40.83
C SER J 23 -54.16 -51.01 42.10
N LYS J 24 -54.02 -51.84 43.14
CA LYS J 24 -53.45 -51.39 44.40
C LYS J 24 -52.52 -52.44 44.95
N PRO J 25 -51.32 -52.55 44.39
CA PRO J 25 -50.41 -53.57 44.93
C PRO J 25 -50.24 -53.45 46.46
N ALA J 26 -50.14 -54.60 47.11
CA ALA J 26 -50.01 -54.68 48.55
C ALA J 26 -48.77 -54.00 49.10
N ALA J 27 -47.64 -54.15 48.40
CA ALA J 27 -46.39 -53.54 48.85
C ALA J 27 -46.41 -52.01 48.86
N TRP J 28 -47.36 -51.38 48.18
CA TRP J 28 -47.38 -49.91 48.16
C TRP J 28 -48.60 -49.37 48.86
N GLN J 29 -49.35 -50.27 49.48
CA GLN J 29 -50.52 -49.85 50.22
C GLN J 29 -50.02 -49.82 51.67
N ASN J 30 -50.44 -48.83 52.45
CA ASN J 30 -49.97 -48.79 53.84
C ASN J 30 -50.86 -47.94 54.73
N ASN J 31 -50.45 -47.78 55.97
CA ASN J 31 -51.25 -47.03 56.92
C ASN J 31 -50.74 -45.64 57.31
N LEU J 32 -49.75 -45.13 56.59
CA LEU J 32 -49.23 -43.81 56.90
C LEU J 32 -50.41 -42.85 56.84
N PRO J 33 -50.41 -41.83 57.70
CA PRO J 33 -51.55 -40.89 57.63
C PRO J 33 -51.38 -40.11 56.32
N LEU J 34 -52.48 -39.82 55.64
CA LEU J 34 -52.42 -39.12 54.36
C LEU J 34 -52.53 -37.60 54.40
N THR J 35 -51.87 -36.96 53.47
CA THR J 35 -52.00 -35.52 53.39
C THR J 35 -53.35 -35.34 52.67
N PRO J 36 -54.25 -34.52 53.18
CA PRO J 36 -55.51 -34.42 52.41
C PRO J 36 -55.31 -33.93 50.96
N ALA J 37 -56.24 -34.33 50.10
CA ALA J 37 -56.19 -34.00 48.69
C ALA J 37 -56.07 -32.50 48.40
N ASP J 38 -56.83 -31.68 49.09
CA ASP J 38 -56.78 -30.24 48.82
C ASP J 38 -55.42 -29.59 49.09
N LYS J 39 -54.59 -30.22 49.91
CA LYS J 39 -53.29 -29.66 50.19
C LYS J 39 -52.27 -30.22 49.22
N VAL J 40 -52.43 -31.48 48.84
CA VAL J 40 -51.53 -32.08 47.84
C VAL J 40 -51.67 -31.25 46.54
N SER J 41 -52.86 -30.70 46.31
CA SER J 41 -53.05 -29.91 45.12
C SER J 41 -53.34 -28.45 45.40
N GLY J 42 -52.96 -28.01 46.60
CA GLY J 42 -53.13 -26.61 46.95
C GLY J 42 -51.83 -26.02 47.54
N TYR J 43 -50.84 -26.87 47.83
CA TYR J 43 -49.55 -26.44 48.45
C TYR J 43 -48.48 -26.99 47.51
N ASN J 44 -48.04 -26.17 46.56
CA ASN J 44 -47.16 -26.71 45.54
C ASN J 44 -45.87 -25.99 45.19
N ASN J 45 -44.92 -26.71 44.63
CA ASN J 45 -43.72 -26.08 44.15
C ASN J 45 -43.73 -26.31 42.63
N PHE J 46 -44.00 -25.26 41.88
CA PHE J 46 -44.02 -25.40 40.41
C PHE J 46 -43.65 -23.98 39.93
N TYR J 47 -42.36 -23.68 39.90
CA TYR J 47 -41.93 -22.33 39.61
C TYR J 47 -42.41 -21.73 38.32
N GLU J 48 -42.49 -22.56 37.28
CA GLU J 48 -43.01 -22.08 36.03
C GLU J 48 -44.26 -21.25 36.28
N PHE J 49 -44.96 -21.51 37.38
CA PHE J 49 -46.18 -20.78 37.65
C PHE J 49 -46.12 -19.83 38.82
N GLY J 50 -44.91 -19.55 39.31
CA GLY J 50 -44.79 -18.65 40.44
C GLY J 50 -44.16 -19.36 41.64
N LEU J 51 -43.45 -18.61 42.49
CA LEU J 51 -42.78 -19.15 43.68
C LEU J 51 -43.65 -19.54 44.85
N ASP J 52 -44.75 -18.83 45.05
CA ASP J 52 -45.58 -19.09 46.20
C ASP J 52 -46.27 -20.47 46.15
N LYS J 53 -46.57 -21.02 47.34
CA LYS J 53 -47.23 -22.31 47.45
C LYS J 53 -48.62 -22.33 46.80
N ALA J 54 -49.33 -21.22 46.79
CA ALA J 54 -50.66 -21.22 46.17
C ALA J 54 -50.61 -20.79 44.69
N ASP J 55 -49.46 -20.36 44.20
CA ASP J 55 -49.38 -19.90 42.82
C ASP J 55 -49.78 -20.97 41.79
N PRO J 56 -49.17 -22.16 41.84
CA PRO J 56 -49.51 -23.23 40.88
C PRO J 56 -51.00 -23.50 40.76
N ALA J 57 -51.69 -23.74 41.86
CA ALA J 57 -53.12 -24.02 41.80
C ALA J 57 -53.89 -22.87 41.16
N ALA J 58 -53.49 -21.65 41.48
CA ALA J 58 -54.16 -20.49 40.91
C ALA J 58 -53.87 -20.26 39.42
N ASN J 59 -52.67 -20.60 38.95
CA ASN J 59 -52.31 -20.30 37.54
C ASN J 59 -52.06 -21.43 36.55
N ALA J 60 -51.77 -22.64 37.04
CA ALA J 60 -51.47 -23.75 36.16
C ALA J 60 -52.61 -24.15 35.23
N GLY J 61 -53.77 -23.56 35.46
CA GLY J 61 -54.92 -23.86 34.64
C GLY J 61 -54.70 -23.50 33.17
N SER J 62 -53.89 -22.47 32.93
CA SER J 62 -53.63 -22.02 31.59
C SER J 62 -52.79 -23.00 30.75
N LEU J 63 -52.27 -24.05 31.39
CA LEU J 63 -51.45 -25.04 30.71
C LEU J 63 -52.28 -26.15 30.04
N LYS J 64 -52.09 -26.34 28.74
CA LYS J 64 -52.81 -27.35 27.96
C LYS J 64 -52.04 -28.66 28.02
N THR J 65 -52.61 -29.68 28.67
CA THR J 65 -51.93 -30.96 28.85
C THR J 65 -52.38 -32.07 27.93
N ASP J 66 -53.29 -31.74 27.03
CA ASP J 66 -53.84 -32.68 26.05
C ASP J 66 -54.06 -31.86 24.78
N PRO J 67 -53.38 -32.17 23.67
CA PRO J 67 -52.40 -33.20 23.33
C PRO J 67 -51.08 -33.08 24.08
N TRP J 68 -50.34 -34.17 24.12
CA TRP J 68 -49.03 -34.18 24.77
C TRP J 68 -48.12 -35.11 24.03
N THR J 69 -46.84 -34.76 24.01
CA THR J 69 -45.87 -35.60 23.36
C THR J 69 -44.72 -35.85 24.33
N LEU J 70 -44.49 -37.12 24.69
CA LEU J 70 -43.39 -37.47 25.58
C LEU J 70 -42.41 -38.23 24.71
N LYS J 71 -41.20 -37.72 24.55
CA LYS J 71 -40.23 -38.38 23.69
C LYS J 71 -39.10 -39.10 24.42
N ILE J 72 -38.82 -40.35 24.03
CA ILE J 72 -37.76 -41.14 24.63
C ILE J 72 -36.67 -41.28 23.58
N SER J 73 -35.48 -40.78 23.86
CA SER J 73 -34.42 -40.83 22.86
C SER J 73 -33.07 -41.06 23.49
N GLY J 74 -32.02 -40.74 22.74
CA GLY J 74 -30.68 -40.91 23.26
C GLY J 74 -30.12 -42.28 23.02
N GLU J 75 -29.29 -42.72 23.96
CA GLU J 75 -28.62 -44.02 23.91
C GLU J 75 -29.66 -45.12 24.13
N VAL J 76 -30.60 -45.17 23.19
CA VAL J 76 -31.70 -46.11 23.19
C VAL J 76 -31.73 -46.88 21.87
N ALA J 77 -32.12 -48.15 21.94
CA ALA J 77 -32.18 -49.00 20.75
C ALA J 77 -33.47 -48.80 19.95
N LYS J 78 -34.56 -48.49 20.63
CA LYS J 78 -35.83 -48.27 19.97
C LYS J 78 -36.52 -47.04 20.52
N PRO J 79 -36.11 -45.86 20.05
CA PRO J 79 -36.68 -44.60 20.49
C PRO J 79 -38.15 -44.61 20.19
N LEU J 80 -38.92 -43.90 21.00
CA LEU J 80 -40.36 -43.85 20.79
C LEU J 80 -40.96 -42.61 21.40
N THR J 81 -42.21 -42.35 21.07
CA THR J 81 -42.90 -41.22 21.61
C THR J 81 -44.31 -41.62 22.00
N LEU J 82 -44.70 -41.18 23.18
CA LEU J 82 -46.02 -41.50 23.71
C LEU J 82 -46.86 -40.27 23.58
N ASP J 83 -48.17 -40.45 23.44
CA ASP J 83 -49.06 -39.32 23.36
C ASP J 83 -49.87 -39.31 24.65
N HIS J 84 -50.76 -38.34 24.80
CA HIS J 84 -51.56 -38.17 26.00
C HIS J 84 -52.20 -39.46 26.48
N ASP J 85 -52.96 -40.10 25.60
CA ASP J 85 -53.63 -41.34 25.94
C ASP J 85 -52.68 -42.45 26.42
N ASP J 86 -51.50 -42.55 25.82
CA ASP J 86 -50.53 -43.56 26.21
C ASP J 86 -50.18 -43.46 27.72
N LEU J 87 -50.04 -42.25 28.22
CA LEU J 87 -49.66 -42.04 29.61
C LEU J 87 -50.51 -42.85 30.56
N THR J 88 -51.81 -42.95 30.28
CA THR J 88 -52.72 -43.70 31.14
C THR J 88 -53.19 -45.07 30.64
N ARG J 89 -52.72 -45.55 29.48
CA ARG J 89 -53.17 -46.85 28.95
C ARG J 89 -52.09 -47.79 28.47
N ARG J 90 -50.92 -47.25 28.17
CA ARG J 90 -49.85 -48.07 27.67
C ARG J 90 -49.34 -49.09 28.69
N PHE J 91 -49.40 -48.75 29.98
CA PHE J 91 -48.93 -49.67 31.00
C PHE J 91 -49.95 -49.76 32.12
N PRO J 92 -49.95 -50.89 32.86
CA PRO J 92 -50.92 -50.99 33.96
C PRO J 92 -50.55 -49.95 35.02
N LEU J 93 -51.57 -49.27 35.52
CA LEU J 93 -51.43 -48.23 36.52
C LEU J 93 -51.60 -48.75 37.95
N GLU J 94 -50.73 -48.30 38.86
CA GLU J 94 -50.77 -48.72 40.26
C GLU J 94 -50.85 -47.52 41.20
N GLU J 95 -51.59 -47.69 42.30
CA GLU J 95 -51.65 -46.64 43.30
C GLU J 95 -50.46 -46.97 44.22
N ARG J 96 -49.71 -45.95 44.62
CA ARG J 96 -48.62 -46.18 45.56
C ARG J 96 -48.73 -45.03 46.54
N ILE J 97 -48.65 -45.35 47.83
CA ILE J 97 -48.74 -44.32 48.85
C ILE J 97 -47.32 -44.10 49.36
N TYR J 98 -46.69 -43.06 48.83
CA TYR J 98 -45.31 -42.73 49.17
C TYR J 98 -45.26 -41.46 50.00
N ARG J 99 -44.16 -41.28 50.73
CA ARG J 99 -44.01 -40.02 51.45
C ARG J 99 -43.24 -39.14 50.45
N MET J 100 -43.50 -37.84 50.50
CA MET J 100 -42.87 -36.89 49.57
C MET J 100 -42.15 -35.83 50.40
N ARG J 101 -40.83 -35.79 50.31
CA ARG J 101 -40.04 -34.86 51.09
C ARG J 101 -39.39 -33.75 50.27
N CYS J 102 -39.90 -32.53 50.42
CA CYS J 102 -39.31 -31.38 49.75
C CYS J 102 -38.02 -31.01 50.53
N VAL J 103 -37.05 -30.46 49.83
CA VAL J 103 -35.77 -30.11 50.43
C VAL J 103 -35.94 -29.00 51.51
N GLU J 104 -37.06 -28.28 51.42
CA GLU J 104 -37.39 -27.18 52.31
C GLU J 104 -37.85 -27.66 53.68
N ALA J 105 -37.77 -28.95 53.92
CA ALA J 105 -38.16 -29.51 55.21
C ALA J 105 -39.67 -29.59 55.55
N TRP J 106 -40.50 -29.86 54.55
CA TRP J 106 -41.91 -30.12 54.80
C TRP J 106 -42.10 -31.39 54.00
N SER J 107 -43.05 -32.22 54.39
CA SER J 107 -43.25 -33.46 53.67
C SER J 107 -44.73 -33.81 53.62
N MET J 108 -45.06 -34.79 52.80
CA MET J 108 -46.43 -35.26 52.65
C MET J 108 -46.44 -36.76 52.45
N VAL J 109 -47.63 -37.32 52.52
CA VAL J 109 -47.82 -38.71 52.23
C VAL J 109 -48.89 -38.63 51.14
N VAL J 110 -48.59 -39.22 49.99
CA VAL J 110 -49.50 -39.08 48.84
C VAL J 110 -49.84 -40.37 48.13
N PRO J 111 -51.12 -40.58 47.80
CA PRO J 111 -51.53 -41.80 47.09
C PRO J 111 -51.42 -41.52 45.56
N TRP J 112 -50.20 -41.65 45.02
CA TRP J 112 -49.89 -41.41 43.61
C TRP J 112 -50.37 -42.58 42.74
N ILE J 113 -50.67 -42.30 41.47
CA ILE J 113 -51.06 -43.35 40.52
C ILE J 113 -50.09 -43.24 39.33
N GLY J 114 -49.44 -44.33 38.96
CA GLY J 114 -48.54 -44.26 37.83
C GLY J 114 -47.99 -45.63 37.50
N PHE J 115 -46.91 -45.68 36.75
CA PHE J 115 -46.34 -46.96 36.42
C PHE J 115 -44.88 -46.80 36.64
N PRO J 116 -44.19 -47.88 36.99
CA PRO J 116 -42.76 -47.72 37.20
C PRO J 116 -42.02 -47.36 35.91
N LEU J 117 -40.95 -46.61 36.08
CA LEU J 117 -40.16 -46.15 34.96
C LEU J 117 -39.46 -47.27 34.23
N HIS J 118 -39.05 -48.30 34.96
CA HIS J 118 -38.36 -49.42 34.32
C HIS J 118 -39.22 -50.09 33.22
N LYS J 119 -40.53 -49.98 33.26
CA LYS J 119 -41.36 -50.57 32.20
C LYS J 119 -41.19 -49.74 30.91
N LEU J 120 -41.30 -48.43 31.02
CA LEU J 120 -41.12 -47.57 29.87
C LEU J 120 -39.70 -47.72 29.32
N LEU J 121 -38.69 -47.67 30.19
CA LEU J 121 -37.32 -47.80 29.71
C LEU J 121 -37.04 -49.14 29.03
N ALA J 122 -37.68 -50.20 29.48
CA ALA J 122 -37.44 -51.49 28.86
C ALA J 122 -37.93 -51.43 27.39
N LEU J 123 -39.09 -50.82 27.15
CA LEU J 123 -39.62 -50.67 25.79
C LEU J 123 -38.60 -50.03 24.86
N ALA J 124 -37.89 -49.01 25.36
CA ALA J 124 -36.91 -48.30 24.54
C ALA J 124 -35.61 -49.06 24.41
N GLU J 125 -35.36 -49.96 25.34
CA GLU J 125 -34.14 -50.78 25.30
C GLU J 125 -32.81 -50.04 25.35
N PRO J 126 -32.46 -49.48 26.53
CA PRO J 126 -31.17 -48.77 26.64
C PRO J 126 -29.94 -49.57 26.16
N THR J 127 -29.12 -48.92 25.34
CA THR J 127 -27.92 -49.55 24.81
C THR J 127 -26.96 -49.63 25.97
N SER J 128 -25.91 -50.43 25.81
CA SER J 128 -24.91 -50.63 26.85
C SER J 128 -24.06 -49.38 27.11
N ASN J 129 -24.41 -48.27 26.45
CA ASN J 129 -23.66 -47.03 26.64
C ASN J 129 -24.46 -46.01 27.44
N ALA J 130 -25.65 -46.41 27.87
CA ALA J 130 -26.50 -45.51 28.63
C ALA J 130 -26.15 -45.64 30.12
N LYS J 131 -25.85 -44.51 30.74
CA LYS J 131 -25.52 -44.50 32.16
C LYS J 131 -26.44 -43.56 32.94
N TYR J 132 -26.95 -42.53 32.26
CA TYR J 132 -27.86 -41.60 32.91
C TYR J 132 -29.11 -41.38 32.09
N VAL J 133 -30.14 -40.83 32.74
CA VAL J 133 -31.39 -40.51 32.12
C VAL J 133 -31.62 -39.03 32.45
N ALA J 134 -31.85 -38.22 31.42
CA ALA J 134 -32.09 -36.80 31.60
C ALA J 134 -33.55 -36.56 31.27
N PHE J 135 -34.23 -35.73 32.06
CA PHE J 135 -35.65 -35.43 31.82
C PHE J 135 -35.78 -33.92 31.57
N GLU J 136 -36.81 -33.53 30.83
CA GLU J 136 -37.02 -32.12 30.56
C GLU J 136 -38.49 -31.81 30.59
N THR J 137 -38.80 -30.72 31.28
CA THR J 137 -40.16 -30.20 31.41
C THR J 137 -40.53 -29.38 30.16
N ILE J 138 -41.82 -29.23 29.89
CA ILE J 138 -42.24 -28.50 28.73
C ILE J 138 -41.80 -27.05 28.82
N TYR J 139 -41.68 -26.43 27.65
CA TYR J 139 -41.29 -25.02 27.59
C TYR J 139 -42.41 -24.36 26.81
N ALA J 140 -43.14 -23.49 27.49
CA ALA J 140 -44.27 -22.80 26.88
C ALA J 140 -44.47 -21.49 27.63
N PRO J 141 -43.47 -20.60 27.55
CA PRO J 141 -43.49 -19.29 28.21
C PRO J 141 -44.79 -18.49 28.08
N GLU J 142 -45.59 -18.78 27.06
CA GLU J 142 -46.83 -18.03 26.90
C GLU J 142 -47.97 -18.58 27.72
N GLN J 143 -47.73 -19.68 28.41
CA GLN J 143 -48.74 -20.28 29.27
C GLN J 143 -48.17 -20.37 30.69
N MET J 144 -46.86 -20.23 30.81
CA MET J 144 -46.19 -20.30 32.11
C MET J 144 -45.58 -18.98 32.55
N PRO J 145 -46.31 -18.20 33.36
CA PRO J 145 -45.81 -16.92 33.85
C PRO J 145 -44.37 -16.90 34.34
N GLY J 146 -43.98 -17.93 35.08
CA GLY J 146 -42.63 -17.99 35.61
C GLY J 146 -41.49 -18.07 34.61
N GLN J 147 -41.78 -18.45 33.37
CA GLN J 147 -40.72 -18.56 32.39
C GLN J 147 -40.50 -17.18 31.74
N GLN J 148 -41.15 -16.15 32.29
CA GLN J 148 -41.03 -14.77 31.77
C GLN J 148 -40.60 -13.76 32.83
N ASP J 149 -40.45 -14.17 34.08
CA ASP J 149 -40.02 -13.23 35.11
C ASP J 149 -38.91 -13.79 35.99
N ARG J 150 -37.76 -13.12 35.99
CA ARG J 150 -36.60 -13.53 36.77
C ARG J 150 -36.86 -13.73 38.26
N PHE J 151 -37.87 -13.07 38.79
CA PHE J 151 -38.18 -13.24 40.20
C PHE J 151 -39.37 -14.18 40.43
N ILE J 152 -40.40 -14.07 39.58
CA ILE J 152 -41.59 -14.91 39.65
C ILE J 152 -41.20 -16.40 39.50
N GLY J 153 -40.28 -16.65 38.57
CA GLY J 153 -39.84 -18.00 38.30
C GLY J 153 -38.69 -18.44 39.15
N GLY J 154 -38.42 -17.68 40.21
CA GLY J 154 -37.33 -18.02 41.11
C GLY J 154 -35.95 -17.91 40.49
N GLY J 155 -35.89 -17.40 39.27
CA GLY J 155 -34.60 -17.26 38.61
C GLY J 155 -33.94 -18.59 38.30
N LEU J 156 -34.71 -19.50 37.71
CA LEU J 156 -34.18 -20.80 37.36
C LEU J 156 -34.01 -20.75 35.86
N LYS J 157 -33.07 -21.53 35.33
CA LYS J 157 -32.90 -21.56 33.89
C LYS J 157 -33.94 -22.54 33.30
N TYR J 158 -34.87 -22.03 32.52
CA TYR J 158 -35.90 -22.88 31.93
C TYR J 158 -35.52 -23.33 30.52
N PRO J 159 -36.03 -24.49 30.07
CA PRO J 159 -36.93 -25.41 30.81
C PRO J 159 -36.27 -26.19 31.94
N TYR J 160 -37.10 -26.58 32.90
CA TYR J 160 -36.65 -27.38 34.05
C TYR J 160 -36.03 -28.69 33.56
N VAL J 161 -34.91 -29.11 34.15
CA VAL J 161 -34.32 -30.34 33.71
C VAL J 161 -33.83 -31.12 34.91
N GLU J 162 -33.78 -32.43 34.77
CA GLU J 162 -33.31 -33.28 35.85
C GLU J 162 -32.66 -34.56 35.33
N GLY J 163 -32.03 -35.29 36.23
CA GLY J 163 -31.38 -36.51 35.80
C GLY J 163 -31.27 -37.54 36.91
N LEU J 164 -31.14 -38.79 36.48
CA LEU J 164 -30.97 -39.90 37.38
C LEU J 164 -29.94 -40.80 36.75
N ARG J 165 -29.34 -41.63 37.56
CA ARG J 165 -28.40 -42.60 37.05
C ARG J 165 -29.34 -43.73 36.58
N LEU J 166 -28.91 -44.51 35.59
CA LEU J 166 -29.76 -45.59 35.08
C LEU J 166 -30.29 -46.54 36.16
N ASP J 167 -29.41 -47.09 37.00
CA ASP J 167 -29.87 -47.99 38.08
C ASP J 167 -30.93 -47.32 38.97
N GLU J 168 -30.83 -46.01 39.18
CA GLU J 168 -31.81 -45.29 39.97
C GLU J 168 -33.10 -45.18 39.16
N ALA J 169 -32.99 -44.85 37.88
CA ALA J 169 -34.17 -44.72 37.02
C ALA J 169 -34.88 -46.06 36.87
N MET J 170 -34.12 -47.14 37.00
CA MET J 170 -34.66 -48.49 36.83
C MET J 170 -35.19 -49.12 38.11
N HIS J 171 -34.84 -48.51 39.24
CA HIS J 171 -35.29 -49.01 40.53
C HIS J 171 -36.82 -49.13 40.56
N PRO J 172 -37.33 -50.23 41.12
CA PRO J 172 -38.79 -50.48 41.22
C PRO J 172 -39.59 -49.39 41.93
N LEU J 173 -38.90 -48.49 42.60
CA LEU J 173 -39.54 -47.42 43.33
C LEU J 173 -39.84 -46.16 42.47
N THR J 174 -39.00 -45.89 41.49
CA THR J 174 -39.20 -44.69 40.69
C THR J 174 -40.43 -44.82 39.77
N LEU J 175 -41.42 -43.96 39.94
CA LEU J 175 -42.55 -44.12 39.06
C LEU J 175 -42.96 -42.89 38.25
N MET J 176 -43.43 -43.17 37.03
CA MET J 176 -43.96 -42.11 36.15
C MET J 176 -45.36 -41.98 36.67
N THR J 177 -45.65 -40.80 37.16
CA THR J 177 -46.90 -40.49 37.83
C THR J 177 -47.89 -39.77 36.92
N VAL J 178 -49.14 -40.27 36.86
CA VAL J 178 -50.15 -39.66 35.98
C VAL J 178 -51.41 -39.31 36.74
N GLY J 179 -51.50 -39.74 37.97
CA GLY J 179 -52.68 -39.38 38.72
C GLY J 179 -52.39 -39.30 40.21
N VAL J 180 -53.37 -38.82 40.95
CA VAL J 180 -53.28 -38.71 42.38
C VAL J 180 -54.73 -38.73 42.91
N TYR J 181 -54.92 -39.44 44.02
CA TYR J 181 -56.23 -39.55 44.64
C TYR J 181 -57.29 -40.05 43.65
N GLY J 182 -56.95 -41.15 42.98
CA GLY J 182 -57.82 -41.77 42.00
C GLY J 182 -58.09 -41.04 40.70
N LYS J 183 -57.52 -39.85 40.53
CA LYS J 183 -57.76 -39.09 39.33
C LYS J 183 -56.49 -38.62 38.59
N ALA J 184 -56.68 -38.19 37.33
CA ALA J 184 -55.61 -37.69 36.49
C ALA J 184 -55.01 -36.49 37.23
N LEU J 185 -53.70 -36.33 37.17
CA LEU J 185 -53.06 -35.21 37.88
C LEU J 185 -53.58 -33.85 37.56
N PRO J 186 -53.73 -33.02 38.59
CA PRO J 186 -54.20 -31.65 38.34
C PRO J 186 -52.95 -30.93 37.75
N PRO J 187 -53.16 -29.87 36.97
CA PRO J 187 -52.00 -29.16 36.41
C PRO J 187 -50.93 -28.75 37.45
N GLN J 188 -51.36 -28.23 38.59
CA GLN J 188 -50.46 -27.81 39.71
C GLN J 188 -49.48 -28.91 40.08
N ASN J 189 -49.91 -30.17 39.91
CA ASN J 189 -49.04 -31.28 40.27
C ASN J 189 -48.16 -31.81 39.17
N GLY J 190 -48.07 -31.08 38.07
CA GLY J 190 -47.20 -31.54 36.98
C GLY J 190 -47.83 -32.40 35.88
N ALA J 191 -49.12 -32.18 35.61
CA ALA J 191 -49.87 -32.91 34.61
C ALA J 191 -49.26 -32.64 33.24
N PRO J 192 -49.39 -33.61 32.32
CA PRO J 192 -50.08 -34.90 32.53
C PRO J 192 -49.21 -36.04 33.04
N VAL J 193 -47.90 -35.82 33.15
CA VAL J 193 -46.98 -36.86 33.61
C VAL J 193 -45.83 -36.19 34.40
N ARG J 194 -45.41 -36.80 35.50
CA ARG J 194 -44.33 -36.25 36.31
C ARG J 194 -43.54 -37.39 36.95
N LEU J 195 -42.31 -37.12 37.35
CA LEU J 195 -41.48 -38.17 37.97
C LEU J 195 -41.62 -38.11 39.49
N ILE J 196 -41.55 -39.26 40.14
CA ILE J 196 -41.58 -39.31 41.60
C ILE J 196 -40.46 -40.29 41.99
N VAL J 197 -39.52 -39.85 42.82
CA VAL J 197 -38.38 -40.69 43.30
C VAL J 197 -38.50 -40.41 44.81
N PRO J 198 -39.34 -41.20 45.50
CA PRO J 198 -39.62 -41.07 46.93
C PRO J 198 -38.44 -41.05 47.91
N TRP J 199 -37.30 -41.62 47.56
CA TRP J 199 -36.21 -41.59 48.51
C TRP J 199 -35.33 -40.32 48.39
N LYS J 200 -35.66 -39.45 47.44
CA LYS J 200 -34.91 -38.22 47.18
C LYS J 200 -35.76 -36.97 47.46
N TYR J 201 -35.09 -35.83 47.62
CA TYR J 201 -35.80 -34.59 47.90
C TYR J 201 -36.73 -34.31 46.71
N GLY J 202 -37.77 -33.50 46.92
CA GLY J 202 -38.76 -33.21 45.88
C GLY J 202 -38.34 -32.66 44.51
N PHE J 203 -37.32 -31.81 44.52
CA PHE J 203 -36.86 -31.17 43.30
C PHE J 203 -36.44 -32.11 42.20
N LYS J 204 -36.14 -33.37 42.54
CA LYS J 204 -35.77 -34.37 41.52
C LYS J 204 -37.03 -34.95 40.81
N GLY J 205 -38.23 -34.72 41.36
CA GLY J 205 -39.47 -35.23 40.78
C GLY J 205 -40.00 -34.22 39.79
N ILE J 206 -39.31 -34.09 38.68
CA ILE J 206 -39.65 -33.11 37.67
C ILE J 206 -41.06 -33.25 37.11
N LYS J 207 -41.74 -32.13 36.93
CA LYS J 207 -43.11 -32.12 36.43
C LYS J 207 -43.24 -31.92 34.93
N SER J 208 -44.47 -32.16 34.42
CA SER J 208 -44.86 -31.97 33.02
C SER J 208 -43.75 -32.26 32.02
N ILE J 209 -43.32 -33.52 31.99
CA ILE J 209 -42.23 -34.04 31.20
C ILE J 209 -42.59 -34.25 29.73
N VAL J 210 -41.69 -33.80 28.86
CA VAL J 210 -41.88 -33.96 27.42
C VAL J 210 -40.67 -34.67 26.85
N SER J 211 -39.66 -34.89 27.66
CA SER J 211 -38.48 -35.54 27.12
C SER J 211 -37.67 -36.35 28.11
N ILE J 212 -37.37 -37.59 27.71
CA ILE J 212 -36.56 -38.47 28.53
C ILE J 212 -35.46 -38.91 27.60
N LYS J 213 -34.21 -38.69 28.01
CA LYS J 213 -33.08 -39.03 27.16
C LYS J 213 -31.97 -39.81 27.86
N LEU J 214 -31.66 -41.00 27.34
CA LEU J 214 -30.58 -41.80 27.92
C LEU J 214 -29.27 -41.20 27.41
N THR J 215 -28.32 -41.02 28.31
CA THR J 215 -27.06 -40.42 27.90
C THR J 215 -25.85 -41.15 28.47
N ARG J 216 -24.68 -40.73 28.02
CA ARG J 216 -23.44 -41.32 28.45
C ARG J 216 -22.91 -40.58 29.64
N GLU J 217 -23.02 -39.26 29.57
CA GLU J 217 -22.55 -38.39 30.64
C GLU J 217 -23.67 -37.85 31.51
N ARG J 218 -23.31 -37.56 32.75
CA ARG J 218 -24.25 -37.03 33.74
C ARG J 218 -24.87 -35.76 33.23
N PRO J 219 -26.20 -35.73 33.12
CA PRO J 219 -26.90 -34.54 32.64
C PRO J 219 -27.00 -33.47 33.73
N PRO J 220 -27.31 -32.23 33.32
CA PRO J 220 -27.44 -31.08 34.23
C PRO J 220 -28.79 -31.11 34.96
N THR J 221 -28.79 -30.58 36.18
CA THR J 221 -29.97 -30.52 37.05
C THR J 221 -30.33 -29.07 37.32
N THR J 222 -31.56 -28.67 37.04
CA THR J 222 -31.99 -27.29 37.26
C THR J 222 -31.56 -26.68 38.60
N TRP J 223 -31.79 -27.38 39.71
CA TRP J 223 -31.42 -26.81 41.00
C TRP J 223 -29.93 -26.90 41.31
N ASN J 224 -29.27 -27.93 40.81
CA ASN J 224 -27.85 -28.02 41.08
C ASN J 224 -27.15 -26.92 40.30
N LEU J 225 -27.76 -26.46 39.21
CA LEU J 225 -27.17 -25.39 38.42
C LEU J 225 -27.40 -24.04 39.09
N ALA J 226 -28.57 -23.83 39.68
CA ALA J 226 -28.86 -22.55 40.32
C ALA J 226 -28.09 -22.34 41.62
N ALA J 227 -27.80 -23.42 42.33
CA ALA J 227 -27.09 -23.35 43.61
C ALA J 227 -26.28 -24.62 43.84
N PRO J 228 -25.24 -24.83 42.99
CA PRO J 228 -24.32 -25.97 43.02
C PRO J 228 -23.82 -26.42 44.39
N ASP J 229 -23.91 -25.53 45.37
CA ASP J 229 -23.42 -25.81 46.72
C ASP J 229 -24.51 -26.20 47.72
N GLU J 230 -25.76 -26.09 47.34
CA GLU J 230 -26.86 -26.43 48.24
C GLU J 230 -27.63 -27.65 47.76
N TYR J 231 -27.72 -27.81 46.44
CA TYR J 231 -28.45 -28.93 45.85
C TYR J 231 -27.57 -29.86 45.03
N GLY J 232 -27.53 -31.12 45.45
CA GLY J 232 -26.71 -32.08 44.76
C GLY J 232 -27.41 -32.83 43.65
N PHE J 233 -26.63 -33.60 42.91
CA PHE J 233 -27.16 -34.40 41.82
C PHE J 233 -27.94 -35.59 42.41
N TYR J 234 -27.36 -36.23 43.42
CA TYR J 234 -28.00 -37.38 44.01
C TYR J 234 -29.20 -36.99 44.86
N ALA J 235 -29.01 -36.00 45.73
CA ALA J 235 -30.09 -35.51 46.58
C ALA J 235 -30.85 -36.56 47.38
N ASN J 236 -30.17 -37.58 47.89
CA ASN J 236 -30.88 -38.57 48.69
C ASN J 236 -31.31 -37.91 50.00
N VAL J 237 -32.50 -38.24 50.50
CA VAL J 237 -33.00 -37.66 51.74
C VAL J 237 -32.13 -38.14 52.89
N ASN J 238 -31.48 -37.22 53.59
CA ASN J 238 -30.62 -37.65 54.70
C ASN J 238 -30.64 -36.67 55.88
N PRO J 239 -31.14 -37.12 57.03
CA PRO J 239 -31.21 -36.26 58.21
C PRO J 239 -29.85 -35.78 58.75
N TYR J 240 -28.77 -36.48 58.41
CA TYR J 240 -27.43 -36.11 58.90
C TYR J 240 -26.64 -35.14 58.02
N VAL J 241 -27.24 -34.70 56.91
CA VAL J 241 -26.56 -33.76 56.00
C VAL J 241 -27.43 -32.53 55.85
N ASP J 242 -27.03 -31.47 56.54
CA ASP J 242 -27.78 -30.22 56.54
C ASP J 242 -27.63 -29.44 55.26
N HIS J 243 -28.61 -28.55 55.04
CA HIS J 243 -28.64 -27.68 53.89
C HIS J 243 -27.99 -26.40 54.38
N PRO J 244 -27.14 -25.78 53.56
CA PRO J 244 -26.47 -24.54 53.97
C PRO J 244 -27.32 -23.65 54.88
N ARG J 245 -28.53 -23.34 54.44
CA ARG J 245 -29.42 -22.46 55.20
C ARG J 245 -30.42 -23.05 56.21
N TRP J 246 -30.38 -24.36 56.43
CA TRP J 246 -31.28 -24.97 57.42
C TRP J 246 -31.07 -26.45 57.64
N SER J 247 -31.41 -26.93 58.83
CA SER J 247 -31.25 -28.33 59.20
C SER J 247 -32.25 -29.26 58.53
N GLN J 248 -31.79 -30.46 58.20
CA GLN J 248 -32.63 -31.46 57.56
C GLN J 248 -32.96 -32.56 58.53
N ALA J 249 -32.57 -32.36 59.79
CA ALA J 249 -32.81 -33.39 60.77
C ALA J 249 -34.30 -33.62 61.02
N THR J 250 -35.10 -32.57 60.87
CA THR J 250 -36.53 -32.69 61.18
C THR J 250 -37.39 -32.12 60.06
N GLU J 251 -38.70 -32.39 60.08
CA GLU J 251 -39.54 -31.89 59.01
C GLU J 251 -40.97 -31.64 59.41
N ARG J 252 -41.59 -30.66 58.77
CA ARG J 252 -42.99 -30.30 59.00
C ARG J 252 -43.84 -31.20 58.09
N PHE J 253 -44.74 -31.99 58.66
CA PHE J 253 -45.59 -32.87 57.88
C PHE J 253 -46.89 -32.13 57.53
N ILE J 254 -47.26 -32.08 56.25
CA ILE J 254 -48.47 -31.37 55.87
C ILE J 254 -49.66 -32.32 56.04
N GLY J 255 -50.44 -32.09 57.10
CA GLY J 255 -51.61 -32.91 57.38
C GLY J 255 -52.90 -32.12 57.26
N SER J 256 -53.86 -32.38 58.15
CA SER J 256 -55.13 -31.63 58.09
C SER J 256 -55.21 -30.58 59.19
N GLY J 257 -55.45 -29.32 58.82
CA GLY J 257 -55.53 -28.29 59.84
C GLY J 257 -55.51 -26.85 59.35
N GLN J 263 -47.03 -29.27 63.66
CA GLN J 263 -45.82 -29.68 64.45
C GLN J 263 -44.83 -30.46 63.58
N ARG J 264 -43.68 -30.80 64.16
CA ARG J 264 -42.66 -31.52 63.40
C ARG J 264 -42.61 -33.02 63.62
N GLN J 265 -41.66 -33.66 62.96
CA GLN J 265 -41.41 -35.09 63.05
C GLN J 265 -39.99 -35.33 62.53
N PRO J 266 -39.35 -36.40 62.99
CA PRO J 266 -37.99 -36.63 62.50
C PRO J 266 -37.90 -37.10 61.04
N THR J 267 -36.84 -36.69 60.35
CA THR J 267 -36.61 -37.07 58.97
C THR J 267 -35.98 -38.44 58.94
N LEU J 268 -36.47 -39.33 58.07
CA LEU J 268 -35.91 -40.68 57.97
C LEU J 268 -34.81 -40.77 56.93
N LEU J 269 -33.92 -41.75 57.11
CA LEU J 269 -32.81 -41.94 56.15
C LEU J 269 -33.44 -42.50 54.87
N PHE J 270 -33.15 -41.88 53.73
CA PHE J 270 -33.74 -42.31 52.46
C PHE J 270 -35.26 -42.24 52.57
N ASN J 271 -35.76 -41.20 53.26
CA ASN J 271 -37.19 -40.95 53.46
C ASN J 271 -37.91 -42.21 53.88
N GLY J 272 -37.17 -43.15 54.45
CA GLY J 272 -37.79 -44.37 54.91
C GLY J 272 -37.74 -45.54 53.94
N TYR J 273 -37.01 -45.40 52.85
CA TYR J 273 -36.94 -46.51 51.92
C TYR J 273 -35.51 -47.02 51.88
N ALA J 274 -34.82 -46.84 53.01
CA ALA J 274 -33.43 -47.24 53.14
C ALA J 274 -33.17 -48.68 52.72
N ASP J 275 -34.01 -49.60 53.19
CA ASP J 275 -33.79 -51.01 52.87
C ASP J 275 -33.96 -51.39 51.41
N GLN J 276 -34.87 -50.69 50.71
CA GLN J 276 -35.13 -50.92 49.30
C GLN J 276 -34.09 -50.28 48.41
N VAL J 277 -33.53 -49.19 48.88
CA VAL J 277 -32.60 -48.44 48.08
C VAL J 277 -31.14 -48.37 48.52
N ALA J 278 -30.86 -48.68 49.79
CA ALA J 278 -29.48 -48.62 50.30
C ALA J 278 -28.49 -49.26 49.33
N SER J 279 -28.87 -50.42 48.81
CA SER J 279 -28.06 -51.17 47.85
C SER J 279 -27.44 -50.34 46.71
N LEU J 280 -28.15 -49.31 46.24
CA LEU J 280 -27.63 -48.49 45.15
C LEU J 280 -26.49 -47.55 45.52
N TYR J 281 -26.35 -47.23 46.79
CA TYR J 281 -25.31 -46.29 47.15
C TYR J 281 -24.24 -46.86 48.06
N ARG J 282 -24.50 -48.06 48.57
CA ARG J 282 -23.57 -48.74 49.45
C ARG J 282 -22.16 -48.92 48.84
N GLY J 283 -21.16 -48.37 49.53
CA GLY J 283 -19.78 -48.48 49.07
C GLY J 283 -19.37 -47.46 48.02
N LEU J 284 -20.24 -46.51 47.74
CA LEU J 284 -19.96 -45.49 46.74
C LEU J 284 -19.96 -44.10 47.37
N ASP J 285 -19.09 -43.21 46.89
CA ASP J 285 -19.02 -41.85 47.42
C ASP J 285 -20.03 -40.93 46.71
W W K . 23.44 25.14 -7.68
N1 MTE L . 17.78 18.28 -7.05
C2 MTE L . 16.55 18.37 -6.46
N2 MTE L . 15.68 17.43 -6.60
N3 MTE L . 16.29 19.40 -5.75
C4 MTE L . 17.23 20.40 -5.63
O4 MTE L . 17.07 21.45 -4.97
N5 MTE L . 19.55 21.38 -6.25
C6 MTE L . 20.89 21.31 -6.95
C7 MTE L . 21.13 19.99 -7.65
N8 MTE L . 20.05 19.06 -7.64
C9 MTE L . 18.51 20.37 -6.26
C10 MTE L . 18.81 19.12 -7.05
C1' MTE L . 21.73 22.46 -7.17
S1' MTE L . 21.23 24.06 -7.47
C2' MTE L . 23.13 21.94 -6.91
S2' MTE L . 24.33 23.16 -6.90
C3' MTE L . 23.46 20.43 -6.66
O3' MTE L . 22.23 19.61 -6.76
C4' MTE L . 24.02 20.23 -5.40
O4' MTE L . 24.39 18.80 -5.16
P MTE L . 24.95 18.47 -3.87
O1P MTE L . 24.20 18.87 -2.84
O2P MTE L . 24.96 16.99 -3.75
O3P MTE L . 26.32 19.15 -3.88
W W M . 10.56 59.26 -57.54
N1 MTE N . 17.57 54.89 -61.07
C2 MTE N . 18.87 55.05 -60.62
N2 MTE N . 19.81 54.24 -60.98
N3 MTE N . 19.11 56.04 -59.79
C4 MTE N . 18.09 56.86 -59.39
O4 MTE N . 18.21 57.82 -58.62
N5 MTE N . 15.58 57.52 -59.42
C6 MTE N . 14.15 57.34 -59.88
C7 MTE N . 13.99 56.23 -60.93
N8 MTE N . 15.17 55.48 -61.24
C9 MTE N . 16.73 56.72 -59.81
C10 MTE N . 16.47 55.59 -60.81
C1' MTE N . 13.03 57.98 -59.30
S1' MTE N . 12.75 58.40 -57.68
C2' MTE N . 12.16 58.35 -60.42
S2' MTE N . 10.88 59.22 -59.85
C3' MTE N . 12.43 57.97 -61.92
O3' MTE N . 13.63 57.13 -62.02
C4' MTE N . 12.66 59.13 -62.69
O4' MTE N . 12.92 58.84 -64.17
P MTE N . 13.16 59.97 -65.05
O1P MTE N . 14.18 60.83 -64.70
O2P MTE N . 13.61 59.40 -66.32
O3P MTE N . 11.82 60.70 -64.97
W W O . -14.81 27.13 -10.17
N1 MTE P . -20.81 25.11 -16.40
C2 MTE P . -21.60 26.05 -17.01
N2 MTE P . -22.27 25.77 -18.08
N3 MTE P . -21.65 27.25 -16.47
C4 MTE P . -20.90 27.53 -15.34
O4 MTE P . -20.87 28.61 -14.73
N5 MTE P . -19.19 26.75 -13.54
C6 MTE P . -18.29 25.74 -12.92
C7 MTE P . -18.38 24.36 -13.56
N8 MTE P . -19.23 24.24 -14.71
C9 MTE P . -20.04 26.56 -14.70
C10 MTE P . -20.02 25.17 -15.34
C1' MTE P . -17.22 26.07 -12.02
S1' MTE P . -16.29 27.43 -12.06
C2' MTE P . -17.29 25.02 -10.98
S2' MTE P . -16.27 25.33 -9.69
C3' MTE P . -18.22 23.75 -11.07
O3' MTE P . -18.96 23.76 -12.34
C4' MTE P . -19.16 23.73 -10.01
O4' MTE P . -20.05 22.49 -10.03
P MTE P . -21.02 22.39 -8.99
O1P MTE P . -21.88 23.52 -8.84
O2P MTE P . -21.92 21.26 -9.34
O3P MTE P . -20.15 22.20 -7.76
W W Q . 38.88 44.83 -36.99
N1 MTE R . 40.93 36.71 -34.21
C2 MTE R . 40.98 36.38 -32.90
N2 MTE R . 41.07 35.12 -32.54
N3 MTE R . 40.94 37.33 -32.02
C4 MTE R . 40.83 38.63 -32.41
O4 MTE R . 40.78 39.61 -31.66
N5 MTE R . 40.63 40.34 -34.31
C6 MTE R . 40.56 40.73 -35.76
C7 MTE R . 40.69 39.53 -36.72
N8 MTE R . 40.80 38.26 -36.11
C9 MTE R . 40.77 39.03 -33.79
C10 MTE R . 40.83 37.89 -34.80
C1' MTE R . 40.19 42.01 -36.20
S1' MTE R . 39.06 43.07 -35.54
C2' MTE R . 41.12 42.32 -37.33
S2' MTE R . 40.92 43.89 -37.83
C3' MTE R . 42.15 41.30 -37.92
O3' MTE R . 42.03 39.97 -37.24
C4' MTE R . 43.46 41.78 -37.70
O4' MTE R . 44.53 40.93 -38.28
P MTE R . 45.89 41.37 -38.06
O1P MTE R . 46.21 41.62 -36.71
O2P MTE R . 46.73 40.22 -38.49
O3P MTE R . 45.98 42.65 -38.88
W W S . -22.59 48.35 -40.90
N1 MTE T . -20.23 47.67 -49.25
C2 MTE T . -19.48 48.61 -49.86
N2 MTE T . -18.95 48.38 -51.00
N3 MTE T . -19.33 49.77 -49.26
C4 MTE T . -19.89 49.99 -48.05
O4 MTE T . -19.79 51.06 -47.39
N5 MTE T . -21.24 49.12 -46.08
C6 MTE T . -22.03 48.08 -45.33
C7 MTE T . -22.28 46.79 -46.16
N8 MTE T . -21.62 46.76 -47.43
C9 MTE T . -20.65 49.02 -47.36
C10 MTE T . -20.86 47.69 -48.09
C1' MTE T . -22.37 48.19 -43.92
S1' MTE T . -21.45 48.86 -42.58
C2' MTE T . -23.77 47.72 -43.91
S2' MTE T . -24.48 47.87 -42.47
C3' MTE T . -24.54 47.12 -45.15
O3' MTE T . -23.67 47.07 -46.30
C4' MTE T . -25.66 47.93 -45.45
O4' MTE T . -26.49 47.42 -46.63
P MTE T . -27.63 48.25 -47.00
O1P MTE T . -27.34 49.61 -47.24
O2P MTE T . -28.09 47.76 -48.35
O3P MTE T . -28.54 48.10 -45.80
W W U . 22.55 -32.73 52.11
N1 MTE V . 20.22 -40.79 54.73
C2 MTE V . 19.46 -41.00 55.84
N2 MTE V . 18.93 -42.17 56.07
N3 MTE V . 19.28 -39.98 56.67
C4 MTE V . 19.85 -38.76 56.39
O4 MTE V . 19.75 -37.74 57.08
N5 MTE V . 21.24 -37.24 54.82
C6 MTE V . 22.06 -36.98 53.57
C7 MTE V . 22.27 -38.25 52.73
N8 MTE V . 21.61 -39.45 53.20
C9 MTE V . 20.63 -38.48 55.23
C10 MTE V . 20.84 -39.69 54.28
C1' MTE V . 22.35 -35.68 53.02
S1' MTE V . 21.38 -34.28 53.04
C2' MTE V . 23.77 -35.78 52.60
S2' MTE V . 24.38 -34.25 52.21
C3' MTE V . 24.58 -37.15 52.56
O3' MTE V . 23.72 -38.28 52.98
C4' MTE V . 25.69 -37.12 53.41
O4' MTE V . 26.47 -38.41 53.39
P MTE V . 27.64 -38.45 54.23
O1P MTE V . 27.42 -38.20 55.59
O2P MTE V . 28.15 -39.83 54.25
O3P MTE V . 28.48 -37.37 53.58
W W W . -23.08 -9.00 18.08
N1 MTE X . -17.34 -10.94 11.51
C2 MTE X . -16.09 -10.36 11.42
N2 MTE X . -15.15 -10.83 10.62
N3 MTE X . -15.86 -9.34 12.18
C4 MTE X . -16.80 -8.86 13.04
O4 MTE X . -16.64 -7.89 13.79
N5 MTE X . -19.19 -9.05 14.08
C6 MTE X . -20.54 -9.70 14.24
C7 MTE X . -20.79 -10.84 13.24
N8 MTE X . -19.67 -11.19 12.38
C9 MTE X . -18.11 -9.44 13.17
C10 MTE X . -18.40 -10.65 12.27
C1' MTE X . -21.42 -9.47 15.37
S1' MTE X . -20.94 -9.15 17.01
C2' MTE X . -22.77 -9.40 14.78
S2' MTE X . -23.98 -8.92 15.86
C3' MTE X . -23.09 -9.74 13.25
O3' MTE X . -21.85 -10.14 12.55
C4' MTE X . -23.61 -8.61 12.61
O4' MTE X . -24.01 -8.89 11.19
P MTE X . -24.55 -7.74 10.44
O1P MTE X . -23.69 -6.59 10.54
O2P MTE X . -24.49 -8.14 8.99
O3P MTE X . -25.88 -7.45 11.08
W W Y . -10.68 -43.81 68.11
N1 MTE Z . -17.79 -48.40 65.17
C2 MTE Z . -19.06 -47.88 65.13
N2 MTE Z . -20.03 -48.51 64.52
N3 MTE Z . -19.26 -46.72 65.72
C4 MTE Z . -18.22 -46.05 66.35
O4 MTE Z . -18.31 -44.96 66.93
N5 MTE Z . -15.73 -45.95 67.00
C6 MTE Z . -14.33 -46.50 67.03
C7 MTE Z . -14.21 -47.89 66.38
N8 MTE Z . -15.41 -48.43 65.79
C9 MTE Z . -16.89 -46.56 66.40
C10 MTE Z . -16.67 -47.93 65.71
C1' MTE Z . -13.20 -45.75 67.45
S1' MTE Z . -12.91 -44.13 67.23
C2' MTE Z . -12.34 -46.70 68.22
S2' MTE Z . -11.02 -45.90 68.89
C3' MTE Z . -12.66 -48.23 68.39
O3' MTE Z . -13.85 -48.61 67.63
C4' MTE Z . -12.91 -48.51 69.73
O4' MTE Z . -13.21 -49.96 70.00
P MTE Z . -13.52 -50.32 71.33
O1P MTE Z . -14.52 -49.58 71.95
O2P MTE Z . -14.09 -51.69 71.35
O3P MTE Z . -12.14 -50.09 72.00
W W AA . 15.09 -11.63 21.25
N1 MTE BA . 20.87 -18.43 21.56
C2 MTE BA . 21.65 -18.70 22.66
N2 MTE BA . 22.31 -19.84 22.78
N3 MTE BA . 21.72 -17.79 23.58
C4 MTE BA . 21.01 -16.63 23.46
O4 MTE BA . 21.01 -15.72 24.28
N5 MTE BA . 19.37 -15.12 22.12
C6 MTE BA . 18.48 -14.83 20.91
C7 MTE BA . 18.53 -15.93 19.84
N8 MTE BA . 19.33 -17.07 20.15
C9 MTE BA . 20.18 -16.30 22.34
C10 MTE BA . 20.12 -17.37 21.25
C1' MTE BA . 17.49 -13.80 20.86
S1' MTE BA . 16.55 -13.22 22.14
C2' MTE BA . 17.56 -13.26 19.49
S2' MTE BA . 16.58 -11.92 19.31
C3' MTE BA . 18.44 -13.87 18.35
O3' MTE BA . 19.14 -15.06 18.81
C4' MTE BA . 19.40 -12.96 17.95
O4' MTE BA . 20.26 -13.50 16.82
P MTE BA . 21.29 -12.66 16.37
O1P MTE BA . 22.22 -12.25 17.36
O2P MTE BA . 22.10 -13.48 15.43
O3P MTE BA . 20.53 -11.45 15.85
W W CA . -38.80 -29.03 46.92
N1 MTE DA . -40.88 -29.53 38.33
C2 MTE DA . -40.90 -28.45 37.49
N2 MTE DA . -40.95 -28.60 36.22
N3 MTE DA . -40.88 -27.27 38.02
C4 MTE DA . -40.81 -27.13 39.39
O4 MTE DA . -40.79 -26.05 40.00
N5 MTE DA . -40.63 -28.18 41.75
C6 MTE DA . -40.56 -29.38 42.69
C7 MTE DA . -40.73 -30.71 41.96
N8 MTE DA . -40.81 -30.66 40.51
C9 MTE DA . -40.75 -28.21 40.30
C10 MTE DA . -40.82 -29.60 39.66
C1' MTE DA . -40.12 -29.32 44.09
S1' MTE DA . -38.90 -28.33 44.72
C2' MTE DA . -41.06 -30.19 44.80
S2' MTE DA . -40.95 -30.18 46.47
C3' MTE DA . -42.16 -31.11 44.04
O3' MTE DA . -42.06 -30.98 42.62
C4' MTE DA . -43.44 -30.76 44.44
O4' MTE DA . -44.50 -31.59 43.80
P MTE DA . -45.84 -31.26 44.16
O1P MTE DA . -46.17 -29.88 43.98
O2P MTE DA . -46.70 -32.06 43.22
O3P MTE DA . -45.94 -31.63 45.64
#